data_4CPZ
#
_entry.id   4CPZ
#
_cell.length_a   89.344
_cell.length_b   163.255
_cell.length_c   123.451
_cell.angle_alpha   90.00
_cell.angle_beta   108.31
_cell.angle_gamma   90.00
#
_symmetry.space_group_name_H-M   'P 1 21 1'
#
loop_
_entity.id
_entity.type
_entity.pdbx_description
1 polymer NEURAMINIDASE
2 branched beta-D-mannopyranose-(1-4)-2-acetamido-2-deoxy-beta-D-glucopyranose-(1-4)-2-acetamido-2-deoxy-beta-D-glucopyranose
3 branched 2-acetamido-2-deoxy-beta-D-glucopyranose-(1-4)-2-acetamido-2-deoxy-beta-D-glucopyranose
4 non-polymer 'CALCIUM ION'
5 non-polymer 2-acetamido-2-deoxy-beta-D-glucopyranose
6 non-polymer ZANAMIVIR
7 non-polymer 1,2-ETHANEDIOL
8 water water
#
_entity_poly.entity_id   1
_entity_poly.type   'polypeptide(L)'
_entity_poly.pdbx_seq_one_letter_code
;MLPSTIQTLTLFLTSGGVLLSLYVSALLSYLLYSDILLKFSPTEITAPTMSLDCANASNVQAVNRSATKGVTFLLPEPEW
TYPRLSCPGSTFQKALLISPHRFGETKGNSAPLIIREPFIACGPNECKHFALTHYAAQPGGYYNGTRGDRNKLRHLISVK
LGKIPTVENSIFHMAAWSGSACHDGKEWTYIGVDGPDNDALLKVKYGEAYTDTYHSYANKLLRTQESACNCIGGNCYLMI
TDGSASGVSECRFLKIREGRIIKEIFPTGRVKHTEECTCGFASNKTIECACRDNSYTAKRPFVKLNVETDTAEIRLMCTD
TYLDTPRPDDGSITGPCESNGDKGSGGIKGGFVHQRMESKIGRWYSRTMSKTERMGMGLYVKYDGDPWADSDALAFSGVM
VSMKEPGWYSFGFEIKDKECDVPCIGIEMVHDGGKETWHSAATAIYCLMGSGQLLWDTVTGVDMAL
;
_entity_poly.pdbx_strand_id   A,B,C,D,E,F,G,H
#
loop_
_chem_comp.id
_chem_comp.type
_chem_comp.name
_chem_comp.formula
BMA D-saccharide, beta linking beta-D-mannopyranose 'C6 H12 O6'
CA non-polymer 'CALCIUM ION' 'Ca 2'
EDO non-polymer 1,2-ETHANEDIOL 'C2 H6 O2'
NAG D-saccharide, beta linking 2-acetamido-2-deoxy-beta-D-glucopyranose 'C8 H15 N O6'
ZMR D-saccharide ZANAMIVIR 'C12 H20 N4 O7'
#
# COMPACT_ATOMS: atom_id res chain seq x y z
N GLU A 77 39.48 16.59 28.60
CA GLU A 77 40.26 16.07 29.72
C GLU A 77 39.35 15.64 30.88
N PRO A 78 38.70 14.48 30.75
CA PRO A 78 37.74 14.03 31.78
C PRO A 78 38.43 13.56 33.07
N GLU A 79 37.94 14.06 34.21
CA GLU A 79 38.45 13.63 35.50
C GLU A 79 37.36 12.90 36.28
N TRP A 80 37.78 12.17 37.32
CA TRP A 80 36.84 11.44 38.17
C TRP A 80 35.86 12.39 38.84
N THR A 81 34.60 11.99 38.90
CA THR A 81 33.62 12.76 39.64
C THR A 81 33.56 12.34 41.12
N TYR A 82 33.12 13.28 41.96
CA TYR A 82 32.92 13.10 43.40
C TYR A 82 31.59 13.73 43.78
N PRO A 83 30.97 13.27 44.89
CA PRO A 83 29.75 13.98 45.29
C PRO A 83 30.09 15.38 45.76
N ARG A 84 29.22 16.33 45.45
CA ARG A 84 29.42 17.72 45.84
C ARG A 84 28.33 18.13 46.84
N LEU A 85 28.42 19.33 47.40
CA LEU A 85 27.29 19.90 48.14
C LEU A 85 26.08 19.96 47.24
N SER A 86 24.90 19.75 47.82
CA SER A 86 23.66 19.82 47.07
C SER A 86 23.36 21.27 46.72
N CYS A 87 22.62 21.47 45.63
CA CYS A 87 22.15 22.81 45.28
C CYS A 87 21.20 23.29 46.38
N PRO A 88 21.01 24.62 46.50
CA PRO A 88 20.09 25.10 47.55
C PRO A 88 18.63 24.77 47.19
N GLY A 89 17.80 24.58 48.22
CA GLY A 89 16.40 24.22 48.03
C GLY A 89 15.89 23.63 49.33
N SER A 90 14.58 23.55 49.49
CA SER A 90 14.02 22.99 50.72
C SER A 90 12.74 22.19 50.52
N THR A 91 12.29 22.10 49.27
CA THR A 91 11.16 21.26 48.93
C THR A 91 11.41 20.59 47.56
N PHE A 92 10.80 19.43 47.32
CA PHE A 92 10.80 18.82 45.99
C PHE A 92 9.58 19.35 45.23
N GLN A 93 9.62 19.24 43.89
CA GLN A 93 8.46 19.55 43.04
C GLN A 93 8.39 18.58 41.87
N LYS A 94 7.19 18.40 41.33
CA LYS A 94 6.99 17.65 40.11
C LYS A 94 7.90 18.21 39.01
N ALA A 95 8.75 17.36 38.43
CA ALA A 95 9.67 17.81 37.39
C ALA A 95 9.27 17.35 36.01
N LEU A 96 9.19 16.03 35.82
CA LEU A 96 9.03 15.45 34.49
C LEU A 96 8.32 14.09 34.53
N LEU A 97 7.40 13.87 33.60
CA LEU A 97 6.81 12.55 33.42
C LEU A 97 7.25 11.90 32.08
N ILE A 98 7.76 10.68 32.15
CA ILE A 98 7.95 9.84 30.96
C ILE A 98 6.90 8.73 30.91
N SER A 99 5.90 8.88 30.04
CA SER A 99 4.80 7.96 30.00
C SER A 99 4.60 7.40 28.60
N PRO A 100 5.46 6.45 28.21
CA PRO A 100 5.60 6.00 26.81
C PRO A 100 4.30 5.39 26.24
N HIS A 101 3.50 4.77 27.10
CA HIS A 101 2.27 4.10 26.69
C HIS A 101 1.09 5.03 26.46
N ARG A 102 1.29 6.31 26.73
CA ARG A 102 0.42 7.36 26.19
C ARG A 102 0.42 7.26 24.66
N PHE A 103 1.43 6.62 24.09
CA PHE A 103 1.50 6.51 22.63
C PHE A 103 1.40 5.08 22.13
N GLY A 104 0.91 4.18 22.97
CA GLY A 104 0.89 2.76 22.64
C GLY A 104 -0.44 2.25 22.14
N GLU A 105 -1.38 3.14 21.85
CA GLU A 105 -2.71 2.70 21.45
C GLU A 105 -2.78 1.95 20.10
N THR A 106 -3.79 1.11 19.96
CA THR A 106 -4.00 0.39 18.72
C THR A 106 -4.18 1.33 17.53
N LYS A 107 -4.90 2.44 17.75
CA LYS A 107 -5.18 3.37 16.66
C LYS A 107 -4.02 4.34 16.39
N GLY A 108 -2.90 4.13 17.07
CA GLY A 108 -1.74 5.00 16.96
C GLY A 108 -0.69 4.40 16.06
N ASN A 109 0.51 4.97 16.08
CA ASN A 109 1.59 4.55 15.20
C ASN A 109 2.94 4.51 15.90
N SER A 110 2.95 4.31 17.21
CA SER A 110 4.23 4.28 17.92
C SER A 110 4.64 2.90 18.45
N ALA A 111 5.86 2.81 18.94
CA ALA A 111 6.34 1.54 19.49
C ALA A 111 7.11 1.72 20.80
N PRO A 112 6.42 2.18 21.85
CA PRO A 112 7.10 2.21 23.16
C PRO A 112 7.46 0.79 23.61
N LEU A 113 8.63 0.63 24.23
CA LEU A 113 9.06 -0.67 24.71
C LEU A 113 8.36 -1.08 25.99
N ILE A 114 8.08 -2.37 26.13
CA ILE A 114 7.55 -2.92 27.38
C ILE A 114 8.69 -3.09 28.37
N ILE A 115 8.60 -2.39 29.49
CA ILE A 115 9.68 -2.33 30.46
C ILE A 115 9.14 -2.51 31.87
N ARG A 116 10.04 -2.70 32.82
CA ARG A 116 9.78 -2.46 34.25
C ARG A 116 11.15 -2.15 34.87
N GLU A 117 11.15 -1.93 36.18
CA GLU A 117 12.34 -1.52 36.92
C GLU A 117 13.14 -0.38 36.22
N PRO A 118 12.49 0.75 35.92
CA PRO A 118 13.27 1.89 35.41
C PRO A 118 14.12 2.52 36.52
N PHE A 119 15.22 3.13 36.10
CA PHE A 119 15.99 4.00 36.97
C PHE A 119 16.74 5.03 36.14
N ILE A 120 17.26 6.05 36.82
CA ILE A 120 17.98 7.13 36.18
C ILE A 120 19.39 7.26 36.81
N ALA A 121 20.39 7.51 35.97
CA ALA A 121 21.75 7.79 36.42
C ALA A 121 22.30 8.94 35.59
N CYS A 122 23.06 9.83 36.20
CA CYS A 122 23.51 11.01 35.47
C CYS A 122 25.03 11.11 35.48
N GLY A 123 25.59 11.53 34.36
CA GLY A 123 27.02 11.83 34.28
C GLY A 123 27.20 13.35 34.20
N PRO A 124 28.44 13.80 34.01
CA PRO A 124 28.74 15.24 33.95
C PRO A 124 27.92 15.99 32.88
N ASN A 125 27.53 15.32 31.80
CA ASN A 125 26.89 15.99 30.67
C ASN A 125 25.48 15.55 30.33
N GLU A 126 25.10 14.35 30.73
CA GLU A 126 23.76 13.93 30.43
C GLU A 126 23.23 12.93 31.44
N CYS A 127 21.91 12.79 31.43
CA CYS A 127 21.21 11.83 32.25
C CYS A 127 20.69 10.73 31.33
N LYS A 128 20.81 9.49 31.77
CA LYS A 128 20.24 8.40 31.00
C LYS A 128 19.10 7.78 31.77
N HIS A 129 18.04 7.46 31.05
CA HIS A 129 16.87 6.78 31.62
C HIS A 129 16.93 5.30 31.24
N PHE A 130 17.20 4.43 32.23
CA PHE A 130 17.40 2.99 32.05
C PHE A 130 16.15 2.20 32.39
N ALA A 131 16.01 1.03 31.77
CA ALA A 131 14.96 0.08 32.17
C ALA A 131 15.31 -1.34 31.74
N LEU A 132 14.58 -2.31 32.27
CA LEU A 132 14.69 -3.70 31.84
C LEU A 132 13.51 -3.98 30.91
N THR A 133 13.78 -4.15 29.62
CA THR A 133 12.72 -4.43 28.66
C THR A 133 12.44 -5.93 28.56
N HIS A 134 11.23 -6.28 28.11
CA HIS A 134 10.93 -7.65 27.74
C HIS A 134 11.13 -7.91 26.24
N TYR A 135 11.75 -6.93 25.55
CA TYR A 135 12.09 -7.06 24.14
C TYR A 135 10.82 -7.21 23.32
N ALA A 136 9.85 -6.37 23.64
CA ALA A 136 8.54 -6.41 23.01
C ALA A 136 8.00 -4.99 23.06
N ALA A 137 7.09 -4.67 22.14
CA ALA A 137 6.51 -3.33 22.10
C ALA A 137 5.00 -3.38 22.25
N GLN A 138 4.41 -2.21 22.51
CA GLN A 138 2.97 -2.05 22.53
C GLN A 138 2.62 -1.01 21.49
N PRO A 139 1.68 -1.30 20.58
CA PRO A 139 1.01 -2.59 20.36
C PRO A 139 1.96 -3.63 19.74
N GLY A 140 1.74 -4.90 20.04
CA GLY A 140 2.56 -6.00 19.56
C GLY A 140 1.94 -7.34 19.94
N GLY A 141 2.60 -8.43 19.55
CA GLY A 141 2.04 -9.74 19.79
C GLY A 141 2.73 -10.57 20.87
N TYR A 142 3.56 -9.95 21.69
CA TYR A 142 4.35 -10.68 22.66
C TYR A 142 4.06 -10.28 24.09
N TYR A 143 2.79 -9.97 24.37
CA TYR A 143 2.40 -9.57 25.74
C TYR A 143 2.57 -10.71 26.74
N ASN A 144 2.34 -11.93 26.28
CA ASN A 144 2.40 -13.09 27.17
C ASN A 144 3.82 -13.26 27.74
N GLY A 145 3.93 -13.23 29.07
CA GLY A 145 5.23 -13.30 29.72
C GLY A 145 5.75 -11.97 30.26
N THR A 146 5.11 -10.86 29.88
CA THR A 146 5.55 -9.53 30.33
C THR A 146 5.22 -9.21 31.78
N ARG A 147 4.43 -10.07 32.42
CA ARG A 147 4.20 -9.95 33.85
C ARG A 147 5.09 -10.93 34.62
N GLY A 148 6.06 -11.55 33.95
CA GLY A 148 7.04 -12.39 34.62
C GLY A 148 8.30 -11.60 34.93
N ASP A 149 9.16 -12.11 35.81
CA ASP A 149 10.36 -11.36 36.20
C ASP A 149 11.61 -11.65 35.39
N ARG A 150 11.79 -12.89 34.96
CA ARG A 150 13.05 -13.30 34.38
C ARG A 150 12.81 -14.22 33.17
N ASN A 151 13.56 -13.99 32.10
CA ASN A 151 13.57 -14.85 30.92
C ASN A 151 14.81 -14.54 30.08
N LYS A 152 14.97 -15.29 29.00
CA LYS A 152 16.16 -15.19 28.16
C LYS A 152 16.16 -14.00 27.20
N LEU A 153 15.07 -13.23 27.19
CA LEU A 153 14.97 -12.06 26.31
C LEU A 153 15.20 -10.73 27.00
N ARG A 154 15.05 -10.66 28.31
CA ARG A 154 15.18 -9.39 28.99
C ARG A 154 16.54 -8.70 28.79
N HIS A 155 16.50 -7.39 28.59
CA HIS A 155 17.68 -6.60 28.29
C HIS A 155 17.61 -5.26 29.03
N LEU A 156 18.76 -4.83 29.53
CA LEU A 156 18.98 -3.48 29.97
C LEU A 156 19.00 -2.52 28.77
N ILE A 157 18.14 -1.51 28.77
CA ILE A 157 18.11 -0.52 27.70
C ILE A 157 18.14 0.87 28.29
N SER A 158 18.47 1.86 27.45
CA SER A 158 18.44 3.25 27.88
C SER A 158 18.12 4.18 26.73
N VAL A 159 17.63 5.37 27.11
CA VAL A 159 17.54 6.52 26.22
C VAL A 159 18.08 7.69 27.04
N LYS A 160 18.36 8.81 26.37
CA LYS A 160 18.65 10.06 27.08
C LYS A 160 17.39 10.50 27.84
N LEU A 161 17.54 10.95 29.09
CA LEU A 161 16.35 11.40 29.86
C LEU A 161 15.61 12.51 29.12
N GLY A 162 14.32 12.30 28.89
CA GLY A 162 13.53 13.24 28.13
C GLY A 162 13.03 12.64 26.84
N LYS A 163 13.72 11.63 26.34
CA LYS A 163 13.28 10.94 25.12
C LYS A 163 12.32 9.80 25.49
N ILE A 164 11.40 9.50 24.59
CA ILE A 164 10.45 8.42 24.81
C ILE A 164 11.15 7.10 24.42
N PRO A 165 11.21 6.13 25.35
CA PRO A 165 11.90 4.83 25.09
C PRO A 165 11.09 3.90 24.19
N THR A 166 11.31 4.06 22.89
CA THR A 166 10.70 3.26 21.85
C THR A 166 11.75 2.31 21.27
N VAL A 167 11.31 1.44 20.37
CA VAL A 167 12.18 0.50 19.68
C VAL A 167 13.37 1.19 19.01
N GLU A 168 13.10 2.29 18.31
CA GLU A 168 14.16 2.99 17.60
C GLU A 168 14.96 3.99 18.42
N ASN A 169 14.33 4.65 19.40
CA ASN A 169 15.06 5.61 20.26
C ASN A 169 16.03 4.90 21.21
N SER A 170 15.64 3.73 21.68
CA SER A 170 16.40 3.04 22.72
C SER A 170 17.71 2.44 22.24
N ILE A 171 18.61 2.20 23.19
CA ILE A 171 19.77 1.38 22.88
C ILE A 171 19.83 0.17 23.81
N PHE A 172 20.20 -0.97 23.25
CA PHE A 172 20.19 -2.23 24.00
C PHE A 172 21.60 -2.51 24.45
N HIS A 173 21.85 -2.40 25.75
CA HIS A 173 23.22 -2.53 26.28
C HIS A 173 23.69 -3.96 26.45
N MET A 174 22.83 -4.82 27.02
CA MET A 174 23.18 -6.22 27.26
C MET A 174 21.99 -6.99 27.81
N ALA A 175 22.05 -8.32 27.66
CA ALA A 175 21.07 -9.23 28.26
C ALA A 175 21.10 -9.10 29.77
N ALA A 176 19.91 -9.01 30.38
CA ALA A 176 19.81 -8.72 31.81
C ALA A 176 18.37 -8.79 32.31
N TRP A 177 18.16 -9.46 33.44
CA TRP A 177 16.87 -9.37 34.11
C TRP A 177 17.00 -8.69 35.48
N SER A 178 18.20 -8.21 35.78
CA SER A 178 18.43 -7.35 36.94
C SER A 178 19.55 -6.40 36.53
N GLY A 179 19.43 -5.13 36.92
CA GLY A 179 20.31 -4.11 36.35
C GLY A 179 20.81 -2.98 37.23
N SER A 180 21.90 -2.37 36.81
CA SER A 180 22.43 -1.14 37.39
C SER A 180 23.29 -0.42 36.36
N ALA A 181 23.61 0.85 36.64
CA ALA A 181 24.48 1.67 35.78
C ALA A 181 24.96 2.91 36.54
N CYS A 182 26.15 3.39 36.19
CA CYS A 182 26.65 4.65 36.73
C CYS A 182 27.78 5.21 35.90
N HIS A 183 28.00 6.51 36.06
CA HIS A 183 29.05 7.23 35.33
C HIS A 183 30.13 7.65 36.33
N ASP A 184 31.39 7.35 36.03
CA ASP A 184 32.46 7.70 36.98
C ASP A 184 33.13 9.05 36.68
N GLY A 185 32.57 9.80 35.74
CA GLY A 185 33.20 11.04 35.31
C GLY A 185 33.94 10.88 33.99
N LYS A 186 34.33 9.66 33.65
CA LYS A 186 35.01 9.43 32.37
C LYS A 186 34.19 8.55 31.42
N GLU A 187 33.51 7.54 31.97
CA GLU A 187 32.79 6.59 31.16
C GLU A 187 31.65 5.92 31.95
N TRP A 188 30.67 5.40 31.22
CA TRP A 188 29.56 4.63 31.74
C TRP A 188 29.94 3.18 32.08
N THR A 189 29.61 2.76 33.28
CA THR A 189 29.65 1.35 33.66
C THR A 189 28.22 0.85 33.60
N TYR A 190 28.00 -0.26 32.91
CA TYR A 190 26.68 -0.87 32.88
C TYR A 190 26.73 -2.24 33.55
N ILE A 191 25.72 -2.56 34.34
CA ILE A 191 25.67 -3.82 35.08
C ILE A 191 24.42 -4.61 34.70
N GLY A 192 24.60 -5.87 34.33
CA GLY A 192 23.48 -6.69 33.92
C GLY A 192 23.57 -8.12 34.46
N VAL A 193 22.57 -8.53 35.21
CA VAL A 193 22.52 -9.91 35.67
C VAL A 193 21.60 -10.74 34.80
N ASP A 194 22.13 -11.85 34.29
CA ASP A 194 21.25 -12.85 33.70
C ASP A 194 21.71 -14.28 34.02
N GLY A 195 21.16 -15.26 33.32
CA GLY A 195 21.53 -16.65 33.55
C GLY A 195 20.40 -17.43 34.20
N PRO A 196 20.61 -18.75 34.44
CA PRO A 196 19.60 -19.58 35.11
C PRO A 196 19.44 -19.16 36.57
N ASP A 197 18.26 -19.37 37.15
CA ASP A 197 18.00 -18.89 38.53
C ASP A 197 19.04 -19.36 39.55
N ASN A 198 19.46 -20.61 39.46
CA ASN A 198 20.36 -21.13 40.50
C ASN A 198 21.86 -20.96 40.20
N ASP A 199 22.18 -20.25 39.12
CA ASP A 199 23.58 -20.04 38.77
C ASP A 199 23.66 -18.79 37.89
N ALA A 200 23.08 -17.71 38.40
CA ALA A 200 22.98 -16.46 37.65
C ALA A 200 24.34 -15.78 37.53
N LEU A 201 24.41 -14.79 36.64
CA LEU A 201 25.70 -14.21 36.30
C LEU A 201 25.61 -12.70 36.20
N LEU A 202 26.47 -12.01 36.92
CA LEU A 202 26.48 -10.56 36.86
C LEU A 202 27.55 -10.15 35.87
N LYS A 203 27.16 -9.37 34.89
CA LYS A 203 28.09 -8.91 33.85
C LYS A 203 28.35 -7.40 33.98
N VAL A 204 29.63 -7.05 33.85
CA VAL A 204 30.06 -5.65 33.83
C VAL A 204 30.46 -5.24 32.42
N LYS A 205 29.96 -4.09 31.99
CA LYS A 205 30.34 -3.54 30.70
C LYS A 205 30.78 -2.08 30.94
N TYR A 206 31.94 -1.71 30.40
CA TYR A 206 32.47 -0.34 30.54
C TYR A 206 32.51 0.28 29.15
N GLY A 207 31.68 1.30 28.95
CA GLY A 207 31.45 1.76 27.60
C GLY A 207 30.92 0.63 26.74
N GLU A 208 31.63 0.30 25.67
CA GLU A 208 31.18 -0.72 24.71
C GLU A 208 31.73 -2.10 25.01
N ALA A 209 32.73 -2.16 25.86
CA ALA A 209 33.48 -3.38 26.13
C ALA A 209 32.96 -4.17 27.34
N TYR A 210 32.71 -5.46 27.15
CA TYR A 210 32.40 -6.33 28.28
C TYR A 210 33.71 -6.56 28.99
N THR A 211 33.72 -6.38 30.31
CA THR A 211 34.98 -6.33 31.04
C THR A 211 35.13 -7.31 32.21
N ASP A 212 34.04 -7.73 32.83
CA ASP A 212 34.13 -8.61 33.98
C ASP A 212 32.80 -9.31 34.25
N THR A 213 32.86 -10.34 35.10
CA THR A 213 31.66 -11.01 35.61
C THR A 213 31.81 -11.35 37.09
N TYR A 214 30.68 -11.61 37.73
CA TYR A 214 30.69 -12.10 39.12
C TYR A 214 29.65 -13.22 39.25
N HIS A 215 29.99 -14.25 40.02
CA HIS A 215 29.18 -15.47 40.10
C HIS A 215 28.23 -15.53 41.31
N SER A 216 27.13 -16.24 41.13
CA SER A 216 26.23 -16.58 42.21
C SER A 216 26.98 -17.27 43.35
N TYR A 217 26.78 -16.79 44.58
CA TYR A 217 27.43 -17.38 45.75
C TYR A 217 26.48 -18.13 46.69
N ALA A 218 25.17 -18.02 46.49
CA ALA A 218 24.24 -18.87 47.24
C ALA A 218 23.36 -19.70 46.32
N ASN A 219 23.55 -19.55 45.01
CA ASN A 219 22.87 -20.42 44.04
C ASN A 219 21.36 -20.35 44.13
N LYS A 220 20.83 -19.21 44.53
CA LYS A 220 19.39 -19.08 44.62
C LYS A 220 18.91 -18.06 43.60
N LEU A 221 19.51 -16.87 43.62
CA LEU A 221 19.19 -15.85 42.63
C LEU A 221 20.06 -14.61 42.79
N LEU A 222 21.26 -14.65 42.21
CA LEU A 222 22.10 -13.46 42.16
C LEU A 222 21.31 -12.33 41.53
N ARG A 223 21.34 -11.15 42.13
CA ARG A 223 20.59 -10.00 41.63
C ARG A 223 21.15 -8.69 42.18
N THR A 224 20.79 -7.59 41.56
CA THR A 224 21.41 -6.36 41.98
C THR A 224 20.40 -5.25 42.29
N GLN A 225 20.84 -3.99 42.23
CA GLN A 225 20.10 -2.83 42.76
C GLN A 225 18.82 -2.41 42.05
N GLU A 226 18.82 -2.44 40.73
CA GLU A 226 17.76 -1.80 39.91
C GLU A 226 17.74 -0.28 40.11
N SER A 227 18.90 0.30 40.44
CA SER A 227 19.06 1.75 40.46
C SER A 227 20.53 2.07 40.29
N ALA A 228 20.88 3.35 40.30
CA ALA A 228 22.23 3.75 39.93
C ALA A 228 23.25 3.23 40.92
N CYS A 229 24.41 2.81 40.43
CA CYS A 229 25.53 2.57 41.34
C CYS A 229 26.24 3.90 41.63
N ASN A 230 27.27 3.88 42.48
CA ASN A 230 27.84 5.14 42.97
C ASN A 230 29.34 5.20 42.89
N CYS A 231 29.84 6.18 42.15
CA CYS A 231 31.25 6.25 41.83
C CYS A 231 31.90 7.42 42.52
N ILE A 232 33.05 7.18 43.12
CA ILE A 232 33.84 8.25 43.68
C ILE A 232 35.31 8.03 43.41
N GLY A 233 35.93 9.01 42.75
CA GLY A 233 37.34 8.95 42.42
C GLY A 233 37.69 7.74 41.56
N GLY A 234 36.76 7.34 40.70
CA GLY A 234 36.98 6.20 39.81
C GLY A 234 36.54 4.86 40.38
N ASN A 235 36.24 4.84 41.69
CA ASN A 235 35.74 3.62 42.33
C ASN A 235 34.22 3.61 42.41
N CYS A 236 33.62 2.66 41.69
CA CYS A 236 32.17 2.51 41.70
C CYS A 236 31.75 1.40 42.66
N TYR A 237 30.78 1.69 43.53
CA TYR A 237 30.29 0.75 44.53
C TYR A 237 28.87 0.30 44.21
N LEU A 238 28.63 -1.00 44.31
CA LEU A 238 27.38 -1.59 43.87
C LEU A 238 26.93 -2.68 44.84
N MET A 239 25.65 -2.69 45.17
CA MET A 239 25.11 -3.75 46.03
C MET A 239 24.68 -4.93 45.16
N ILE A 240 25.03 -6.13 45.60
CA ILE A 240 24.50 -7.35 45.00
C ILE A 240 24.00 -8.23 46.13
N THR A 241 23.05 -9.12 45.83
CA THR A 241 22.55 -10.08 46.80
C THR A 241 22.23 -11.43 46.15
N ASP A 242 22.17 -12.47 46.96
CA ASP A 242 21.89 -13.82 46.47
C ASP A 242 21.20 -14.54 47.62
N GLY A 243 20.12 -15.26 47.33
CA GLY A 243 19.39 -15.94 48.38
C GLY A 243 17.90 -16.04 48.09
N SER A 244 17.19 -16.77 48.94
CA SER A 244 15.75 -16.95 48.79
C SER A 244 14.95 -15.66 48.95
N ALA A 245 13.94 -15.48 48.10
CA ALA A 245 13.02 -14.37 48.19
C ALA A 245 12.24 -14.39 49.50
N SER A 246 12.08 -15.59 50.07
CA SER A 246 11.29 -15.75 51.28
C SER A 246 12.11 -16.30 52.42
N GLY A 247 13.43 -16.25 52.28
CA GLY A 247 14.33 -16.71 53.32
C GLY A 247 15.49 -15.76 53.56
N VAL A 248 16.69 -16.31 53.59
CA VAL A 248 17.89 -15.53 53.89
C VAL A 248 18.57 -15.03 52.60
N SER A 249 18.86 -13.73 52.54
CA SER A 249 19.54 -13.14 51.39
C SER A 249 20.60 -12.17 51.87
N GLU A 250 21.80 -12.69 52.08
CA GLU A 250 22.89 -11.90 52.62
C GLU A 250 23.62 -11.16 51.48
N CYS A 251 23.53 -9.82 51.49
CA CYS A 251 24.09 -9.03 50.40
C CYS A 251 25.59 -8.84 50.58
N ARG A 252 26.24 -8.39 49.50
CA ARG A 252 27.66 -8.03 49.46
C ARG A 252 27.77 -6.73 48.68
N PHE A 253 28.92 -6.07 48.79
CA PHE A 253 29.18 -4.91 47.94
C PHE A 253 30.40 -5.14 47.04
N LEU A 254 30.33 -4.72 45.78
CA LEU A 254 31.46 -4.85 44.86
C LEU A 254 32.08 -3.49 44.62
N LYS A 255 33.40 -3.43 44.70
CA LYS A 255 34.09 -2.20 44.36
C LYS A 255 34.64 -2.38 42.94
N ILE A 256 34.20 -1.54 42.01
CA ILE A 256 34.50 -1.70 40.59
C ILE A 256 35.23 -0.46 40.04
N ARG A 257 36.30 -0.70 39.31
CA ARG A 257 37.09 0.39 38.77
C ARG A 257 37.38 0.13 37.29
N GLU A 258 36.92 1.03 36.43
CA GLU A 258 37.07 0.90 34.98
C GLU A 258 36.57 -0.46 34.49
N GLY A 259 35.44 -0.88 35.06
CA GLY A 259 34.76 -2.07 34.60
C GLY A 259 35.23 -3.38 35.20
N ARG A 260 36.29 -3.35 36.01
CA ARG A 260 36.78 -4.59 36.63
C ARG A 260 36.58 -4.54 38.14
N ILE A 261 36.17 -5.68 38.70
CA ILE A 261 35.90 -5.80 40.12
C ILE A 261 37.21 -5.91 40.88
N ILE A 262 37.54 -4.91 41.68
CA ILE A 262 38.81 -4.92 42.40
C ILE A 262 38.67 -5.25 43.90
N LYS A 263 37.44 -5.31 44.39
CA LYS A 263 37.23 -5.68 45.78
C LYS A 263 35.81 -6.16 46.07
N GLU A 264 35.70 -7.15 46.95
CA GLU A 264 34.45 -7.66 47.51
C GLU A 264 34.31 -7.16 48.94
N ILE A 265 33.16 -6.58 49.27
CA ILE A 265 32.97 -6.08 50.63
C ILE A 265 31.87 -6.87 51.32
N PHE A 266 32.19 -7.45 52.47
CA PHE A 266 31.25 -8.29 53.21
C PHE A 266 30.72 -7.55 54.44
N PRO A 267 29.45 -7.11 54.38
CA PRO A 267 28.88 -6.30 55.46
C PRO A 267 28.81 -7.07 56.78
N THR A 268 28.78 -6.34 57.89
CA THR A 268 28.51 -6.93 59.20
C THR A 268 27.19 -6.38 59.72
N GLY A 269 26.72 -6.91 60.85
CA GLY A 269 25.52 -6.38 61.48
C GLY A 269 24.25 -7.17 61.22
N ARG A 270 23.14 -6.47 60.96
CA ARG A 270 21.89 -7.13 60.63
C ARG A 270 21.92 -7.50 59.15
N VAL A 271 22.32 -8.73 58.84
CA VAL A 271 22.59 -9.10 57.45
C VAL A 271 21.68 -10.18 56.88
N LYS A 272 20.69 -10.64 57.64
CA LYS A 272 19.97 -11.83 57.23
C LYS A 272 19.13 -11.65 55.96
N HIS A 273 18.76 -10.41 55.64
CA HIS A 273 18.09 -10.16 54.36
C HIS A 273 18.11 -8.72 53.89
N THR A 274 18.81 -8.51 52.78
CA THR A 274 19.00 -7.19 52.21
C THR A 274 19.00 -7.33 50.69
N GLU A 275 18.12 -6.59 50.02
CA GLU A 275 18.06 -6.60 48.56
C GLU A 275 17.60 -5.26 48.02
N GLU A 276 17.82 -5.08 46.71
CA GLU A 276 17.40 -3.88 45.98
C GLU A 276 17.75 -2.57 46.68
N CYS A 277 18.96 -2.50 47.21
CA CYS A 277 19.42 -1.29 47.89
C CYS A 277 19.34 -0.05 47.00
N THR A 278 18.84 1.03 47.58
CA THR A 278 18.84 2.32 46.90
C THR A 278 19.90 3.19 47.60
N CYS A 279 20.99 3.47 46.90
CA CYS A 279 22.21 4.01 47.54
C CYS A 279 22.56 5.42 47.06
N GLY A 280 23.30 6.14 47.88
CA GLY A 280 23.76 7.48 47.54
C GLY A 280 24.86 7.91 48.51
N PHE A 281 25.52 9.02 48.21
CA PHE A 281 26.57 9.55 49.06
C PHE A 281 26.03 10.46 50.16
N ALA A 282 26.31 10.13 51.42
CA ALA A 282 26.05 11.03 52.53
C ALA A 282 27.18 12.05 52.64
N SER A 283 28.38 11.65 52.20
CA SER A 283 29.59 12.48 52.24
C SER A 283 30.63 11.86 51.32
N ASN A 284 31.87 12.39 51.35
CA ASN A 284 32.94 11.84 50.53
C ASN A 284 33.46 10.55 51.15
N LYS A 285 33.00 10.24 52.34
CA LYS A 285 33.57 9.10 53.05
C LYS A 285 32.55 7.98 53.24
N THR A 286 31.27 8.32 53.13
CA THR A 286 30.22 7.37 53.46
C THR A 286 29.12 7.27 52.41
N ILE A 287 28.80 6.03 52.03
CA ILE A 287 27.64 5.73 51.21
C ILE A 287 26.54 5.18 52.10
N GLU A 288 25.31 5.57 51.84
CA GLU A 288 24.20 5.03 52.59
C GLU A 288 23.21 4.41 51.62
N CYS A 289 22.56 3.33 52.03
CA CYS A 289 21.51 2.68 51.26
C CYS A 289 20.28 2.40 52.12
N ALA A 290 19.11 2.54 51.53
CA ALA A 290 17.87 2.11 52.14
C ALA A 290 17.43 0.92 51.30
N CYS A 291 17.19 -0.22 51.94
CA CYS A 291 17.03 -1.43 51.16
C CYS A 291 15.71 -2.12 51.41
N ARG A 292 15.58 -3.31 50.87
CA ARG A 292 14.36 -4.07 51.01
C ARG A 292 14.64 -5.42 51.70
N ASP A 293 13.82 -5.72 52.70
CA ASP A 293 13.80 -7.05 53.30
C ASP A 293 12.49 -7.70 52.85
N ASN A 294 12.59 -8.69 51.97
CA ASN A 294 11.37 -9.32 51.44
C ASN A 294 10.81 -10.43 52.35
N SER A 295 11.50 -10.69 53.46
CA SER A 295 11.14 -11.79 54.34
C SER A 295 10.69 -11.40 55.77
N TYR A 296 11.53 -10.68 56.50
CA TYR A 296 11.37 -10.56 57.95
C TYR A 296 10.77 -9.28 58.52
N THR A 297 10.75 -8.19 57.75
CA THR A 297 10.35 -6.92 58.35
C THR A 297 9.89 -5.88 57.34
N ALA A 298 9.12 -4.92 57.84
CA ALA A 298 8.66 -3.79 57.04
C ALA A 298 9.54 -2.56 57.27
N LYS A 299 10.52 -2.67 58.17
CA LYS A 299 11.53 -1.61 58.30
C LYS A 299 12.54 -1.84 57.17
N ARG A 300 13.13 -0.78 56.65
CA ARG A 300 14.16 -0.94 55.63
C ARG A 300 15.51 -1.16 56.27
N PRO A 301 16.20 -2.25 55.88
CA PRO A 301 17.63 -2.33 56.21
C PRO A 301 18.30 -1.06 55.70
N PHE A 302 19.19 -0.50 56.51
CA PHE A 302 19.89 0.74 56.18
C PHE A 302 21.37 0.45 56.27
N VAL A 303 22.07 0.57 55.13
CA VAL A 303 23.51 0.28 55.06
C VAL A 303 24.34 1.55 55.22
N LYS A 304 25.37 1.50 56.07
CA LYS A 304 26.42 2.52 56.09
C LYS A 304 27.73 1.94 55.57
N LEU A 305 28.20 2.45 54.44
CA LEU A 305 29.40 1.93 53.79
C LEU A 305 30.51 2.98 53.77
N ASN A 306 31.60 2.68 54.46
CA ASN A 306 32.76 3.58 54.50
C ASN A 306 33.70 3.33 53.31
N VAL A 307 33.84 4.33 52.43
CA VAL A 307 34.63 4.17 51.20
C VAL A 307 36.13 4.40 51.39
N GLU A 308 36.51 4.92 52.55
CA GLU A 308 37.92 5.04 52.91
C GLU A 308 38.48 3.71 53.42
N THR A 309 37.66 2.95 54.14
CA THR A 309 38.12 1.67 54.69
C THR A 309 37.45 0.48 54.00
N ASP A 310 36.51 0.73 53.09
CA ASP A 310 35.85 -0.36 52.36
C ASP A 310 35.23 -1.38 53.34
N THR A 311 34.53 -0.86 54.34
CA THR A 311 33.81 -1.68 55.31
C THR A 311 32.36 -1.23 55.32
N ALA A 312 31.47 -2.15 55.62
CA ALA A 312 30.04 -1.85 55.59
C ALA A 312 29.31 -2.47 56.79
N GLU A 313 28.32 -1.74 57.31
CA GLU A 313 27.49 -2.24 58.41
C GLU A 313 26.01 -2.02 58.11
N ILE A 314 25.17 -2.98 58.48
CA ILE A 314 23.73 -2.87 58.23
C ILE A 314 22.94 -3.00 59.54
N ARG A 315 22.03 -2.05 59.77
CA ARG A 315 21.04 -2.15 60.84
C ARG A 315 19.70 -1.73 60.28
N LEU A 316 18.62 -2.06 60.97
CA LEU A 316 17.30 -1.66 60.48
C LEU A 316 17.07 -0.15 60.72
N MET A 317 16.34 0.50 59.82
CA MET A 317 15.88 1.87 60.05
C MET A 317 14.94 1.87 61.26
N CYS A 318 15.24 2.72 62.23
CA CYS A 318 14.48 2.77 63.48
C CYS A 318 13.20 3.63 63.38
N THR A 319 13.10 4.48 62.36
CA THR A 319 11.97 5.39 62.30
C THR A 319 10.60 4.70 62.34
N ASP A 320 9.65 5.32 63.06
CA ASP A 320 8.27 4.83 63.15
C ASP A 320 7.57 4.82 61.79
N THR A 321 8.07 5.62 60.86
CA THR A 321 7.54 5.69 59.48
C THR A 321 8.08 4.51 58.63
N TYR A 322 7.52 3.32 58.79
CA TYR A 322 8.04 2.15 58.04
C TYR A 322 7.90 2.34 56.51
N LEU A 323 9.00 2.22 55.79
CA LEU A 323 9.00 2.60 54.37
C LEU A 323 8.64 1.48 53.37
N ASP A 324 8.65 0.23 53.80
CA ASP A 324 8.34 -0.89 52.92
C ASP A 324 6.84 -1.04 52.70
N THR A 325 6.47 -1.86 51.71
CA THR A 325 5.10 -2.22 51.42
C THR A 325 5.13 -3.72 51.10
N PRO A 326 4.37 -4.54 51.85
CA PRO A 326 3.38 -4.15 52.87
C PRO A 326 4.05 -3.64 54.15
N ARG A 327 3.23 -3.19 55.10
CA ARG A 327 3.74 -2.69 56.38
C ARG A 327 2.58 -2.60 57.37
N PRO A 328 2.88 -2.62 58.69
CA PRO A 328 1.82 -2.35 59.66
C PRO A 328 1.71 -0.84 59.90
N ASP A 329 0.81 -0.46 60.80
CA ASP A 329 0.63 0.94 61.17
C ASP A 329 1.93 1.54 61.66
N ASP A 330 2.14 2.81 61.33
CA ASP A 330 3.29 3.56 61.82
C ASP A 330 3.42 3.51 63.32
N GLY A 331 4.61 3.21 63.81
CA GLY A 331 4.84 3.17 65.25
C GLY A 331 4.38 1.91 65.96
N SER A 332 3.63 1.04 65.28
CA SER A 332 3.04 -0.15 65.93
C SER A 332 4.05 -1.26 66.26
N ILE A 333 5.23 -1.22 65.68
CA ILE A 333 6.20 -2.26 66.00
C ILE A 333 6.80 -1.96 67.36
N THR A 334 6.44 -2.78 68.34
CA THR A 334 6.91 -2.62 69.71
C THR A 334 8.29 -3.21 69.89
N GLY A 335 9.00 -2.69 70.90
CA GLY A 335 10.32 -3.16 71.23
C GLY A 335 11.39 -2.19 70.78
N PRO A 336 12.65 -2.53 71.01
CA PRO A 336 13.75 -1.64 70.61
C PRO A 336 13.84 -1.50 69.08
N CYS A 337 14.83 -0.72 68.63
CA CYS A 337 14.99 -0.42 67.21
C CYS A 337 15.11 -1.64 66.29
N GLU A 338 15.74 -2.71 66.78
CA GLU A 338 16.02 -3.88 65.93
C GLU A 338 14.88 -4.90 65.79
N SER A 339 13.74 -4.67 66.45
CA SER A 339 12.61 -5.59 66.32
C SER A 339 12.07 -5.53 64.89
N ASN A 340 11.78 -6.71 64.34
CA ASN A 340 11.29 -6.84 62.98
C ASN A 340 9.82 -6.48 62.81
N GLY A 341 8.99 -6.85 63.80
CA GLY A 341 7.56 -6.68 63.70
C GLY A 341 6.86 -7.61 62.72
N ASP A 342 5.62 -7.30 62.38
CA ASP A 342 4.82 -8.14 61.50
C ASP A 342 4.60 -7.55 60.10
N LYS A 343 3.95 -8.33 59.23
CA LYS A 343 3.80 -7.96 57.83
C LYS A 343 5.18 -7.72 57.20
N GLY A 344 6.15 -8.52 57.65
CA GLY A 344 7.50 -8.43 57.15
C GLY A 344 7.64 -9.07 55.79
N SER A 345 6.82 -10.08 55.51
CA SER A 345 6.92 -10.80 54.25
C SER A 345 6.41 -9.97 53.08
N GLY A 346 7.12 -10.00 51.97
CA GLY A 346 6.81 -9.14 50.84
C GLY A 346 7.63 -7.86 50.93
N GLY A 347 7.47 -6.97 49.96
CA GLY A 347 8.33 -5.80 49.92
C GLY A 347 8.30 -5.04 48.62
N ILE A 348 9.12 -3.99 48.56
CA ILE A 348 9.17 -3.09 47.41
C ILE A 348 10.45 -2.27 47.50
N LYS A 349 11.04 -1.96 46.35
CA LYS A 349 12.21 -1.08 46.32
C LYS A 349 11.75 0.34 46.60
N GLY A 350 12.49 1.04 47.45
CA GLY A 350 12.08 2.37 47.87
C GLY A 350 13.04 3.47 47.51
N GLY A 351 12.51 4.63 47.17
CA GLY A 351 13.34 5.79 46.86
C GLY A 351 14.03 6.38 48.09
N PHE A 352 15.22 6.91 47.88
CA PHE A 352 16.06 7.45 48.94
C PHE A 352 17.17 8.31 48.31
N VAL A 353 17.32 9.54 48.78
CA VAL A 353 18.35 10.43 48.24
C VAL A 353 18.76 11.48 49.28
N HIS A 354 20.03 11.91 49.20
CA HIS A 354 20.64 12.83 50.13
C HIS A 354 20.65 14.28 49.65
N GLN A 355 20.41 15.16 50.60
CA GLN A 355 20.60 16.58 50.39
C GLN A 355 21.78 16.95 51.29
N ARG A 356 22.94 17.07 50.67
CA ARG A 356 24.19 17.35 51.39
C ARG A 356 24.42 18.84 51.54
N MET A 357 24.37 19.34 52.77
CA MET A 357 24.64 20.74 53.01
C MET A 357 25.89 20.93 53.83
N GLU A 358 26.24 22.19 54.06
CA GLU A 358 27.52 22.54 54.64
C GLU A 358 27.69 21.98 56.04
N SER A 359 26.64 22.06 56.86
CA SER A 359 26.74 21.55 58.23
C SER A 359 25.57 20.67 58.61
N LYS A 360 24.89 20.10 57.62
CA LYS A 360 23.80 19.17 57.88
C LYS A 360 23.44 18.30 56.67
N ILE A 361 22.73 17.20 56.94
CA ILE A 361 22.37 16.26 55.91
C ILE A 361 20.86 16.07 55.89
N GLY A 362 20.28 16.10 54.70
CA GLY A 362 18.88 15.81 54.54
C GLY A 362 18.72 14.44 53.90
N ARG A 363 17.86 13.61 54.47
CA ARG A 363 17.55 12.31 53.87
C ARG A 363 16.10 12.31 53.46
N TRP A 364 15.87 12.14 52.15
CA TRP A 364 14.53 12.17 51.57
C TRP A 364 14.16 10.74 51.18
N TYR A 365 12.92 10.35 51.44
CA TYR A 365 12.48 8.98 51.18
C TYR A 365 11.09 8.98 50.56
N SER A 366 10.76 7.90 49.86
CA SER A 366 9.40 7.74 49.37
C SER A 366 8.83 6.40 49.81
N ARG A 367 7.52 6.35 50.03
CA ARG A 367 6.81 5.09 50.25
C ARG A 367 5.42 5.19 49.65
N THR A 368 4.80 4.06 49.35
CA THR A 368 3.47 4.06 48.77
C THR A 368 2.45 4.70 49.71
N MET A 369 1.33 5.18 49.18
CA MET A 369 0.26 5.67 50.04
C MET A 369 -0.49 4.52 50.73
N SER A 370 -0.66 3.41 50.03
CA SER A 370 -1.31 2.27 50.65
C SER A 370 -0.32 1.51 51.50
N LYS A 371 -0.78 0.97 52.62
CA LYS A 371 0.09 0.16 53.48
C LYS A 371 0.29 -1.23 52.93
N THR A 372 -0.63 -1.69 52.10
CA THR A 372 -0.60 -3.08 51.63
C THR A 372 -0.46 -3.22 50.10
N GLU A 373 -0.84 -2.18 49.35
CA GLU A 373 -0.85 -2.23 47.89
C GLU A 373 0.11 -1.24 47.23
N ARG A 374 0.50 -1.55 45.99
CA ARG A 374 1.41 -0.69 45.24
C ARG A 374 0.62 0.46 44.60
N MET A 375 0.09 1.33 45.47
CA MET A 375 -0.78 2.41 45.08
C MET A 375 -0.32 3.68 45.77
N GLY A 376 -0.10 4.73 44.99
CA GLY A 376 0.32 6.02 45.52
C GLY A 376 1.79 6.06 45.87
N MET A 377 2.30 7.27 46.05
CA MET A 377 3.67 7.44 46.53
C MET A 377 3.75 8.78 47.23
N GLY A 378 4.22 8.78 48.48
CA GLY A 378 4.38 9.99 49.24
C GLY A 378 5.84 10.27 49.55
N LEU A 379 6.17 11.53 49.81
CA LEU A 379 7.54 11.93 50.07
C LEU A 379 7.77 12.29 51.56
N TYR A 380 8.90 11.84 52.10
CA TYR A 380 9.21 12.07 53.50
C TYR A 380 10.64 12.61 53.64
N VAL A 381 10.86 13.41 54.69
CA VAL A 381 12.19 13.98 54.93
C VAL A 381 12.55 14.01 56.42
N LYS A 382 13.84 13.84 56.71
CA LYS A 382 14.35 14.11 58.04
C LYS A 382 15.81 14.53 57.92
N TYR A 383 16.19 15.54 58.69
CA TYR A 383 17.55 16.06 58.68
C TYR A 383 18.34 15.55 59.87
N ASP A 384 19.59 15.15 59.61
CA ASP A 384 20.54 14.77 60.67
C ASP A 384 20.08 13.58 61.52
N GLY A 385 20.82 13.34 62.61
CA GLY A 385 20.54 12.23 63.49
C GLY A 385 21.14 10.96 62.93
N ASP A 386 20.75 9.83 63.51
CA ASP A 386 21.22 8.52 63.14
C ASP A 386 19.99 7.67 62.81
N PRO A 387 19.85 7.25 61.53
CA PRO A 387 18.69 6.44 61.12
C PRO A 387 18.62 5.08 61.85
N TRP A 388 19.73 4.61 62.40
CA TRP A 388 19.73 3.38 63.20
C TRP A 388 19.07 3.56 64.58
N ALA A 389 19.17 4.77 65.16
CA ALA A 389 18.75 4.96 66.55
C ALA A 389 17.55 5.91 66.79
N ASP A 390 17.17 6.69 65.78
CA ASP A 390 16.05 7.63 65.94
C ASP A 390 14.74 7.00 65.50
N SER A 391 13.83 6.88 66.46
CA SER A 391 12.53 6.27 66.22
C SER A 391 11.47 7.29 65.78
N ASP A 392 11.72 8.58 65.98
CA ASP A 392 10.75 9.62 65.62
C ASP A 392 10.30 9.48 64.17
N ALA A 393 9.01 9.73 63.93
CA ALA A 393 8.45 9.70 62.58
C ALA A 393 9.16 10.66 61.65
N LEU A 394 9.30 10.27 60.39
CA LEU A 394 9.79 11.17 59.35
C LEU A 394 8.71 12.23 59.14
N ALA A 395 9.11 13.43 58.73
CA ALA A 395 8.14 14.47 58.40
C ALA A 395 7.51 14.23 57.03
N PHE A 396 6.18 14.28 56.96
CA PHE A 396 5.51 14.03 55.70
C PHE A 396 5.64 15.23 54.80
N SER A 397 6.15 15.02 53.59
CA SER A 397 6.46 16.15 52.75
C SER A 397 5.54 16.31 51.54
N GLY A 398 4.60 15.40 51.35
CA GLY A 398 3.65 15.54 50.25
C GLY A 398 3.38 14.31 49.37
N VAL A 399 2.22 14.37 48.71
CA VAL A 399 1.76 13.32 47.80
C VAL A 399 2.29 13.53 46.36
N MET A 400 3.24 12.70 45.94
CA MET A 400 3.75 12.74 44.57
C MET A 400 2.81 12.00 43.61
N VAL A 401 2.18 10.94 44.10
CA VAL A 401 1.26 10.15 43.29
C VAL A 401 0.11 9.75 44.18
N SER A 402 -1.12 10.06 43.75
CA SER A 402 -2.25 9.74 44.62
C SER A 402 -2.54 8.23 44.68
N MET A 403 -3.34 7.87 45.69
CA MET A 403 -3.68 6.48 45.99
C MET A 403 -4.54 5.86 44.87
N LYS A 404 -5.11 6.72 44.04
CA LYS A 404 -5.86 6.30 42.86
C LYS A 404 -4.94 5.80 41.74
N GLU A 405 -3.64 6.07 41.86
CA GLU A 405 -2.69 5.82 40.77
C GLU A 405 -1.68 4.81 41.28
N PRO A 406 -1.07 4.05 40.35
CA PRO A 406 -0.14 3.01 40.79
C PRO A 406 1.19 3.61 41.24
N GLY A 407 1.76 3.08 42.32
CA GLY A 407 3.09 3.48 42.74
C GLY A 407 3.87 2.23 43.07
N TRP A 408 4.87 1.93 42.24
CA TRP A 408 5.65 0.72 42.39
C TRP A 408 7.06 1.04 42.86
N TYR A 409 8.09 0.62 42.12
CA TYR A 409 9.46 0.88 42.56
C TYR A 409 9.73 2.38 42.67
N SER A 410 10.64 2.79 43.55
CA SER A 410 11.09 4.18 43.49
C SER A 410 12.57 4.20 43.77
N PHE A 411 13.26 5.24 43.29
CA PHE A 411 14.72 5.29 43.36
C PHE A 411 15.15 6.76 43.45
N GLY A 412 16.33 7.00 44.02
CA GLY A 412 16.94 8.31 44.03
C GLY A 412 18.03 8.44 42.96
N PHE A 413 18.33 9.68 42.58
CA PHE A 413 19.44 9.98 41.69
C PHE A 413 19.76 11.45 41.77
N GLU A 414 20.89 11.86 41.20
CA GLU A 414 21.31 13.25 41.30
C GLU A 414 21.68 13.81 39.94
N ILE A 415 21.23 15.02 39.66
CA ILE A 415 21.61 15.71 38.44
C ILE A 415 22.81 16.60 38.75
N LYS A 416 23.76 16.69 37.81
CA LYS A 416 24.93 17.55 38.02
C LYS A 416 24.65 18.88 37.38
N ASP A 417 24.50 19.90 38.23
CA ASP A 417 24.41 21.28 37.80
C ASP A 417 25.86 21.73 37.77
N LYS A 418 26.12 22.97 37.38
CA LYS A 418 27.50 23.43 37.15
C LYS A 418 28.41 23.28 38.36
N GLU A 419 27.88 23.54 39.55
CA GLU A 419 28.73 23.62 40.73
C GLU A 419 28.22 22.77 41.89
N CYS A 420 27.05 22.17 41.72
CA CYS A 420 26.40 21.47 42.80
C CYS A 420 25.46 20.37 42.28
N ASP A 421 25.07 19.45 43.15
CA ASP A 421 24.26 18.31 42.74
C ASP A 421 22.79 18.49 43.11
N VAL A 422 21.88 18.09 42.22
CA VAL A 422 20.45 18.21 42.50
C VAL A 422 19.82 16.84 42.82
N PRO A 423 19.38 16.65 44.08
CA PRO A 423 18.75 15.38 44.47
C PRO A 423 17.35 15.21 43.89
N CYS A 424 17.05 14.01 43.43
CA CYS A 424 15.75 13.71 42.84
C CYS A 424 15.27 12.33 43.26
N ILE A 425 13.98 12.11 43.10
CA ILE A 425 13.41 10.79 43.29
C ILE A 425 12.58 10.43 42.07
N GLY A 426 12.81 9.24 41.52
CA GLY A 426 12.02 8.77 40.41
C GLY A 426 11.08 7.67 40.87
N ILE A 427 9.91 7.59 40.23
CA ILE A 427 8.86 6.67 40.67
C ILE A 427 8.38 5.84 39.50
N GLU A 428 8.46 4.53 39.64
CA GLU A 428 7.93 3.60 38.65
C GLU A 428 6.41 3.52 38.78
N MET A 429 5.70 3.79 37.69
CA MET A 429 4.25 3.75 37.73
C MET A 429 3.73 2.66 36.82
N VAL A 430 3.57 1.45 37.37
CA VAL A 430 3.25 0.28 36.56
C VAL A 430 1.80 0.24 36.05
N HIS A 431 1.65 -0.05 34.77
CA HIS A 431 0.34 -0.33 34.20
C HIS A 431 0.05 -1.83 34.40
N ASP A 432 -0.77 -2.19 35.38
CA ASP A 432 -1.05 -3.60 35.65
C ASP A 432 -2.49 -3.95 35.28
N GLY A 433 -2.65 -4.77 34.25
CA GLY A 433 -3.98 -5.26 33.90
C GLY A 433 -4.07 -6.77 34.12
N GLY A 434 -3.12 -7.33 34.86
CA GLY A 434 -3.10 -8.77 35.09
C GLY A 434 -2.35 -9.50 33.98
N LYS A 435 -2.39 -10.83 33.99
CA LYS A 435 -1.52 -11.56 33.08
C LYS A 435 -2.04 -11.71 31.65
N GLU A 436 -3.30 -11.36 31.45
CA GLU A 436 -3.93 -11.50 30.12
C GLU A 436 -3.69 -10.34 29.15
N THR A 437 -2.95 -9.32 29.57
CA THR A 437 -2.61 -8.19 28.71
C THR A 437 -1.17 -7.72 28.94
N TRP A 438 -0.81 -6.60 28.34
CA TRP A 438 0.56 -6.11 28.46
C TRP A 438 0.82 -5.61 29.89
N HIS A 439 2.10 -5.50 30.23
CA HIS A 439 2.48 -5.12 31.57
C HIS A 439 3.76 -4.30 31.43
N SER A 440 3.66 -3.00 31.70
CA SER A 440 4.79 -2.08 31.54
C SER A 440 4.63 -0.89 32.51
N ALA A 441 5.46 0.14 32.35
CA ALA A 441 5.48 1.24 33.31
C ALA A 441 5.81 2.61 32.74
N ALA A 442 5.27 3.65 33.38
CA ALA A 442 5.73 5.02 33.22
C ALA A 442 6.73 5.32 34.32
N THR A 443 7.40 6.46 34.20
CA THR A 443 8.36 6.92 35.19
C THR A 443 8.08 8.38 35.50
N ALA A 444 7.84 8.71 36.78
CA ALA A 444 7.65 10.11 37.22
C ALA A 444 8.87 10.63 37.96
N ILE A 445 9.21 11.91 37.76
CA ILE A 445 10.39 12.47 38.43
C ILE A 445 10.03 13.69 39.28
N TYR A 446 10.55 13.72 40.50
CA TYR A 446 10.42 14.82 41.44
C TYR A 446 11.83 15.23 41.86
N CYS A 447 12.11 16.52 41.94
CA CYS A 447 13.45 17.01 42.27
C CYS A 447 13.40 18.14 43.31
N LEU A 448 14.42 18.21 44.17
CA LEU A 448 14.62 19.39 45.03
C LEU A 448 14.68 20.64 44.15
N MET A 449 13.80 21.60 44.43
CA MET A 449 13.57 22.76 43.58
C MET A 449 12.90 23.88 44.42
N GLY A 450 13.62 24.97 44.67
CA GLY A 450 13.06 26.13 45.37
C GLY A 450 12.63 25.86 46.81
N SER A 451 11.69 26.67 47.30
CA SER A 451 11.27 26.56 48.68
C SER A 451 9.75 26.49 48.75
N GLY A 452 9.19 26.39 49.97
CA GLY A 452 7.75 26.19 50.14
C GLY A 452 7.34 24.73 50.27
N GLN A 453 6.18 24.37 49.72
CA GLN A 453 5.69 23.00 49.81
C GLN A 453 5.50 22.34 48.43
N LEU A 454 5.57 21.01 48.42
CA LEU A 454 5.27 20.22 47.21
C LEU A 454 3.86 20.50 46.71
N LEU A 455 3.70 20.84 45.43
CA LEU A 455 2.41 21.36 44.97
C LEU A 455 1.51 20.46 44.13
N TRP A 456 2.07 19.50 43.38
CA TRP A 456 1.22 18.76 42.46
C TRP A 456 1.63 17.30 42.32
N ASP A 457 0.63 16.45 42.14
CA ASP A 457 0.80 15.02 41.97
C ASP A 457 0.88 14.60 40.48
N THR A 458 1.32 13.38 40.22
CA THR A 458 1.51 12.87 38.85
C THR A 458 0.54 11.73 38.54
N VAL A 459 -0.05 11.75 37.34
CA VAL A 459 -0.83 10.62 36.83
C VAL A 459 -0.20 10.11 35.50
N THR A 460 -0.44 8.85 35.13
CA THR A 460 0.17 8.35 33.88
C THR A 460 -0.62 8.79 32.65
N GLY A 461 -1.91 9.03 32.83
CA GLY A 461 -2.80 9.39 31.72
C GLY A 461 -3.17 8.20 30.82
N VAL A 462 -2.72 7.01 31.19
CA VAL A 462 -2.86 5.84 30.32
C VAL A 462 -4.15 5.03 30.58
N ASP A 463 -4.88 4.75 29.50
CA ASP A 463 -6.01 3.83 29.54
C ASP A 463 -5.59 2.50 28.89
N MET A 464 -5.48 1.45 29.69
CA MET A 464 -4.94 0.16 29.21
C MET A 464 -5.81 -0.54 28.17
N ALA A 465 -7.07 -0.13 28.05
CA ALA A 465 -7.95 -0.71 27.03
C ALA A 465 -7.68 -0.22 25.60
N LEU A 466 -6.91 0.86 25.42
CA LEU A 466 -6.69 1.42 24.09
C LEU A 466 -5.51 0.77 23.31
N GLU B 77 35.43 27.48 24.78
CA GLU B 77 34.98 28.22 25.96
C GLU B 77 34.03 29.33 25.54
N PRO B 78 32.73 29.01 25.46
CA PRO B 78 31.71 29.92 24.95
C PRO B 78 31.52 31.14 25.84
N GLU B 79 31.02 32.24 25.26
CA GLU B 79 30.85 33.47 26.01
C GLU B 79 29.40 33.93 26.01
N TRP B 80 29.07 34.86 26.90
CA TRP B 80 27.74 35.41 26.97
C TRP B 80 27.41 36.03 25.63
N THR B 81 26.20 35.81 25.14
CA THR B 81 25.75 36.54 23.96
C THR B 81 25.12 37.89 24.31
N TYR B 82 25.12 38.77 23.32
CA TYR B 82 24.50 40.09 23.39
C TYR B 82 23.72 40.28 22.10
N PRO B 83 22.71 41.14 22.11
CA PRO B 83 22.10 41.50 20.83
C PRO B 83 23.07 42.30 19.97
N ARG B 84 23.06 42.04 18.67
CA ARG B 84 23.93 42.72 17.71
C ARG B 84 23.08 43.47 16.69
N LEU B 85 23.72 44.24 15.81
CA LEU B 85 23.03 44.82 14.67
C LEU B 85 22.33 43.75 13.83
N SER B 86 21.15 44.09 13.30
CA SER B 86 20.44 43.17 12.45
C SER B 86 21.10 43.02 11.08
N CYS B 87 20.90 41.86 10.47
CA CYS B 87 21.31 41.65 9.09
C CYS B 87 20.61 42.64 8.17
N PRO B 88 21.26 43.03 7.07
CA PRO B 88 20.66 43.95 6.10
C PRO B 88 19.44 43.33 5.46
N GLY B 89 18.42 44.16 5.21
CA GLY B 89 17.21 43.72 4.55
C GLY B 89 16.14 44.74 4.83
N SER B 90 15.00 44.63 4.17
CA SER B 90 13.97 45.65 4.32
C SER B 90 12.55 45.10 4.15
N THR B 91 12.45 43.80 3.95
CA THR B 91 11.16 43.15 3.83
C THR B 91 11.23 41.75 4.42
N PHE B 92 10.10 41.23 4.91
CA PHE B 92 10.01 39.84 5.32
C PHE B 92 9.60 38.99 4.13
N GLN B 93 9.89 37.71 4.19
CA GLN B 93 9.42 36.72 3.22
C GLN B 93 9.11 35.39 3.92
N LYS B 94 8.24 34.61 3.30
CA LYS B 94 7.90 33.29 3.76
C LYS B 94 9.15 32.43 3.77
N ALA B 95 9.45 31.84 4.92
CA ALA B 95 10.68 31.08 5.08
C ALA B 95 10.43 29.58 5.18
N LEU B 96 9.59 29.16 6.13
CA LEU B 96 9.48 27.74 6.46
C LEU B 96 8.15 27.41 7.16
N LEU B 97 7.55 26.31 6.75
CA LEU B 97 6.33 25.84 7.39
C LEU B 97 6.61 24.53 8.11
N ILE B 98 6.24 24.45 9.37
CA ILE B 98 6.28 23.18 10.12
C ILE B 98 4.86 22.73 10.34
N SER B 99 4.42 21.74 9.55
CA SER B 99 3.01 21.31 9.59
C SER B 99 2.96 19.81 9.87
N PRO B 100 3.08 19.44 11.14
CA PRO B 100 3.23 18.01 11.49
C PRO B 100 2.00 17.16 11.17
N HIS B 101 0.83 17.77 11.10
CA HIS B 101 -0.40 17.02 10.95
C HIS B 101 -0.76 16.73 9.49
N ARG B 102 0.12 17.16 8.59
CA ARG B 102 0.11 16.69 7.23
C ARG B 102 0.43 15.19 7.22
N PHE B 103 0.95 14.69 8.32
CA PHE B 103 1.35 13.28 8.43
C PHE B 103 0.56 12.51 9.49
N GLY B 104 -0.55 13.08 9.94
CA GLY B 104 -1.31 12.51 11.04
C GLY B 104 -2.54 11.73 10.62
N GLU B 105 -2.65 11.43 9.35
CA GLU B 105 -3.84 10.72 8.88
C GLU B 105 -3.90 9.27 9.37
N THR B 106 -5.11 8.75 9.43
CA THR B 106 -5.34 7.37 9.81
C THR B 106 -4.67 6.40 8.84
N LYS B 107 -4.60 6.80 7.58
CA LYS B 107 -3.93 6.01 6.54
C LYS B 107 -2.41 6.05 6.61
N GLY B 108 -1.86 6.92 7.45
CA GLY B 108 -0.42 7.09 7.51
C GLY B 108 0.25 6.26 8.59
N ASN B 109 1.54 6.49 8.78
CA ASN B 109 2.33 5.75 9.77
C ASN B 109 3.19 6.67 10.63
N SER B 110 2.68 7.87 10.93
CA SER B 110 3.43 8.85 11.70
C SER B 110 2.74 9.25 13.00
N ALA B 111 3.50 9.86 13.90
CA ALA B 111 2.96 10.27 15.18
C ALA B 111 3.35 11.72 15.52
N PRO B 112 2.78 12.70 14.79
CA PRO B 112 3.01 14.09 15.20
C PRO B 112 2.39 14.36 16.58
N LEU B 113 3.11 15.03 17.47
CA LEU B 113 2.57 15.38 18.79
C LEU B 113 1.45 16.43 18.71
N ILE B 114 0.43 16.25 19.55
CA ILE B 114 -0.59 17.28 19.73
C ILE B 114 -0.07 18.41 20.64
N ILE B 115 -0.03 19.62 20.10
CA ILE B 115 0.57 20.76 20.80
C ILE B 115 -0.25 22.01 20.62
N ARG B 116 0.06 23.00 21.47
CA ARG B 116 -0.28 24.39 21.20
C ARG B 116 0.82 25.28 21.76
N GLU B 117 0.61 26.59 21.66
CA GLU B 117 1.57 27.58 22.12
C GLU B 117 3.03 27.34 21.65
N PRO B 118 3.24 27.17 20.34
CA PRO B 118 4.63 27.01 19.89
C PRO B 118 5.41 28.30 19.96
N PHE B 119 6.72 28.21 20.11
CA PHE B 119 7.59 29.36 19.92
C PHE B 119 8.97 28.84 19.54
N ILE B 120 9.84 29.75 19.11
CA ILE B 120 11.18 29.38 18.66
C ILE B 120 12.22 30.23 19.37
N ALA B 121 13.33 29.60 19.76
CA ALA B 121 14.44 30.35 20.35
C ALA B 121 15.76 29.82 19.82
N CYS B 122 16.69 30.74 19.59
CA CYS B 122 17.97 30.42 18.94
C CYS B 122 19.19 30.77 19.81
N GLY B 123 20.16 29.87 19.84
CA GLY B 123 21.47 30.18 20.38
C GLY B 123 22.48 30.33 19.24
N PRO B 124 23.78 30.37 19.57
CA PRO B 124 24.80 30.60 18.55
C PRO B 124 24.86 29.49 17.50
N ASN B 125 24.40 28.30 17.84
CA ASN B 125 24.58 27.14 16.96
C ASN B 125 23.32 26.44 16.46
N GLU B 126 22.19 26.72 17.10
CA GLU B 126 20.98 25.98 16.77
C GLU B 126 19.72 26.76 17.12
N CYS B 127 18.68 26.55 16.33
CA CYS B 127 17.35 27.02 16.66
C CYS B 127 16.54 25.84 17.19
N LYS B 128 15.80 26.07 18.27
CA LYS B 128 14.91 25.06 18.79
C LYS B 128 13.46 25.50 18.62
N HIS B 129 12.64 24.56 18.18
CA HIS B 129 11.22 24.77 18.04
C HIS B 129 10.52 24.16 19.28
N PHE B 130 10.01 25.02 20.17
CA PHE B 130 9.34 24.60 21.41
C PHE B 130 7.84 24.56 21.27
N ALA B 131 7.18 23.79 22.15
CA ALA B 131 5.72 23.86 22.29
C ALA B 131 5.22 23.17 23.57
N LEU B 132 3.93 23.32 23.86
CA LEU B 132 3.35 22.64 25.00
C LEU B 132 2.52 21.48 24.48
N THR B 133 2.98 20.25 24.69
CA THR B 133 2.18 19.13 24.22
C THR B 133 1.11 18.75 25.24
N HIS B 134 0.05 18.11 24.76
CA HIS B 134 -0.92 17.43 25.63
C HIS B 134 -0.54 15.97 25.86
N TYR B 135 0.68 15.60 25.49
CA TYR B 135 1.22 14.26 25.72
C TYR B 135 0.37 13.20 24.96
N ALA B 136 -0.08 13.58 23.79
CA ALA B 136 -0.89 12.72 22.92
C ALA B 136 -0.38 12.93 21.51
N ALA B 137 -0.62 11.93 20.65
CA ALA B 137 -0.24 11.98 19.25
C ALA B 137 -1.48 11.85 18.38
N GLN B 138 -1.36 12.24 17.11
CA GLN B 138 -2.40 12.03 16.10
C GLN B 138 -1.83 11.20 14.96
N PRO B 139 -2.49 10.07 14.61
CA PRO B 139 -3.72 9.54 15.21
C PRO B 139 -3.48 8.89 16.58
N GLY B 140 -4.51 8.86 17.42
CA GLY B 140 -4.36 8.39 18.78
C GLY B 140 -5.70 8.36 19.48
N GLY B 141 -5.71 7.94 20.74
CA GLY B 141 -6.95 7.78 21.48
C GLY B 141 -7.19 8.77 22.60
N TYR B 142 -6.35 9.81 22.67
CA TYR B 142 -6.45 10.77 23.76
C TYR B 142 -6.79 12.18 23.31
N TYR B 143 -7.75 12.29 22.40
CA TYR B 143 -8.10 13.61 21.84
C TYR B 143 -8.87 14.43 22.86
N ASN B 144 -9.69 13.75 23.63
CA ASN B 144 -10.54 14.42 24.60
C ASN B 144 -9.69 15.13 25.64
N GLY B 145 -9.88 16.44 25.74
CA GLY B 145 -9.12 17.26 26.67
C GLY B 145 -8.05 18.13 25.99
N THR B 146 -7.81 17.90 24.70
CA THR B 146 -6.75 18.62 23.98
C THR B 146 -7.16 20.04 23.60
N ARG B 147 -8.41 20.38 23.85
CA ARG B 147 -8.84 21.77 23.68
C ARG B 147 -8.92 22.49 25.02
N GLY B 148 -8.39 21.87 26.07
CA GLY B 148 -8.29 22.52 27.36
C GLY B 148 -6.94 23.20 27.49
N ASP B 149 -6.83 24.13 28.43
CA ASP B 149 -5.57 24.87 28.60
C ASP B 149 -4.58 24.20 29.55
N ARG B 150 -5.08 23.64 30.64
CA ARG B 150 -4.21 23.17 31.69
C ARG B 150 -4.61 21.79 32.18
N ASN B 151 -3.62 20.94 32.37
CA ASN B 151 -3.83 19.63 32.98
C ASN B 151 -2.51 19.08 33.48
N LYS B 152 -2.56 17.94 34.16
CA LYS B 152 -1.37 17.32 34.74
C LYS B 152 -0.44 16.62 33.73
N LEU B 153 -0.82 16.59 32.46
CA LEU B 153 -0.01 15.88 31.47
C LEU B 153 0.81 16.80 30.57
N ARG B 154 0.43 18.07 30.52
CA ARG B 154 1.08 19.01 29.61
C ARG B 154 2.56 19.20 29.92
N HIS B 155 3.35 19.19 28.86
CA HIS B 155 4.80 19.29 28.99
C HIS B 155 5.35 20.25 27.97
N LEU B 156 6.48 20.86 28.33
CA LEU B 156 7.25 21.64 27.40
C LEU B 156 8.14 20.67 26.62
N ILE B 157 7.97 20.64 25.29
CA ILE B 157 8.85 19.85 24.41
C ILE B 157 9.57 20.73 23.39
N SER B 158 10.63 20.20 22.77
CA SER B 158 11.23 20.85 21.59
C SER B 158 11.82 19.86 20.59
N VAL B 159 12.08 20.37 19.39
CA VAL B 159 12.93 19.72 18.40
C VAL B 159 13.83 20.78 17.77
N LYS B 160 14.89 20.34 17.08
CA LYS B 160 15.67 21.27 16.26
C LYS B 160 14.74 21.84 15.22
N LEU B 161 14.80 23.15 15.00
CA LEU B 161 13.95 23.78 13.98
C LEU B 161 14.26 23.16 12.61
N GLY B 162 13.23 22.76 11.88
CA GLY B 162 13.42 22.00 10.67
C GLY B 162 12.97 20.53 10.79
N LYS B 163 12.99 19.98 12.00
CA LYS B 163 12.48 18.62 12.26
C LYS B 163 10.99 18.63 12.58
N ILE B 164 10.27 17.60 12.14
CA ILE B 164 8.87 17.41 12.51
C ILE B 164 8.77 16.97 13.99
N PRO B 165 8.01 17.70 14.82
CA PRO B 165 7.86 17.35 16.25
C PRO B 165 6.95 16.14 16.49
N THR B 166 7.56 14.97 16.46
CA THR B 166 6.85 13.74 16.61
C THR B 166 7.18 13.16 17.99
N VAL B 167 6.50 12.08 18.31
CA VAL B 167 6.78 11.32 19.52
C VAL B 167 8.26 11.02 19.68
N GLU B 168 8.90 10.60 18.57
CA GLU B 168 10.29 10.20 18.64
C GLU B 168 11.33 11.32 18.47
N ASN B 169 11.08 12.24 17.53
CA ASN B 169 11.99 13.37 17.33
C ASN B 169 12.09 14.32 18.52
N SER B 170 10.99 14.47 19.26
CA SER B 170 10.90 15.45 20.35
C SER B 170 11.66 15.03 21.59
N ILE B 171 12.04 16.02 22.39
CA ILE B 171 12.48 15.73 23.73
C ILE B 171 11.58 16.47 24.73
N PHE B 172 11.33 15.82 25.86
CA PHE B 172 10.44 16.33 26.87
C PHE B 172 11.25 17.00 27.97
N HIS B 173 11.07 18.30 28.13
CA HIS B 173 11.89 19.06 29.06
C HIS B 173 11.39 19.04 30.51
N MET B 174 10.07 19.22 30.70
CA MET B 174 9.47 19.28 32.04
C MET B 174 7.96 19.46 31.91
N ALA B 175 7.25 19.10 32.97
CA ALA B 175 5.82 19.38 33.09
C ALA B 175 5.56 20.89 33.04
N ALA B 176 4.59 21.31 32.24
CA ALA B 176 4.34 22.74 32.05
C ALA B 176 3.09 22.96 31.25
N TRP B 177 2.28 23.93 31.67
CA TRP B 177 1.14 24.36 30.86
C TRP B 177 1.28 25.83 30.43
N SER B 178 2.42 26.41 30.79
CA SER B 178 2.83 27.72 30.29
C SER B 178 4.36 27.71 30.27
N GLY B 179 4.98 28.26 29.24
CA GLY B 179 6.43 28.12 29.12
C GLY B 179 7.21 29.22 28.44
N SER B 180 8.54 29.09 28.55
CA SER B 180 9.47 29.96 27.85
C SER B 180 10.82 29.24 27.84
N ALA B 181 11.76 29.75 27.05
CA ALA B 181 13.14 29.26 27.01
C ALA B 181 14.06 30.25 26.32
N CYS B 182 15.35 30.20 26.65
CA CYS B 182 16.31 31.07 25.97
C CYS B 182 17.71 30.58 26.21
N HIS B 183 18.62 30.94 25.31
CA HIS B 183 20.01 30.53 25.43
C HIS B 183 20.83 31.75 25.80
N ASP B 184 21.76 31.60 26.74
CA ASP B 184 22.50 32.79 27.17
C ASP B 184 23.87 32.93 26.50
N GLY B 185 24.18 32.04 25.57
CA GLY B 185 25.52 31.99 25.01
C GLY B 185 26.26 30.74 25.47
N LYS B 186 25.97 30.29 26.68
CA LYS B 186 26.65 29.12 27.23
C LYS B 186 25.76 27.89 27.35
N GLU B 187 24.47 28.11 27.57
CA GLU B 187 23.57 27.03 27.94
C GLU B 187 22.10 27.46 27.80
N TRP B 188 21.22 26.48 27.59
CA TRP B 188 19.77 26.72 27.55
C TRP B 188 19.14 26.91 28.92
N THR B 189 18.25 27.89 29.04
CA THR B 189 17.38 28.02 30.20
C THR B 189 15.97 27.65 29.76
N TYR B 190 15.34 26.72 30.47
CA TYR B 190 13.96 26.33 30.17
C TYR B 190 13.06 26.76 31.31
N ILE B 191 11.88 27.27 30.96
CA ILE B 191 10.92 27.72 31.96
C ILE B 191 9.60 26.98 31.79
N GLY B 192 9.09 26.41 32.88
CA GLY B 192 7.78 25.79 32.82
C GLY B 192 6.94 26.07 34.05
N VAL B 193 5.67 26.39 33.82
CA VAL B 193 4.73 26.61 34.90
C VAL B 193 3.71 25.49 34.97
N ASP B 194 3.56 24.88 36.16
CA ASP B 194 2.47 23.93 36.37
C ASP B 194 1.90 24.04 37.79
N GLY B 195 1.11 23.06 38.21
CA GLY B 195 0.50 23.12 39.53
C GLY B 195 -0.95 23.57 39.47
N PRO B 196 -1.60 23.68 40.63
CA PRO B 196 -3.02 24.06 40.64
C PRO B 196 -3.19 25.55 40.32
N ASP B 197 -4.31 25.90 39.71
CA ASP B 197 -4.60 27.29 39.34
C ASP B 197 -4.36 28.32 40.44
N ASN B 198 -4.82 28.05 41.66
CA ASN B 198 -4.71 29.06 42.72
C ASN B 198 -3.34 29.12 43.41
N ASP B 199 -2.41 28.27 42.97
CA ASP B 199 -1.10 28.20 43.58
C ASP B 199 -0.11 27.54 42.61
N ALA B 200 -0.05 28.04 41.38
CA ALA B 200 0.83 27.48 40.37
C ALA B 200 2.29 27.83 40.66
N LEU B 201 3.19 27.15 39.96
CA LEU B 201 4.61 27.24 40.26
C LEU B 201 5.46 27.38 38.99
N LEU B 202 6.29 28.42 38.94
CA LEU B 202 7.18 28.60 37.80
C LEU B 202 8.45 27.84 38.13
N LYS B 203 8.90 27.00 37.20
CA LYS B 203 10.08 26.19 37.42
C LYS B 203 11.17 26.54 36.42
N VAL B 204 12.41 26.60 36.91
CA VAL B 204 13.55 26.91 36.07
C VAL B 204 14.51 25.72 35.93
N LYS B 205 14.88 25.43 34.68
CA LYS B 205 15.82 24.37 34.36
C LYS B 205 17.01 24.96 33.60
N TYR B 206 18.23 24.66 34.03
CA TYR B 206 19.39 25.16 33.33
C TYR B 206 20.19 23.96 32.81
N GLY B 207 20.14 23.75 31.49
CA GLY B 207 20.67 22.53 30.93
C GLY B 207 19.81 21.34 31.38
N GLU B 208 20.42 20.39 32.08
CA GLU B 208 19.69 19.23 32.58
C GLU B 208 19.16 19.44 34.00
N ALA B 209 19.66 20.47 34.69
CA ALA B 209 19.37 20.63 36.12
C ALA B 209 18.18 21.54 36.41
N TYR B 210 17.28 21.08 37.27
CA TYR B 210 16.25 21.95 37.84
C TYR B 210 16.96 22.81 38.86
N THR B 211 16.88 24.13 38.72
CA THR B 211 17.71 25.03 39.49
C THR B 211 16.94 26.00 40.41
N ASP B 212 15.70 26.35 40.06
CA ASP B 212 14.94 27.30 40.89
C ASP B 212 13.43 27.27 40.61
N THR B 213 12.65 27.93 41.48
CA THR B 213 11.20 28.06 41.31
C THR B 213 10.70 29.43 41.76
N TYR B 214 9.51 29.82 41.32
CA TYR B 214 8.88 31.07 41.76
C TYR B 214 7.39 30.81 42.00
N HIS B 215 6.87 31.32 43.11
CA HIS B 215 5.50 31.05 43.53
C HIS B 215 4.46 32.07 43.06
N SER B 216 3.22 31.60 42.99
CA SER B 216 2.09 32.46 42.69
C SER B 216 2.06 33.62 43.69
N TYR B 217 1.79 34.84 43.22
CA TYR B 217 1.76 35.99 44.12
C TYR B 217 0.38 36.62 44.23
N ALA B 218 -0.52 36.22 43.34
CA ALA B 218 -1.90 36.69 43.40
C ALA B 218 -2.86 35.51 43.62
N ASN B 219 -2.33 34.30 43.51
CA ASN B 219 -3.12 33.09 43.73
C ASN B 219 -4.32 32.98 42.81
N LYS B 220 -4.12 33.44 41.57
CA LYS B 220 -5.16 33.42 40.55
C LYS B 220 -4.74 32.49 39.40
N LEU B 221 -3.70 32.87 38.66
CA LEU B 221 -3.07 31.93 37.71
C LEU B 221 -1.70 32.42 37.29
N LEU B 222 -0.65 31.99 37.98
CA LEU B 222 0.69 32.36 37.58
C LEU B 222 0.95 31.79 36.17
N ARG B 223 1.59 32.59 35.32
CA ARG B 223 1.82 32.19 33.92
C ARG B 223 2.92 33.04 33.32
N THR B 224 3.38 32.64 32.14
CA THR B 224 4.53 33.32 31.54
C THR B 224 4.33 33.61 30.06
N GLN B 225 5.40 33.74 29.30
CA GLN B 225 5.33 34.39 27.98
C GLN B 225 4.73 33.59 26.84
N GLU B 226 4.99 32.27 26.82
CA GLU B 226 4.80 31.43 25.61
C GLU B 226 5.64 31.91 24.42
N SER B 227 6.80 32.49 24.71
CA SER B 227 7.79 32.84 23.68
C SER B 227 9.13 33.00 24.38
N ALA B 228 10.16 33.31 23.62
CA ALA B 228 11.53 33.28 24.12
C ALA B 228 11.82 34.36 25.16
N CYS B 229 12.55 34.00 26.21
CA CYS B 229 13.08 35.02 27.10
C CYS B 229 14.31 35.66 26.44
N ASN B 230 14.92 36.62 27.09
CA ASN B 230 15.97 37.39 26.45
C ASN B 230 17.18 37.55 27.35
N CYS B 231 18.33 37.09 26.88
CA CYS B 231 19.54 37.08 27.70
C CYS B 231 20.52 38.07 27.17
N ILE B 232 21.17 38.77 28.09
CA ILE B 232 22.26 39.65 27.76
C ILE B 232 23.32 39.54 28.85
N GLY B 233 24.57 39.34 28.45
CA GLY B 233 25.66 39.18 29.40
C GLY B 233 25.39 38.19 30.51
N GLY B 234 24.65 37.12 30.23
CA GLY B 234 24.39 36.08 31.22
C GLY B 234 23.12 36.28 32.03
N ASN B 235 22.54 37.47 31.88
CA ASN B 235 21.29 37.79 32.54
C ASN B 235 20.13 37.61 31.59
N CYS B 236 19.18 36.75 31.98
CA CYS B 236 18.02 36.46 31.16
C CYS B 236 16.79 37.07 31.79
N TYR B 237 16.03 37.81 31.00
CA TYR B 237 14.87 38.52 31.50
C TYR B 237 13.59 37.87 31.00
N LEU B 238 12.61 37.74 31.90
CA LEU B 238 11.41 36.95 31.64
C LEU B 238 10.19 37.66 32.24
N MET B 239 9.14 37.85 31.46
CA MET B 239 7.87 38.33 32.01
C MET B 239 7.11 37.18 32.69
N ILE B 240 6.57 37.43 33.87
CA ILE B 240 5.58 36.55 34.47
C ILE B 240 4.38 37.39 34.85
N THR B 241 3.22 36.78 34.99
CA THR B 241 2.06 37.52 35.46
C THR B 241 1.17 36.59 36.29
N ASP B 242 0.21 37.16 37.00
CA ASP B 242 -0.65 36.43 37.90
C ASP B 242 -1.82 37.36 38.17
N GLY B 243 -3.03 36.81 38.11
CA GLY B 243 -4.24 37.59 38.25
C GLY B 243 -5.36 37.07 37.37
N SER B 244 -6.53 37.69 37.47
CA SER B 244 -7.70 37.23 36.74
C SER B 244 -7.63 37.54 35.23
N ALA B 245 -8.08 36.61 34.41
CA ALA B 245 -8.13 36.81 32.96
C ALA B 245 -9.06 37.95 32.58
N SER B 246 -9.98 38.28 33.47
CA SER B 246 -10.99 39.30 33.21
C SER B 246 -10.88 40.46 34.19
N GLY B 247 -9.76 40.58 34.88
CA GLY B 247 -9.56 41.67 35.81
C GLY B 247 -8.11 42.15 35.87
N VAL B 248 -7.65 42.44 37.08
CA VAL B 248 -6.27 42.86 37.27
C VAL B 248 -5.28 41.70 37.11
N SER B 249 -4.29 41.92 36.25
CA SER B 249 -3.19 40.97 36.08
C SER B 249 -1.90 41.76 36.01
N GLU B 250 -1.33 42.03 37.18
CA GLU B 250 -0.16 42.89 37.28
C GLU B 250 1.11 42.08 37.06
N CYS B 251 1.77 42.28 35.93
CA CYS B 251 2.92 41.45 35.58
C CYS B 251 4.17 41.86 36.36
N ARG B 252 5.15 40.96 36.41
CA ARG B 252 6.48 41.25 36.96
C ARG B 252 7.53 40.72 35.98
N PHE B 253 8.77 41.18 36.12
CA PHE B 253 9.88 40.57 35.38
C PHE B 253 10.87 39.90 36.30
N LEU B 254 11.33 38.72 35.91
CA LEU B 254 12.38 38.04 36.64
C LEU B 254 13.70 38.19 35.92
N LYS B 255 14.77 38.33 36.70
CA LYS B 255 16.12 38.33 36.19
C LYS B 255 16.79 37.03 36.64
N ILE B 256 17.20 36.23 35.67
CA ILE B 256 17.66 34.87 35.92
C ILE B 256 19.07 34.71 35.36
N ARG B 257 19.98 34.23 36.20
CA ARG B 257 21.36 34.06 35.78
C ARG B 257 21.79 32.65 36.13
N GLU B 258 22.18 31.91 35.10
CA GLU B 258 22.56 30.51 35.24
C GLU B 258 21.50 29.69 35.96
N GLY B 259 20.25 29.90 35.58
CA GLY B 259 19.18 29.11 36.13
C GLY B 259 18.64 29.57 37.49
N ARG B 260 19.18 30.63 38.05
CA ARG B 260 18.65 31.13 39.33
C ARG B 260 18.11 32.56 39.27
N ILE B 261 16.95 32.76 39.89
CA ILE B 261 16.36 34.09 39.93
C ILE B 261 17.18 34.99 40.85
N ILE B 262 17.78 36.05 40.30
CA ILE B 262 18.61 36.94 41.11
C ILE B 262 17.96 38.31 41.40
N LYS B 263 16.85 38.61 40.72
CA LYS B 263 16.08 39.82 41.03
C LYS B 263 14.66 39.73 40.50
N GLU B 264 13.72 40.37 41.20
CA GLU B 264 12.38 40.56 40.67
C GLU B 264 12.23 42.04 40.37
N ILE B 265 11.59 42.34 39.25
CA ILE B 265 11.43 43.71 38.81
C ILE B 265 9.95 44.08 38.74
N PHE B 266 9.58 45.11 39.51
CA PHE B 266 8.21 45.57 39.58
C PHE B 266 8.04 46.82 38.72
N PRO B 267 7.33 46.69 37.59
CA PRO B 267 7.18 47.81 36.66
C PRO B 267 6.25 48.88 37.21
N THR B 268 6.41 50.08 36.68
CA THR B 268 5.55 51.22 36.98
C THR B 268 4.70 51.58 35.77
N GLY B 269 3.77 52.50 35.96
CA GLY B 269 2.98 53.01 34.86
C GLY B 269 1.63 52.36 34.73
N ARG B 270 1.22 52.09 33.49
CA ARG B 270 -0.07 51.47 33.23
C ARG B 270 0.11 49.97 33.43
N VAL B 271 -0.27 49.47 34.62
CA VAL B 271 0.08 48.12 35.02
C VAL B 271 -1.10 47.20 35.30
N LYS B 272 -2.33 47.65 35.05
CA LYS B 272 -3.50 46.89 35.49
C LYS B 272 -3.65 45.51 34.85
N HIS B 273 -3.24 45.34 33.60
CA HIS B 273 -3.30 44.04 32.96
C HIS B 273 -2.28 43.84 31.85
N THR B 274 -1.26 43.03 32.13
CA THR B 274 -0.25 42.68 31.15
C THR B 274 0.02 41.18 31.19
N GLU B 275 -0.10 40.50 30.05
CA GLU B 275 0.24 39.08 29.99
C GLU B 275 0.77 38.68 28.62
N GLU B 276 1.36 37.48 28.56
CA GLU B 276 1.91 36.93 27.31
C GLU B 276 2.73 37.94 26.52
N CYS B 277 3.70 38.57 27.19
CA CYS B 277 4.59 39.51 26.51
C CYS B 277 5.46 38.82 25.45
N THR B 278 5.56 39.45 24.29
CA THR B 278 6.51 39.06 23.26
C THR B 278 7.64 40.09 23.32
N CYS B 279 8.84 39.66 23.74
CA CYS B 279 9.90 40.60 24.09
C CYS B 279 11.14 40.45 23.21
N GLY B 280 11.91 41.53 23.06
CA GLY B 280 13.21 41.46 22.38
C GLY B 280 14.02 42.72 22.67
N PHE B 281 15.29 42.74 22.23
CA PHE B 281 16.15 43.89 22.46
C PHE B 281 15.97 44.98 21.41
N ALA B 282 15.77 46.20 21.88
CA ALA B 282 15.85 47.40 21.06
C ALA B 282 17.31 47.87 20.98
N SER B 283 18.10 47.51 21.98
CA SER B 283 19.52 47.89 22.07
C SER B 283 20.16 47.10 23.23
N ASN B 284 21.44 47.35 23.50
CA ASN B 284 22.09 46.79 24.68
C ASN B 284 21.59 47.39 26.01
N LYS B 285 20.72 48.39 25.94
CA LYS B 285 20.23 49.07 27.13
C LYS B 285 18.77 48.73 27.41
N THR B 286 18.00 48.53 26.34
CA THR B 286 16.55 48.42 26.46
C THR B 286 15.95 47.15 25.85
N ILE B 287 15.14 46.45 26.65
CA ILE B 287 14.23 45.42 26.16
C ILE B 287 12.83 46.02 26.01
N GLU B 288 12.12 45.68 24.93
CA GLU B 288 10.74 46.11 24.73
C GLU B 288 9.83 44.90 24.48
N CYS B 289 8.62 44.95 25.03
CA CYS B 289 7.64 43.89 24.87
C CYS B 289 6.30 44.42 24.39
N ALA B 290 5.72 43.75 23.38
CA ALA B 290 4.33 43.98 23.03
C ALA B 290 3.49 42.87 23.66
N CYS B 291 2.55 43.25 24.51
CA CYS B 291 1.90 42.26 25.37
C CYS B 291 0.39 42.18 25.13
N ARG B 292 -0.28 41.38 25.96
CA ARG B 292 -1.72 41.15 25.82
C ARG B 292 -2.48 41.66 27.02
N ASP B 293 -3.56 42.38 26.76
CA ASP B 293 -4.48 42.77 27.82
C ASP B 293 -5.79 42.06 27.51
N ASN B 294 -6.10 41.04 28.29
CA ASN B 294 -7.29 40.22 28.03
C ASN B 294 -8.58 40.82 28.58
N SER B 295 -8.48 41.93 29.28
CA SER B 295 -9.62 42.47 29.99
C SER B 295 -10.13 43.85 29.51
N TYR B 296 -9.23 44.82 29.36
CA TYR B 296 -9.67 46.21 29.24
C TYR B 296 -9.53 46.92 27.89
N THR B 297 -8.65 46.43 27.02
CA THR B 297 -8.37 47.17 25.79
C THR B 297 -7.80 46.29 24.67
N ALA B 298 -8.03 46.75 23.44
CA ALA B 298 -7.49 46.10 22.25
C ALA B 298 -6.14 46.72 21.85
N LYS B 299 -5.71 47.76 22.54
CA LYS B 299 -4.35 48.27 22.36
C LYS B 299 -3.45 47.35 23.16
N ARG B 300 -2.25 47.10 22.67
CA ARG B 300 -1.32 46.26 23.41
C ARG B 300 -0.56 47.06 24.45
N PRO B 301 -0.52 46.55 25.70
CA PRO B 301 0.42 47.17 26.63
C PRO B 301 1.82 47.02 26.05
N PHE B 302 2.64 48.06 26.17
CA PHE B 302 3.99 48.04 25.61
C PHE B 302 4.99 48.32 26.73
N VAL B 303 5.83 47.34 27.03
CA VAL B 303 6.84 47.44 28.09
C VAL B 303 8.17 48.01 27.57
N LYS B 304 8.76 48.91 28.34
CA LYS B 304 10.15 49.34 28.15
C LYS B 304 10.96 49.01 29.41
N LEU B 305 11.94 48.15 29.25
CA LEU B 305 12.72 47.61 30.39
C LEU B 305 14.18 47.99 30.26
N ASN B 306 14.66 48.81 31.17
CA ASN B 306 16.06 49.22 31.15
C ASN B 306 16.87 48.16 31.88
N VAL B 307 17.76 47.47 31.17
CA VAL B 307 18.54 46.38 31.77
C VAL B 307 19.80 46.87 32.46
N GLU B 308 20.07 48.17 32.36
CA GLU B 308 21.15 48.77 33.12
C GLU B 308 20.74 49.20 34.55
N THR B 309 19.48 49.62 34.72
CA THR B 309 18.99 50.04 36.03
C THR B 309 18.02 49.01 36.60
N ASP B 310 17.67 48.02 35.77
CA ASP B 310 16.68 47.00 36.13
C ASP B 310 15.34 47.62 36.54
N THR B 311 14.87 48.58 35.75
CA THR B 311 13.56 49.20 35.96
C THR B 311 12.69 49.08 34.71
N ALA B 312 11.38 49.00 34.91
CA ALA B 312 10.46 48.83 33.79
C ALA B 312 9.26 49.76 33.89
N GLU B 313 8.75 50.19 32.74
CA GLU B 313 7.58 51.05 32.68
C GLU B 313 6.69 50.57 31.54
N ILE B 314 5.38 50.67 31.72
CA ILE B 314 4.45 50.15 30.72
C ILE B 314 3.43 51.22 30.36
N ARG B 315 3.19 51.39 29.06
CA ARG B 315 2.12 52.26 28.58
C ARG B 315 1.45 51.57 27.43
N LEU B 316 0.19 51.89 27.17
CA LEU B 316 -0.48 51.34 25.98
C LEU B 316 0.16 51.85 24.69
N MET B 317 0.25 50.98 23.67
CA MET B 317 0.67 51.43 22.34
C MET B 317 -0.33 52.43 21.80
N CYS B 318 0.16 53.54 21.25
CA CYS B 318 -0.73 54.61 20.81
C CYS B 318 -1.29 54.41 19.40
N THR B 319 -0.61 53.61 18.58
CA THR B 319 -0.93 53.47 17.16
C THR B 319 -2.41 53.24 16.86
N ASP B 320 -2.94 53.93 15.85
CA ASP B 320 -4.28 53.64 15.33
C ASP B 320 -4.52 52.16 14.97
N THR B 321 -3.44 51.46 14.61
CA THR B 321 -3.49 50.07 14.16
C THR B 321 -3.47 49.08 15.34
N TYR B 322 -4.61 48.92 16.01
CA TYR B 322 -4.68 48.08 17.22
C TYR B 322 -4.32 46.62 16.91
N LEU B 323 -3.37 46.07 17.65
CA LEU B 323 -2.78 44.78 17.28
C LEU B 323 -3.47 43.55 17.91
N ASP B 324 -4.42 43.80 18.81
CA ASP B 324 -5.10 42.73 19.54
C ASP B 324 -6.29 42.15 18.76
N THR B 325 -6.80 41.02 19.23
CA THR B 325 -7.98 40.39 18.68
C THR B 325 -8.74 39.81 19.87
N PRO B 326 -10.00 40.23 20.08
CA PRO B 326 -10.75 41.16 19.22
C PRO B 326 -10.29 42.63 19.30
N ARG B 327 -10.86 43.46 18.42
CA ARG B 327 -10.49 44.86 18.35
C ARG B 327 -11.54 45.63 17.58
N PRO B 328 -11.68 46.93 17.86
CA PRO B 328 -12.58 47.74 17.03
C PRO B 328 -11.86 48.18 15.76
N ASP B 329 -12.52 49.03 14.97
CA ASP B 329 -11.95 49.60 13.74
C ASP B 329 -10.70 50.41 14.06
N ASP B 330 -9.68 50.31 13.22
CA ASP B 330 -8.45 51.08 13.40
C ASP B 330 -8.78 52.57 13.60
N GLY B 331 -8.05 53.22 14.49
CA GLY B 331 -8.24 54.64 14.74
C GLY B 331 -9.51 55.08 15.44
N SER B 332 -10.38 54.13 15.82
CA SER B 332 -11.70 54.52 16.33
C SER B 332 -11.76 54.70 17.84
N ILE B 333 -10.70 54.37 18.56
CA ILE B 333 -10.66 54.66 19.99
C ILE B 333 -10.35 56.13 20.21
N THR B 334 -11.34 56.88 20.67
CA THR B 334 -11.20 58.33 20.83
C THR B 334 -10.39 58.72 22.07
N GLY B 335 -10.16 60.00 22.24
CA GLY B 335 -9.37 60.46 23.37
C GLY B 335 -7.88 60.20 23.14
N PRO B 336 -7.07 60.48 24.16
CA PRO B 336 -5.62 60.40 24.05
C PRO B 336 -5.09 58.97 23.94
N CYS B 337 -3.76 58.87 23.92
CA CYS B 337 -3.09 57.60 23.73
C CYS B 337 -3.50 56.56 24.80
N GLU B 338 -3.76 57.03 26.00
CA GLU B 338 -4.02 56.10 27.10
C GLU B 338 -5.49 55.61 27.19
N SER B 339 -6.37 56.07 26.31
CA SER B 339 -7.75 55.57 26.33
C SER B 339 -7.82 54.08 26.00
N ASN B 340 -8.54 53.33 26.82
CA ASN B 340 -8.72 51.90 26.60
C ASN B 340 -9.65 51.57 25.43
N GLY B 341 -10.75 52.32 25.32
CA GLY B 341 -11.70 52.08 24.23
C GLY B 341 -12.49 50.79 24.35
N ASP B 342 -13.26 50.49 23.31
CA ASP B 342 -14.20 49.36 23.32
C ASP B 342 -13.61 48.04 22.83
N LYS B 343 -14.37 46.97 23.02
CA LYS B 343 -13.98 45.61 22.64
C LYS B 343 -12.66 45.18 23.26
N GLY B 344 -12.44 45.57 24.52
CA GLY B 344 -11.20 45.23 25.17
C GLY B 344 -11.14 43.82 25.73
N SER B 345 -12.30 43.17 25.85
CA SER B 345 -12.34 41.88 26.51
C SER B 345 -11.89 40.80 25.53
N GLY B 346 -11.12 39.84 26.03
CA GLY B 346 -10.52 38.83 25.17
C GLY B 346 -9.17 39.33 24.70
N GLY B 347 -8.45 38.52 23.91
CA GLY B 347 -7.14 38.92 23.44
C GLY B 347 -6.38 37.80 22.76
N ILE B 348 -5.16 38.11 22.32
CA ILE B 348 -4.30 37.10 21.73
C ILE B 348 -2.84 37.49 21.92
N LYS B 349 -1.96 36.49 21.96
CA LYS B 349 -0.53 36.78 21.90
C LYS B 349 -0.13 37.26 20.49
N GLY B 350 0.64 38.35 20.41
CA GLY B 350 1.00 38.92 19.13
C GLY B 350 2.49 38.91 18.83
N GLY B 351 2.83 38.75 17.55
CA GLY B 351 4.23 38.78 17.14
C GLY B 351 4.80 40.19 17.20
N PHE B 352 6.10 40.29 17.53
CA PHE B 352 6.81 41.55 17.65
C PHE B 352 8.29 41.23 17.57
N VAL B 353 9.04 41.98 16.76
CA VAL B 353 10.48 41.79 16.72
C VAL B 353 11.22 43.05 16.21
N HIS B 354 12.47 43.23 16.66
CA HIS B 354 13.26 44.40 16.31
C HIS B 354 14.22 44.18 15.14
N GLN B 355 14.31 45.19 14.29
CA GLN B 355 15.37 45.29 13.29
C GLN B 355 16.26 46.44 13.71
N ARG B 356 17.44 46.09 14.24
CA ARG B 356 18.35 47.08 14.80
C ARG B 356 19.38 47.52 13.77
N MET B 357 19.33 48.79 13.38
CA MET B 357 20.31 49.36 12.47
C MET B 357 21.14 50.43 13.17
N GLU B 358 22.23 50.83 12.53
CA GLU B 358 23.19 51.75 13.13
C GLU B 358 22.57 53.10 13.57
N SER B 359 21.67 53.65 12.75
CA SER B 359 21.07 54.94 13.11
C SER B 359 19.54 54.94 13.13
N LYS B 360 18.95 53.76 13.16
CA LYS B 360 17.50 53.63 13.25
C LYS B 360 17.05 52.25 13.66
N ILE B 361 15.82 52.16 14.14
CA ILE B 361 15.27 50.90 14.60
C ILE B 361 13.95 50.64 13.89
N GLY B 362 13.73 49.39 13.48
CA GLY B 362 12.47 49.03 12.85
C GLY B 362 11.72 48.16 13.84
N ARG B 363 10.42 48.39 13.97
CA ARG B 363 9.62 47.52 14.80
C ARG B 363 8.61 46.81 13.91
N TRP B 364 8.66 45.48 13.92
CA TRP B 364 7.80 44.63 13.10
C TRP B 364 6.76 43.94 14.00
N TYR B 365 5.50 43.94 13.58
CA TYR B 365 4.39 43.42 14.37
C TYR B 365 3.46 42.59 13.49
N SER B 366 2.72 41.67 14.11
CA SER B 366 1.65 40.98 13.39
C SER B 366 0.31 41.03 14.12
N ARG B 367 -0.77 40.90 13.36
CA ARG B 367 -2.10 40.79 13.93
C ARG B 367 -2.98 40.01 12.96
N THR B 368 -4.05 39.40 13.51
CA THR B 368 -5.02 38.66 12.68
C THR B 368 -5.61 39.55 11.59
N MET B 369 -5.98 38.94 10.46
CA MET B 369 -6.69 39.68 9.42
C MET B 369 -8.09 40.08 9.92
N SER B 370 -8.76 39.14 10.56
CA SER B 370 -10.08 39.38 11.12
C SER B 370 -9.99 40.18 12.42
N LYS B 371 -10.93 41.11 12.61
CA LYS B 371 -10.98 41.95 13.82
C LYS B 371 -11.45 41.19 15.06
N THR B 372 -12.16 40.10 14.85
CA THR B 372 -12.83 39.42 15.95
C THR B 372 -12.49 37.93 16.08
N GLU B 373 -12.02 37.32 14.99
CA GLU B 373 -11.67 35.89 14.99
C GLU B 373 -10.18 35.63 14.74
N ARG B 374 -9.70 34.48 15.19
CA ARG B 374 -8.30 34.10 15.00
C ARG B 374 -8.07 33.54 13.59
N MET B 375 -8.40 34.34 12.60
CA MET B 375 -8.23 34.01 11.19
C MET B 375 -7.28 35.01 10.53
N GLY B 376 -6.35 34.48 9.74
CA GLY B 376 -5.39 35.32 9.03
C GLY B 376 -4.28 35.87 9.92
N MET B 377 -3.19 36.28 9.31
CA MET B 377 -2.14 37.01 10.03
C MET B 377 -1.53 38.04 9.09
N GLY B 378 -1.51 39.30 9.52
CA GLY B 378 -0.91 40.37 8.73
C GLY B 378 0.37 40.92 9.35
N LEU B 379 1.27 41.39 8.50
CA LEU B 379 2.54 41.96 8.95
C LEU B 379 2.55 43.47 8.80
N TYR B 380 3.09 44.15 9.81
CA TYR B 380 3.10 45.61 9.84
C TYR B 380 4.46 46.08 10.33
N VAL B 381 4.81 47.33 10.01
CA VAL B 381 6.13 47.84 10.39
C VAL B 381 6.11 49.36 10.61
N LYS B 382 7.04 49.82 11.44
CA LYS B 382 7.21 51.23 11.74
C LYS B 382 8.68 51.43 12.12
N TYR B 383 9.32 52.43 11.52
CA TYR B 383 10.70 52.79 11.87
C TYR B 383 10.77 53.95 12.86
N ASP B 384 11.71 53.85 13.80
CA ASP B 384 11.92 54.87 14.81
C ASP B 384 10.65 55.26 15.55
N GLY B 385 10.58 56.52 16.00
CA GLY B 385 9.45 56.98 16.78
C GLY B 385 9.32 56.39 18.18
N ASP B 386 8.18 56.62 18.81
CA ASP B 386 7.92 56.15 20.16
C ASP B 386 6.56 55.47 20.15
N PRO B 387 6.54 54.15 20.40
CA PRO B 387 5.29 53.39 20.37
C PRO B 387 4.27 53.88 21.38
N TRP B 388 4.74 54.59 22.41
CA TRP B 388 3.85 55.12 23.45
C TRP B 388 3.15 56.39 23.01
N ALA B 389 3.74 57.10 22.06
CA ALA B 389 3.31 58.46 21.74
C ALA B 389 2.83 58.61 20.29
N ASP B 390 3.22 57.67 19.44
CA ASP B 390 2.93 57.81 18.01
C ASP B 390 1.56 57.25 17.64
N SER B 391 0.71 58.11 17.10
CA SER B 391 -0.66 57.72 16.81
C SER B 391 -0.89 57.23 15.37
N ASP B 392 0.07 57.47 14.49
CA ASP B 392 -0.07 57.01 13.11
C ASP B 392 -0.32 55.51 13.01
N ALA B 393 -1.10 55.12 12.00
CA ALA B 393 -1.24 53.74 11.61
C ALA B 393 0.13 53.17 11.30
N LEU B 394 0.34 51.90 11.60
CA LEU B 394 1.55 51.20 11.15
C LEU B 394 1.49 51.01 9.62
N ALA B 395 2.65 50.82 8.99
CA ALA B 395 2.61 50.58 7.56
C ALA B 395 2.32 49.10 7.32
N PHE B 396 1.25 48.82 6.58
CA PHE B 396 0.89 47.45 6.26
C PHE B 396 1.94 46.87 5.35
N SER B 397 2.48 45.72 5.72
CA SER B 397 3.61 45.16 4.99
C SER B 397 3.25 43.93 4.16
N GLY B 398 2.16 43.26 4.51
CA GLY B 398 1.67 42.14 3.73
C GLY B 398 0.98 41.03 4.52
N VAL B 399 0.25 40.20 3.77
CA VAL B 399 -0.47 39.05 4.32
C VAL B 399 0.38 37.77 4.39
N MET B 400 0.67 37.31 5.61
CA MET B 400 1.42 36.07 5.82
C MET B 400 0.49 34.85 5.79
N VAL B 401 -0.70 35.01 6.35
CA VAL B 401 -1.71 33.95 6.34
C VAL B 401 -3.02 34.60 5.93
N SER B 402 -3.68 34.04 4.94
CA SER B 402 -4.93 34.65 4.46
C SER B 402 -6.03 34.46 5.48
N MET B 403 -7.08 35.27 5.33
CA MET B 403 -8.21 35.24 6.24
C MET B 403 -8.97 33.92 6.18
N LYS B 404 -8.64 33.08 5.19
CA LYS B 404 -9.27 31.77 5.06
C LYS B 404 -8.57 30.69 5.88
N GLU B 405 -7.42 31.01 6.43
CA GLU B 405 -6.63 30.05 7.18
C GLU B 405 -6.50 30.48 8.63
N PRO B 406 -6.20 29.54 9.54
CA PRO B 406 -6.14 29.91 10.96
C PRO B 406 -4.94 30.78 11.32
N GLY B 407 -5.18 31.78 12.17
CA GLY B 407 -4.11 32.64 12.63
C GLY B 407 -4.22 32.87 14.13
N TRP B 408 -3.44 32.15 14.91
CA TRP B 408 -3.58 32.24 16.36
C TRP B 408 -2.40 32.98 16.95
N TYR B 409 -1.71 32.38 17.91
CA TYR B 409 -0.59 33.06 18.54
C TYR B 409 0.49 33.41 17.53
N SER B 410 1.15 34.55 17.73
CA SER B 410 2.33 34.85 16.96
C SER B 410 3.42 35.37 17.90
N PHE B 411 4.66 35.25 17.47
CA PHE B 411 5.79 35.48 18.36
C PHE B 411 6.98 35.92 17.55
N GLY B 412 7.94 36.56 18.22
CA GLY B 412 9.14 37.01 17.56
C GLY B 412 10.34 36.21 18.00
N PHE B 413 11.34 36.11 17.13
CA PHE B 413 12.61 35.51 17.51
C PHE B 413 13.66 36.00 16.54
N GLU B 414 14.93 35.78 16.89
CA GLU B 414 16.03 36.16 16.00
C GLU B 414 16.97 34.97 15.75
N ILE B 415 17.41 34.81 14.51
CA ILE B 415 18.37 33.77 14.18
C ILE B 415 19.75 34.44 14.21
N LYS B 416 20.75 33.70 14.67
CA LYS B 416 22.11 34.22 14.72
C LYS B 416 22.91 33.84 13.46
N ASP B 417 23.12 34.80 12.56
CA ASP B 417 24.01 34.66 11.40
C ASP B 417 25.43 34.83 11.94
N LYS B 418 26.46 34.73 11.10
CA LYS B 418 27.82 34.74 11.61
C LYS B 418 28.20 36.08 12.29
N GLU B 419 27.66 37.17 11.78
CA GLU B 419 28.07 38.49 12.25
C GLU B 419 26.90 39.40 12.65
N CYS B 420 25.67 38.96 12.40
CA CYS B 420 24.50 39.78 12.62
C CYS B 420 23.28 38.94 12.99
N ASP B 421 22.21 39.61 13.40
CA ASP B 421 21.00 38.92 13.82
C ASP B 421 19.87 39.07 12.79
N VAL B 422 19.18 37.98 12.50
CA VAL B 422 18.08 37.95 11.54
C VAL B 422 16.73 37.91 12.27
N PRO B 423 15.93 38.96 12.11
CA PRO B 423 14.65 39.04 12.80
C PRO B 423 13.55 38.21 12.12
N CYS B 424 12.75 37.50 12.89
CA CYS B 424 11.68 36.68 12.32
C CYS B 424 10.43 36.77 13.16
N ILE B 425 9.30 36.43 12.55
CA ILE B 425 8.07 36.19 13.28
C ILE B 425 7.56 34.78 12.97
N GLY B 426 7.12 34.07 14.00
CA GLY B 426 6.46 32.79 13.81
C GLY B 426 4.97 32.91 14.08
N ILE B 427 4.19 32.07 13.42
CA ILE B 427 2.73 32.12 13.54
C ILE B 427 2.18 30.75 13.88
N GLU B 428 1.48 30.64 15.01
CA GLU B 428 0.77 29.42 15.38
C GLU B 428 -0.48 29.30 14.52
N MET B 429 -0.66 28.17 13.85
CA MET B 429 -1.84 27.98 13.00
C MET B 429 -2.65 26.80 13.49
N VAL B 430 -3.65 27.10 14.32
CA VAL B 430 -4.36 26.06 15.06
C VAL B 430 -5.40 25.35 14.19
N HIS B 431 -5.32 24.03 14.20
CA HIS B 431 -6.36 23.19 13.63
C HIS B 431 -7.47 23.03 14.67
N ASP B 432 -8.55 23.80 14.51
CA ASP B 432 -9.66 23.74 15.46
C ASP B 432 -10.92 23.11 14.86
N GLY B 433 -11.33 21.99 15.42
CA GLY B 433 -12.54 21.33 14.97
C GLY B 433 -13.57 21.17 16.08
N GLY B 434 -13.37 21.88 17.19
CA GLY B 434 -14.24 21.75 18.34
C GLY B 434 -13.77 20.69 19.32
N LYS B 435 -14.49 20.53 20.42
CA LYS B 435 -14.01 19.68 21.51
C LYS B 435 -14.19 18.19 21.26
N GLU B 436 -14.87 17.85 20.17
CA GLU B 436 -15.13 16.43 19.86
C GLU B 436 -14.04 15.81 18.96
N THR B 437 -12.92 16.51 18.78
CA THR B 437 -11.86 15.98 17.93
C THR B 437 -10.51 16.46 18.42
N TRP B 438 -9.44 16.11 17.72
CA TRP B 438 -8.11 16.53 18.15
C TRP B 438 -7.95 18.05 17.96
N HIS B 439 -7.03 18.64 18.73
CA HIS B 439 -6.82 20.08 18.71
C HIS B 439 -5.32 20.34 18.78
N SER B 440 -4.74 20.82 17.69
CA SER B 440 -3.30 21.03 17.63
C SER B 440 -2.99 22.20 16.69
N ALA B 441 -1.71 22.36 16.32
CA ALA B 441 -1.26 23.51 15.55
C ALA B 441 -0.08 23.25 14.60
N ALA B 442 -0.03 23.98 13.50
CA ALA B 442 1.20 24.12 12.70
C ALA B 442 1.95 25.43 13.06
N THR B 443 3.16 25.59 12.55
CA THR B 443 3.96 26.80 12.75
C THR B 443 4.51 27.33 11.43
N ALA B 444 4.16 28.57 11.09
CA ALA B 444 4.71 29.23 9.91
C ALA B 444 5.75 30.25 10.32
N ILE B 445 6.84 30.32 9.57
CA ILE B 445 7.91 31.25 9.89
C ILE B 445 8.11 32.25 8.76
N TYR B 446 8.11 33.53 9.11
CA TYR B 446 8.47 34.62 8.21
C TYR B 446 9.69 35.35 8.78
N CYS B 447 10.63 35.73 7.90
CA CYS B 447 11.89 36.34 8.30
C CYS B 447 12.27 37.51 7.40
N LEU B 448 13.00 38.46 7.97
CA LEU B 448 13.58 39.57 7.21
C LEU B 448 14.54 39.00 6.18
N MET B 449 14.34 39.35 4.91
CA MET B 449 15.05 38.70 3.80
C MET B 449 15.05 39.59 2.55
N GLY B 450 16.22 40.10 2.18
CA GLY B 450 16.35 40.95 0.99
C GLY B 450 15.47 42.19 1.04
N SER B 451 15.02 42.64 -0.13
CA SER B 451 14.25 43.88 -0.25
C SER B 451 12.97 43.69 -1.07
N GLY B 452 12.19 44.76 -1.24
CA GLY B 452 10.95 44.66 -2.01
C GLY B 452 9.72 44.45 -1.16
N GLN B 453 8.80 43.61 -1.64
CA GLN B 453 7.53 43.35 -0.97
C GLN B 453 7.34 41.87 -0.62
N LEU B 454 6.76 41.62 0.56
CA LEU B 454 6.35 40.29 0.99
C LEU B 454 5.51 39.59 -0.09
N LEU B 455 5.91 38.40 -0.52
CA LEU B 455 5.33 37.82 -1.74
C LEU B 455 4.30 36.68 -1.64
N TRP B 456 4.41 35.79 -0.66
CA TRP B 456 3.47 34.65 -0.60
C TRP B 456 2.91 34.40 0.80
N ASP B 457 1.70 33.86 0.85
CA ASP B 457 1.06 33.53 2.13
C ASP B 457 1.23 32.04 2.47
N THR B 458 0.87 31.67 3.70
CA THR B 458 1.05 30.29 4.17
C THR B 458 -0.27 29.55 4.41
N VAL B 459 -0.32 28.28 4.02
CA VAL B 459 -1.43 27.39 4.34
C VAL B 459 -0.92 26.14 5.07
N THR B 460 -1.76 25.53 5.91
CA THR B 460 -1.30 24.34 6.65
C THR B 460 -1.39 23.10 5.77
N GLY B 461 -2.38 23.09 4.88
CA GLY B 461 -2.61 21.95 4.01
C GLY B 461 -3.30 20.78 4.68
N VAL B 462 -3.69 20.95 5.94
CA VAL B 462 -4.28 19.85 6.71
C VAL B 462 -5.79 19.77 6.54
N ASP B 463 -6.29 18.56 6.29
CA ASP B 463 -7.71 18.24 6.34
C ASP B 463 -7.98 17.46 7.62
N MET B 464 -8.74 18.05 8.53
CA MET B 464 -8.93 17.49 9.86
C MET B 464 -9.79 16.23 9.88
N ALA B 465 -10.42 15.92 8.75
CA ALA B 465 -11.23 14.71 8.67
C ALA B 465 -10.37 13.46 8.46
N LEU B 466 -9.16 13.66 7.94
CA LEU B 466 -8.28 12.53 7.61
C LEU B 466 -7.65 11.89 8.85
N GLU C 77 45.08 14.19 15.94
CA GLU C 77 44.78 13.21 14.90
C GLU C 77 44.76 11.79 15.46
N PRO C 78 43.91 10.91 14.89
CA PRO C 78 43.88 9.52 15.35
C PRO C 78 44.98 8.71 14.66
N GLU C 79 45.51 7.69 15.33
CA GLU C 79 46.54 6.88 14.71
C GLU C 79 46.02 5.55 14.17
N TRP C 80 46.86 4.83 13.43
CA TRP C 80 46.52 3.48 12.96
C TRP C 80 46.41 2.58 14.15
N THR C 81 45.46 1.66 14.10
CA THR C 81 45.30 0.69 15.16
C THR C 81 46.06 -0.58 14.85
N TYR C 82 46.48 -1.27 15.91
CA TYR C 82 47.18 -2.54 15.84
C TYR C 82 46.46 -3.51 16.79
N PRO C 83 46.59 -4.82 16.53
CA PRO C 83 45.98 -5.75 17.50
C PRO C 83 46.71 -5.67 18.83
N ARG C 84 46.00 -5.81 19.93
CA ARG C 84 46.59 -5.75 21.25
C ARG C 84 46.42 -7.07 21.97
N LEU C 85 47.04 -7.20 23.14
CA LEU C 85 46.75 -8.34 23.99
C LEU C 85 45.26 -8.34 24.32
N SER C 86 44.70 -9.53 24.50
CA SER C 86 43.28 -9.63 24.81
C SER C 86 43.09 -9.31 26.27
N CYS C 87 41.88 -8.89 26.62
CA CYS C 87 41.50 -8.67 28.02
C CYS C 87 41.50 -9.98 28.80
N PRO C 88 41.72 -9.90 30.12
CA PRO C 88 41.72 -11.11 30.96
C PRO C 88 40.37 -11.79 30.88
N GLY C 89 40.38 -13.12 30.90
CA GLY C 89 39.16 -13.90 30.85
C GLY C 89 39.47 -15.35 30.49
N SER C 90 38.57 -16.27 30.83
CA SER C 90 38.79 -17.68 30.53
C SER C 90 37.56 -18.40 29.98
N THR C 91 36.44 -17.70 29.86
CA THR C 91 35.22 -18.29 29.31
C THR C 91 34.43 -17.21 28.58
N PHE C 92 33.57 -17.61 27.65
CA PHE C 92 32.64 -16.68 27.02
C PHE C 92 31.34 -16.67 27.84
N GLN C 93 30.52 -15.63 27.66
CA GLN C 93 29.20 -15.56 28.27
C GLN C 93 28.27 -14.86 27.30
N LYS C 94 26.98 -15.09 27.46
CA LYS C 94 25.97 -14.45 26.64
C LYS C 94 25.99 -12.94 26.89
N ALA C 95 26.21 -12.16 25.83
CA ALA C 95 26.31 -10.70 25.96
C ALA C 95 25.05 -9.97 25.55
N LEU C 96 24.58 -10.22 24.33
CA LEU C 96 23.63 -9.34 23.71
C LEU C 96 22.91 -10.02 22.58
N LEU C 97 21.59 -9.81 22.54
CA LEU C 97 20.78 -10.30 21.43
C LEU C 97 20.24 -9.11 20.65
N ILE C 98 20.44 -9.11 19.33
CA ILE C 98 19.74 -8.15 18.46
C ILE C 98 18.70 -8.91 17.64
N SER C 99 17.43 -8.75 17.99
CA SER C 99 16.36 -9.52 17.35
C SER C 99 15.27 -8.60 16.81
N PRO C 100 15.53 -7.96 15.66
CA PRO C 100 14.67 -6.88 15.15
C PRO C 100 13.23 -7.34 14.88
N HIS C 101 13.08 -8.62 14.56
CA HIS C 101 11.78 -9.19 14.18
C HIS C 101 10.89 -9.51 15.37
N ARG C 102 11.41 -9.32 16.57
CA ARG C 102 10.55 -9.16 17.75
C ARG C 102 9.58 -7.99 17.58
N PHE C 103 9.87 -7.07 16.66
CA PHE C 103 9.01 -5.90 16.46
C PHE C 103 8.35 -5.86 15.08
N GLY C 104 8.40 -6.98 14.38
CA GLY C 104 7.89 -7.03 13.01
C GLY C 104 6.47 -7.54 12.87
N GLU C 105 5.69 -7.53 13.96
CA GLU C 105 4.36 -8.12 13.89
C GLU C 105 3.34 -7.21 13.17
N THR C 106 2.33 -7.79 12.51
CA THR C 106 1.33 -6.94 11.84
C THR C 106 0.57 -6.06 12.84
N LYS C 107 0.45 -6.49 14.09
CA LYS C 107 -0.19 -5.66 15.12
C LYS C 107 0.72 -4.52 15.63
N GLY C 108 1.93 -4.44 15.11
CA GLY C 108 2.91 -3.47 15.59
C GLY C 108 3.06 -2.28 14.68
N ASN C 109 4.07 -1.45 14.99
CA ASN C 109 4.27 -0.21 14.27
C ASN C 109 5.75 -0.02 13.97
N SER C 110 6.50 -1.12 13.85
CA SER C 110 7.91 -0.99 13.51
C SER C 110 8.26 -1.54 12.12
N ALA C 111 9.49 -1.28 11.70
CA ALA C 111 9.95 -1.61 10.36
C ALA C 111 11.37 -2.18 10.36
N PRO C 112 11.59 -3.31 11.05
CA PRO C 112 12.91 -3.95 11.00
C PRO C 112 13.21 -4.35 9.56
N LEU C 113 14.44 -4.15 9.10
CA LEU C 113 14.83 -4.57 7.76
C LEU C 113 15.03 -6.10 7.60
N ILE C 114 14.60 -6.65 6.46
CA ILE C 114 14.89 -8.04 6.07
C ILE C 114 16.36 -8.18 5.67
N ILE C 115 17.11 -9.03 6.37
CA ILE C 115 18.56 -9.13 6.15
C ILE C 115 19.03 -10.59 6.21
N ARG C 116 20.27 -10.82 5.79
CA ARG C 116 21.02 -12.00 6.14
C ARG C 116 22.49 -11.64 6.13
N GLU C 117 23.35 -12.61 6.40
CA GLU C 117 24.80 -12.38 6.49
C GLU C 117 25.19 -11.18 7.38
N PRO C 118 24.71 -11.15 8.66
CA PRO C 118 25.14 -10.03 9.50
C PRO C 118 26.58 -10.25 9.97
N PHE C 119 27.26 -9.18 10.33
CA PHE C 119 28.54 -9.30 11.01
C PHE C 119 28.78 -8.01 11.72
N ILE C 120 29.83 -7.97 12.53
CA ILE C 120 30.13 -6.82 13.35
C ILE C 120 31.59 -6.48 13.24
N ALA C 121 31.91 -5.17 13.19
CA ALA C 121 33.30 -4.73 13.25
C ALA C 121 33.41 -3.53 14.17
N CYS C 122 34.49 -3.46 14.94
CA CYS C 122 34.66 -2.37 15.90
C CYS C 122 35.87 -1.48 15.62
N GLY C 123 35.68 -0.18 15.84
CA GLY C 123 36.78 0.78 15.80
C GLY C 123 37.09 1.24 17.21
N PRO C 124 37.95 2.25 17.35
CA PRO C 124 38.40 2.72 18.67
C PRO C 124 37.24 3.25 19.55
N ASN C 125 36.18 3.78 18.95
CA ASN C 125 35.10 4.37 19.72
C ASN C 125 33.72 3.75 19.53
N GLU C 126 33.56 2.97 18.46
CA GLU C 126 32.24 2.44 18.14
C GLU C 126 32.34 1.06 17.49
N CYS C 127 31.31 0.24 17.72
CA CYS C 127 31.13 -1.03 17.03
C CYS C 127 29.97 -0.84 16.07
N LYS C 128 30.09 -1.33 14.84
CA LYS C 128 28.97 -1.29 13.91
C LYS C 128 28.47 -2.68 13.58
N HIS C 129 27.17 -2.78 13.40
CA HIS C 129 26.49 -4.02 13.13
C HIS C 129 26.04 -3.97 11.68
N PHE C 130 26.74 -4.74 10.83
CA PHE C 130 26.53 -4.76 9.39
C PHE C 130 25.61 -5.92 8.95
N ALA C 131 24.91 -5.74 7.84
CA ALA C 131 24.16 -6.85 7.24
C ALA C 131 23.89 -6.57 5.77
N LEU C 132 23.54 -7.61 5.02
CA LEU C 132 23.09 -7.44 3.66
C LEU C 132 21.57 -7.45 3.63
N THR C 133 20.97 -6.31 3.33
CA THR C 133 19.51 -6.25 3.27
C THR C 133 18.97 -6.64 1.89
N HIS C 134 17.71 -7.07 1.84
CA HIS C 134 16.97 -7.19 0.58
C HIS C 134 16.12 -5.95 0.26
N TYR C 135 16.38 -4.85 0.97
CA TYR C 135 15.71 -3.56 0.76
C TYR C 135 14.19 -3.71 0.94
N ALA C 136 13.81 -4.39 2.00
CA ALA C 136 12.41 -4.68 2.28
C ALA C 136 12.24 -4.75 3.79
N ALA C 137 11.08 -4.34 4.27
CA ALA C 137 10.84 -4.38 5.71
C ALA C 137 9.79 -5.41 6.07
N GLN C 138 9.70 -5.72 7.38
CA GLN C 138 8.64 -6.58 7.89
C GLN C 138 7.91 -5.85 9.03
N PRO C 139 6.58 -5.71 8.94
CA PRO C 139 5.75 -6.26 7.86
C PRO C 139 5.85 -5.42 6.58
N GLY C 140 5.61 -6.06 5.45
CA GLY C 140 5.81 -5.41 4.17
C GLY C 140 5.25 -6.27 3.04
N GLY C 141 5.50 -5.86 1.81
CA GLY C 141 4.88 -6.48 0.67
C GLY C 141 5.89 -7.08 -0.28
N TYR C 142 7.16 -7.07 0.10
CA TYR C 142 8.20 -7.58 -0.81
C TYR C 142 8.91 -8.77 -0.22
N TYR C 143 8.15 -9.71 0.34
CA TYR C 143 8.75 -10.92 0.92
C TYR C 143 9.30 -11.84 -0.17
N ASN C 144 8.62 -11.89 -1.32
CA ASN C 144 9.03 -12.77 -2.43
C ASN C 144 10.44 -12.43 -2.92
N GLY C 145 11.35 -13.39 -2.82
CA GLY C 145 12.73 -13.19 -3.25
C GLY C 145 13.71 -13.02 -2.10
N THR C 146 13.20 -12.89 -0.87
CA THR C 146 14.09 -12.65 0.27
C THR C 146 14.86 -13.91 0.70
N ARG C 147 14.44 -15.06 0.21
CA ARG C 147 15.19 -16.30 0.41
C ARG C 147 16.22 -16.55 -0.71
N GLY C 148 16.33 -15.62 -1.65
CA GLY C 148 17.37 -15.68 -2.68
C GLY C 148 18.68 -15.02 -2.22
N ASP C 149 19.77 -15.34 -2.90
CA ASP C 149 21.09 -14.88 -2.47
C ASP C 149 21.51 -13.53 -3.03
N ARG C 150 21.21 -13.31 -4.32
CA ARG C 150 21.77 -12.21 -5.09
C ARG C 150 20.72 -11.57 -5.96
N ASN C 151 20.70 -10.25 -6.01
CA ASN C 151 19.78 -9.50 -6.88
C ASN C 151 20.20 -8.04 -6.92
N LYS C 152 19.50 -7.24 -7.70
CA LYS C 152 19.89 -5.84 -7.96
C LYS C 152 19.52 -4.87 -6.83
N LEU C 153 18.79 -5.36 -5.83
CA LEU C 153 18.35 -4.51 -4.73
C LEU C 153 19.18 -4.69 -3.46
N ARG C 154 19.93 -5.78 -3.34
CA ARG C 154 20.65 -5.98 -2.09
C ARG C 154 21.67 -4.89 -1.82
N HIS C 155 21.75 -4.46 -0.56
CA HIS C 155 22.70 -3.44 -0.15
C HIS C 155 23.38 -3.81 1.17
N LEU C 156 24.59 -3.33 1.36
CA LEU C 156 25.24 -3.40 2.66
C LEU C 156 24.71 -2.26 3.53
N ILE C 157 24.16 -2.60 4.70
CA ILE C 157 23.67 -1.60 5.65
C ILE C 157 24.37 -1.76 6.98
N SER C 158 24.28 -0.76 7.85
CA SER C 158 24.73 -0.93 9.22
C SER C 158 23.97 -0.03 10.19
N VAL C 159 24.04 -0.37 11.48
CA VAL C 159 23.67 0.52 12.58
C VAL C 159 24.77 0.40 13.61
N LYS C 160 24.80 1.33 14.55
CA LYS C 160 25.66 1.18 15.71
C LYS C 160 25.18 -0.04 16.51
N LEU C 161 26.13 -0.87 16.94
CA LEU C 161 25.78 -2.07 17.71
C LEU C 161 24.98 -1.67 18.96
N GLY C 162 23.80 -2.27 19.10
CA GLY C 162 22.90 -1.93 20.20
C GLY C 162 21.62 -1.30 19.71
N LYS C 163 21.63 -0.77 18.48
CA LYS C 163 20.42 -0.20 17.91
C LYS C 163 19.73 -1.27 17.11
N ILE C 164 18.40 -1.23 17.08
CA ILE C 164 17.62 -2.11 16.22
C ILE C 164 17.75 -1.65 14.75
N PRO C 165 18.14 -2.55 13.83
CA PRO C 165 18.33 -2.16 12.41
C PRO C 165 17.03 -2.04 11.62
N THR C 166 16.43 -0.85 11.68
CA THR C 166 15.15 -0.60 11.03
C THR C 166 15.37 0.26 9.79
N VAL C 167 14.29 0.51 9.04
CA VAL C 167 14.31 1.41 7.89
C VAL C 167 14.96 2.77 8.21
N GLU C 168 14.62 3.34 9.36
CA GLU C 168 15.13 4.65 9.72
C GLU C 168 16.42 4.65 10.50
N ASN C 169 16.65 3.65 11.35
CA ASN C 169 17.88 3.61 12.12
C ASN C 169 19.09 3.32 11.24
N SER C 170 18.85 2.56 10.17
CA SER C 170 19.96 2.05 9.36
C SER C 170 20.50 3.08 8.38
N ILE C 171 21.74 2.90 7.98
CA ILE C 171 22.29 3.62 6.85
C ILE C 171 22.73 2.66 5.74
N PHE C 172 22.48 3.05 4.49
CA PHE C 172 22.77 2.23 3.32
C PHE C 172 24.10 2.68 2.75
N HIS C 173 25.08 1.78 2.73
CA HIS C 173 26.44 2.14 2.37
C HIS C 173 26.63 2.02 0.86
N MET C 174 26.18 0.90 0.28
CA MET C 174 26.34 0.63 -1.16
C MET C 174 25.61 -0.65 -1.58
N ALA C 175 25.38 -0.78 -2.88
CA ALA C 175 24.75 -1.96 -3.45
C ALA C 175 25.73 -3.11 -3.29
N ALA C 176 25.26 -4.22 -2.73
CA ALA C 176 26.13 -5.37 -2.48
C ALA C 176 25.34 -6.64 -2.24
N TRP C 177 25.79 -7.76 -2.82
CA TRP C 177 25.22 -9.04 -2.39
C TRP C 177 26.23 -9.93 -1.66
N SER C 178 27.37 -9.35 -1.32
CA SER C 178 28.36 -10.02 -0.51
C SER C 178 29.18 -8.87 0.02
N GLY C 179 29.63 -8.96 1.27
CA GLY C 179 30.25 -7.80 1.88
C GLY C 179 31.31 -8.00 2.94
N SER C 180 31.95 -6.90 3.31
CA SER C 180 32.90 -6.86 4.42
C SER C 180 33.09 -5.39 4.86
N ALA C 181 33.77 -5.19 5.98
CA ALA C 181 34.10 -3.85 6.45
C ALA C 181 35.10 -3.93 7.60
N CYS C 182 35.81 -2.83 7.83
CA CYS C 182 36.75 -2.74 8.94
C CYS C 182 37.27 -1.31 9.15
N HIS C 183 37.69 -1.01 10.37
CA HIS C 183 38.15 0.31 10.73
C HIS C 183 39.66 0.24 10.91
N ASP C 184 40.38 1.20 10.33
CA ASP C 184 41.84 1.14 10.37
C ASP C 184 42.47 2.03 11.47
N GLY C 185 41.63 2.64 12.29
CA GLY C 185 42.08 3.59 13.29
C GLY C 185 41.69 5.02 12.95
N LYS C 186 41.57 5.31 11.66
CA LYS C 186 41.23 6.64 11.17
C LYS C 186 39.86 6.68 10.50
N GLU C 187 39.52 5.61 9.79
CA GLU C 187 38.35 5.66 8.92
C GLU C 187 37.84 4.26 8.67
N TRP C 188 36.54 4.14 8.37
CA TRP C 188 35.93 2.89 7.94
C TRP C 188 36.22 2.56 6.48
N THR C 189 36.59 1.31 6.21
CA THR C 189 36.59 0.80 4.84
C THR C 189 35.38 -0.11 4.69
N TYR C 190 34.57 0.13 3.68
CA TYR C 190 33.44 -0.74 3.37
C TYR C 190 33.72 -1.48 2.07
N ILE C 191 33.28 -2.75 2.01
CA ILE C 191 33.51 -3.64 0.86
C ILE C 191 32.20 -4.26 0.40
N GLY C 192 31.85 -4.05 -0.86
CA GLY C 192 30.60 -4.60 -1.38
C GLY C 192 30.72 -5.18 -2.77
N VAL C 193 30.30 -6.44 -2.97
CA VAL C 193 30.33 -7.07 -4.31
C VAL C 193 28.94 -7.09 -4.91
N ASP C 194 28.78 -6.57 -6.13
CA ASP C 194 27.54 -6.78 -6.88
C ASP C 194 27.82 -7.06 -8.36
N GLY C 195 26.79 -6.95 -9.21
CA GLY C 195 26.96 -7.23 -10.63
C GLY C 195 26.42 -8.60 -11.00
N PRO C 196 26.58 -9.00 -12.28
CA PRO C 196 26.16 -10.32 -12.79
C PRO C 196 27.07 -11.44 -12.30
N ASP C 197 26.52 -12.64 -12.10
CA ASP C 197 27.24 -13.77 -11.55
C ASP C 197 28.59 -14.02 -12.25
N ASN C 198 28.58 -14.01 -13.58
CA ASN C 198 29.77 -14.36 -14.35
C ASN C 198 30.76 -13.21 -14.58
N ASP C 199 30.51 -12.04 -14.01
CA ASP C 199 31.44 -10.92 -14.13
C ASP C 199 31.22 -9.94 -12.99
N ALA C 200 31.22 -10.45 -11.76
CA ALA C 200 30.92 -9.64 -10.58
C ALA C 200 32.04 -8.64 -10.26
N LEU C 201 31.73 -7.68 -9.41
CA LEU C 201 32.65 -6.58 -9.13
C LEU C 201 32.72 -6.22 -7.64
N LEU C 202 33.92 -6.29 -7.10
CA LEU C 202 34.15 -5.87 -5.73
C LEU C 202 34.34 -4.36 -5.68
N LYS C 203 33.52 -3.65 -4.89
CA LYS C 203 33.69 -2.21 -4.74
C LYS C 203 34.21 -1.84 -3.34
N VAL C 204 35.13 -0.89 -3.30
CA VAL C 204 35.72 -0.42 -2.06
C VAL C 204 35.28 1.00 -1.81
N LYS C 205 34.96 1.29 -0.56
CA LYS C 205 34.53 2.64 -0.16
C LYS C 205 35.31 3.04 1.09
N TYR C 206 35.88 4.24 1.07
CA TYR C 206 36.64 4.71 2.22
C TYR C 206 35.93 5.94 2.75
N GLY C 207 35.26 5.80 3.89
CA GLY C 207 34.38 6.85 4.38
C GLY C 207 33.21 7.03 3.42
N GLU C 208 33.01 8.25 2.94
CA GLU C 208 31.95 8.54 1.97
C GLU C 208 32.31 8.22 0.52
N ALA C 209 33.60 8.07 0.26
CA ALA C 209 34.12 8.04 -1.11
C ALA C 209 34.32 6.63 -1.67
N TYR C 210 33.79 6.37 -2.86
CA TYR C 210 34.08 5.15 -3.58
C TYR C 210 35.48 5.31 -4.17
N THR C 211 36.36 4.37 -3.89
CA THR C 211 37.78 4.57 -4.13
C THR C 211 38.47 3.53 -5.04
N ASP C 212 37.90 2.33 -5.14
CA ASP C 212 38.53 1.29 -5.96
C ASP C 212 37.53 0.18 -6.31
N THR C 213 37.89 -0.62 -7.32
CA THR C 213 37.15 -1.85 -7.61
C THR C 213 38.12 -2.96 -7.98
N TYR C 214 37.62 -4.20 -7.93
CA TYR C 214 38.38 -5.38 -8.31
C TYR C 214 37.47 -6.35 -9.06
N HIS C 215 38.00 -6.96 -10.12
CA HIS C 215 37.18 -7.69 -11.08
C HIS C 215 37.21 -9.20 -10.88
N SER C 216 36.12 -9.85 -11.29
CA SER C 216 36.04 -11.30 -11.35
C SER C 216 37.19 -11.87 -12.17
N TYR C 217 37.98 -12.74 -11.54
CA TYR C 217 39.13 -13.35 -12.22
C TYR C 217 38.88 -14.79 -12.66
N ALA C 218 37.76 -15.39 -12.25
CA ALA C 218 37.42 -16.74 -12.73
C ALA C 218 36.07 -16.77 -13.43
N ASN C 219 35.35 -15.66 -13.35
CA ASN C 219 34.09 -15.48 -14.05
C ASN C 219 32.99 -16.45 -13.68
N LYS C 220 32.99 -16.88 -12.41
CA LYS C 220 31.96 -17.79 -11.92
C LYS C 220 31.08 -17.08 -10.86
N LEU C 221 31.71 -16.57 -9.81
CA LEU C 221 31.04 -15.74 -8.80
C LEU C 221 32.05 -15.16 -7.81
N LEU C 222 32.58 -13.97 -8.12
CA LEU C 222 33.44 -13.26 -7.19
C LEU C 222 32.62 -12.96 -5.93
N ARG C 223 33.22 -13.11 -4.77
CA ARG C 223 32.54 -12.99 -3.50
C ARG C 223 33.59 -12.80 -2.42
N THR C 224 33.15 -12.36 -1.24
CA THR C 224 34.07 -12.08 -0.16
C THR C 224 33.61 -12.64 1.21
N GLN C 225 34.08 -12.07 2.31
CA GLN C 225 34.04 -12.74 3.62
C GLN C 225 32.70 -12.87 4.33
N GLU C 226 31.83 -11.88 4.20
CA GLU C 226 30.65 -11.72 5.05
C GLU C 226 31.02 -11.57 6.54
N SER C 227 32.22 -11.05 6.80
CA SER C 227 32.66 -10.72 8.16
C SER C 227 33.75 -9.66 8.10
N ALA C 228 34.18 -9.19 9.26
CA ALA C 228 35.13 -8.08 9.36
C ALA C 228 36.44 -8.31 8.61
N CYS C 229 36.91 -7.30 7.89
CA CYS C 229 38.28 -7.38 7.37
C CYS C 229 39.24 -6.97 8.50
N ASN C 230 40.54 -7.07 8.27
CA ASN C 230 41.47 -6.89 9.37
C ASN C 230 42.57 -5.91 9.02
N CYS C 231 42.70 -4.85 9.83
CA CYS C 231 43.61 -3.75 9.54
C CYS C 231 44.78 -3.71 10.51
N ILE C 232 45.99 -3.57 9.98
CA ILE C 232 47.15 -3.31 10.83
C ILE C 232 48.01 -2.19 10.23
N GLY C 233 48.27 -1.18 11.04
CA GLY C 233 49.01 -0.02 10.59
C GLY C 233 48.52 0.62 9.30
N GLY C 234 47.21 0.68 9.12
CA GLY C 234 46.62 1.26 7.92
C GLY C 234 46.50 0.29 6.75
N ASN C 235 47.14 -0.89 6.85
CA ASN C 235 46.95 -1.94 5.83
C ASN C 235 45.81 -2.88 6.17
N CYS C 236 44.77 -2.90 5.33
CA CYS C 236 43.62 -3.75 5.60
C CYS C 236 43.64 -4.99 4.69
N TYR C 237 43.47 -6.16 5.30
CA TYR C 237 43.55 -7.43 4.55
C TYR C 237 42.18 -8.10 4.43
N LEU C 238 41.89 -8.56 3.21
CA LEU C 238 40.55 -9.01 2.88
C LEU C 238 40.60 -10.28 2.03
N MET C 239 39.84 -11.31 2.40
CA MET C 239 39.75 -12.51 1.57
C MET C 239 38.74 -12.28 0.46
N ILE C 240 39.10 -12.65 -0.76
CA ILE C 240 38.11 -12.77 -1.82
C ILE C 240 38.30 -14.13 -2.45
N THR C 241 37.29 -14.58 -3.18
CA THR C 241 37.37 -15.84 -3.91
C THR C 241 36.42 -15.76 -5.10
N ASP C 242 36.58 -16.69 -6.02
CA ASP C 242 35.85 -16.70 -7.27
C ASP C 242 35.92 -18.15 -7.75
N GLY C 243 34.81 -18.68 -8.26
CA GLY C 243 34.81 -20.05 -8.72
C GLY C 243 33.52 -20.75 -8.41
N SER C 244 33.46 -22.01 -8.82
CA SER C 244 32.27 -22.85 -8.67
C SER C 244 31.99 -23.24 -7.22
N ALA C 245 30.72 -23.19 -6.85
CA ALA C 245 30.31 -23.60 -5.51
C ALA C 245 30.44 -25.12 -5.27
N SER C 246 30.56 -25.89 -6.35
CA SER C 246 30.71 -27.35 -6.24
C SER C 246 32.02 -27.87 -6.85
N GLY C 247 32.98 -26.97 -7.04
CA GLY C 247 34.28 -27.36 -7.55
C GLY C 247 35.37 -26.43 -7.05
N VAL C 248 36.19 -25.93 -7.97
CA VAL C 248 37.36 -25.13 -7.61
C VAL C 248 36.99 -23.66 -7.28
N SER C 249 37.44 -23.17 -6.12
CA SER C 249 37.34 -21.75 -5.79
C SER C 249 38.61 -21.29 -5.10
N GLU C 250 39.54 -20.84 -5.92
CA GLU C 250 40.85 -20.47 -5.43
C GLU C 250 40.78 -19.04 -4.97
N CYS C 251 41.04 -18.83 -3.68
CA CYS C 251 40.89 -17.51 -3.10
C CYS C 251 42.19 -16.75 -3.24
N ARG C 252 42.09 -15.44 -3.06
CA ARG C 252 43.22 -14.51 -3.01
C ARG C 252 42.96 -13.57 -1.84
N PHE C 253 44.01 -12.86 -1.40
CA PHE C 253 43.84 -11.81 -0.42
C PHE C 253 44.19 -10.45 -1.02
N LEU C 254 43.38 -9.44 -0.72
CA LEU C 254 43.70 -8.08 -1.13
C LEU C 254 44.26 -7.30 0.03
N LYS C 255 45.30 -6.52 -0.26
CA LYS C 255 45.84 -5.59 0.71
C LYS C 255 45.38 -4.19 0.29
N ILE C 256 44.67 -3.54 1.19
CA ILE C 256 43.99 -2.31 0.88
C ILE C 256 44.46 -1.26 1.88
N ARG C 257 44.73 -0.07 1.37
CA ARG C 257 45.21 0.99 2.23
C ARG C 257 44.50 2.27 1.82
N GLU C 258 43.82 2.89 2.77
CA GLU C 258 43.05 4.09 2.51
C GLU C 258 42.08 3.94 1.33
N GLY C 259 41.44 2.77 1.24
CA GLY C 259 40.47 2.53 0.20
C GLY C 259 41.04 2.06 -1.13
N ARG C 260 42.36 2.04 -1.25
CA ARG C 260 42.94 1.58 -2.51
C ARG C 260 43.71 0.27 -2.41
N ILE C 261 43.51 -0.58 -3.40
CA ILE C 261 44.11 -1.91 -3.41
C ILE C 261 45.57 -1.80 -3.83
N ILE C 262 46.49 -2.04 -2.89
CA ILE C 262 47.90 -1.86 -3.17
C ILE C 262 48.68 -3.16 -3.36
N LYS C 263 48.02 -4.30 -3.17
CA LYS C 263 48.66 -5.58 -3.44
C LYS C 263 47.64 -6.71 -3.53
N GLU C 264 47.88 -7.63 -4.47
CA GLU C 264 47.16 -8.90 -4.50
C GLU C 264 48.08 -10.00 -3.96
N ILE C 265 47.51 -10.91 -3.18
CA ILE C 265 48.27 -11.98 -2.55
C ILE C 265 47.68 -13.32 -2.97
N PHE C 266 48.52 -14.17 -3.57
CA PHE C 266 48.07 -15.47 -4.07
C PHE C 266 48.58 -16.55 -3.13
N PRO C 267 47.66 -17.18 -2.39
CA PRO C 267 48.03 -18.20 -1.42
C PRO C 267 48.61 -19.46 -2.06
N THR C 268 49.53 -20.11 -1.36
CA THR C 268 50.02 -21.43 -1.72
C THR C 268 49.42 -22.49 -0.80
N GLY C 269 49.77 -23.75 -1.09
CA GLY C 269 49.33 -24.88 -0.28
C GLY C 269 48.06 -25.54 -0.82
N ARG C 270 47.19 -25.95 0.10
CA ARG C 270 45.91 -26.56 -0.26
C ARG C 270 44.94 -25.45 -0.66
N VAL C 271 44.76 -25.23 -1.95
CA VAL C 271 44.05 -24.04 -2.41
C VAL C 271 42.84 -24.32 -3.28
N LYS C 272 42.48 -25.58 -3.45
CA LYS C 272 41.43 -25.91 -4.41
C LYS C 272 40.04 -25.32 -4.11
N HIS C 273 39.69 -25.16 -2.84
CA HIS C 273 38.45 -24.47 -2.47
C HIS C 273 38.47 -23.79 -1.11
N THR C 274 38.50 -22.46 -1.14
CA THR C 274 38.44 -21.65 0.07
C THR C 274 37.47 -20.50 -0.13
N GLU C 275 36.54 -20.32 0.82
CA GLU C 275 35.62 -19.19 0.77
C GLU C 275 35.08 -18.79 2.14
N GLU C 276 34.45 -17.62 2.18
CA GLU C 276 33.85 -17.11 3.40
C GLU C 276 34.77 -17.19 4.61
N CYS C 277 36.02 -16.77 4.44
CA CYS C 277 36.97 -16.77 5.53
C CYS C 277 36.54 -15.90 6.70
N THR C 278 36.78 -16.42 7.90
CA THR C 278 36.60 -15.67 9.12
C THR C 278 37.99 -15.51 9.71
N CYS C 279 38.48 -14.27 9.72
CA CYS C 279 39.90 -14.00 9.92
C CYS C 279 40.08 -13.12 11.13
N GLY C 280 41.23 -13.26 11.81
CA GLY C 280 41.61 -12.37 12.88
C GLY C 280 43.12 -12.38 13.04
N PHE C 281 43.63 -11.49 13.90
CA PHE C 281 45.06 -11.47 14.22
C PHE C 281 45.46 -12.49 15.28
N ALA C 282 46.40 -13.36 14.93
CA ALA C 282 47.07 -14.20 15.93
C ALA C 282 48.18 -13.43 16.64
N SER C 283 48.71 -12.41 15.95
CA SER C 283 49.80 -11.59 16.46
C SER C 283 49.98 -10.36 15.57
N ASN C 284 51.02 -9.57 15.81
CA ASN C 284 51.32 -8.46 14.91
C ASN C 284 51.88 -8.93 13.56
N LYS C 285 52.33 -10.18 13.50
CA LYS C 285 52.94 -10.73 12.29
C LYS C 285 51.97 -11.60 11.45
N THR C 286 50.98 -12.20 12.12
CA THR C 286 50.13 -13.22 11.46
C THR C 286 48.62 -13.02 11.57
N ILE C 287 47.95 -13.17 10.43
CA ILE C 287 46.50 -13.27 10.38
C ILE C 287 46.16 -14.74 10.13
N GLU C 288 45.15 -15.25 10.85
CA GLU C 288 44.66 -16.60 10.61
C GLU C 288 43.20 -16.56 10.24
N CYS C 289 42.77 -17.49 9.37
CA CYS C 289 41.38 -17.53 8.91
C CYS C 289 40.88 -18.96 8.97
N ALA C 290 39.65 -19.13 9.41
CA ALA C 290 39.00 -20.42 9.35
C ALA C 290 37.90 -20.25 8.32
N CYS C 291 37.94 -21.07 7.28
CA CYS C 291 37.15 -20.81 6.10
C CYS C 291 36.20 -21.94 5.80
N ARG C 292 35.53 -21.85 4.66
CA ARG C 292 34.53 -22.82 4.26
C ARG C 292 34.97 -23.49 2.95
N ASP C 293 34.89 -24.82 2.90
CA ASP C 293 35.01 -25.54 1.62
C ASP C 293 33.62 -26.04 1.26
N ASN C 294 33.00 -25.45 0.24
CA ASN C 294 31.65 -25.88 -0.09
C ASN C 294 31.61 -27.15 -0.93
N SER C 295 32.78 -27.66 -1.30
CA SER C 295 32.86 -28.73 -2.28
C SER C 295 33.44 -30.08 -1.81
N TYR C 296 34.61 -30.05 -1.17
CA TYR C 296 35.37 -31.30 -0.99
C TYR C 296 35.45 -31.90 0.42
N THR C 297 35.19 -31.10 1.46
CA THR C 297 35.48 -31.57 2.81
C THR C 297 34.68 -30.84 3.89
N ALA C 298 34.55 -31.50 5.03
CA ALA C 298 33.88 -30.91 6.18
C ALA C 298 34.92 -30.29 7.11
N LYS C 299 36.21 -30.48 6.81
CA LYS C 299 37.24 -29.79 7.57
C LYS C 299 37.27 -28.35 7.07
N ARG C 300 37.68 -27.42 7.93
CA ARG C 300 37.78 -26.02 7.52
C ARG C 300 39.17 -25.74 6.97
N PRO C 301 39.23 -25.17 5.76
CA PRO C 301 40.51 -24.65 5.24
C PRO C 301 41.00 -23.54 6.18
N PHE C 302 42.29 -23.56 6.51
CA PHE C 302 42.82 -22.69 7.55
C PHE C 302 44.02 -21.91 6.99
N VAL C 303 43.85 -20.59 6.90
CA VAL C 303 44.85 -19.71 6.31
C VAL C 303 45.79 -19.17 7.35
N LYS C 304 47.08 -19.15 7.04
CA LYS C 304 48.04 -18.37 7.80
C LYS C 304 48.65 -17.33 6.84
N LEU C 305 48.37 -16.07 7.11
CA LEU C 305 48.81 -14.96 6.27
C LEU C 305 49.83 -14.17 7.07
N ASN C 306 51.04 -14.06 6.53
CA ASN C 306 52.12 -13.32 7.16
C ASN C 306 52.10 -11.90 6.63
N VAL C 307 51.74 -10.94 7.48
CA VAL C 307 51.59 -9.55 7.03
C VAL C 307 52.90 -8.76 6.94
N GLU C 308 54.00 -9.35 7.40
CA GLU C 308 55.31 -8.71 7.25
C GLU C 308 55.86 -9.03 5.87
N THR C 309 55.67 -10.28 5.43
CA THR C 309 56.13 -10.69 4.10
C THR C 309 55.00 -10.72 3.07
N ASP C 310 53.77 -10.40 3.48
CA ASP C 310 52.62 -10.47 2.58
C ASP C 310 52.48 -11.79 1.81
N THR C 311 52.59 -12.91 2.52
CA THR C 311 52.47 -14.25 1.94
C THR C 311 51.50 -15.12 2.74
N ALA C 312 50.76 -15.97 2.06
CA ALA C 312 49.75 -16.78 2.71
C ALA C 312 49.82 -18.27 2.29
N GLU C 313 49.62 -19.17 3.24
CA GLU C 313 49.54 -20.60 3.02
C GLU C 313 48.25 -21.16 3.62
N ILE C 314 47.66 -22.14 2.94
CA ILE C 314 46.41 -22.74 3.38
C ILE C 314 46.57 -24.24 3.54
N ARG C 315 46.11 -24.77 4.67
CA ARG C 315 45.99 -26.21 4.89
C ARG C 315 44.68 -26.48 5.63
N LEU C 316 44.19 -27.71 5.56
CA LEU C 316 42.98 -28.05 6.28
C LEU C 316 43.22 -28.12 7.78
N MET C 317 42.24 -27.70 8.57
CA MET C 317 42.27 -27.94 10.00
C MET C 317 42.36 -29.43 10.23
N CYS C 318 43.34 -29.85 11.02
CA CYS C 318 43.51 -31.26 11.34
C CYS C 318 42.54 -31.82 12.40
N THR C 319 42.11 -31.01 13.39
CA THR C 319 41.28 -31.51 14.51
C THR C 319 40.13 -32.43 14.14
N ASP C 320 39.88 -33.42 15.01
CA ASP C 320 38.80 -34.37 14.83
C ASP C 320 37.44 -33.70 14.91
N THR C 321 37.40 -32.53 15.54
CA THR C 321 36.18 -31.77 15.69
C THR C 321 35.92 -30.91 14.45
N TYR C 322 35.41 -31.53 13.39
CA TYR C 322 35.21 -30.85 12.12
C TYR C 322 34.20 -29.71 12.30
N LEU C 323 34.54 -28.51 11.84
CA LEU C 323 33.72 -27.33 12.18
C LEU C 323 32.64 -26.95 11.15
N ASP C 324 32.59 -27.64 10.01
CA ASP C 324 31.65 -27.29 8.94
C ASP C 324 30.28 -27.96 9.14
N THR C 325 29.30 -27.57 8.34
CA THR C 325 27.99 -28.22 8.34
C THR C 325 27.46 -28.24 6.91
N PRO C 326 27.11 -29.41 6.35
CA PRO C 326 27.15 -30.73 7.00
C PRO C 326 28.55 -31.24 7.30
N ARG C 327 28.62 -32.31 8.06
CA ARG C 327 29.86 -32.95 8.45
C ARG C 327 29.53 -34.38 8.85
N PRO C 328 30.53 -35.25 8.77
CA PRO C 328 30.30 -36.61 9.29
C PRO C 328 30.61 -36.58 10.77
N ASP C 329 30.51 -37.73 11.44
CA ASP C 329 30.85 -37.86 12.84
C ASP C 329 32.29 -37.46 13.10
N ASP C 330 32.54 -36.95 14.31
CA ASP C 330 33.86 -36.48 14.68
C ASP C 330 34.90 -37.60 14.61
N GLY C 331 36.07 -37.28 14.06
CA GLY C 331 37.16 -38.25 14.00
C GLY C 331 37.02 -39.37 12.97
N SER C 332 35.95 -39.35 12.17
CA SER C 332 35.64 -40.45 11.27
C SER C 332 36.34 -40.38 9.90
N ILE C 333 36.88 -39.22 9.55
CA ILE C 333 37.65 -39.09 8.30
C ILE C 333 38.98 -39.78 8.47
N THR C 334 39.15 -40.92 7.81
CA THR C 334 40.38 -41.67 7.92
C THR C 334 41.52 -41.02 7.14
N GLY C 335 42.74 -41.28 7.59
CA GLY C 335 43.92 -40.83 6.90
C GLY C 335 44.58 -39.71 7.68
N PRO C 336 45.64 -39.14 7.12
CA PRO C 336 46.37 -38.00 7.72
C PRO C 336 45.58 -36.70 7.65
N CYS C 337 46.19 -35.64 8.14
CA CYS C 337 45.54 -34.34 8.26
C CYS C 337 44.86 -33.79 6.99
N GLU C 338 45.39 -34.10 5.81
CA GLU C 338 44.89 -33.47 4.59
C GLU C 338 43.75 -34.24 3.92
N SER C 339 43.30 -35.33 4.52
CA SER C 339 42.24 -36.13 3.93
C SER C 339 40.90 -35.39 3.90
N ASN C 340 40.29 -35.39 2.72
CA ASN C 340 39.02 -34.70 2.52
C ASN C 340 37.85 -35.41 3.26
N GLY C 341 37.79 -36.73 3.17
CA GLY C 341 36.68 -37.48 3.76
C GLY C 341 35.35 -37.28 3.05
N ASP C 342 34.27 -37.74 3.70
CA ASP C 342 32.92 -37.64 3.11
C ASP C 342 32.11 -36.50 3.70
N LYS C 343 30.94 -36.26 3.12
CA LYS C 343 30.04 -35.19 3.54
C LYS C 343 30.63 -33.81 3.27
N GLY C 344 31.50 -33.75 2.27
CA GLY C 344 32.17 -32.52 1.90
C GLY C 344 31.29 -31.49 1.22
N SER C 345 30.33 -31.95 0.43
CA SER C 345 29.45 -31.05 -0.30
C SER C 345 28.59 -30.17 0.62
N GLY C 346 28.56 -28.87 0.36
CA GLY C 346 27.80 -27.93 1.20
C GLY C 346 28.73 -27.40 2.27
N GLY C 347 28.22 -26.49 3.10
CA GLY C 347 29.04 -25.90 4.14
C GLY C 347 28.39 -24.68 4.79
N ILE C 348 29.14 -24.05 5.68
CA ILE C 348 28.61 -22.92 6.41
C ILE C 348 29.78 -22.06 6.86
N LYS C 349 29.57 -20.75 6.94
CA LYS C 349 30.61 -19.85 7.47
C LYS C 349 30.67 -20.05 8.98
N GLY C 350 31.87 -20.13 9.54
CA GLY C 350 32.02 -20.45 10.94
C GLY C 350 32.75 -19.41 11.76
N GLY C 351 32.34 -19.28 13.01
CA GLY C 351 32.93 -18.32 13.91
C GLY C 351 34.30 -18.78 14.35
N PHE C 352 35.17 -17.82 14.59
CA PHE C 352 36.55 -18.09 14.92
C PHE C 352 37.08 -16.77 15.45
N VAL C 353 37.76 -16.80 16.60
CA VAL C 353 38.36 -15.57 17.11
C VAL C 353 39.55 -15.90 18.02
N HIS C 354 40.47 -14.96 18.12
CA HIS C 354 41.72 -15.16 18.84
C HIS C 354 41.66 -14.55 20.23
N GLN C 355 42.18 -15.29 21.20
CA GLN C 355 42.46 -14.72 22.50
C GLN C 355 43.98 -14.62 22.60
N ARG C 356 44.50 -13.43 22.41
CA ARG C 356 45.95 -13.23 22.42
C ARG C 356 46.44 -12.95 23.83
N MET C 357 47.28 -13.85 24.33
CA MET C 357 47.88 -13.71 25.64
C MET C 357 49.39 -13.60 25.49
N GLU C 358 50.05 -13.30 26.59
CA GLU C 358 51.48 -13.01 26.55
C GLU C 358 52.31 -14.21 26.08
N SER C 359 51.91 -15.41 26.49
CA SER C 359 52.70 -16.60 26.18
C SER C 359 51.86 -17.77 25.69
N LYS C 360 50.59 -17.51 25.40
CA LYS C 360 49.69 -18.54 24.90
C LYS C 360 48.79 -17.92 23.85
N ILE C 361 48.29 -18.71 22.92
CA ILE C 361 47.25 -18.21 22.02
C ILE C 361 45.98 -19.06 22.18
N GLY C 362 44.86 -18.39 22.38
CA GLY C 362 43.59 -19.08 22.46
C GLY C 362 42.85 -19.00 21.15
N ARG C 363 42.38 -20.15 20.68
CA ARG C 363 41.56 -20.20 19.49
C ARG C 363 40.14 -20.67 19.82
N TRP C 364 39.17 -19.79 19.59
CA TRP C 364 37.77 -20.06 19.88
C TRP C 364 37.01 -20.26 18.59
N TYR C 365 36.19 -21.30 18.54
CA TYR C 365 35.44 -21.62 17.34
C TYR C 365 34.01 -21.97 17.68
N SER C 366 33.14 -21.88 16.68
CA SER C 366 31.77 -22.32 16.85
C SER C 366 31.33 -23.16 15.65
N ARG C 367 30.40 -24.08 15.90
CA ARG C 367 29.80 -24.91 14.86
C ARG C 367 28.41 -25.32 15.31
N THR C 368 27.53 -25.63 14.36
CA THR C 368 26.16 -25.99 14.68
C THR C 368 26.09 -27.22 15.57
N MET C 369 25.03 -27.33 16.38
CA MET C 369 24.85 -28.49 17.22
C MET C 369 24.52 -29.71 16.35
N SER C 370 23.70 -29.51 15.33
CA SER C 370 23.34 -30.56 14.41
C SER C 370 24.46 -30.79 13.40
N LYS C 371 24.64 -32.04 12.96
CA LYS C 371 25.68 -32.37 11.97
C LYS C 371 25.28 -32.07 10.53
N THR C 372 23.98 -32.03 10.27
CA THR C 372 23.48 -31.88 8.90
C THR C 372 22.67 -30.59 8.70
N GLU C 373 22.13 -30.04 9.77
CA GLU C 373 21.22 -28.90 9.66
C GLU C 373 21.73 -27.66 10.36
N ARG C 374 21.24 -26.50 9.94
CA ARG C 374 21.64 -25.23 10.57
C ARG C 374 20.80 -24.96 11.82
N MET C 375 21.08 -25.75 12.85
CA MET C 375 20.35 -25.77 14.10
C MET C 375 21.35 -25.83 15.25
N GLY C 376 21.19 -24.93 16.20
CA GLY C 376 22.10 -24.85 17.34
C GLY C 376 23.46 -24.24 17.01
N MET C 377 24.24 -23.99 18.05
CA MET C 377 25.59 -23.46 17.89
C MET C 377 26.34 -23.71 19.20
N GLY C 378 27.44 -24.43 19.11
CA GLY C 378 28.26 -24.70 20.28
C GLY C 378 29.56 -23.95 20.18
N LEU C 379 30.23 -23.78 21.32
CA LEU C 379 31.49 -23.04 21.38
C LEU C 379 32.61 -24.00 21.73
N TYR C 380 33.76 -23.87 21.08
CA TYR C 380 34.89 -24.73 21.37
C TYR C 380 36.14 -23.90 21.51
N VAL C 381 37.13 -24.42 22.22
CA VAL C 381 38.40 -23.71 22.36
C VAL C 381 39.58 -24.66 22.38
N LYS C 382 40.71 -24.21 21.85
CA LYS C 382 41.98 -24.89 22.08
C LYS C 382 43.10 -23.87 22.18
N TYR C 383 43.98 -24.07 23.15
CA TYR C 383 45.12 -23.16 23.31
C TYR C 383 46.39 -23.71 22.64
N ASP C 384 47.03 -22.89 21.83
CA ASP C 384 48.33 -23.20 21.24
C ASP C 384 48.31 -24.35 20.23
N GLY C 385 49.49 -24.90 19.96
CA GLY C 385 49.64 -26.01 19.04
C GLY C 385 49.68 -25.49 17.61
N ASP C 386 49.50 -26.40 16.66
CA ASP C 386 49.42 -26.04 15.25
C ASP C 386 48.14 -26.63 14.67
N PRO C 387 47.16 -25.78 14.34
CA PRO C 387 45.89 -26.27 13.81
C PRO C 387 46.01 -27.10 12.52
N TRP C 388 47.13 -26.96 11.79
CA TRP C 388 47.40 -27.79 10.61
C TRP C 388 47.83 -29.23 10.95
N ALA C 389 48.49 -29.39 12.10
CA ALA C 389 49.04 -30.70 12.48
C ALA C 389 48.32 -31.44 13.63
N ASP C 390 47.56 -30.72 14.45
CA ASP C 390 46.96 -31.34 15.66
C ASP C 390 45.58 -31.96 15.41
N SER C 391 45.50 -33.28 15.55
CA SER C 391 44.22 -33.99 15.40
C SER C 391 43.29 -33.93 16.64
N ASP C 392 43.84 -33.56 17.80
CA ASP C 392 43.07 -33.51 19.06
C ASP C 392 41.70 -32.85 18.91
N ALA C 393 40.68 -33.43 19.53
CA ALA C 393 39.40 -32.75 19.70
C ALA C 393 39.58 -31.36 20.33
N LEU C 394 38.80 -30.39 19.86
CA LEU C 394 38.70 -29.09 20.51
C LEU C 394 37.91 -29.29 21.81
N ALA C 395 38.16 -28.47 22.83
CA ALA C 395 37.40 -28.58 24.07
C ALA C 395 36.02 -27.96 23.92
N PHE C 396 34.99 -28.72 24.24
CA PHE C 396 33.63 -28.19 24.17
C PHE C 396 33.41 -27.25 25.35
N SER C 397 32.89 -26.05 25.09
CA SER C 397 32.80 -24.99 26.10
C SER C 397 31.37 -24.61 26.45
N GLY C 398 30.41 -24.99 25.61
CA GLY C 398 29.03 -24.76 25.95
C GLY C 398 28.09 -24.49 24.81
N VAL C 399 26.80 -24.66 25.08
CA VAL C 399 25.76 -24.44 24.11
C VAL C 399 25.37 -22.95 24.08
N MET C 400 25.71 -22.24 23.00
CA MET C 400 25.30 -20.85 22.85
C MET C 400 23.87 -20.75 22.33
N VAL C 401 23.50 -21.71 21.49
CA VAL C 401 22.16 -21.76 20.91
C VAL C 401 21.74 -23.22 20.90
N SER C 402 20.60 -23.54 21.49
CA SER C 402 20.20 -24.93 21.57
C SER C 402 19.79 -25.42 20.18
N MET C 403 19.83 -26.74 19.99
CA MET C 403 19.53 -27.36 18.71
C MET C 403 18.07 -27.17 18.28
N LYS C 404 17.25 -26.62 19.16
CA LYS C 404 15.87 -26.31 18.82
C LYS C 404 15.75 -24.96 18.15
N GLU C 405 16.84 -24.19 18.18
CA GLU C 405 16.87 -22.84 17.62
C GLU C 405 17.73 -22.81 16.35
N PRO C 406 17.43 -21.92 15.40
CA PRO C 406 18.26 -21.82 14.20
C PRO C 406 19.67 -21.31 14.51
N GLY C 407 20.69 -21.98 13.97
CA GLY C 407 22.05 -21.48 14.10
C GLY C 407 22.71 -21.46 12.72
N TRP C 408 22.82 -20.29 12.11
CA TRP C 408 23.36 -20.24 10.74
C TRP C 408 24.80 -19.75 10.69
N TYR C 409 25.04 -18.66 9.96
CA TYR C 409 26.38 -18.10 9.88
C TYR C 409 26.90 -17.69 11.25
N SER C 410 28.19 -17.86 11.48
CA SER C 410 28.80 -17.26 12.68
C SER C 410 30.11 -16.57 12.31
N PHE C 411 30.59 -15.69 13.19
CA PHE C 411 31.71 -14.80 12.85
C PHE C 411 32.41 -14.31 14.11
N GLY C 412 33.70 -14.00 14.01
CA GLY C 412 34.43 -13.41 15.12
C GLY C 412 34.57 -11.89 15.01
N PHE C 413 34.69 -11.23 16.15
CA PHE C 413 35.04 -9.81 16.15
C PHE C 413 35.64 -9.45 17.49
N GLU C 414 36.32 -8.31 17.54
CA GLU C 414 36.96 -7.84 18.77
C GLU C 414 36.53 -6.43 19.15
N ILE C 415 36.07 -6.28 20.39
CA ILE C 415 35.72 -4.95 20.88
C ILE C 415 36.95 -4.36 21.53
N LYS C 416 37.13 -3.05 21.35
CA LYS C 416 38.29 -2.36 21.91
C LYS C 416 37.96 -1.75 23.28
N ASP C 417 38.47 -2.36 24.34
CA ASP C 417 38.48 -1.79 25.67
C ASP C 417 39.60 -0.77 25.71
N LYS C 418 39.72 -0.04 26.83
CA LYS C 418 40.72 1.02 26.96
C LYS C 418 42.15 0.57 26.61
N GLU C 419 42.59 -0.56 27.14
CA GLU C 419 43.99 -0.95 27.00
C GLU C 419 44.12 -2.36 26.46
N CYS C 420 43.00 -2.98 26.10
CA CYS C 420 43.06 -4.35 25.59
C CYS C 420 41.85 -4.68 24.72
N ASP C 421 41.89 -5.85 24.10
CA ASP C 421 40.88 -6.23 23.14
C ASP C 421 40.01 -7.35 23.71
N VAL C 422 38.73 -7.33 23.38
CA VAL C 422 37.80 -8.34 23.86
C VAL C 422 37.26 -9.17 22.72
N PRO C 423 37.60 -10.47 22.71
CA PRO C 423 37.17 -11.34 21.62
C PRO C 423 35.73 -11.78 21.76
N CYS C 424 34.99 -11.80 20.66
CA CYS C 424 33.59 -12.15 20.67
C CYS C 424 33.25 -13.05 19.48
N ILE C 425 32.15 -13.79 19.61
CA ILE C 425 31.58 -14.49 18.48
C ILE C 425 30.12 -14.08 18.30
N GLY C 426 29.75 -13.74 17.07
CA GLY C 426 28.38 -13.46 16.73
C GLY C 426 27.77 -14.61 15.96
N ILE C 427 26.47 -14.78 16.11
CA ILE C 427 25.78 -15.91 15.53
C ILE C 427 24.57 -15.38 14.81
N GLU C 428 24.47 -15.64 13.52
CA GLU C 428 23.26 -15.33 12.75
C GLU C 428 22.18 -16.37 13.06
N MET C 429 20.99 -15.91 13.47
CA MET C 429 19.90 -16.82 13.79
C MET C 429 18.77 -16.58 12.80
N VAL C 430 18.73 -17.39 11.75
CA VAL C 430 17.85 -17.10 10.62
C VAL C 430 16.43 -17.52 10.91
N HIS C 431 15.49 -16.66 10.55
CA HIS C 431 14.08 -17.03 10.63
C HIS C 431 13.73 -17.59 9.27
N ASP C 432 13.58 -18.92 9.17
CA ASP C 432 13.29 -19.57 7.89
C ASP C 432 11.93 -20.23 7.94
N GLY C 433 10.96 -19.70 7.23
CA GLY C 433 9.67 -20.32 7.12
C GLY C 433 9.39 -20.81 5.72
N GLY C 434 10.45 -20.94 4.92
CA GLY C 434 10.30 -21.33 3.52
C GLY C 434 10.18 -20.11 2.63
N LYS C 435 10.15 -20.35 1.32
CA LYS C 435 10.11 -19.28 0.33
C LYS C 435 8.75 -18.59 0.20
N GLU C 436 7.73 -19.04 0.93
CA GLU C 436 6.40 -18.45 0.80
C GLU C 436 6.13 -17.35 1.84
N THR C 437 7.17 -16.93 2.54
CA THR C 437 7.02 -15.92 3.58
C THR C 437 8.34 -15.18 3.68
N TRP C 438 8.45 -14.22 4.60
CA TRP C 438 9.71 -13.49 4.75
C TRP C 438 10.83 -14.41 5.26
N HIS C 439 12.07 -13.96 5.07
CA HIS C 439 13.27 -14.71 5.41
C HIS C 439 14.28 -13.68 5.90
N SER C 440 14.62 -13.73 7.18
CA SER C 440 15.55 -12.74 7.72
C SER C 440 16.28 -13.38 8.92
N ALA C 441 16.90 -12.56 9.77
CA ALA C 441 17.76 -13.11 10.82
C ALA C 441 17.92 -12.18 12.04
N ALA C 442 18.13 -12.81 13.19
CA ALA C 442 18.60 -12.15 14.40
C ALA C 442 20.12 -12.38 14.56
N THR C 443 20.72 -11.62 15.46
CA THR C 443 22.15 -11.75 15.74
C THR C 443 22.42 -11.90 17.24
N ALA C 444 23.04 -13.00 17.63
CA ALA C 444 23.41 -13.21 19.04
C ALA C 444 24.91 -13.00 19.25
N ILE C 445 25.28 -12.52 20.43
CA ILE C 445 26.69 -12.18 20.69
C ILE C 445 27.15 -12.77 22.02
N TYR C 446 28.28 -13.48 21.97
CA TYR C 446 28.92 -14.07 23.13
C TYR C 446 30.32 -13.48 23.13
N CYS C 447 30.84 -13.17 24.32
CA CYS C 447 32.19 -12.58 24.44
C CYS C 447 32.99 -13.18 25.58
N LEU C 448 34.32 -13.15 25.46
CA LEU C 448 35.19 -13.49 26.58
C LEU C 448 34.85 -12.56 27.74
N MET C 449 34.52 -13.15 28.89
CA MET C 449 33.97 -12.40 30.00
C MET C 449 34.17 -13.17 31.32
N GLY C 450 35.15 -12.77 32.12
CA GLY C 450 35.40 -13.41 33.41
C GLY C 450 35.79 -14.89 33.33
N SER C 451 35.51 -15.65 34.39
CA SER C 451 35.98 -17.03 34.49
C SER C 451 34.83 -18.03 34.75
N GLY C 452 35.16 -19.31 34.88
CA GLY C 452 34.16 -20.36 35.06
C GLY C 452 33.68 -20.95 33.74
N GLN C 453 32.37 -21.21 33.64
CA GLN C 453 31.78 -21.86 32.47
C GLN C 453 30.68 -21.01 31.85
N LEU C 454 30.42 -21.23 30.56
CA LEU C 454 29.36 -20.56 29.83
C LEU C 454 28.00 -20.94 30.43
N LEU C 455 27.21 -19.93 30.81
CA LEU C 455 26.02 -20.14 31.62
C LEU C 455 24.64 -20.22 30.95
N TRP C 456 24.37 -19.44 29.90
CA TRP C 456 23.03 -19.42 29.30
C TRP C 456 23.08 -19.41 27.78
N ASP C 457 21.99 -19.88 27.17
CA ASP C 457 21.87 -19.93 25.72
C ASP C 457 20.92 -18.83 25.25
N THR C 458 20.87 -18.61 23.93
CA THR C 458 20.05 -17.57 23.34
C THR C 458 18.93 -18.12 22.46
N VAL C 459 17.73 -17.54 22.56
CA VAL C 459 16.63 -17.81 21.63
C VAL C 459 16.24 -16.50 20.96
N THR C 460 15.64 -16.57 19.78
CA THR C 460 15.27 -15.32 19.10
C THR C 460 13.97 -14.71 19.66
N GLY C 461 13.12 -15.55 20.22
CA GLY C 461 11.82 -15.13 20.70
C GLY C 461 10.81 -14.85 19.60
N VAL C 462 11.15 -15.15 18.33
CA VAL C 462 10.27 -14.75 17.21
C VAL C 462 9.27 -15.81 16.75
N ASP C 463 8.00 -15.42 16.68
CA ASP C 463 6.97 -16.29 16.12
C ASP C 463 6.68 -15.81 14.71
N MET C 464 7.15 -16.57 13.71
CA MET C 464 7.07 -16.13 12.32
C MET C 464 5.62 -15.93 11.82
N ALA C 465 4.64 -16.32 12.62
CA ALA C 465 3.24 -16.18 12.22
C ALA C 465 2.62 -14.82 12.57
N LEU C 466 3.31 -14.02 13.37
CA LEU C 466 2.80 -12.72 13.79
C LEU C 466 3.06 -11.60 12.75
N GLU D 77 39.40 25.53 12.56
CA GLU D 77 39.45 26.61 11.56
C GLU D 77 39.43 26.06 10.13
N PRO D 78 38.25 25.61 9.66
CA PRO D 78 38.08 25.05 8.32
C PRO D 78 38.35 26.08 7.22
N GLU D 79 38.91 25.64 6.10
CA GLU D 79 39.28 26.53 5.01
C GLU D 79 38.30 26.43 3.84
N TRP D 80 38.35 27.40 2.93
CA TRP D 80 37.51 27.35 1.73
C TRP D 80 37.93 26.16 0.88
N THR D 81 36.97 25.51 0.23
CA THR D 81 37.30 24.41 -0.67
C THR D 81 37.46 24.89 -2.11
N TYR D 82 38.20 24.09 -2.89
CA TYR D 82 38.51 24.34 -4.29
C TYR D 82 38.39 22.99 -5.00
N PRO D 83 38.00 23.01 -6.28
CA PRO D 83 38.00 21.76 -7.07
C PRO D 83 39.41 21.17 -7.10
N ARG D 84 39.55 19.87 -6.88
CA ARG D 84 40.86 19.24 -6.93
C ARG D 84 40.91 18.32 -8.16
N LEU D 85 42.09 17.75 -8.43
CA LEU D 85 42.18 16.68 -9.43
C LEU D 85 41.29 15.50 -9.01
N SER D 86 40.77 14.78 -9.99
CA SER D 86 39.90 13.64 -9.74
C SER D 86 40.69 12.40 -9.30
N CYS D 87 40.07 11.52 -8.52
CA CYS D 87 40.73 10.28 -8.15
C CYS D 87 40.90 9.40 -9.40
N PRO D 88 41.87 8.49 -9.38
CA PRO D 88 42.14 7.60 -10.53
C PRO D 88 40.90 6.78 -10.92
N GLY D 89 40.76 6.47 -12.20
CA GLY D 89 39.66 5.63 -12.63
C GLY D 89 39.27 5.87 -14.08
N SER D 90 38.65 4.88 -14.72
CA SER D 90 38.34 5.04 -16.15
C SER D 90 36.95 4.58 -16.54
N THR D 91 36.15 4.15 -15.56
CA THR D 91 34.78 3.72 -15.78
C THR D 91 33.96 4.11 -14.57
N PHE D 92 32.66 4.38 -14.76
CA PHE D 92 31.73 4.50 -13.65
C PHE D 92 31.20 3.10 -13.32
N GLN D 93 30.74 2.91 -12.08
CA GLN D 93 30.05 1.67 -11.66
C GLN D 93 28.83 1.98 -10.79
N LYS D 94 27.93 1.03 -10.69
CA LYS D 94 26.77 1.16 -9.81
C LYS D 94 27.24 1.30 -8.35
N ALA D 95 26.76 2.33 -7.65
CA ALA D 95 27.22 2.62 -6.30
C ALA D 95 26.16 2.34 -5.25
N LEU D 96 24.98 2.94 -5.42
CA LEU D 96 24.03 3.07 -4.33
C LEU D 96 22.65 3.38 -4.89
N LEU D 97 21.64 2.70 -4.37
CA LEU D 97 20.25 3.05 -4.67
C LEU D 97 19.57 3.58 -3.41
N ILE D 98 18.91 4.74 -3.52
CA ILE D 98 17.95 5.21 -2.50
C ILE D 98 16.51 5.08 -3.01
N SER D 99 15.79 4.08 -2.51
CA SER D 99 14.45 3.81 -3.01
C SER D 99 13.47 3.80 -1.85
N PRO D 100 13.09 4.99 -1.37
CA PRO D 100 12.28 5.16 -0.14
C PRO D 100 10.95 4.43 -0.22
N HIS D 101 10.40 4.35 -1.42
CA HIS D 101 9.07 3.79 -1.60
C HIS D 101 9.04 2.26 -1.62
N ARG D 102 10.21 1.66 -1.48
CA ARG D 102 10.31 0.24 -1.15
C ARG D 102 9.68 -0.02 0.22
N PHE D 103 9.47 1.03 1.01
CA PHE D 103 8.90 0.87 2.33
C PHE D 103 7.57 1.60 2.51
N GLY D 104 6.94 1.97 1.40
CA GLY D 104 5.75 2.81 1.43
C GLY D 104 4.43 2.05 1.34
N GLU D 105 4.48 0.72 1.39
CA GLU D 105 3.27 -0.06 1.19
C GLU D 105 2.28 0.05 2.36
N THR D 106 1.01 -0.11 2.03
CA THR D 106 -0.05 0.04 3.02
C THR D 106 0.08 -0.95 4.20
N LYS D 107 0.68 -2.10 3.98
CA LYS D 107 0.87 -3.03 5.08
C LYS D 107 2.21 -2.83 5.76
N GLY D 108 2.87 -1.72 5.42
CA GLY D 108 4.11 -1.36 6.11
C GLY D 108 3.88 -0.42 7.28
N ASN D 109 4.97 -0.05 7.94
CA ASN D 109 4.91 0.89 9.04
C ASN D 109 5.87 2.05 8.83
N SER D 110 6.05 2.45 7.57
CA SER D 110 7.00 3.52 7.28
C SER D 110 6.36 4.76 6.66
N ALA D 111 7.13 5.83 6.63
CA ALA D 111 6.64 7.08 6.11
C ALA D 111 7.65 7.81 5.20
N PRO D 112 8.03 7.18 4.06
CA PRO D 112 8.87 7.89 3.10
C PRO D 112 8.13 9.10 2.56
N LEU D 113 8.86 10.21 2.41
CA LEU D 113 8.26 11.44 1.90
C LEU D 113 8.01 11.36 0.42
N ILE D 114 6.92 11.95 -0.02
CA ILE D 114 6.66 12.13 -1.44
C ILE D 114 7.51 13.29 -1.95
N ILE D 115 8.37 13.01 -2.94
CA ILE D 115 9.34 14.00 -3.42
C ILE D 115 9.46 13.99 -4.96
N ARG D 116 10.20 14.96 -5.49
CA ARG D 116 10.73 14.92 -6.85
C ARG D 116 11.89 15.89 -6.94
N GLU D 117 12.54 15.93 -8.08
CA GLU D 117 13.75 16.72 -8.26
C GLU D 117 14.81 16.48 -7.18
N PRO D 118 15.29 15.23 -7.05
CA PRO D 118 16.33 15.04 -6.02
C PRO D 118 17.67 15.45 -6.56
N PHE D 119 18.61 15.82 -5.68
CA PHE D 119 19.99 16.04 -6.09
C PHE D 119 20.91 15.82 -4.89
N ILE D 120 22.22 15.74 -5.11
CA ILE D 120 23.19 15.47 -4.05
C ILE D 120 24.32 16.50 -4.02
N ALA D 121 24.77 16.90 -2.82
CA ALA D 121 25.92 17.78 -2.73
C ALA D 121 26.79 17.36 -1.56
N CYS D 122 28.09 17.56 -1.70
CA CYS D 122 29.00 17.05 -0.71
C CYS D 122 29.91 18.16 -0.23
N GLY D 123 30.22 18.13 1.06
CA GLY D 123 31.24 18.97 1.65
C GLY D 123 32.43 18.13 2.04
N PRO D 124 33.36 18.72 2.80
CA PRO D 124 34.54 17.95 3.22
C PRO D 124 34.19 16.70 4.05
N ASN D 125 33.12 16.72 4.84
CA ASN D 125 32.86 15.59 5.74
C ASN D 125 31.58 14.81 5.48
N GLU D 126 30.70 15.35 4.65
CA GLU D 126 29.40 14.74 4.51
C GLU D 126 28.78 15.01 3.15
N CYS D 127 28.03 14.04 2.66
CA CYS D 127 27.16 14.20 1.51
C CYS D 127 25.72 14.29 1.96
N LYS D 128 25.00 15.23 1.38
CA LYS D 128 23.58 15.36 1.65
C LYS D 128 22.77 15.04 0.40
N HIS D 129 21.64 14.39 0.64
CA HIS D 129 20.69 14.03 -0.39
C HIS D 129 19.50 14.98 -0.24
N PHE D 130 19.33 15.89 -1.20
CA PHE D 130 18.25 16.89 -1.17
C PHE D 130 17.10 16.46 -2.04
N ALA D 131 15.93 17.05 -1.82
CA ALA D 131 14.82 16.87 -2.75
C ALA D 131 13.75 17.93 -2.47
N LEU D 132 12.81 18.09 -3.38
CA LEU D 132 11.64 18.94 -3.11
C LEU D 132 10.43 18.08 -2.75
N THR D 133 10.03 18.10 -1.49
CA THR D 133 8.88 17.33 -1.08
C THR D 133 7.57 18.06 -1.38
N HIS D 134 6.51 17.28 -1.46
CA HIS D 134 5.16 17.81 -1.50
C HIS D 134 4.52 17.88 -0.10
N TYR D 135 5.34 17.65 0.93
CA TYR D 135 4.89 17.72 2.33
C TYR D 135 3.81 16.65 2.58
N ALA D 136 4.11 15.44 2.11
CA ALA D 136 3.16 14.33 2.12
C ALA D 136 3.95 13.02 2.20
N ALA D 137 3.37 12.02 2.84
CA ALA D 137 4.04 10.73 2.91
C ALA D 137 3.21 9.65 2.24
N GLN D 138 3.87 8.54 1.91
CA GLN D 138 3.21 7.33 1.41
C GLN D 138 3.47 6.18 2.39
N PRO D 139 2.42 5.54 2.88
CA PRO D 139 1.01 5.82 2.58
C PRO D 139 0.50 7.10 3.25
N GLY D 140 -0.52 7.73 2.66
CA GLY D 140 -1.16 8.88 3.25
C GLY D 140 -2.39 9.29 2.46
N GLY D 141 -2.96 10.42 2.82
CA GLY D 141 -4.18 10.88 2.19
C GLY D 141 -4.05 12.20 1.44
N TYR D 142 -2.82 12.61 1.10
CA TYR D 142 -2.64 13.84 0.35
C TYR D 142 -1.95 13.64 -1.01
N TYR D 143 -2.34 12.60 -1.74
CA TYR D 143 -1.70 12.29 -3.01
C TYR D 143 -2.11 13.27 -4.10
N ASN D 144 -3.34 13.74 -4.04
CA ASN D 144 -3.83 14.63 -5.08
C ASN D 144 -2.98 15.90 -5.12
N GLY D 145 -2.40 16.18 -6.29
CA GLY D 145 -1.56 17.35 -6.47
C GLY D 145 -0.08 17.03 -6.46
N THR D 146 0.28 15.82 -6.09
CA THR D 146 1.69 15.44 -6.04
C THR D 146 2.25 15.20 -7.45
N ARG D 147 1.35 15.23 -8.43
CA ARG D 147 1.73 15.20 -9.84
C ARG D 147 2.00 16.63 -10.32
N GLY D 148 1.73 17.61 -9.46
CA GLY D 148 1.91 19.02 -9.80
C GLY D 148 3.30 19.53 -9.50
N ASP D 149 3.64 20.68 -10.09
CA ASP D 149 4.98 21.26 -9.97
C ASP D 149 5.11 22.28 -8.84
N ARG D 150 4.12 23.16 -8.68
CA ARG D 150 4.24 24.26 -7.73
C ARG D 150 3.01 24.41 -6.85
N ASN D 151 3.25 24.67 -5.57
CA ASN D 151 2.18 24.95 -4.61
C ASN D 151 2.78 25.56 -3.35
N LYS D 152 1.93 25.96 -2.43
CA LYS D 152 2.43 26.67 -1.25
C LYS D 152 2.97 25.74 -0.16
N LEU D 153 2.97 24.43 -0.43
CA LEU D 153 3.44 23.46 0.54
C LEU D 153 4.83 22.88 0.28
N ARG D 154 5.31 22.98 -0.98
CA ARG D 154 6.57 22.32 -1.34
C ARG D 154 7.75 22.86 -0.54
N HIS D 155 8.67 21.98 -0.17
CA HIS D 155 9.81 22.38 0.64
C HIS D 155 11.10 21.71 0.17
N LEU D 156 12.22 22.40 0.33
CA LEU D 156 13.52 21.77 0.16
C LEU D 156 13.86 20.97 1.42
N ILE D 157 14.06 19.66 1.28
CA ILE D 157 14.41 18.81 2.42
C ILE D 157 15.72 18.10 2.15
N SER D 158 16.36 17.59 3.21
CA SER D 158 17.56 16.77 3.00
C SER D 158 17.71 15.66 4.04
N VAL D 159 18.52 14.66 3.72
CA VAL D 159 19.03 13.74 4.72
C VAL D 159 20.47 13.51 4.37
N LYS D 160 21.21 12.92 5.31
CA LYS D 160 22.56 12.47 5.05
C LYS D 160 22.49 11.36 3.99
N LEU D 161 23.30 11.44 2.94
CA LEU D 161 23.28 10.45 1.87
C LEU D 161 23.49 9.05 2.43
N GLY D 162 22.56 8.16 2.09
CA GLY D 162 22.58 6.81 2.63
C GLY D 162 21.46 6.55 3.65
N LYS D 163 20.82 7.61 4.13
CA LYS D 163 19.64 7.47 5.00
C LYS D 163 18.37 7.52 4.16
N ILE D 164 17.33 6.81 4.60
CA ILE D 164 16.04 6.89 3.92
C ILE D 164 15.35 8.22 4.28
N PRO D 165 14.97 9.03 3.27
CA PRO D 165 14.28 10.30 3.54
C PRO D 165 12.82 10.12 3.93
N THR D 166 12.60 9.91 5.23
CA THR D 166 11.28 9.72 5.78
C THR D 166 10.82 11.01 6.49
N VAL D 167 9.57 11.02 6.94
CA VAL D 167 9.03 12.13 7.75
C VAL D 167 9.97 12.53 8.90
N GLU D 168 10.54 11.53 9.55
CA GLU D 168 11.37 11.79 10.74
C GLU D 168 12.87 11.93 10.52
N ASN D 169 13.40 11.26 9.50
CA ASN D 169 14.83 11.36 9.21
C ASN D 169 15.16 12.71 8.59
N SER D 170 14.21 13.24 7.81
CA SER D 170 14.46 14.45 7.02
C SER D 170 14.51 15.71 7.86
N ILE D 171 15.11 16.75 7.30
CA ILE D 171 15.02 18.09 7.84
C ILE D 171 14.48 18.99 6.75
N PHE D 172 13.63 19.93 7.14
CA PHE D 172 13.03 20.85 6.20
C PHE D 172 13.82 22.17 6.27
N HIS D 173 14.43 22.58 5.15
CA HIS D 173 15.25 23.78 5.14
C HIS D 173 14.43 25.05 4.88
N MET D 174 13.56 25.00 3.87
CA MET D 174 12.76 26.18 3.53
C MET D 174 11.68 25.83 2.54
N ALA D 175 10.69 26.71 2.44
CA ALA D 175 9.66 26.56 1.42
C ALA D 175 10.31 26.79 0.07
N ALA D 176 9.98 25.92 -0.90
CA ALA D 176 10.60 25.95 -2.22
C ALA D 176 9.94 24.97 -3.19
N TRP D 177 9.74 25.41 -4.43
CA TRP D 177 9.36 24.51 -5.51
C TRP D 177 10.41 24.44 -6.62
N SER D 178 11.58 25.02 -6.33
CA SER D 178 12.75 24.88 -7.19
C SER D 178 13.92 25.12 -6.26
N GLY D 179 15.01 24.38 -6.42
CA GLY D 179 16.05 24.47 -5.43
C GLY D 179 17.48 24.19 -5.84
N SER D 180 18.38 24.39 -4.89
CA SER D 180 19.79 24.14 -5.07
C SER D 180 20.47 24.16 -3.69
N ALA D 181 21.73 23.75 -3.62
CA ALA D 181 22.51 23.76 -2.40
C ALA D 181 23.95 23.39 -2.69
N CYS D 182 24.85 23.80 -1.81
CA CYS D 182 26.27 23.51 -1.95
C CYS D 182 27.01 23.91 -0.69
N HIS D 183 28.21 23.37 -0.52
CA HIS D 183 29.04 23.60 0.66
C HIS D 183 30.31 24.33 0.20
N ASP D 184 30.68 25.39 0.89
CA ASP D 184 31.82 26.22 0.48
C ASP D 184 33.11 25.82 1.18
N GLY D 185 33.05 24.79 2.04
CA GLY D 185 34.16 24.41 2.87
C GLY D 185 33.98 24.74 4.36
N LYS D 186 33.15 25.74 4.65
CA LYS D 186 32.88 26.16 6.02
C LYS D 186 31.44 25.87 6.42
N GLU D 187 30.54 26.02 5.46
CA GLU D 187 29.12 26.00 5.77
C GLU D 187 28.28 25.71 4.52
N TRP D 188 27.06 25.23 4.74
CA TRP D 188 26.09 25.01 3.68
C TRP D 188 25.33 26.27 3.23
N THR D 189 25.16 26.40 1.93
CA THR D 189 24.25 27.39 1.38
C THR D 189 23.08 26.62 0.80
N TYR D 190 21.87 26.98 1.18
CA TYR D 190 20.66 26.37 0.66
C TYR D 190 19.93 27.42 -0.16
N ILE D 191 19.33 26.99 -1.26
CA ILE D 191 18.68 27.90 -2.19
C ILE D 191 17.27 27.40 -2.47
N GLY D 192 16.29 28.28 -2.39
CA GLY D 192 14.92 27.86 -2.68
C GLY D 192 14.04 28.90 -3.30
N VAL D 193 13.29 28.52 -4.33
CA VAL D 193 12.40 29.49 -4.96
C VAL D 193 10.94 29.17 -4.67
N ASP D 194 10.20 30.16 -4.23
CA ASP D 194 8.74 30.04 -4.15
C ASP D 194 8.08 31.36 -4.51
N GLY D 195 6.79 31.48 -4.19
CA GLY D 195 6.03 32.67 -4.50
C GLY D 195 5.09 32.41 -5.67
N PRO D 196 4.32 33.43 -6.07
CA PRO D 196 3.42 33.33 -7.21
C PRO D 196 4.22 33.19 -8.51
N ASP D 197 3.63 32.53 -9.50
CA ASP D 197 4.30 32.31 -10.77
C ASP D 197 4.84 33.59 -11.44
N ASN D 198 4.06 34.66 -11.42
CA ASN D 198 4.43 35.87 -12.15
C ASN D 198 5.30 36.82 -11.35
N ASP D 199 5.76 36.36 -10.18
CA ASP D 199 6.58 37.18 -9.30
C ASP D 199 7.24 36.31 -8.22
N ALA D 200 7.81 35.19 -8.64
CA ALA D 200 8.47 34.27 -7.75
C ALA D 200 9.74 34.87 -7.15
N LEU D 201 10.22 34.27 -6.07
CA LEU D 201 11.33 34.82 -5.28
C LEU D 201 12.40 33.77 -4.95
N LEU D 202 13.65 34.05 -5.26
CA LEU D 202 14.75 33.17 -4.86
C LEU D 202 15.21 33.51 -3.44
N LYS D 203 15.34 32.51 -2.56
CA LYS D 203 15.78 32.77 -1.18
C LYS D 203 17.08 32.05 -0.83
N VAL D 204 17.98 32.74 -0.14
CA VAL D 204 19.26 32.15 0.22
C VAL D 204 19.35 31.95 1.72
N LYS D 205 19.77 30.73 2.10
CA LYS D 205 20.00 30.39 3.50
C LYS D 205 21.47 30.01 3.69
N TYR D 206 22.09 30.53 4.75
CA TYR D 206 23.44 30.13 5.05
C TYR D 206 23.46 29.47 6.42
N GLY D 207 23.63 28.15 6.44
CA GLY D 207 23.47 27.42 7.70
C GLY D 207 22.03 27.51 8.14
N GLU D 208 21.80 28.04 9.33
CA GLU D 208 20.44 28.26 9.83
C GLU D 208 19.82 29.61 9.46
N ALA D 209 20.64 30.56 9.01
CA ALA D 209 20.18 31.94 8.79
C ALA D 209 19.72 32.26 7.36
N TYR D 210 18.50 32.78 7.23
CA TYR D 210 18.05 33.32 5.95
C TYR D 210 18.82 34.61 5.74
N THR D 211 19.45 34.75 4.58
CA THR D 211 20.46 35.77 4.39
C THR D 211 20.29 36.68 3.16
N ASP D 212 19.50 36.28 2.17
CA ASP D 212 19.33 37.08 0.96
C ASP D 212 18.19 36.57 0.11
N THR D 213 17.69 37.44 -0.78
CA THR D 213 16.76 37.04 -1.84
C THR D 213 17.12 37.63 -3.22
N TYR D 214 16.46 37.11 -4.26
CA TYR D 214 16.55 37.67 -5.59
C TYR D 214 15.17 37.58 -6.25
N HIS D 215 14.79 38.62 -6.98
CA HIS D 215 13.43 38.76 -7.52
C HIS D 215 13.30 38.34 -8.98
N SER D 216 12.07 38.01 -9.38
CA SER D 216 11.74 37.71 -10.75
C SER D 216 12.04 38.92 -11.64
N TYR D 217 12.69 38.68 -12.77
CA TYR D 217 13.07 39.79 -13.66
C TYR D 217 12.36 39.76 -15.02
N ALA D 218 11.62 38.69 -15.31
CA ALA D 218 10.79 38.64 -16.51
C ALA D 218 9.32 38.38 -16.12
N ASN D 219 9.11 38.11 -14.83
CA ASN D 219 7.76 37.87 -14.30
C ASN D 219 7.02 36.72 -14.97
N LYS D 220 7.77 35.71 -15.41
CA LYS D 220 7.18 34.55 -16.05
C LYS D 220 7.21 33.37 -15.10
N LEU D 221 8.41 32.98 -14.69
CA LEU D 221 8.62 31.96 -13.67
C LEU D 221 10.10 31.83 -13.33
N LEU D 222 10.55 32.64 -12.38
CA LEU D 222 11.91 32.52 -11.87
C LEU D 222 12.14 31.14 -11.26
N ARG D 223 13.23 30.50 -11.66
CA ARG D 223 13.55 29.14 -11.21
C ARG D 223 15.05 28.93 -11.25
N THR D 224 15.53 27.85 -10.64
CA THR D 224 16.96 27.60 -10.56
C THR D 224 17.31 26.15 -10.95
N GLN D 225 18.49 25.68 -10.55
CA GLN D 225 19.11 24.49 -11.15
C GLN D 225 18.48 23.10 -10.90
N GLU D 226 17.96 22.88 -9.69
CA GLU D 226 17.63 21.52 -9.21
C GLU D 226 18.84 20.61 -9.13
N SER D 227 20.03 21.17 -8.93
CA SER D 227 21.24 20.38 -8.66
C SER D 227 22.21 21.28 -7.93
N ALA D 228 23.34 20.74 -7.52
CA ALA D 228 24.24 21.46 -6.62
C ALA D 228 24.80 22.73 -7.23
N CYS D 229 24.96 23.77 -6.41
CA CYS D 229 25.68 24.94 -6.89
C CYS D 229 27.16 24.67 -6.71
N ASN D 230 28.01 25.61 -7.11
CA ASN D 230 29.43 25.35 -7.15
C ASN D 230 30.26 26.43 -6.48
N CYS D 231 31.01 26.03 -5.44
CA CYS D 231 31.76 27.00 -4.65
C CYS D 231 33.26 26.91 -4.89
N ILE D 232 33.91 28.06 -5.00
CA ILE D 232 35.38 28.11 -5.07
C ILE D 232 35.88 29.32 -4.29
N GLY D 233 36.82 29.10 -3.39
CA GLY D 233 37.36 30.16 -2.56
C GLY D 233 36.34 31.00 -1.79
N GLY D 234 35.23 30.40 -1.39
CA GLY D 234 34.20 31.14 -0.67
C GLY D 234 33.09 31.68 -1.57
N ASN D 235 33.36 31.71 -2.88
CA ASN D 235 32.36 32.18 -3.84
C ASN D 235 31.57 31.03 -4.45
N CYS D 236 30.25 31.13 -4.37
CA CYS D 236 29.38 30.08 -4.92
C CYS D 236 28.58 30.60 -6.11
N TYR D 237 28.52 29.79 -7.16
CA TYR D 237 27.91 30.20 -8.42
C TYR D 237 26.66 29.37 -8.72
N LEU D 238 25.64 30.04 -9.21
CA LEU D 238 24.29 29.50 -9.26
C LEU D 238 23.59 30.03 -10.49
N MET D 239 23.05 29.14 -11.31
CA MET D 239 22.24 29.56 -12.44
C MET D 239 20.82 29.81 -11.96
N ILE D 240 20.21 30.84 -12.52
CA ILE D 240 18.78 31.10 -12.36
C ILE D 240 18.27 31.48 -13.76
N THR D 241 16.98 31.27 -14.01
CA THR D 241 16.36 31.67 -15.26
C THR D 241 14.95 32.15 -15.01
N ASP D 242 14.42 32.93 -15.96
CA ASP D 242 13.07 33.45 -15.85
C ASP D 242 12.65 33.59 -17.29
N GLY D 243 11.41 33.26 -17.59
CA GLY D 243 10.92 33.32 -18.95
C GLY D 243 9.93 32.22 -19.24
N SER D 244 9.31 32.28 -20.41
CA SER D 244 8.29 31.32 -20.80
C SER D 244 8.87 29.92 -21.04
N ALA D 245 8.07 28.92 -20.70
CA ALA D 245 8.47 27.52 -20.85
C ALA D 245 8.49 27.11 -22.32
N SER D 246 7.71 27.83 -23.13
CA SER D 246 7.62 27.55 -24.55
C SER D 246 8.18 28.69 -25.39
N GLY D 247 8.98 29.54 -24.77
CA GLY D 247 9.51 30.70 -25.49
C GLY D 247 10.87 31.10 -24.95
N VAL D 248 11.07 32.41 -24.80
CA VAL D 248 12.33 32.98 -24.36
C VAL D 248 12.57 32.84 -22.85
N SER D 249 13.75 32.36 -22.47
CA SER D 249 14.13 32.16 -21.07
C SER D 249 15.61 32.45 -20.88
N GLU D 250 15.94 33.71 -20.66
CA GLU D 250 17.31 34.19 -20.59
C GLU D 250 17.86 34.07 -19.17
N CYS D 251 18.77 33.12 -18.96
CA CYS D 251 19.29 32.83 -17.63
C CYS D 251 20.31 33.89 -17.19
N ARG D 252 20.56 33.93 -15.89
CA ARG D 252 21.62 34.73 -15.31
C ARG D 252 22.39 33.83 -14.34
N PHE D 253 23.57 34.26 -13.91
CA PHE D 253 24.23 33.57 -12.80
C PHE D 253 24.39 34.48 -11.59
N LEU D 254 24.29 33.90 -10.40
CA LEU D 254 24.53 34.65 -9.18
C LEU D 254 25.84 34.24 -8.55
N LYS D 255 26.59 35.22 -8.08
CA LYS D 255 27.79 34.98 -7.29
C LYS D 255 27.42 35.26 -5.83
N ILE D 256 27.54 34.22 -5.01
CA ILE D 256 27.07 34.23 -3.62
C ILE D 256 28.19 33.91 -2.64
N ARG D 257 28.37 34.77 -1.63
CA ARG D 257 29.45 34.59 -0.66
C ARG D 257 28.88 34.67 0.75
N GLU D 258 29.15 33.63 1.54
CA GLU D 258 28.56 33.47 2.88
C GLU D 258 27.08 33.88 2.91
N GLY D 259 26.34 33.42 1.89
CA GLY D 259 24.91 33.63 1.82
C GLY D 259 24.41 34.93 1.25
N ARG D 260 25.30 35.80 0.80
CA ARG D 260 24.84 37.05 0.18
C ARG D 260 25.20 37.19 -1.28
N ILE D 261 24.25 37.66 -2.07
CA ILE D 261 24.46 37.84 -3.50
C ILE D 261 25.36 39.06 -3.72
N ILE D 262 26.55 38.81 -4.21
CA ILE D 262 27.55 39.87 -4.33
C ILE D 262 27.86 40.24 -5.79
N LYS D 263 27.28 39.51 -6.73
CA LYS D 263 27.43 39.81 -8.15
C LYS D 263 26.42 39.08 -9.03
N GLU D 264 25.86 39.81 -9.98
CA GLU D 264 25.04 39.27 -11.05
C GLU D 264 25.87 39.16 -12.32
N ILE D 265 25.74 38.02 -13.00
CA ILE D 265 26.47 37.78 -14.25
C ILE D 265 25.48 37.49 -15.37
N PHE D 266 25.53 38.32 -16.41
CA PHE D 266 24.66 38.19 -17.57
C PHE D 266 25.42 37.51 -18.72
N PRO D 267 25.05 36.26 -19.04
CA PRO D 267 25.64 35.49 -20.14
C PRO D 267 25.55 36.20 -21.49
N THR D 268 26.56 36.07 -22.33
CA THR D 268 26.48 36.48 -23.74
C THR D 268 26.26 35.27 -24.67
N GLY D 269 26.14 35.50 -25.97
CA GLY D 269 26.08 34.41 -26.94
C GLY D 269 24.69 33.91 -27.30
N ARG D 270 24.52 32.59 -27.36
CA ARG D 270 23.21 31.98 -27.59
C ARG D 270 22.45 31.94 -26.27
N VAL D 271 21.55 32.90 -26.07
CA VAL D 271 20.92 33.08 -24.76
C VAL D 271 19.39 32.96 -24.72
N LYS D 272 18.76 32.58 -25.83
CA LYS D 272 17.31 32.63 -25.86
C LYS D 272 16.57 31.63 -24.93
N HIS D 273 17.12 30.43 -24.72
CA HIS D 273 16.53 29.54 -23.71
C HIS D 273 17.49 28.59 -22.97
N THR D 274 17.74 28.94 -21.71
CA THR D 274 18.61 28.15 -20.85
C THR D 274 17.92 27.94 -19.48
N GLU D 275 17.74 26.68 -19.08
CA GLU D 275 17.22 26.38 -17.75
C GLU D 275 17.80 25.09 -17.19
N GLU D 276 17.58 24.88 -15.89
CA GLU D 276 17.97 23.64 -15.22
C GLU D 276 19.41 23.24 -15.53
N CYS D 277 20.32 24.21 -15.43
CA CYS D 277 21.74 23.93 -15.70
C CYS D 277 22.36 22.92 -14.71
N THR D 278 23.06 21.95 -15.26
CA THR D 278 23.88 21.06 -14.45
C THR D 278 25.33 21.50 -14.62
N CYS D 279 25.92 22.00 -13.53
CA CYS D 279 27.19 22.74 -13.58
C CYS D 279 28.29 22.05 -12.76
N GLY D 280 29.55 22.22 -13.18
CA GLY D 280 30.69 21.73 -12.41
C GLY D 280 31.95 22.46 -12.80
N PHE D 281 33.04 22.21 -12.08
CA PHE D 281 34.32 22.86 -12.41
C PHE D 281 35.11 22.06 -13.44
N ALA D 282 35.54 22.73 -14.51
CA ALA D 282 36.46 22.13 -15.46
C ALA D 282 37.90 22.40 -15.01
N SER D 283 38.05 23.40 -14.14
CA SER D 283 39.36 23.82 -13.66
C SER D 283 39.11 24.88 -12.60
N ASN D 284 40.18 25.41 -12.02
CA ASN D 284 40.08 26.50 -11.05
C ASN D 284 39.63 27.81 -11.67
N LYS D 285 39.62 27.87 -12.99
CA LYS D 285 39.31 29.11 -13.69
C LYS D 285 37.93 29.05 -14.33
N THR D 286 37.43 27.84 -14.58
CA THR D 286 36.25 27.67 -15.42
C THR D 286 35.17 26.70 -14.88
N ILE D 287 33.94 27.17 -14.83
CA ILE D 287 32.78 26.33 -14.56
C ILE D 287 32.06 26.08 -15.86
N GLU D 288 31.67 24.82 -16.11
CA GLU D 288 30.86 24.47 -17.27
C GLU D 288 29.51 23.89 -16.86
N CYS D 289 28.48 24.24 -17.63
CA CYS D 289 27.13 23.73 -17.38
C CYS D 289 26.55 23.11 -18.64
N ALA D 290 25.87 21.97 -18.46
CA ALA D 290 25.05 21.42 -19.53
C ALA D 290 23.59 21.63 -19.15
N CYS D 291 22.81 22.25 -20.03
CA CYS D 291 21.50 22.76 -19.64
C CYS D 291 20.34 22.24 -20.49
N ARG D 292 19.13 22.66 -20.15
CA ARG D 292 17.91 22.29 -20.87
C ARG D 292 17.33 23.46 -21.69
N ASP D 293 17.04 23.25 -22.97
CA ASP D 293 16.20 24.16 -23.73
C ASP D 293 14.82 23.55 -23.92
N ASN D 294 13.81 24.10 -23.26
CA ASN D 294 12.47 23.52 -23.30
C ASN D 294 11.66 23.95 -24.52
N SER D 295 12.27 24.72 -25.40
CA SER D 295 11.51 25.44 -26.40
C SER D 295 11.98 25.21 -27.84
N TYR D 296 13.29 25.32 -28.08
CA TYR D 296 13.79 25.41 -29.45
C TYR D 296 14.61 24.22 -29.98
N THR D 297 15.31 23.50 -29.12
CA THR D 297 16.24 22.49 -29.60
C THR D 297 16.38 21.31 -28.66
N ALA D 298 16.85 20.19 -29.21
CA ALA D 298 17.13 19.01 -28.44
C ALA D 298 18.61 18.96 -28.09
N LYS D 299 19.38 19.90 -28.63
CA LYS D 299 20.76 20.10 -28.18
C LYS D 299 20.75 20.86 -26.86
N ARG D 300 21.74 20.62 -26.02
CA ARG D 300 21.83 21.27 -24.72
C ARG D 300 22.65 22.55 -24.84
N PRO D 301 22.13 23.68 -24.31
CA PRO D 301 22.98 24.86 -24.20
C PRO D 301 24.13 24.53 -23.25
N PHE D 302 25.33 24.95 -23.60
CA PHE D 302 26.53 24.66 -22.83
C PHE D 302 27.12 25.99 -22.34
N VAL D 303 27.13 26.21 -21.02
CA VAL D 303 27.68 27.44 -20.46
C VAL D 303 29.16 27.26 -20.14
N LYS D 304 29.97 28.25 -20.48
CA LYS D 304 31.33 28.35 -19.97
C LYS D 304 31.44 29.65 -19.14
N LEU D 305 31.66 29.49 -17.85
CA LEU D 305 31.70 30.62 -16.93
C LEU D 305 33.13 30.75 -16.47
N ASN D 306 33.74 31.89 -16.73
CA ASN D 306 35.07 32.18 -16.24
C ASN D 306 34.91 32.81 -14.86
N VAL D 307 35.46 32.17 -13.83
CA VAL D 307 35.28 32.63 -12.46
C VAL D 307 36.35 33.65 -12.06
N GLU D 308 37.26 33.95 -12.99
CA GLU D 308 38.29 34.95 -12.71
C GLU D 308 37.84 36.33 -13.18
N THR D 309 37.06 36.36 -14.25
CA THR D 309 36.55 37.61 -14.82
C THR D 309 35.07 37.75 -14.53
N ASP D 310 34.47 36.70 -13.98
CA ASP D 310 33.03 36.66 -13.72
C ASP D 310 32.18 36.94 -14.98
N THR D 311 32.55 36.30 -16.09
CA THR D 311 31.77 36.41 -17.33
C THR D 311 31.33 35.03 -17.81
N ALA D 312 30.18 34.97 -18.46
CA ALA D 312 29.68 33.73 -19.01
C ALA D 312 29.28 33.87 -20.47
N GLU D 313 29.47 32.78 -21.21
CA GLU D 313 29.04 32.68 -22.60
C GLU D 313 28.39 31.33 -22.87
N ILE D 314 27.26 31.33 -23.58
CA ILE D 314 26.54 30.11 -23.86
C ILE D 314 26.46 29.80 -25.36
N ARG D 315 26.68 28.55 -25.73
CA ARG D 315 26.45 28.07 -27.10
C ARG D 315 25.89 26.65 -27.05
N LEU D 316 25.21 26.26 -28.12
CA LEU D 316 24.67 24.91 -28.19
C LEU D 316 25.79 23.85 -28.22
N MET D 317 25.53 22.70 -27.60
CA MET D 317 26.43 21.56 -27.69
C MET D 317 26.43 21.03 -29.13
N CYS D 318 27.60 20.79 -29.67
CA CYS D 318 27.69 20.42 -31.08
C CYS D 318 27.70 18.90 -31.34
N THR D 319 27.76 18.10 -30.29
CA THR D 319 27.81 16.64 -30.48
C THR D 319 26.57 16.10 -31.18
N ASP D 320 26.76 15.17 -32.13
CA ASP D 320 25.66 14.40 -32.72
C ASP D 320 24.78 13.71 -31.68
N THR D 321 25.32 13.48 -30.48
CA THR D 321 24.62 12.74 -29.42
C THR D 321 23.77 13.68 -28.55
N TYR D 322 22.67 14.16 -29.12
CA TYR D 322 21.82 15.15 -28.43
C TYR D 322 21.33 14.61 -27.09
N LEU D 323 21.51 15.40 -26.04
CA LEU D 323 21.31 14.89 -24.70
C LEU D 323 19.91 15.10 -24.12
N ASP D 324 19.09 15.88 -24.81
CA ASP D 324 17.76 16.21 -24.30
C ASP D 324 16.74 15.09 -24.57
N THR D 325 15.59 15.17 -23.92
CA THR D 325 14.45 14.31 -24.20
C THR D 325 13.20 15.17 -24.17
N PRO D 326 12.41 15.17 -25.25
CA PRO D 326 12.61 14.39 -26.50
C PRO D 326 13.72 14.96 -27.39
N ARG D 327 14.01 14.23 -28.48
CA ARG D 327 15.15 14.51 -29.35
C ARG D 327 15.00 13.70 -30.64
N PRO D 328 15.54 14.20 -31.77
CA PRO D 328 15.49 13.43 -33.02
C PRO D 328 16.64 12.42 -33.05
N ASP D 329 16.70 11.61 -34.10
CA ASP D 329 17.79 10.65 -34.28
C ASP D 329 19.14 11.35 -34.20
N ASP D 330 20.12 10.67 -33.61
CA ASP D 330 21.46 11.24 -33.47
C ASP D 330 21.99 11.73 -34.82
N GLY D 331 22.65 12.88 -34.82
CA GLY D 331 23.26 13.43 -36.04
C GLY D 331 22.31 13.93 -37.11
N SER D 332 21.00 13.78 -36.91
CA SER D 332 20.01 14.16 -37.93
C SER D 332 19.75 15.68 -38.02
N ILE D 333 20.30 16.46 -37.10
CA ILE D 333 20.12 17.90 -37.20
C ILE D 333 21.15 18.46 -38.19
N THR D 334 20.68 18.90 -39.34
CA THR D 334 21.55 19.31 -40.42
C THR D 334 22.00 20.75 -40.26
N GLY D 335 23.12 21.07 -40.92
CA GLY D 335 23.64 22.42 -40.88
C GLY D 335 24.74 22.57 -39.84
N PRO D 336 25.07 23.82 -39.52
CA PRO D 336 26.15 24.11 -38.57
C PRO D 336 25.78 23.79 -37.12
N CYS D 337 26.80 23.78 -36.25
CA CYS D 337 26.64 23.54 -34.82
C CYS D 337 25.44 24.31 -34.24
N GLU D 338 25.31 25.56 -34.65
CA GLU D 338 24.28 26.47 -34.16
C GLU D 338 22.83 26.06 -34.44
N SER D 339 22.64 25.09 -35.32
CA SER D 339 21.30 24.72 -35.78
C SER D 339 20.44 24.08 -34.70
N ASN D 340 19.21 24.58 -34.57
CA ASN D 340 18.25 24.10 -33.58
C ASN D 340 17.61 22.74 -33.90
N GLY D 341 17.22 22.51 -35.15
CA GLY D 341 16.68 21.22 -35.53
C GLY D 341 15.27 20.94 -35.04
N ASP D 342 14.89 19.67 -35.07
CA ASP D 342 13.51 19.27 -34.78
C ASP D 342 13.31 18.78 -33.35
N LYS D 343 12.05 18.57 -32.97
CA LYS D 343 11.67 18.02 -31.67
C LYS D 343 12.25 18.78 -30.48
N GLY D 344 12.47 20.09 -30.65
CA GLY D 344 13.08 20.92 -29.62
C GLY D 344 12.15 21.27 -28.48
N SER D 345 10.85 21.17 -28.72
CA SER D 345 9.86 21.43 -27.68
C SER D 345 9.86 20.29 -26.66
N GLY D 346 9.83 20.66 -25.38
CA GLY D 346 9.96 19.67 -24.32
C GLY D 346 11.42 19.64 -23.88
N GLY D 347 11.73 18.82 -22.89
CA GLY D 347 13.09 18.77 -22.39
C GLY D 347 13.20 18.01 -21.08
N ILE D 348 14.43 17.92 -20.57
CA ILE D 348 14.71 17.22 -19.35
C ILE D 348 16.07 17.68 -18.82
N LYS D 349 16.19 17.74 -17.50
CA LYS D 349 17.48 18.03 -16.86
C LYS D 349 18.42 16.85 -17.04
N GLY D 350 19.66 17.14 -17.41
CA GLY D 350 20.60 16.08 -17.72
C GLY D 350 21.84 16.04 -16.85
N GLY D 351 22.31 14.83 -16.54
CA GLY D 351 23.52 14.65 -15.76
C GLY D 351 24.75 15.08 -16.56
N PHE D 352 25.71 15.66 -15.84
CA PHE D 352 26.95 16.14 -16.41
C PHE D 352 27.94 16.28 -15.27
N VAL D 353 29.13 15.73 -15.43
CA VAL D 353 30.14 15.86 -14.37
C VAL D 353 31.54 15.73 -14.97
N HIS D 354 32.50 16.40 -14.34
CA HIS D 354 33.88 16.48 -14.85
C HIS D 354 34.81 15.47 -14.21
N GLN D 355 35.71 14.92 -15.02
CA GLN D 355 36.82 14.15 -14.48
C GLN D 355 38.10 14.92 -14.78
N ARG D 356 38.59 15.66 -13.79
CA ARG D 356 39.75 16.53 -13.96
C ARG D 356 41.05 15.76 -13.79
N MET D 357 41.82 15.69 -14.87
CA MET D 357 43.14 15.08 -14.84
C MET D 357 44.22 16.09 -15.17
N GLU D 358 45.46 15.65 -15.07
CA GLU D 358 46.62 16.53 -15.15
C GLU D 358 46.78 17.23 -16.51
N SER D 359 46.31 16.61 -17.58
CA SER D 359 46.42 17.22 -18.91
C SER D 359 45.17 16.96 -19.76
N LYS D 360 44.26 16.14 -19.24
CA LYS D 360 43.02 15.85 -19.93
C LYS D 360 41.85 16.25 -19.04
N ILE D 361 40.76 16.68 -19.67
CA ILE D 361 39.50 16.83 -18.98
C ILE D 361 38.51 15.83 -19.57
N GLY D 362 37.92 15.01 -18.72
CA GLY D 362 36.89 14.08 -19.14
C GLY D 362 35.52 14.68 -18.88
N ARG D 363 34.61 14.58 -19.85
CA ARG D 363 33.26 15.06 -19.66
C ARG D 363 32.24 13.91 -19.71
N TRP D 364 31.66 13.57 -18.56
CA TRP D 364 30.66 12.50 -18.49
C TRP D 364 29.21 13.03 -18.52
N TYR D 365 28.35 12.40 -19.34
CA TYR D 365 26.94 12.81 -19.45
C TYR D 365 25.96 11.65 -19.39
N SER D 366 24.70 11.97 -19.11
CA SER D 366 23.63 10.98 -19.16
C SER D 366 22.44 11.49 -19.97
N ARG D 367 21.74 10.56 -20.60
CA ARG D 367 20.48 10.87 -21.28
C ARG D 367 19.62 9.60 -21.28
N THR D 368 18.34 9.77 -21.55
CA THR D 368 17.42 8.66 -21.49
C THR D 368 17.68 7.69 -22.65
N MET D 369 17.37 6.42 -22.45
CA MET D 369 17.50 5.44 -23.52
C MET D 369 16.46 5.75 -24.59
N SER D 370 15.23 6.03 -24.17
CA SER D 370 14.18 6.42 -25.10
C SER D 370 14.44 7.81 -25.65
N LYS D 371 14.17 8.01 -26.93
CA LYS D 371 14.33 9.32 -27.55
C LYS D 371 13.18 10.27 -27.23
N THR D 372 12.03 9.70 -26.83
CA THR D 372 10.84 10.53 -26.62
C THR D 372 10.22 10.40 -25.22
N GLU D 373 10.49 9.29 -24.52
CA GLU D 373 9.94 9.10 -23.17
C GLU D 373 11.03 9.19 -22.10
N ARG D 374 10.62 9.47 -20.87
CA ARG D 374 11.55 9.46 -19.75
C ARG D 374 11.70 8.02 -19.24
N MET D 375 12.36 7.21 -20.07
CA MET D 375 12.61 5.79 -19.80
C MET D 375 14.09 5.48 -20.03
N GLY D 376 14.69 4.75 -19.09
CA GLY D 376 16.10 4.43 -19.19
C GLY D 376 17.04 5.59 -18.94
N MET D 377 18.33 5.28 -18.79
CA MET D 377 19.37 6.28 -18.63
C MET D 377 20.70 5.64 -19.03
N GLY D 378 21.37 6.23 -20.03
CA GLY D 378 22.66 5.75 -20.48
C GLY D 378 23.80 6.71 -20.14
N LEU D 379 25.00 6.16 -20.01
CA LEU D 379 26.16 6.98 -19.68
C LEU D 379 27.03 7.20 -20.91
N TYR D 380 27.57 8.42 -21.07
CA TYR D 380 28.46 8.75 -22.18
C TYR D 380 29.67 9.55 -21.68
N VAL D 381 30.77 9.48 -22.43
CA VAL D 381 32.00 10.22 -22.09
C VAL D 381 32.72 10.74 -23.34
N LYS D 382 33.39 11.89 -23.20
CA LYS D 382 34.32 12.39 -24.23
C LYS D 382 35.45 13.15 -23.54
N TYR D 383 36.69 12.88 -23.96
CA TYR D 383 37.86 13.58 -23.40
C TYR D 383 38.29 14.76 -24.27
N ASP D 384 38.42 15.95 -23.66
CA ASP D 384 38.94 17.17 -24.34
C ASP D 384 38.12 17.72 -25.50
N GLY D 385 38.75 18.58 -26.31
CA GLY D 385 38.07 19.26 -27.38
C GLY D 385 37.16 20.38 -26.87
N ASP D 386 36.38 20.96 -27.79
CA ASP D 386 35.46 22.03 -27.47
C ASP D 386 34.02 21.60 -27.75
N PRO D 387 33.20 21.46 -26.70
CA PRO D 387 31.83 20.94 -26.93
C PRO D 387 30.96 21.86 -27.80
N TRP D 388 31.40 23.11 -27.98
CA TRP D 388 30.73 24.08 -28.85
C TRP D 388 31.00 23.86 -30.34
N ALA D 389 32.10 23.18 -30.66
CA ALA D 389 32.54 23.05 -32.04
C ALA D 389 32.64 21.60 -32.53
N ASP D 390 32.74 20.65 -31.60
CA ASP D 390 32.95 19.24 -31.97
C ASP D 390 31.64 18.48 -32.23
N SER D 391 31.51 17.98 -33.46
CA SER D 391 30.30 17.26 -33.87
C SER D 391 30.33 15.77 -33.49
N ASP D 392 31.49 15.27 -33.08
CA ASP D 392 31.65 13.84 -32.77
C ASP D 392 30.62 13.28 -31.79
N ALA D 393 30.22 12.04 -32.02
CA ALA D 393 29.40 11.32 -31.06
C ALA D 393 30.16 11.15 -29.74
N LEU D 394 29.43 11.29 -28.64
CA LEU D 394 30.01 10.94 -27.35
C LEU D 394 30.11 9.41 -27.33
N ALA D 395 31.11 8.87 -26.64
CA ALA D 395 31.30 7.42 -26.59
C ALA D 395 30.31 6.79 -25.59
N PHE D 396 29.59 5.78 -26.03
CA PHE D 396 28.62 5.16 -25.16
C PHE D 396 29.35 4.39 -24.07
N SER D 397 28.92 4.54 -22.82
CA SER D 397 29.68 3.92 -21.74
C SER D 397 28.96 2.83 -20.95
N GLY D 398 27.64 2.72 -21.13
CA GLY D 398 26.89 1.69 -20.42
C GLY D 398 25.47 2.07 -20.06
N VAL D 399 24.62 1.06 -19.88
CA VAL D 399 23.24 1.28 -19.43
C VAL D 399 23.15 1.35 -17.90
N MET D 400 22.90 2.53 -17.34
CA MET D 400 22.73 2.65 -15.89
C MET D 400 21.32 2.23 -15.49
N VAL D 401 20.38 2.52 -16.37
CA VAL D 401 18.97 2.22 -16.14
C VAL D 401 18.38 1.75 -17.45
N SER D 402 17.85 0.53 -17.47
CA SER D 402 17.32 -0.04 -18.70
C SER D 402 16.07 0.71 -19.14
N MET D 403 15.68 0.55 -20.40
CA MET D 403 14.53 1.26 -20.92
C MET D 403 13.22 0.76 -20.34
N LYS D 404 13.27 -0.40 -19.69
CA LYS D 404 12.13 -0.91 -18.95
C LYS D 404 11.87 -0.14 -17.66
N GLU D 405 12.86 0.66 -17.23
CA GLU D 405 12.76 1.38 -15.94
C GLU D 405 12.73 2.90 -16.16
N PRO D 406 12.12 3.65 -15.23
CA PRO D 406 11.94 5.08 -15.44
C PRO D 406 13.25 5.84 -15.27
N GLY D 407 13.52 6.77 -16.17
CA GLY D 407 14.71 7.59 -16.11
C GLY D 407 14.33 9.05 -16.34
N TRP D 408 14.30 9.83 -15.26
CA TRP D 408 13.92 11.23 -15.39
C TRP D 408 15.12 12.16 -15.23
N TYR D 409 15.04 13.11 -14.30
CA TYR D 409 16.13 14.05 -14.12
C TYR D 409 17.40 13.28 -13.76
N SER D 410 18.53 13.82 -14.18
CA SER D 410 19.82 13.31 -13.72
C SER D 410 20.74 14.50 -13.48
N PHE D 411 21.80 14.29 -12.71
CA PHE D 411 22.58 15.41 -12.20
C PHE D 411 23.98 14.95 -11.85
N GLY D 412 24.90 15.90 -11.77
CA GLY D 412 26.29 15.62 -11.40
C GLY D 412 26.61 16.05 -9.98
N PHE D 413 27.59 15.38 -9.37
CA PHE D 413 28.16 15.80 -8.09
C PHE D 413 29.51 15.16 -7.84
N GLU D 414 30.24 15.67 -6.86
CA GLU D 414 31.54 15.09 -6.55
C GLU D 414 31.64 14.81 -5.08
N ILE D 415 32.18 13.64 -4.75
CA ILE D 415 32.44 13.29 -3.37
C ILE D 415 33.87 13.68 -3.12
N LYS D 416 34.16 14.22 -1.94
CA LYS D 416 35.53 14.52 -1.59
C LYS D 416 36.22 13.34 -0.87
N ASP D 417 37.11 12.65 -1.58
CA ASP D 417 38.02 11.70 -0.96
C ASP D 417 39.05 12.53 -0.22
N LYS D 418 40.02 11.88 0.42
CA LYS D 418 41.00 12.58 1.26
C LYS D 418 41.87 13.59 0.50
N GLU D 419 42.27 13.23 -0.72
CA GLU D 419 43.19 14.06 -1.46
C GLU D 419 42.75 14.27 -2.89
N CYS D 420 41.58 13.77 -3.25
CA CYS D 420 41.11 13.95 -4.61
C CYS D 420 39.60 13.89 -4.61
N ASP D 421 39.00 14.27 -5.74
CA ASP D 421 37.55 14.30 -5.85
C ASP D 421 37.02 13.12 -6.68
N VAL D 422 35.87 12.59 -6.30
CA VAL D 422 35.26 11.51 -7.06
C VAL D 422 34.01 11.95 -7.79
N PRO D 423 34.03 11.88 -9.12
CA PRO D 423 32.87 12.33 -9.90
C PRO D 423 31.74 11.31 -9.94
N CYS D 424 30.50 11.77 -9.84
CA CYS D 424 29.34 10.89 -9.82
C CYS D 424 28.20 11.46 -10.64
N ILE D 425 27.27 10.59 -11.06
CA ILE D 425 26.02 11.03 -11.66
C ILE D 425 24.87 10.38 -10.88
N GLY D 426 23.88 11.19 -10.50
CA GLY D 426 22.70 10.68 -9.84
C GLY D 426 21.53 10.70 -10.81
N ILE D 427 20.58 9.80 -10.61
CA ILE D 427 19.45 9.61 -11.52
C ILE D 427 18.13 9.59 -10.77
N GLU D 428 17.24 10.52 -11.08
CA GLU D 428 15.89 10.49 -10.53
C GLU D 428 15.08 9.42 -11.25
N MET D 429 14.55 8.46 -10.49
CA MET D 429 13.71 7.41 -11.06
C MET D 429 12.28 7.56 -10.51
N VAL D 430 11.45 8.23 -11.31
CA VAL D 430 10.11 8.61 -10.90
C VAL D 430 9.10 7.48 -11.00
N HIS D 431 8.36 7.26 -9.91
CA HIS D 431 7.21 6.37 -9.93
C HIS D 431 5.99 7.15 -10.44
N ASP D 432 5.63 6.94 -11.70
CA ASP D 432 4.49 7.64 -12.29
C ASP D 432 3.33 6.68 -12.57
N GLY D 433 2.23 6.88 -11.86
CA GLY D 433 1.02 6.10 -12.06
C GLY D 433 -0.09 6.98 -12.58
N GLY D 434 0.23 8.22 -12.88
CA GLY D 434 -0.79 9.15 -13.30
C GLY D 434 -1.24 9.98 -12.12
N LYS D 435 -2.29 10.78 -12.33
CA LYS D 435 -2.66 11.81 -11.36
C LYS D 435 -3.71 11.31 -10.38
N GLU D 436 -4.05 10.02 -10.49
CA GLU D 436 -5.05 9.45 -9.61
C GLU D 436 -4.41 8.68 -8.47
N THR D 437 -3.08 8.72 -8.41
CA THR D 437 -2.34 8.05 -7.35
C THR D 437 -1.17 8.93 -6.89
N TRP D 438 -0.30 8.39 -6.05
CA TRP D 438 0.84 9.18 -5.60
C TRP D 438 1.89 9.30 -6.72
N HIS D 439 2.75 10.30 -6.60
CA HIS D 439 3.78 10.58 -7.59
C HIS D 439 5.05 10.96 -6.84
N SER D 440 6.08 10.13 -6.90
CA SER D 440 7.30 10.41 -6.15
C SER D 440 8.46 9.74 -6.85
N ALA D 441 9.62 9.60 -6.22
CA ALA D 441 10.80 9.12 -6.95
C ALA D 441 11.88 8.45 -6.11
N ALA D 442 12.63 7.56 -6.75
CA ALA D 442 13.87 7.01 -6.19
C ALA D 442 15.11 7.70 -6.79
N THR D 443 16.26 7.47 -6.17
CA THR D 443 17.52 8.05 -6.61
C THR D 443 18.60 6.99 -6.76
N ALA D 444 19.19 6.90 -7.94
CA ALA D 444 20.27 5.96 -8.18
C ALA D 444 21.59 6.70 -8.40
N ILE D 445 22.68 6.20 -7.80
CA ILE D 445 24.00 6.82 -7.92
C ILE D 445 25.03 5.91 -8.60
N TYR D 446 25.76 6.47 -9.57
CA TYR D 446 26.89 5.85 -10.27
C TYR D 446 28.11 6.76 -10.11
N CYS D 447 29.28 6.19 -9.83
CA CYS D 447 30.49 7.00 -9.62
C CYS D 447 31.70 6.42 -10.36
N LEU D 448 32.69 7.25 -10.62
CA LEU D 448 33.94 6.79 -11.24
C LEU D 448 34.63 5.86 -10.25
N MET D 449 35.07 4.69 -10.73
CA MET D 449 35.44 3.59 -9.86
C MET D 449 36.23 2.52 -10.63
N GLY D 450 37.53 2.46 -10.38
CA GLY D 450 38.35 1.43 -11.00
C GLY D 450 38.42 1.55 -12.51
N SER D 451 38.65 0.43 -13.18
CA SER D 451 38.73 0.40 -14.64
C SER D 451 37.84 -0.67 -15.24
N GLY D 452 37.90 -0.82 -16.56
CA GLY D 452 37.03 -1.75 -17.26
C GLY D 452 35.76 -1.09 -17.77
N GLN D 453 34.66 -1.84 -17.77
CA GLN D 453 33.38 -1.34 -18.27
C GLN D 453 32.33 -1.34 -17.18
N LEU D 454 31.30 -0.52 -17.36
CA LEU D 454 30.16 -0.45 -16.46
C LEU D 454 29.40 -1.79 -16.50
N LEU D 455 29.19 -2.40 -15.33
CA LEU D 455 28.67 -3.77 -15.26
C LEU D 455 27.17 -3.94 -14.98
N TRP D 456 26.59 -3.16 -14.07
CA TRP D 456 25.18 -3.39 -13.72
C TRP D 456 24.27 -2.16 -13.77
N ASP D 457 23.01 -2.40 -14.13
CA ASP D 457 21.95 -1.40 -14.13
C ASP D 457 21.12 -1.39 -12.83
N THR D 458 20.23 -0.41 -12.71
CA THR D 458 19.48 -0.18 -11.47
C THR D 458 17.99 -0.28 -11.72
N VAL D 459 17.27 -0.97 -10.82
CA VAL D 459 15.82 -0.97 -10.83
C VAL D 459 15.37 -0.39 -9.49
N THR D 460 14.15 0.13 -9.41
CA THR D 460 13.66 0.68 -8.14
C THR D 460 13.03 -0.40 -7.24
N GLY D 461 12.49 -1.44 -7.86
CA GLY D 461 11.91 -2.55 -7.12
C GLY D 461 10.51 -2.26 -6.60
N VAL D 462 9.96 -1.11 -6.96
CA VAL D 462 8.68 -0.66 -6.41
C VAL D 462 7.45 -1.08 -7.23
N ASP D 463 6.47 -1.66 -6.55
CA ASP D 463 5.16 -1.91 -7.14
C ASP D 463 4.22 -0.85 -6.58
N MET D 464 3.77 0.05 -7.45
CA MET D 464 2.93 1.18 -7.03
C MET D 464 1.54 0.79 -6.55
N ALA D 465 1.14 -0.46 -6.78
CA ALA D 465 -0.17 -0.93 -6.30
C ALA D 465 -0.17 -1.24 -4.80
N LEU D 466 1.00 -1.41 -4.20
CA LEU D 466 1.08 -1.85 -2.80
C LEU D 466 0.93 -0.72 -1.75
N GLU E 77 -7.57 -54.00 10.22
CA GLU E 77 -7.80 -53.63 11.60
C GLU E 77 -7.43 -52.17 11.87
N PRO E 78 -8.39 -51.25 11.64
CA PRO E 78 -8.15 -49.81 11.55
C PRO E 78 -7.90 -49.14 12.89
N GLU E 79 -7.20 -48.02 12.86
CA GLU E 79 -6.91 -47.23 14.04
C GLU E 79 -7.81 -45.99 14.05
N TRP E 80 -7.91 -45.34 15.20
CA TRP E 80 -8.68 -44.10 15.27
C TRP E 80 -7.98 -43.03 14.45
N THR E 81 -8.74 -42.17 13.80
CA THR E 81 -8.12 -41.09 13.05
C THR E 81 -7.92 -39.80 13.85
N TYR E 82 -6.91 -39.03 13.42
CA TYR E 82 -6.54 -37.79 14.04
C TYR E 82 -6.38 -36.78 12.92
N PRO E 83 -6.55 -35.48 13.22
CA PRO E 83 -6.32 -34.47 12.19
C PRO E 83 -4.82 -34.37 11.89
N ARG E 84 -4.48 -34.23 10.62
CA ARG E 84 -3.07 -34.20 10.23
C ARG E 84 -2.70 -32.83 9.70
N LEU E 85 -1.43 -32.62 9.42
CA LEU E 85 -1.00 -31.41 8.72
C LEU E 85 -1.71 -31.38 7.38
N SER E 86 -2.05 -30.19 6.93
CA SER E 86 -2.71 -30.04 5.63
C SER E 86 -1.72 -30.27 4.51
N CYS E 87 -2.21 -30.73 3.37
CA CYS E 87 -1.36 -30.91 2.21
C CYS E 87 -0.81 -29.55 1.77
N PRO E 88 0.34 -29.55 1.08
CA PRO E 88 0.86 -28.26 0.61
C PRO E 88 -0.06 -27.62 -0.42
N GLY E 89 -0.17 -26.29 -0.35
CA GLY E 89 -1.03 -25.53 -1.25
C GLY E 89 -1.23 -24.14 -0.68
N SER E 90 -1.86 -23.27 -1.44
CA SER E 90 -2.03 -21.88 -1.02
C SER E 90 -3.26 -21.22 -1.64
N THR E 91 -3.90 -21.94 -2.56
CA THR E 91 -5.13 -21.45 -3.17
C THR E 91 -6.11 -22.59 -3.34
N PHE E 92 -7.39 -22.26 -3.41
CA PHE E 92 -8.44 -23.20 -3.74
C PHE E 92 -8.71 -23.11 -5.23
N GLN E 93 -9.29 -24.18 -5.77
CA GLN E 93 -9.68 -24.23 -7.17
C GLN E 93 -10.98 -25.00 -7.30
N LYS E 94 -11.69 -24.78 -8.40
CA LYS E 94 -12.88 -25.55 -8.69
C LYS E 94 -12.53 -27.02 -8.89
N ALA E 95 -13.19 -27.90 -8.13
CA ALA E 95 -12.87 -29.32 -8.16
C ALA E 95 -13.94 -30.15 -8.87
N LEU E 96 -15.18 -30.03 -8.40
CA LEU E 96 -16.24 -30.94 -8.82
C LEU E 96 -17.62 -30.33 -8.59
N LEU E 97 -18.57 -30.65 -9.47
CA LEU E 97 -19.95 -30.25 -9.30
C LEU E 97 -20.84 -31.48 -9.30
N ILE E 98 -21.79 -31.54 -8.37
CA ILE E 98 -22.79 -32.59 -8.36
C ILE E 98 -24.14 -31.91 -8.56
N SER E 99 -24.63 -31.96 -9.79
CA SER E 99 -25.86 -31.25 -10.15
C SER E 99 -26.86 -32.25 -10.68
N PRO E 100 -27.54 -32.96 -9.77
CA PRO E 100 -28.35 -34.12 -10.14
C PRO E 100 -29.55 -33.73 -10.99
N HIS E 101 -29.98 -32.48 -10.90
CA HIS E 101 -31.21 -32.08 -11.59
C HIS E 101 -30.98 -31.66 -13.04
N ARG E 102 -29.72 -31.72 -13.47
CA ARG E 102 -29.39 -31.73 -14.88
C ARG E 102 -30.05 -32.95 -15.55
N PHE E 103 -30.45 -33.94 -14.75
CA PHE E 103 -31.07 -35.14 -15.29
C PHE E 103 -32.52 -35.30 -14.83
N GLY E 104 -33.12 -34.20 -14.37
CA GLY E 104 -34.48 -34.25 -13.87
C GLY E 104 -35.56 -33.77 -14.83
N GLU E 105 -35.21 -33.57 -16.10
CA GLU E 105 -36.18 -33.08 -17.08
C GLU E 105 -37.25 -34.11 -17.45
N THR E 106 -38.43 -33.65 -17.86
CA THR E 106 -39.52 -34.58 -18.17
C THR E 106 -39.22 -35.55 -19.32
N LYS E 107 -38.49 -35.10 -20.33
CA LYS E 107 -38.14 -35.99 -21.43
C LYS E 107 -36.90 -36.85 -21.16
N GLY E 108 -36.47 -36.88 -19.90
CA GLY E 108 -35.33 -37.68 -19.47
C GLY E 108 -35.81 -38.96 -18.80
N ASN E 109 -34.87 -39.80 -18.37
CA ASN E 109 -35.21 -41.06 -17.70
C ASN E 109 -34.53 -41.24 -16.34
N SER E 110 -34.22 -40.13 -15.66
CA SER E 110 -33.52 -40.23 -14.40
C SER E 110 -34.39 -39.84 -13.20
N ALA E 111 -33.94 -40.24 -12.01
CA ALA E 111 -34.71 -39.99 -10.80
C ALA E 111 -33.81 -39.41 -9.71
N PRO E 112 -33.24 -38.21 -9.94
CA PRO E 112 -32.46 -37.60 -8.86
C PRO E 112 -33.39 -37.22 -7.69
N LEU E 113 -32.94 -37.45 -6.47
CA LEU E 113 -33.75 -37.16 -5.29
C LEU E 113 -33.85 -35.65 -5.01
N ILE E 114 -34.98 -35.26 -4.46
CA ILE E 114 -35.13 -33.89 -4.01
C ILE E 114 -34.55 -33.78 -2.59
N ILE E 115 -33.63 -32.84 -2.42
CA ILE E 115 -32.86 -32.70 -1.18
C ILE E 115 -32.61 -31.25 -0.81
N ARG E 116 -32.24 -31.02 0.44
CA ARG E 116 -31.54 -29.79 0.81
C ARG E 116 -30.55 -30.10 1.92
N GLU E 117 -29.86 -29.06 2.40
CA GLU E 117 -28.82 -29.21 3.43
C GLU E 117 -27.77 -30.30 3.11
N PRO E 118 -27.13 -30.22 1.95
CA PRO E 118 -26.11 -31.23 1.66
C PRO E 118 -24.83 -30.94 2.41
N PHE E 119 -24.07 -31.99 2.72
CA PHE E 119 -22.74 -31.83 3.27
C PHE E 119 -21.90 -33.05 2.98
N ILE E 120 -20.61 -32.94 3.19
CA ILE E 120 -19.69 -34.03 2.87
C ILE E 120 -18.86 -34.40 4.09
N ALA E 121 -18.61 -35.69 4.26
CA ALA E 121 -17.73 -36.19 5.31
C ALA E 121 -16.82 -37.28 4.75
N CYS E 122 -15.54 -37.25 5.10
CA CYS E 122 -14.61 -38.24 4.55
C CYS E 122 -14.02 -39.17 5.61
N GLY E 123 -13.90 -40.44 5.25
CA GLY E 123 -13.20 -41.41 6.07
C GLY E 123 -11.86 -41.64 5.41
N PRO E 124 -11.14 -42.67 5.86
CA PRO E 124 -9.79 -42.96 5.34
C PRO E 124 -9.81 -43.55 3.93
N ASN E 125 -10.95 -44.10 3.53
CA ASN E 125 -11.05 -44.72 2.21
C ASN E 125 -12.07 -44.05 1.30
N GLU E 126 -13.03 -43.35 1.88
CA GLU E 126 -14.15 -42.87 1.07
C GLU E 126 -14.73 -41.54 1.53
N CYS E 127 -15.14 -40.72 0.56
CA CYS E 127 -15.96 -39.55 0.86
C CYS E 127 -17.42 -39.84 0.58
N LYS E 128 -18.27 -39.53 1.55
CA LYS E 128 -19.71 -39.64 1.39
C LYS E 128 -20.34 -38.28 1.26
N HIS E 129 -21.30 -38.19 0.35
CA HIS E 129 -22.04 -36.96 0.08
C HIS E 129 -23.43 -37.12 0.71
N PHE E 130 -23.67 -36.43 1.82
CA PHE E 130 -24.94 -36.57 2.55
C PHE E 130 -25.93 -35.47 2.20
N ALA E 131 -27.22 -35.75 2.44
CA ALA E 131 -28.24 -34.71 2.43
C ALA E 131 -29.52 -35.17 3.14
N LEU E 132 -30.43 -34.22 3.32
CA LEU E 132 -31.75 -34.48 3.87
C LEU E 132 -32.73 -34.48 2.71
N THR E 133 -33.30 -35.64 2.39
CA THR E 133 -34.23 -35.74 1.29
C THR E 133 -35.66 -35.51 1.76
N HIS E 134 -36.50 -35.05 0.84
CA HIS E 134 -37.93 -34.97 1.08
C HIS E 134 -38.62 -36.25 0.66
N TYR E 135 -37.84 -37.32 0.53
CA TYR E 135 -38.33 -38.64 0.09
C TYR E 135 -39.14 -38.52 -1.20
N ALA E 136 -38.59 -37.84 -2.19
CA ALA E 136 -39.30 -37.59 -3.44
C ALA E 136 -38.31 -37.26 -4.55
N ALA E 137 -38.65 -37.65 -5.76
CA ALA E 137 -37.76 -37.46 -6.90
C ALA E 137 -38.33 -36.50 -7.94
N GLN E 138 -37.45 -35.98 -8.79
CA GLN E 138 -37.83 -35.21 -9.97
C GLN E 138 -37.40 -35.95 -11.23
N PRO E 139 -38.35 -36.25 -12.13
CA PRO E 139 -39.77 -35.90 -12.09
C PRO E 139 -40.55 -36.78 -11.10
N GLY E 140 -41.64 -36.23 -10.58
CA GLY E 140 -42.50 -36.91 -9.63
C GLY E 140 -43.71 -36.06 -9.32
N GLY E 141 -44.55 -36.53 -8.41
CA GLY E 141 -45.77 -35.82 -8.06
C GLY E 141 -45.83 -35.36 -6.61
N TYR E 142 -44.72 -35.43 -5.91
CA TYR E 142 -44.71 -35.03 -4.51
C TYR E 142 -43.93 -33.75 -4.26
N TYR E 143 -44.04 -32.79 -5.17
CA TYR E 143 -43.36 -31.51 -5.02
C TYR E 143 -43.91 -30.70 -3.84
N ASN E 144 -45.24 -30.73 -3.67
CA ASN E 144 -45.91 -29.99 -2.60
C ASN E 144 -45.35 -30.30 -1.21
N GLY E 145 -44.69 -29.32 -0.61
CA GLY E 145 -44.09 -29.49 0.70
C GLY E 145 -42.59 -29.65 0.69
N THR E 146 -41.98 -29.66 -0.50
CA THR E 146 -40.52 -29.75 -0.60
C THR E 146 -39.84 -28.43 -0.25
N ARG E 147 -40.62 -27.40 0.07
CA ARG E 147 -40.04 -26.13 0.46
C ARG E 147 -40.16 -25.90 1.96
N GLY E 148 -40.77 -26.85 2.66
CA GLY E 148 -40.82 -26.81 4.11
C GLY E 148 -39.54 -27.37 4.70
N ASP E 149 -39.26 -27.05 5.96
CA ASP E 149 -38.04 -27.51 6.58
C ASP E 149 -38.20 -28.87 7.29
N ARG E 150 -39.41 -29.17 7.75
CA ARG E 150 -39.60 -30.35 8.57
C ARG E 150 -40.89 -31.07 8.20
N ASN E 151 -40.83 -32.40 8.20
CA ASN E 151 -41.99 -33.27 8.02
C ASN E 151 -41.64 -34.73 8.36
N LYS E 152 -42.65 -35.59 8.40
CA LYS E 152 -42.45 -36.97 8.85
C LYS E 152 -41.78 -37.87 7.83
N LEU E 153 -41.53 -37.33 6.64
CA LEU E 153 -40.92 -38.10 5.56
C LEU E 153 -39.40 -37.88 5.41
N ARG E 154 -38.89 -36.76 5.90
CA ARG E 154 -37.49 -36.42 5.63
C ARG E 154 -36.49 -37.41 6.23
N HIS E 155 -35.46 -37.71 5.46
CA HIS E 155 -34.49 -38.74 5.83
C HIS E 155 -33.10 -38.24 5.51
N LEU E 156 -32.11 -38.69 6.28
CA LEU E 156 -30.72 -38.50 5.92
C LEU E 156 -30.33 -39.60 4.93
N ILE E 157 -29.81 -39.20 3.77
CA ILE E 157 -29.35 -40.14 2.75
C ILE E 157 -27.90 -39.82 2.37
N SER E 158 -27.21 -40.79 1.78
CA SER E 158 -25.87 -40.54 1.23
C SER E 158 -25.62 -41.32 -0.06
N VAL E 159 -24.58 -40.89 -0.79
CA VAL E 159 -23.96 -41.66 -1.85
C VAL E 159 -22.48 -41.43 -1.72
N LYS E 160 -21.69 -42.27 -2.37
CA LYS E 160 -20.26 -42.00 -2.54
C LYS E 160 -20.09 -40.72 -3.32
N LEU E 161 -19.26 -39.81 -2.82
CA LEU E 161 -18.99 -38.54 -3.50
C LEU E 161 -18.51 -38.83 -4.93
N GLY E 162 -19.14 -38.19 -5.89
CA GLY E 162 -18.84 -38.45 -7.29
C GLY E 162 -19.97 -39.22 -7.97
N LYS E 163 -20.86 -39.80 -7.18
CA LYS E 163 -22.03 -40.47 -7.72
C LYS E 163 -23.21 -39.52 -7.68
N ILE E 164 -24.16 -39.72 -8.58
CA ILE E 164 -25.36 -38.89 -8.60
C ILE E 164 -26.38 -39.43 -7.58
N PRO E 165 -26.88 -38.55 -6.71
CA PRO E 165 -27.81 -38.91 -5.63
C PRO E 165 -29.22 -39.22 -6.16
N THR E 166 -29.40 -40.41 -6.72
CA THR E 166 -30.71 -40.83 -7.22
C THR E 166 -31.41 -41.79 -6.26
N VAL E 167 -32.64 -42.15 -6.61
CA VAL E 167 -33.42 -43.14 -5.88
C VAL E 167 -32.64 -44.44 -5.71
N GLU E 168 -32.05 -44.92 -6.81
CA GLU E 168 -31.35 -46.20 -6.78
C GLU E 168 -29.93 -46.13 -6.21
N ASN E 169 -29.21 -45.04 -6.47
CA ASN E 169 -27.84 -44.91 -5.97
C ASN E 169 -27.73 -44.62 -4.47
N SER E 170 -28.75 -43.97 -3.93
CA SER E 170 -28.69 -43.50 -2.54
C SER E 170 -29.00 -44.59 -1.52
N ILE E 171 -28.54 -44.37 -0.30
CA ILE E 171 -28.91 -45.24 0.79
C ILE E 171 -29.57 -44.40 1.90
N PHE E 172 -30.69 -44.88 2.41
CA PHE E 172 -31.42 -44.16 3.43
C PHE E 172 -30.97 -44.60 4.82
N HIS E 173 -30.35 -43.67 5.55
CA HIS E 173 -29.75 -43.99 6.84
C HIS E 173 -30.75 -44.02 8.00
N MET E 174 -31.59 -43.00 8.09
CA MET E 174 -32.56 -42.86 9.18
C MET E 174 -33.45 -41.65 8.94
N ALA E 175 -34.61 -41.64 9.59
CA ALA E 175 -35.50 -40.48 9.52
C ALA E 175 -34.89 -39.27 10.24
N ALA E 176 -34.86 -38.14 9.55
CA ALA E 176 -34.25 -36.93 10.08
C ALA E 176 -34.62 -35.70 9.25
N TRP E 177 -34.84 -34.58 9.94
CA TRP E 177 -34.90 -33.28 9.27
C TRP E 177 -33.76 -32.36 9.69
N SER E 178 -32.80 -32.93 10.41
CA SER E 178 -31.58 -32.21 10.77
C SER E 178 -30.53 -33.29 11.00
N GLY E 179 -29.30 -33.08 10.51
CA GLY E 179 -28.32 -34.14 10.60
C GLY E 179 -26.83 -33.81 10.54
N SER E 180 -26.03 -34.84 10.78
CA SER E 180 -24.57 -34.74 10.71
C SER E 180 -24.07 -36.16 10.53
N ALA E 181 -22.77 -36.30 10.27
CA ALA E 181 -22.14 -37.62 10.16
C ALA E 181 -20.64 -37.40 10.16
N CYS E 182 -19.90 -38.43 10.58
CA CYS E 182 -18.45 -38.37 10.63
C CYS E 182 -17.86 -39.75 10.83
N HIS E 183 -16.64 -39.92 10.33
CA HIS E 183 -15.96 -41.20 10.42
C HIS E 183 -14.88 -41.09 11.49
N ASP E 184 -14.80 -42.08 12.38
CA ASP E 184 -13.83 -42.07 13.48
C ASP E 184 -12.54 -42.84 13.15
N GLY E 185 -12.48 -43.44 11.97
CA GLY E 185 -11.34 -44.23 11.55
C GLY E 185 -11.72 -45.69 11.46
N LYS E 186 -12.79 -46.06 12.18
CA LYS E 186 -13.27 -47.42 12.22
C LYS E 186 -14.66 -47.55 11.60
N GLU E 187 -15.55 -46.63 11.95
CA GLU E 187 -16.95 -46.74 11.57
C GLU E 187 -17.61 -45.37 11.37
N TRP E 188 -18.75 -45.38 10.68
CA TRP E 188 -19.57 -44.19 10.52
C TRP E 188 -20.52 -43.95 11.69
N THR E 189 -20.59 -42.69 12.12
CA THR E 189 -21.59 -42.23 13.06
C THR E 189 -22.56 -41.36 12.27
N TYR E 190 -23.84 -41.71 12.31
CA TYR E 190 -24.86 -40.94 11.63
C TYR E 190 -25.77 -40.28 12.66
N ILE E 191 -25.99 -38.99 12.51
CA ILE E 191 -26.81 -38.22 13.46
C ILE E 191 -28.04 -37.72 12.72
N GLY E 192 -29.21 -37.92 13.31
CA GLY E 192 -30.44 -37.50 12.67
C GLY E 192 -31.56 -37.14 13.63
N VAL E 193 -31.97 -35.88 13.59
CA VAL E 193 -32.97 -35.37 14.49
C VAL E 193 -34.35 -35.37 13.84
N ASP E 194 -35.34 -35.98 14.50
CA ASP E 194 -36.73 -35.87 14.07
C ASP E 194 -37.68 -35.71 15.25
N GLY E 195 -38.98 -35.64 14.99
CA GLY E 195 -39.96 -35.48 16.04
C GLY E 195 -40.75 -34.18 15.97
N PRO E 196 -41.74 -34.04 16.85
CA PRO E 196 -42.53 -32.80 16.91
C PRO E 196 -41.63 -31.64 17.34
N ASP E 197 -41.89 -30.43 16.84
CA ASP E 197 -41.05 -29.26 17.12
C ASP E 197 -40.81 -29.06 18.61
N ASN E 198 -41.91 -29.09 19.36
CA ASN E 198 -41.89 -28.85 20.81
C ASN E 198 -41.10 -29.92 21.58
N ASP E 199 -40.92 -31.09 20.99
CA ASP E 199 -40.20 -32.18 21.66
C ASP E 199 -39.42 -33.05 20.69
N ALA E 200 -38.49 -32.43 19.97
CA ALA E 200 -37.69 -33.13 18.97
C ALA E 200 -36.72 -34.09 19.65
N LEU E 201 -36.12 -34.97 18.84
CA LEU E 201 -35.24 -36.04 19.34
C LEU E 201 -34.04 -36.29 18.41
N LEU E 202 -32.84 -36.19 18.97
CA LEU E 202 -31.62 -36.52 18.25
C LEU E 202 -31.36 -38.02 18.34
N LYS E 203 -31.06 -38.65 17.20
CA LYS E 203 -30.78 -40.08 17.15
C LYS E 203 -29.36 -40.34 16.62
N VAL E 204 -28.67 -41.24 17.30
CA VAL E 204 -27.32 -41.63 16.93
C VAL E 204 -27.32 -43.06 16.39
N LYS E 205 -26.65 -43.24 15.27
CA LYS E 205 -26.52 -44.54 14.65
C LYS E 205 -25.04 -44.80 14.40
N TYR E 206 -24.58 -45.99 14.76
CA TYR E 206 -23.19 -46.38 14.58
C TYR E 206 -23.15 -47.61 13.66
N GLY E 207 -22.73 -47.39 12.41
CA GLY E 207 -22.79 -48.43 11.40
C GLY E 207 -24.24 -48.68 11.04
N GLU E 208 -24.72 -49.89 11.32
CA GLU E 208 -26.11 -50.27 11.05
C GLU E 208 -26.99 -50.13 12.29
N ALA E 209 -26.38 -49.93 13.44
CA ALA E 209 -27.08 -50.04 14.72
C ALA E 209 -27.43 -48.70 15.35
N TYR E 210 -28.71 -48.49 15.64
CA TYR E 210 -29.14 -47.34 16.43
C TYR E 210 -28.67 -47.54 17.85
N THR E 211 -28.02 -46.53 18.42
CA THR E 211 -27.24 -46.73 19.64
C THR E 211 -27.56 -45.76 20.79
N ASP E 212 -28.11 -44.59 20.50
CA ASP E 212 -28.39 -43.61 21.55
C ASP E 212 -29.35 -42.52 21.09
N THR E 213 -29.87 -41.73 22.04
CA THR E 213 -30.71 -40.58 21.73
C THR E 213 -30.39 -39.40 22.64
N TYR E 214 -30.86 -38.21 22.26
CA TYR E 214 -30.73 -37.03 23.11
C TYR E 214 -31.98 -36.16 23.00
N HIS E 215 -32.57 -35.86 24.16
CA HIS E 215 -33.86 -35.18 24.20
C HIS E 215 -33.76 -33.67 24.15
N SER E 216 -34.87 -33.03 23.81
CA SER E 216 -34.95 -31.57 23.73
C SER E 216 -34.81 -30.98 25.12
N TYR E 217 -33.99 -29.94 25.25
CA TYR E 217 -33.76 -29.34 26.57
C TYR E 217 -34.40 -27.96 26.72
N ALA E 218 -34.84 -27.38 25.62
CA ALA E 218 -35.51 -26.08 25.66
C ALA E 218 -36.90 -26.17 25.05
N ASN E 219 -37.18 -27.30 24.41
CA ASN E 219 -38.50 -27.60 23.86
C ASN E 219 -39.01 -26.62 22.81
N LYS E 220 -38.10 -25.94 22.13
CA LYS E 220 -38.47 -25.03 21.05
C LYS E 220 -38.19 -25.67 19.70
N LEU E 221 -36.94 -26.08 19.46
CA LEU E 221 -36.60 -26.87 18.25
C LEU E 221 -35.18 -27.44 18.30
N LEU E 222 -35.03 -28.61 18.89
CA LEU E 222 -33.73 -29.30 18.90
C LEU E 222 -33.28 -29.54 17.45
N ARG E 223 -32.01 -29.25 17.17
CA ARG E 223 -31.46 -29.31 15.82
C ARG E 223 -29.94 -29.38 15.87
N THR E 224 -29.30 -29.67 14.73
CA THR E 224 -27.85 -29.88 14.73
C THR E 224 -27.15 -29.20 13.53
N GLN E 225 -25.93 -29.65 13.24
CA GLN E 225 -24.98 -28.93 12.39
C GLN E 225 -25.34 -28.77 10.91
N GLU E 226 -25.98 -29.78 10.33
CA GLU E 226 -26.12 -29.89 8.88
C GLU E 226 -24.75 -29.88 8.19
N SER E 227 -23.75 -30.40 8.89
CA SER E 227 -22.44 -30.68 8.31
C SER E 227 -21.69 -31.65 9.21
N ALA E 228 -20.52 -32.08 8.76
CA ALA E 228 -19.78 -33.16 9.40
C ALA E 228 -19.40 -32.88 10.85
N CYS E 229 -19.61 -33.86 11.73
CA CYS E 229 -19.06 -33.78 13.07
C CYS E 229 -17.58 -34.10 12.99
N ASN E 230 -16.90 -34.11 14.12
CA ASN E 230 -15.46 -34.24 14.11
C ASN E 230 -14.97 -35.27 15.09
N CYS E 231 -14.15 -36.19 14.61
CA CYS E 231 -13.67 -37.28 15.44
C CYS E 231 -12.17 -37.18 15.71
N ILE E 232 -11.79 -37.45 16.94
CA ILE E 232 -10.38 -37.58 17.29
C ILE E 232 -10.24 -38.65 18.35
N GLY E 233 -9.33 -39.59 18.12
CA GLY E 233 -9.16 -40.71 19.01
C GLY E 233 -10.45 -41.42 19.36
N GLY E 234 -11.36 -41.54 18.40
CA GLY E 234 -12.61 -42.25 18.64
C GLY E 234 -13.68 -41.42 19.33
N ASN E 235 -13.34 -40.20 19.69
CA ASN E 235 -14.32 -39.28 20.27
C ASN E 235 -14.82 -38.28 19.25
N CYS E 236 -16.12 -38.32 18.99
CA CYS E 236 -16.72 -37.43 18.02
C CYS E 236 -17.44 -36.29 18.74
N TYR E 237 -17.16 -35.07 18.31
CA TYR E 237 -17.75 -33.89 18.92
C TYR E 237 -18.81 -33.30 18.01
N LEU E 238 -19.99 -33.09 18.58
CA LEU E 238 -21.13 -32.64 17.80
C LEU E 238 -21.80 -31.43 18.46
N MET E 239 -22.08 -30.40 17.68
CA MET E 239 -22.86 -29.27 18.17
C MET E 239 -24.34 -29.56 18.03
N ILE E 240 -25.09 -29.31 19.08
CA ILE E 240 -26.54 -29.31 19.02
C ILE E 240 -27.01 -27.96 19.58
N THR E 241 -28.25 -27.61 19.28
CA THR E 241 -28.83 -26.38 19.79
C THR E 241 -30.35 -26.50 19.87
N ASP E 242 -30.96 -25.66 20.68
CA ASP E 242 -32.39 -25.72 20.94
C ASP E 242 -32.84 -24.35 21.44
N GLY E 243 -33.87 -23.81 20.82
CA GLY E 243 -34.37 -22.50 21.19
C GLY E 243 -35.01 -21.82 20.01
N SER E 244 -35.55 -20.63 20.26
CA SER E 244 -36.24 -19.87 19.24
C SER E 244 -35.30 -19.42 18.12
N ALA E 245 -35.86 -19.30 16.92
CA ALA E 245 -35.08 -18.87 15.76
C ALA E 245 -34.87 -17.38 15.79
N SER E 246 -35.65 -16.69 16.63
CA SER E 246 -35.57 -15.25 16.76
C SER E 246 -35.38 -14.82 18.22
N GLY E 247 -34.92 -15.75 19.05
CA GLY E 247 -34.62 -15.46 20.44
C GLY E 247 -33.40 -16.25 20.87
N VAL E 248 -33.44 -16.76 22.10
CA VAL E 248 -32.31 -17.49 22.66
C VAL E 248 -32.24 -18.96 22.23
N SER E 249 -31.08 -19.35 21.70
CA SER E 249 -30.75 -20.74 21.43
C SER E 249 -29.36 -21.01 22.00
N GLU E 250 -29.33 -21.56 23.21
CA GLU E 250 -28.07 -21.81 23.90
C GLU E 250 -27.55 -23.20 23.56
N CYS E 251 -26.52 -23.25 22.73
CA CYS E 251 -26.05 -24.51 22.18
C CYS E 251 -25.27 -25.35 23.19
N ARG E 252 -25.15 -26.64 22.87
CA ARG E 252 -24.36 -27.58 23.66
C ARG E 252 -23.52 -28.43 22.71
N PHE E 253 -22.51 -29.09 23.24
CA PHE E 253 -21.73 -30.03 22.45
C PHE E 253 -21.80 -31.42 23.05
N LEU E 254 -22.09 -32.40 22.21
CA LEU E 254 -22.10 -33.78 22.66
C LEU E 254 -20.78 -34.44 22.34
N LYS E 255 -20.31 -35.27 23.25
CA LYS E 255 -19.13 -36.07 23.01
C LYS E 255 -19.59 -37.51 22.83
N ILE E 256 -19.45 -38.00 21.60
CA ILE E 256 -19.98 -39.29 21.22
C ILE E 256 -18.85 -40.29 20.92
N ARG E 257 -18.89 -41.44 21.57
CA ARG E 257 -17.88 -42.45 21.33
C ARG E 257 -18.51 -43.80 20.96
N GLU E 258 -18.18 -44.30 19.77
CA GLU E 258 -18.75 -45.54 19.23
C GLU E 258 -20.26 -45.55 19.32
N GLY E 259 -20.89 -44.45 18.91
CA GLY E 259 -22.34 -44.39 18.86
C GLY E 259 -23.03 -44.01 20.16
N ARG E 260 -22.27 -43.90 21.24
CA ARG E 260 -22.87 -43.56 22.53
C ARG E 260 -22.38 -42.23 23.12
N ILE E 261 -23.32 -41.47 23.67
CA ILE E 261 -23.04 -40.17 24.27
C ILE E 261 -22.47 -40.30 25.68
N ILE E 262 -21.28 -39.78 25.88
CA ILE E 262 -20.52 -40.01 27.10
C ILE E 262 -20.27 -38.74 27.89
N LYS E 263 -20.54 -37.59 27.26
CA LYS E 263 -20.38 -36.31 27.95
C LYS E 263 -21.09 -35.17 27.24
N GLU E 264 -21.77 -34.32 28.01
CA GLU E 264 -22.34 -33.09 27.50
C GLU E 264 -21.33 -31.99 27.77
N ILE E 265 -21.28 -30.98 26.91
CA ILE E 265 -20.40 -29.85 27.14
C ILE E 265 -21.21 -28.57 27.01
N PHE E 266 -21.11 -27.70 28.01
CA PHE E 266 -21.86 -26.44 28.04
C PHE E 266 -20.91 -25.27 27.86
N PRO E 267 -21.02 -24.56 26.72
CA PRO E 267 -20.11 -23.47 26.41
C PRO E 267 -20.38 -22.24 27.27
N THR E 268 -19.32 -21.48 27.55
CA THR E 268 -19.45 -20.26 28.31
C THR E 268 -19.12 -19.09 27.42
N GLY E 269 -19.35 -17.88 27.95
CA GLY E 269 -19.14 -16.67 27.19
C GLY E 269 -20.42 -16.21 26.53
N ARG E 270 -20.31 -15.86 25.25
CA ARG E 270 -21.43 -15.35 24.45
C ARG E 270 -22.28 -16.51 23.94
N VAL E 271 -23.32 -16.87 24.69
CA VAL E 271 -24.14 -18.04 24.33
C VAL E 271 -25.57 -17.69 23.94
N LYS E 272 -25.86 -16.40 23.79
CA LYS E 272 -27.19 -15.91 23.41
C LYS E 272 -27.86 -16.73 22.30
N HIS E 273 -27.13 -16.96 21.22
CA HIS E 273 -27.66 -17.73 20.10
C HIS E 273 -26.54 -18.30 19.25
N THR E 274 -26.51 -19.63 19.16
CA THR E 274 -25.53 -20.32 18.34
C THR E 274 -26.21 -21.47 17.62
N GLU E 275 -26.19 -21.47 16.29
CA GLU E 275 -26.75 -22.59 15.54
C GLU E 275 -25.94 -22.95 14.30
N GLU E 276 -26.13 -24.19 13.85
CA GLU E 276 -25.57 -24.70 12.60
C GLU E 276 -24.09 -24.44 12.44
N CYS E 277 -23.34 -24.88 13.44
CA CYS E 277 -21.91 -24.64 13.47
C CYS E 277 -21.22 -25.46 12.37
N THR E 278 -20.27 -24.83 11.70
CA THR E 278 -19.42 -25.50 10.75
C THR E 278 -18.08 -25.66 11.46
N CYS E 279 -17.75 -26.89 11.82
CA CYS E 279 -16.61 -27.12 12.72
C CYS E 279 -15.48 -27.90 12.06
N GLY E 280 -14.30 -27.81 12.67
CA GLY E 280 -13.13 -28.52 12.19
C GLY E 280 -12.01 -28.36 13.21
N PHE E 281 -10.92 -29.09 13.00
CA PHE E 281 -9.78 -29.04 13.89
C PHE E 281 -8.80 -27.94 13.50
N ALA E 282 -8.50 -27.05 14.46
CA ALA E 282 -7.39 -26.11 14.32
C ALA E 282 -6.08 -26.78 14.73
N SER E 283 -6.19 -27.83 15.54
CA SER E 283 -5.03 -28.58 16.03
C SER E 283 -5.53 -29.84 16.73
N ASN E 284 -4.61 -30.56 17.36
CA ASN E 284 -4.99 -31.77 18.07
C ASN E 284 -5.75 -31.45 19.35
N LYS E 285 -5.64 -30.20 19.79
CA LYS E 285 -6.21 -29.76 21.04
C LYS E 285 -7.50 -28.94 20.88
N THR E 286 -7.62 -28.22 19.77
CA THR E 286 -8.75 -27.31 19.59
C THR E 286 -9.61 -27.65 18.38
N ILE E 287 -10.93 -27.62 18.58
CA ILE E 287 -11.91 -27.61 17.49
C ILE E 287 -12.52 -26.21 17.42
N GLU E 288 -12.55 -25.64 16.22
CA GLU E 288 -13.15 -24.31 16.05
C GLU E 288 -14.39 -24.35 15.16
N CYS E 289 -15.42 -23.59 15.54
CA CYS E 289 -16.63 -23.52 14.73
C CYS E 289 -17.04 -22.11 14.35
N ALA E 290 -17.37 -21.94 13.07
CA ALA E 290 -17.92 -20.70 12.57
C ALA E 290 -19.42 -20.94 12.44
N CYS E 291 -20.21 -20.27 13.28
CA CYS E 291 -21.62 -20.62 13.41
C CYS E 291 -22.57 -19.53 12.92
N ARG E 292 -23.84 -19.72 13.19
CA ARG E 292 -24.87 -18.82 12.70
C ARG E 292 -25.68 -18.24 13.86
N ASP E 293 -25.86 -16.93 13.86
CA ASP E 293 -26.81 -16.27 14.76
C ASP E 293 -27.98 -15.75 13.95
N ASN E 294 -29.13 -16.37 14.14
CA ASN E 294 -30.32 -16.04 13.37
C ASN E 294 -31.14 -14.90 13.97
N SER E 295 -30.77 -14.49 15.18
CA SER E 295 -31.54 -13.48 15.89
C SER E 295 -30.82 -12.13 16.07
N TYR E 296 -29.64 -12.16 16.67
CA TYR E 296 -29.05 -10.94 17.20
C TYR E 296 -28.00 -10.23 16.33
N THR E 297 -27.25 -10.97 15.53
CA THR E 297 -26.09 -10.37 14.84
C THR E 297 -25.71 -11.01 13.50
N ALA E 298 -25.03 -10.24 12.66
CA ALA E 298 -24.54 -10.74 11.38
C ALA E 298 -23.07 -11.14 11.47
N LYS E 299 -22.51 -11.03 12.67
CA LYS E 299 -21.18 -11.55 12.92
C LYS E 299 -21.39 -13.00 13.30
N ARG E 300 -20.52 -13.89 12.81
CA ARG E 300 -20.66 -15.29 13.13
C ARG E 300 -20.13 -15.56 14.52
N PRO E 301 -20.95 -16.20 15.37
CA PRO E 301 -20.45 -16.71 16.65
C PRO E 301 -19.30 -17.68 16.39
N PHE E 302 -18.24 -17.58 17.20
CA PHE E 302 -17.04 -18.40 17.01
C PHE E 302 -16.72 -19.23 18.24
N VAL E 303 -16.77 -20.55 18.08
CA VAL E 303 -16.55 -21.49 19.16
C VAL E 303 -15.12 -21.99 19.18
N LYS E 304 -14.52 -22.03 20.37
CA LYS E 304 -13.24 -22.69 20.56
C LYS E 304 -13.43 -23.83 21.54
N LEU E 305 -13.26 -25.06 21.07
CA LEU E 305 -13.51 -26.22 21.92
C LEU E 305 -12.22 -26.96 22.21
N ASN E 306 -11.91 -27.10 23.50
CA ASN E 306 -10.72 -27.81 23.92
C ASN E 306 -11.08 -29.26 24.15
N VAL E 307 -10.54 -30.14 23.31
CA VAL E 307 -10.89 -31.56 23.37
C VAL E 307 -10.02 -32.30 24.37
N GLU E 308 -9.02 -31.61 24.90
CA GLU E 308 -8.20 -32.16 25.96
C GLU E 308 -8.90 -32.01 27.31
N THR E 309 -9.70 -30.95 27.44
CA THR E 309 -10.38 -30.68 28.71
C THR E 309 -11.91 -30.62 28.57
N ASP E 310 -12.40 -30.77 27.34
CA ASP E 310 -13.84 -30.75 27.07
C ASP E 310 -14.56 -29.52 27.61
N THR E 311 -13.95 -28.36 27.39
CA THR E 311 -14.59 -27.09 27.68
C THR E 311 -14.66 -26.30 26.39
N ALA E 312 -15.67 -25.46 26.27
CA ALA E 312 -15.82 -24.62 25.10
C ALA E 312 -16.21 -23.19 25.49
N GLU E 313 -15.67 -22.23 24.74
CA GLU E 313 -16.02 -20.83 24.90
C GLU E 313 -16.45 -20.30 23.55
N ILE E 314 -17.37 -19.34 23.56
CA ILE E 314 -17.82 -18.71 22.32
C ILE E 314 -17.72 -17.20 22.42
N ARG E 315 -17.21 -16.57 21.37
CA ARG E 315 -17.25 -15.11 21.24
C ARG E 315 -17.52 -14.81 19.77
N LEU E 316 -17.95 -13.60 19.45
CA LEU E 316 -18.22 -13.25 18.06
C LEU E 316 -16.92 -13.03 17.29
N MET E 317 -16.92 -13.43 16.01
CA MET E 317 -15.82 -13.09 15.12
C MET E 317 -15.72 -11.58 15.03
N CYS E 318 -14.51 -11.04 15.12
CA CYS E 318 -14.35 -9.59 15.15
C CYS E 318 -14.12 -8.99 13.76
N THR E 319 -13.79 -9.83 12.78
CA THR E 319 -13.43 -9.34 11.45
C THR E 319 -14.47 -8.43 10.79
N ASP E 320 -13.99 -7.36 10.16
CA ASP E 320 -14.86 -6.44 9.43
C ASP E 320 -15.65 -7.14 8.32
N THR E 321 -15.11 -8.26 7.84
CA THR E 321 -15.70 -9.02 6.74
C THR E 321 -16.78 -9.95 7.28
N TYR E 322 -17.91 -9.38 7.69
CA TYR E 322 -19.04 -10.13 8.24
C TYR E 322 -19.41 -11.28 7.31
N LEU E 323 -19.63 -12.47 7.87
CA LEU E 323 -19.80 -13.68 7.07
C LEU E 323 -21.24 -14.15 6.91
N ASP E 324 -22.15 -13.60 7.70
CA ASP E 324 -23.55 -14.05 7.70
C ASP E 324 -24.33 -13.43 6.55
N THR E 325 -25.57 -13.91 6.35
CA THR E 325 -26.47 -13.32 5.38
C THR E 325 -27.90 -13.35 5.93
N PRO E 326 -28.53 -12.17 6.08
CA PRO E 326 -28.04 -10.85 5.65
C PRO E 326 -26.95 -10.26 6.55
N ARG E 327 -26.36 -9.17 6.08
CA ARG E 327 -25.33 -8.45 6.82
C ARG E 327 -25.28 -7.00 6.34
N PRO E 328 -24.78 -6.09 7.20
CA PRO E 328 -24.56 -4.71 6.78
C PRO E 328 -23.27 -4.58 5.96
N ASP E 329 -22.92 -3.36 5.56
CA ASP E 329 -21.67 -3.13 4.84
C ASP E 329 -20.46 -3.59 5.67
N ASP E 330 -19.41 -4.03 4.99
CA ASP E 330 -18.20 -4.45 5.69
C ASP E 330 -17.64 -3.36 6.58
N GLY E 331 -17.32 -3.73 7.82
CA GLY E 331 -16.74 -2.81 8.79
C GLY E 331 -17.71 -1.78 9.34
N SER E 332 -18.95 -1.84 8.87
CA SER E 332 -19.97 -0.86 9.24
C SER E 332 -20.40 -0.92 10.71
N ILE E 333 -20.17 -2.04 11.36
CA ILE E 333 -20.58 -2.18 12.76
C ILE E 333 -19.63 -1.45 13.69
N THR E 334 -20.06 -0.27 14.15
CA THR E 334 -19.24 0.58 15.00
C THR E 334 -19.05 -0.06 16.37
N GLY E 335 -18.04 0.40 17.09
CA GLY E 335 -17.77 -0.10 18.42
C GLY E 335 -16.84 -1.30 18.40
N PRO E 336 -16.52 -1.85 19.58
CA PRO E 336 -15.54 -2.94 19.69
C PRO E 336 -16.02 -4.27 19.12
N CYS E 337 -15.22 -5.31 19.32
CA CYS E 337 -15.46 -6.64 18.75
C CYS E 337 -16.82 -7.23 19.12
N GLU E 338 -17.14 -7.19 20.41
CA GLU E 338 -18.34 -7.81 20.94
C GLU E 338 -19.63 -7.11 20.52
N SER E 339 -19.52 -5.99 19.79
CA SER E 339 -20.68 -5.25 19.33
C SER E 339 -21.51 -6.09 18.37
N ASN E 340 -22.80 -6.23 18.68
CA ASN E 340 -23.70 -7.08 17.89
C ASN E 340 -24.16 -6.42 16.58
N GLY E 341 -24.34 -5.10 16.61
CA GLY E 341 -24.67 -4.35 15.41
C GLY E 341 -26.06 -4.59 14.85
N ASP E 342 -26.28 -4.11 13.63
CA ASP E 342 -27.60 -4.17 13.00
C ASP E 342 -27.76 -5.34 12.04
N LYS E 343 -29.00 -5.59 11.62
CA LYS E 343 -29.33 -6.67 10.69
C LYS E 343 -28.97 -8.05 11.23
N GLY E 344 -29.28 -8.28 12.51
CA GLY E 344 -29.03 -9.57 13.11
C GLY E 344 -30.07 -10.59 12.70
N SER E 345 -31.29 -10.11 12.43
CA SER E 345 -32.39 -10.99 12.08
C SER E 345 -32.12 -11.79 10.80
N GLY E 346 -32.25 -13.11 10.89
CA GLY E 346 -31.99 -14.00 9.76
C GLY E 346 -30.60 -14.60 9.85
N GLY E 347 -30.24 -15.41 8.87
CA GLY E 347 -28.92 -16.01 8.84
C GLY E 347 -28.75 -17.05 7.77
N ILE E 348 -27.57 -17.67 7.76
CA ILE E 348 -27.25 -18.71 6.81
C ILE E 348 -26.02 -19.48 7.29
N LYS E 349 -26.00 -20.77 7.03
CA LYS E 349 -24.85 -21.60 7.39
C LYS E 349 -23.67 -21.25 6.48
N GLY E 350 -22.49 -21.12 7.08
CA GLY E 350 -21.34 -20.69 6.32
C GLY E 350 -20.20 -21.68 6.32
N GLY E 351 -19.55 -21.80 5.16
CA GLY E 351 -18.38 -22.65 5.03
C GLY E 351 -17.23 -22.16 5.88
N PHE E 352 -16.51 -23.11 6.47
CA PHE E 352 -15.36 -22.84 7.31
C PHE E 352 -14.45 -24.08 7.27
N VAL E 353 -13.17 -23.90 6.98
CA VAL E 353 -12.23 -25.03 6.96
C VAL E 353 -10.81 -24.59 7.32
N HIS E 354 -10.08 -25.45 8.03
CA HIS E 354 -8.74 -25.14 8.49
C HIS E 354 -7.67 -25.65 7.52
N GLN E 355 -6.59 -24.89 7.43
CA GLN E 355 -5.40 -25.34 6.74
C GLN E 355 -4.25 -25.40 7.75
N ARG E 356 -3.99 -26.60 8.26
CA ARG E 356 -3.01 -26.78 9.32
C ARG E 356 -1.59 -26.92 8.78
N MET E 357 -0.73 -25.98 9.15
CA MET E 357 0.67 -26.05 8.78
C MET E 357 1.52 -26.24 10.04
N GLU E 358 2.81 -26.49 9.86
CA GLU E 358 3.68 -26.75 11.00
C GLU E 358 3.73 -25.56 11.96
N SER E 359 3.84 -24.35 11.40
CA SER E 359 3.97 -23.17 12.24
C SER E 359 2.89 -22.10 12.04
N LYS E 360 1.84 -22.44 11.29
CA LYS E 360 0.73 -21.50 11.16
C LYS E 360 -0.62 -22.16 10.88
N ILE E 361 -1.69 -21.45 11.17
CA ILE E 361 -3.03 -21.96 10.93
C ILE E 361 -3.79 -21.06 9.94
N GLY E 362 -4.21 -21.64 8.82
CA GLY E 362 -5.00 -20.93 7.83
C GLY E 362 -6.49 -21.16 8.01
N ARG E 363 -7.25 -20.08 8.00
CA ARG E 363 -8.69 -20.15 8.18
C ARG E 363 -9.43 -19.71 6.92
N TRP E 364 -10.10 -20.65 6.28
CA TRP E 364 -10.82 -20.40 5.03
C TRP E 364 -12.33 -20.30 5.26
N TYR E 365 -12.93 -19.24 4.72
CA TYR E 365 -14.35 -18.95 4.92
C TYR E 365 -15.08 -18.68 3.59
N SER E 366 -16.38 -18.92 3.57
CA SER E 366 -17.17 -18.49 2.42
C SER E 366 -18.40 -17.70 2.86
N ARG E 367 -18.85 -16.80 1.98
CA ARG E 367 -20.07 -16.04 2.23
C ARG E 367 -20.68 -15.64 0.89
N THR E 368 -21.98 -15.36 0.89
CA THR E 368 -22.69 -14.98 -0.33
C THR E 368 -22.08 -13.72 -0.96
N MET E 369 -22.21 -13.59 -2.28
CA MET E 369 -21.82 -12.35 -2.95
C MET E 369 -22.82 -11.24 -2.60
N SER E 370 -24.11 -11.57 -2.58
CA SER E 370 -25.12 -10.61 -2.17
C SER E 370 -25.03 -10.36 -0.68
N LYS E 371 -25.34 -9.13 -0.28
CA LYS E 371 -25.31 -8.76 1.13
C LYS E 371 -26.59 -9.20 1.83
N THR E 372 -27.67 -9.40 1.06
CA THR E 372 -28.97 -9.67 1.67
C THR E 372 -29.66 -10.92 1.13
N GLU E 373 -29.26 -11.34 -0.07
CA GLU E 373 -29.89 -12.49 -0.71
C GLU E 373 -28.97 -13.71 -0.74
N ARG E 374 -29.56 -14.90 -0.84
CA ARG E 374 -28.77 -16.12 -0.92
C ARG E 374 -28.29 -16.33 -2.36
N MET E 375 -27.44 -15.42 -2.81
CA MET E 375 -27.01 -15.36 -4.19
C MET E 375 -25.52 -15.19 -4.27
N GLY E 376 -24.85 -16.04 -5.05
CA GLY E 376 -23.40 -16.01 -5.14
C GLY E 376 -22.70 -16.59 -3.93
N MET E 377 -21.38 -16.76 -4.05
CA MET E 377 -20.56 -17.24 -2.94
C MET E 377 -19.09 -16.87 -3.20
N GLY E 378 -18.49 -16.17 -2.24
CA GLY E 378 -17.10 -15.78 -2.36
C GLY E 378 -16.23 -16.47 -1.33
N LEU E 379 -14.95 -16.61 -1.65
CA LEU E 379 -14.01 -17.30 -0.77
C LEU E 379 -13.07 -16.30 -0.10
N TYR E 380 -12.76 -16.56 1.17
CA TYR E 380 -11.92 -15.68 1.96
C TYR E 380 -10.94 -16.46 2.83
N VAL E 381 -9.88 -15.80 3.27
CA VAL E 381 -8.84 -16.44 4.06
C VAL E 381 -8.04 -15.44 4.91
N LYS E 382 -7.66 -15.87 6.11
CA LYS E 382 -6.72 -15.14 6.96
C LYS E 382 -5.88 -16.18 7.68
N TYR E 383 -4.62 -15.84 7.98
CA TYR E 383 -3.75 -16.78 8.68
C TYR E 383 -3.43 -16.35 10.11
N ASP E 384 -3.75 -17.23 11.06
CA ASP E 384 -3.46 -17.01 12.48
C ASP E 384 -4.18 -15.80 13.05
N GLY E 385 -3.67 -15.32 14.17
CA GLY E 385 -4.37 -14.30 14.94
C GLY E 385 -5.54 -14.92 15.70
N ASP E 386 -6.25 -14.09 16.45
CA ASP E 386 -7.41 -14.53 17.21
C ASP E 386 -8.66 -14.01 16.51
N PRO E 387 -9.52 -14.93 16.04
CA PRO E 387 -10.76 -14.53 15.36
C PRO E 387 -11.66 -13.68 16.26
N TRP E 388 -11.50 -13.83 17.56
CA TRP E 388 -12.26 -13.04 18.53
C TRP E 388 -11.80 -11.57 18.62
N ALA E 389 -10.53 -11.31 18.28
CA ALA E 389 -9.93 -10.03 18.63
C ALA E 389 -9.53 -9.15 17.44
N ASP E 390 -9.45 -9.75 16.25
CA ASP E 390 -8.94 -9.05 15.08
C ASP E 390 -10.07 -8.50 14.19
N SER E 391 -10.11 -7.18 14.07
CA SER E 391 -11.09 -6.51 13.21
C SER E 391 -10.64 -6.53 11.76
N ASP E 392 -9.43 -7.03 11.54
CA ASP E 392 -8.82 -7.08 10.22
C ASP E 392 -9.70 -7.78 9.19
N ALA E 393 -9.91 -7.10 8.07
CA ALA E 393 -10.63 -7.66 6.93
C ALA E 393 -9.96 -8.96 6.47
N LEU E 394 -10.77 -9.95 6.12
CA LEU E 394 -10.25 -11.19 5.56
C LEU E 394 -9.80 -10.92 4.14
N ALA E 395 -8.81 -11.68 3.68
CA ALA E 395 -8.36 -11.57 2.30
C ALA E 395 -9.35 -12.26 1.36
N PHE E 396 -9.73 -11.57 0.28
CA PHE E 396 -10.65 -12.13 -0.72
C PHE E 396 -9.90 -13.03 -1.70
N SER E 397 -10.30 -14.29 -1.78
CA SER E 397 -9.55 -15.27 -2.58
C SER E 397 -10.15 -15.55 -3.94
N GLY E 398 -11.44 -15.23 -4.11
CA GLY E 398 -12.09 -15.40 -5.39
C GLY E 398 -13.58 -15.71 -5.35
N VAL E 399 -14.19 -15.67 -6.52
CA VAL E 399 -15.61 -15.97 -6.66
C VAL E 399 -15.84 -17.42 -7.09
N MET E 400 -16.30 -18.24 -6.16
CA MET E 400 -16.63 -19.62 -6.47
C MET E 400 -17.97 -19.68 -7.20
N VAL E 401 -18.91 -18.83 -6.79
CA VAL E 401 -20.21 -18.77 -7.44
C VAL E 401 -20.63 -17.34 -7.65
N SER E 402 -20.86 -16.95 -8.90
CA SER E 402 -21.19 -15.55 -9.20
C SER E 402 -22.60 -15.17 -8.73
N MET E 403 -22.84 -13.88 -8.57
CA MET E 403 -24.11 -13.39 -8.05
C MET E 403 -25.29 -13.72 -8.95
N LYS E 404 -25.02 -14.03 -10.22
CA LYS E 404 -26.06 -14.47 -11.14
C LYS E 404 -26.64 -15.81 -10.69
N GLU E 405 -25.83 -16.59 -9.98
CA GLU E 405 -26.16 -17.96 -9.58
C GLU E 405 -26.56 -18.05 -8.10
N PRO E 406 -27.35 -19.07 -7.72
CA PRO E 406 -27.79 -19.22 -6.33
C PRO E 406 -26.69 -19.76 -5.42
N GLY E 407 -26.57 -19.18 -4.23
CA GLY E 407 -25.58 -19.61 -3.26
C GLY E 407 -26.21 -19.69 -1.89
N TRP E 408 -26.39 -20.90 -1.36
CA TRP E 408 -27.10 -21.06 -0.10
C TRP E 408 -26.16 -21.52 1.03
N TYR E 409 -26.44 -22.68 1.61
CA TYR E 409 -25.59 -23.21 2.67
C TYR E 409 -24.19 -23.51 2.15
N SER E 410 -23.19 -23.32 3.01
CA SER E 410 -21.84 -23.79 2.69
C SER E 410 -21.20 -24.52 3.89
N PHE E 411 -20.27 -25.42 3.61
CA PHE E 411 -19.68 -26.24 4.67
C PHE E 411 -18.22 -26.55 4.41
N GLY E 412 -17.51 -26.92 5.47
CA GLY E 412 -16.15 -27.38 5.31
C GLY E 412 -16.03 -28.89 5.47
N PHE E 413 -15.04 -29.46 4.79
CA PHE E 413 -14.70 -30.87 4.96
C PHE E 413 -13.27 -31.14 4.51
N GLU E 414 -12.74 -32.29 4.93
CA GLU E 414 -11.36 -32.65 4.63
C GLU E 414 -11.25 -34.01 3.96
N ILE E 415 -10.62 -34.04 2.78
CA ILE E 415 -10.32 -35.29 2.09
C ILE E 415 -8.98 -35.85 2.57
N LYS E 416 -8.88 -37.16 2.68
CA LYS E 416 -7.67 -37.78 3.20
C LYS E 416 -6.71 -38.26 2.10
N ASP E 417 -5.64 -37.50 1.86
CA ASP E 417 -4.55 -37.97 1.03
C ASP E 417 -3.73 -38.95 1.89
N LYS E 418 -2.80 -39.67 1.26
CA LYS E 418 -2.05 -40.74 1.95
C LYS E 418 -1.36 -40.30 3.24
N GLU E 419 -0.82 -39.10 3.23
CA GLU E 419 0.00 -38.64 4.36
C GLU E 419 -0.40 -37.25 4.88
N CYS E 420 -1.44 -36.66 4.29
CA CYS E 420 -1.85 -35.33 4.70
C CYS E 420 -3.32 -35.10 4.37
N ASP E 421 -3.88 -34.02 4.89
CA ASP E 421 -5.30 -33.71 4.71
C ASP E 421 -5.52 -32.56 3.71
N VAL E 422 -6.60 -32.67 2.94
CA VAL E 422 -6.94 -31.67 1.94
C VAL E 422 -8.21 -30.93 2.33
N PRO E 423 -8.09 -29.64 2.67
CA PRO E 423 -9.26 -28.85 3.06
C PRO E 423 -10.12 -28.44 1.85
N CYS E 424 -11.44 -28.51 2.01
CA CYS E 424 -12.37 -28.18 0.93
C CYS E 424 -13.57 -27.45 1.50
N ILE E 425 -14.27 -26.71 0.65
CA ILE E 425 -15.53 -26.10 1.00
C ILE E 425 -16.60 -26.52 0.00
N GLY E 426 -17.74 -26.99 0.49
CA GLY E 426 -18.86 -27.32 -0.37
C GLY E 426 -19.88 -26.19 -0.40
N ILE E 427 -20.56 -26.03 -1.53
CA ILE E 427 -21.59 -25.00 -1.66
C ILE E 427 -22.93 -25.57 -2.13
N GLU E 428 -23.97 -25.37 -1.32
CA GLU E 428 -25.31 -25.77 -1.71
C GLU E 428 -25.87 -24.71 -2.63
N MET E 429 -26.24 -25.10 -3.83
CA MET E 429 -26.84 -24.18 -4.79
C MET E 429 -28.29 -24.57 -5.03
N VAL E 430 -29.19 -23.88 -4.33
CA VAL E 430 -30.60 -24.24 -4.33
C VAL E 430 -31.32 -23.85 -5.62
N HIS E 431 -32.14 -24.79 -6.11
CA HIS E 431 -33.06 -24.52 -7.21
C HIS E 431 -34.39 -24.05 -6.61
N ASP E 432 -34.56 -22.73 -6.53
CA ASP E 432 -35.76 -22.16 -5.94
C ASP E 432 -36.65 -21.54 -7.01
N GLY E 433 -37.84 -22.12 -7.19
CA GLY E 433 -38.81 -21.61 -8.11
C GLY E 433 -40.06 -21.22 -7.36
N GLY E 434 -39.99 -21.30 -6.03
CA GLY E 434 -41.13 -20.98 -5.19
C GLY E 434 -41.86 -22.21 -4.68
N LYS E 435 -43.01 -21.98 -4.06
CA LYS E 435 -43.80 -23.06 -3.46
C LYS E 435 -44.56 -23.89 -4.50
N GLU E 436 -44.71 -23.36 -5.70
CA GLU E 436 -45.55 -24.02 -6.71
C GLU E 436 -44.83 -25.09 -7.52
N THR E 437 -43.55 -25.31 -7.22
CA THR E 437 -42.74 -26.28 -7.95
C THR E 437 -41.81 -27.02 -7.00
N TRP E 438 -40.97 -27.90 -7.54
CA TRP E 438 -40.02 -28.64 -6.73
C TRP E 438 -38.92 -27.75 -6.15
N HIS E 439 -38.38 -28.16 -5.01
CA HIS E 439 -37.36 -27.40 -4.28
C HIS E 439 -36.18 -28.28 -3.90
N SER E 440 -35.06 -28.15 -4.60
CA SER E 440 -33.90 -29.00 -4.30
C SER E 440 -32.58 -28.24 -4.48
N ALA E 441 -31.47 -28.96 -4.48
CA ALA E 441 -30.17 -28.29 -4.58
C ALA E 441 -29.12 -29.09 -5.32
N ALA E 442 -28.13 -28.36 -5.81
CA ALA E 442 -26.91 -28.95 -6.35
C ALA E 442 -25.82 -28.69 -5.33
N THR E 443 -24.67 -29.35 -5.50
CA THR E 443 -23.52 -29.15 -4.62
C THR E 443 -22.23 -28.90 -5.42
N ALA E 444 -21.56 -27.80 -5.11
CA ALA E 444 -20.31 -27.47 -5.75
C ALA E 444 -19.16 -27.62 -4.75
N ILE E 445 -18.01 -28.07 -5.23
CA ILE E 445 -16.84 -28.30 -4.38
C ILE E 445 -15.58 -27.55 -4.82
N TYR E 446 -14.93 -26.88 -3.87
CA TYR E 446 -13.62 -26.25 -4.09
C TYR E 446 -12.66 -26.75 -3.02
N CYS E 447 -11.40 -26.94 -3.38
CA CYS E 447 -10.42 -27.51 -2.46
C CYS E 447 -9.06 -26.83 -2.61
N LEU E 448 -8.30 -26.76 -1.51
CA LEU E 448 -6.90 -26.34 -1.57
C LEU E 448 -6.16 -27.23 -2.56
N MET E 449 -5.42 -26.58 -3.46
CA MET E 449 -4.94 -27.26 -4.65
C MET E 449 -3.93 -26.36 -5.35
N GLY E 450 -2.65 -26.65 -5.17
CA GLY E 450 -1.60 -25.90 -5.83
C GLY E 450 -1.44 -24.46 -5.38
N SER E 451 -0.98 -23.61 -6.29
CA SER E 451 -0.68 -22.23 -5.96
C SER E 451 -1.31 -21.25 -6.93
N GLY E 452 -1.24 -19.95 -6.61
CA GLY E 452 -1.75 -18.92 -7.50
C GLY E 452 -3.10 -18.36 -7.10
N GLN E 453 -3.96 -18.17 -8.08
CA GLN E 453 -5.26 -17.57 -7.83
C GLN E 453 -6.39 -18.52 -8.23
N LEU E 454 -7.53 -18.40 -7.56
CA LEU E 454 -8.73 -19.14 -7.91
C LEU E 454 -9.20 -18.75 -9.31
N LEU E 455 -9.38 -19.75 -10.17
CA LEU E 455 -9.49 -19.52 -11.61
C LEU E 455 -10.88 -19.54 -12.24
N TRP E 456 -11.79 -20.38 -11.74
CA TRP E 456 -13.12 -20.47 -12.35
C TRP E 456 -14.26 -20.60 -11.34
N ASP E 457 -15.44 -20.15 -11.76
CA ASP E 457 -16.64 -20.24 -10.94
C ASP E 457 -17.54 -21.38 -11.41
N THR E 458 -18.62 -21.61 -10.67
CA THR E 458 -19.49 -22.77 -10.88
C THR E 458 -20.93 -22.37 -11.14
N VAL E 459 -21.54 -22.98 -12.15
CA VAL E 459 -22.97 -22.84 -12.40
C VAL E 459 -23.61 -24.22 -12.28
N THR E 460 -24.94 -24.28 -12.09
CA THR E 460 -25.63 -25.56 -11.97
C THR E 460 -26.10 -26.07 -13.33
N GLY E 461 -26.28 -25.13 -14.28
CA GLY E 461 -26.72 -25.47 -15.62
C GLY E 461 -28.12 -26.06 -15.72
N VAL E 462 -28.92 -25.86 -14.68
CA VAL E 462 -30.27 -26.41 -14.62
C VAL E 462 -31.35 -25.36 -14.94
N ASP E 463 -32.23 -25.72 -15.87
CA ASP E 463 -33.42 -24.93 -16.16
C ASP E 463 -34.61 -25.60 -15.47
N MET E 464 -35.20 -24.91 -14.50
CA MET E 464 -36.28 -25.51 -13.72
C MET E 464 -37.56 -25.69 -14.52
N ALA E 465 -37.61 -25.12 -15.72
CA ALA E 465 -38.78 -25.25 -16.58
C ALA E 465 -38.95 -26.66 -17.11
N LEU E 466 -37.84 -27.37 -17.27
CA LEU E 466 -37.91 -28.74 -17.79
C LEU E 466 -38.21 -29.71 -16.67
N GLU F 77 -0.34 -57.42 -1.64
CA GLU F 77 0.11 -56.06 -1.36
C GLU F 77 0.69 -55.40 -2.61
N PRO F 78 0.29 -54.15 -2.88
CA PRO F 78 0.56 -53.45 -4.14
C PRO F 78 2.00 -52.92 -4.33
N GLU F 79 2.57 -53.28 -5.47
CA GLU F 79 3.90 -52.82 -5.88
C GLU F 79 3.77 -52.02 -7.19
N TRP F 80 4.78 -51.20 -7.49
CA TRP F 80 4.78 -50.39 -8.72
C TRP F 80 4.76 -51.26 -9.98
N THR F 81 3.95 -50.85 -10.97
CA THR F 81 3.93 -51.56 -12.25
C THR F 81 4.98 -51.07 -13.24
N TYR F 82 5.37 -51.98 -14.13
CA TYR F 82 6.35 -51.71 -15.17
C TYR F 82 5.79 -52.23 -16.49
N PRO F 83 6.24 -51.66 -17.62
CA PRO F 83 5.85 -52.29 -18.89
C PRO F 83 6.48 -53.67 -18.98
N ARG F 84 5.72 -54.67 -19.42
CA ARG F 84 6.25 -56.02 -19.59
C ARG F 84 6.32 -56.36 -21.06
N LEU F 85 6.88 -57.53 -21.37
CA LEU F 85 6.87 -57.98 -22.76
C LEU F 85 5.42 -58.18 -23.16
N SER F 86 5.08 -57.81 -24.38
CA SER F 86 3.73 -57.96 -24.88
C SER F 86 3.44 -59.44 -24.97
N CYS F 87 2.17 -59.79 -25.05
CA CYS F 87 1.81 -61.18 -25.14
C CYS F 87 1.79 -61.66 -26.60
N PRO F 88 1.94 -62.98 -26.81
CA PRO F 88 2.10 -63.45 -28.20
C PRO F 88 0.86 -63.18 -29.03
N GLY F 89 1.09 -62.85 -30.30
CA GLY F 89 0.02 -62.54 -31.23
C GLY F 89 0.61 -61.81 -32.42
N SER F 90 -0.10 -61.77 -33.54
CA SER F 90 0.43 -61.17 -34.75
C SER F 90 -0.63 -60.37 -35.51
N THR F 91 -1.85 -60.33 -34.98
CA THR F 91 -2.93 -59.60 -35.61
C THR F 91 -3.86 -59.02 -34.54
N PHE F 92 -4.59 -57.97 -34.91
CA PHE F 92 -5.64 -57.43 -34.05
C PHE F 92 -6.98 -57.99 -34.51
N GLN F 93 -7.94 -58.02 -33.60
CA GLN F 93 -9.29 -58.48 -33.92
C GLN F 93 -10.30 -57.63 -33.16
N LYS F 94 -11.51 -57.51 -33.71
CA LYS F 94 -12.59 -56.78 -33.06
C LYS F 94 -12.89 -57.41 -31.72
N ALA F 95 -12.84 -56.61 -30.66
CA ALA F 95 -13.00 -57.16 -29.32
C ALA F 95 -14.32 -56.77 -28.65
N LEU F 96 -14.63 -55.48 -28.64
CA LEU F 96 -15.73 -54.99 -27.84
C LEU F 96 -16.20 -53.62 -28.31
N LEU F 97 -17.51 -53.44 -28.36
CA LEU F 97 -18.11 -52.17 -28.71
C LEU F 97 -18.91 -51.61 -27.53
N ILE F 98 -18.64 -50.35 -27.17
CA ILE F 98 -19.43 -49.65 -26.15
C ILE F 98 -20.25 -48.56 -26.83
N SER F 99 -21.55 -48.81 -27.00
CA SER F 99 -22.39 -47.89 -27.74
C SER F 99 -23.61 -47.49 -26.92
N PRO F 100 -23.40 -46.62 -25.93
CA PRO F 100 -24.41 -46.22 -24.94
C PRO F 100 -25.71 -45.73 -25.58
N HIS F 101 -25.60 -45.09 -26.73
CA HIS F 101 -26.76 -44.47 -27.33
C HIS F 101 -27.64 -45.45 -28.10
N ARG F 102 -27.32 -46.73 -27.99
CA ARG F 102 -28.21 -47.78 -28.47
C ARG F 102 -29.44 -47.85 -27.55
N PHE F 103 -29.34 -47.19 -26.41
CA PHE F 103 -30.39 -47.22 -25.42
C PHE F 103 -30.93 -45.81 -25.14
N GLY F 104 -30.49 -44.84 -25.95
CA GLY F 104 -30.84 -43.45 -25.72
C GLY F 104 -32.08 -42.93 -26.41
N GLU F 105 -32.88 -43.83 -26.98
CA GLU F 105 -34.05 -43.40 -27.73
C GLU F 105 -35.18 -42.88 -26.85
N THR F 106 -36.01 -42.03 -27.44
CA THR F 106 -37.18 -41.46 -26.77
C THR F 106 -38.13 -42.55 -26.29
N LYS F 107 -38.22 -43.62 -27.06
CA LYS F 107 -39.03 -44.78 -26.68
C LYS F 107 -38.44 -45.57 -25.51
N GLY F 108 -37.20 -45.29 -25.14
CA GLY F 108 -36.48 -46.07 -24.14
C GLY F 108 -36.68 -45.64 -22.69
N ASN F 109 -35.98 -46.31 -21.78
CA ASN F 109 -36.03 -45.98 -20.36
C ASN F 109 -34.64 -45.78 -19.77
N SER F 110 -33.67 -45.49 -20.63
CA SER F 110 -32.29 -45.40 -20.17
C SER F 110 -31.74 -43.99 -20.19
N ALA F 111 -30.56 -43.82 -19.59
CA ALA F 111 -29.95 -42.50 -19.51
C ALA F 111 -28.45 -42.51 -19.83
N PRO F 112 -28.09 -42.87 -21.07
CA PRO F 112 -26.67 -42.77 -21.45
C PRO F 112 -26.15 -41.34 -21.39
N LEU F 113 -24.94 -41.15 -20.88
CA LEU F 113 -24.35 -39.82 -20.82
C LEU F 113 -23.84 -39.34 -22.18
N ILE F 114 -24.06 -38.05 -22.46
CA ILE F 114 -23.51 -37.42 -23.64
C ILE F 114 -22.02 -37.15 -23.39
N ILE F 115 -21.17 -37.69 -24.25
CA ILE F 115 -19.72 -37.58 -24.04
C ILE F 115 -18.96 -37.32 -25.34
N ARG F 116 -17.67 -37.05 -25.19
CA ARG F 116 -16.72 -37.11 -26.30
C ARG F 116 -15.31 -37.34 -25.71
N GLU F 117 -14.31 -37.47 -26.57
CA GLU F 117 -12.94 -37.76 -26.14
C GLU F 117 -12.79 -38.94 -25.15
N PRO F 118 -13.37 -40.11 -25.49
CA PRO F 118 -13.22 -41.22 -24.54
C PRO F 118 -11.82 -41.82 -24.64
N PHE F 119 -11.37 -42.48 -23.57
CA PHE F 119 -10.14 -43.23 -23.64
C PHE F 119 -10.22 -44.31 -22.59
N ILE F 120 -9.32 -45.29 -22.68
CA ILE F 120 -9.30 -46.38 -21.73
C ILE F 120 -7.92 -46.47 -21.08
N ALA F 121 -7.91 -46.70 -19.76
CA ALA F 121 -6.68 -46.95 -19.02
C ALA F 121 -6.87 -48.16 -18.10
N CYS F 122 -5.82 -48.97 -17.96
CA CYS F 122 -5.91 -50.21 -17.20
C CYS F 122 -4.93 -50.29 -16.03
N GLY F 123 -5.42 -50.83 -14.91
CA GLY F 123 -4.56 -51.14 -13.78
C GLY F 123 -4.38 -52.65 -13.68
N PRO F 124 -3.68 -53.12 -12.63
CA PRO F 124 -3.38 -54.55 -12.51
C PRO F 124 -4.65 -55.39 -12.40
N ASN F 125 -5.70 -54.82 -11.85
CA ASN F 125 -6.92 -55.58 -11.57
C ASN F 125 -8.11 -55.17 -12.42
N GLU F 126 -8.07 -53.97 -12.97
CA GLU F 126 -9.27 -53.41 -13.58
C GLU F 126 -8.96 -52.47 -14.75
N CYS F 127 -9.88 -52.43 -15.71
CA CYS F 127 -9.81 -51.48 -16.81
C CYS F 127 -10.93 -50.46 -16.66
N LYS F 128 -10.60 -49.20 -16.87
CA LYS F 128 -11.57 -48.12 -16.75
C LYS F 128 -11.77 -47.40 -18.07
N HIS F 129 -13.04 -47.13 -18.38
CA HIS F 129 -13.41 -46.44 -19.60
C HIS F 129 -13.73 -45.00 -19.26
N PHE F 130 -12.87 -44.09 -19.70
CA PHE F 130 -13.01 -42.67 -19.36
C PHE F 130 -13.65 -41.88 -20.48
N ALA F 131 -14.15 -40.68 -20.14
CA ALA F 131 -14.69 -39.76 -21.14
C ALA F 131 -14.91 -38.39 -20.53
N LEU F 132 -15.10 -37.38 -21.39
CA LEU F 132 -15.46 -36.04 -20.96
C LEU F 132 -16.94 -35.85 -21.23
N THR F 133 -17.74 -35.71 -20.18
CA THR F 133 -19.18 -35.54 -20.35
C THR F 133 -19.55 -34.06 -20.48
N HIS F 134 -20.71 -33.79 -21.08
CA HIS F 134 -21.29 -32.44 -21.07
C HIS F 134 -22.30 -32.32 -19.94
N TYR F 135 -22.31 -33.33 -19.06
CA TYR F 135 -23.22 -33.36 -17.90
C TYR F 135 -24.69 -33.36 -18.36
N ALA F 136 -24.97 -34.16 -19.38
CA ALA F 136 -26.30 -34.25 -19.96
C ALA F 136 -26.54 -35.66 -20.49
N ALA F 137 -27.80 -36.05 -20.62
CA ALA F 137 -28.15 -37.41 -21.02
C ALA F 137 -29.07 -37.45 -22.24
N GLN F 138 -29.02 -38.54 -23.00
CA GLN F 138 -29.95 -38.76 -24.10
C GLN F 138 -30.91 -39.88 -23.73
N PRO F 139 -32.23 -39.61 -23.74
CA PRO F 139 -32.85 -38.33 -24.06
C PRO F 139 -32.84 -37.34 -22.90
N GLY F 140 -32.98 -36.07 -23.22
CA GLY F 140 -32.99 -35.00 -22.23
C GLY F 140 -33.23 -33.69 -22.94
N GLY F 141 -33.08 -32.57 -22.23
CA GLY F 141 -33.32 -31.26 -22.82
C GLY F 141 -32.15 -30.30 -22.81
N TYR F 142 -30.92 -30.83 -22.68
CA TYR F 142 -29.73 -29.98 -22.67
C TYR F 142 -28.77 -30.32 -23.80
N TYR F 143 -29.30 -30.54 -25.00
CA TYR F 143 -28.45 -30.88 -26.14
C TYR F 143 -27.68 -29.66 -26.64
N ASN F 144 -28.27 -28.48 -26.50
CA ASN F 144 -27.67 -27.25 -26.96
C ASN F 144 -26.35 -26.99 -26.24
N GLY F 145 -25.25 -26.97 -26.99
CA GLY F 145 -23.92 -26.81 -26.41
C GLY F 145 -23.06 -28.08 -26.37
N THR F 146 -23.65 -29.23 -26.66
CA THR F 146 -22.90 -30.48 -26.63
C THR F 146 -21.98 -30.69 -27.85
N ARG F 147 -21.93 -29.68 -28.72
CA ARG F 147 -21.11 -29.71 -29.92
C ARG F 147 -19.89 -28.80 -29.72
N GLY F 148 -19.84 -28.15 -28.55
CA GLY F 148 -18.70 -27.32 -28.19
C GLY F 148 -17.64 -28.14 -27.50
N ASP F 149 -16.47 -27.57 -27.30
CA ASP F 149 -15.36 -28.30 -26.72
C ASP F 149 -15.22 -28.03 -25.23
N ARG F 150 -15.43 -26.77 -24.83
CA ARG F 150 -15.15 -26.36 -23.46
C ARG F 150 -16.28 -25.56 -22.86
N ASN F 151 -16.56 -25.80 -21.58
CA ASN F 151 -17.54 -25.02 -20.83
C ASN F 151 -17.40 -25.37 -19.37
N LYS F 152 -18.25 -24.76 -18.53
CA LYS F 152 -18.09 -24.87 -17.09
C LYS F 152 -18.74 -26.12 -16.49
N LEU F 153 -19.40 -26.92 -17.33
CA LEU F 153 -20.10 -28.09 -16.80
C LEU F 153 -19.37 -29.40 -17.08
N ARG F 154 -18.49 -29.39 -18.08
CA ARG F 154 -17.81 -30.61 -18.48
C ARG F 154 -17.05 -31.30 -17.36
N HIS F 155 -17.09 -32.61 -17.35
CA HIS F 155 -16.45 -33.39 -16.29
C HIS F 155 -15.80 -34.66 -16.84
N LEU F 156 -14.69 -35.04 -16.24
CA LEU F 156 -14.07 -36.33 -16.50
C LEU F 156 -14.83 -37.41 -15.75
N ILE F 157 -15.41 -38.36 -16.48
CA ILE F 157 -16.18 -39.44 -15.87
C ILE F 157 -15.61 -40.79 -16.28
N SER F 158 -16.03 -41.84 -15.60
CA SER F 158 -15.62 -43.19 -15.96
C SER F 158 -16.56 -44.26 -15.43
N VAL F 159 -16.44 -45.44 -16.03
CA VAL F 159 -17.05 -46.66 -15.55
C VAL F 159 -16.01 -47.73 -15.77
N LYS F 160 -16.17 -48.87 -15.10
CA LYS F 160 -15.43 -50.08 -15.45
C LYS F 160 -15.75 -50.45 -16.90
N LEU F 161 -14.72 -50.85 -17.65
CA LEU F 161 -14.87 -51.16 -19.07
C LEU F 161 -15.80 -52.38 -19.25
N GLY F 162 -16.83 -52.21 -20.06
CA GLY F 162 -17.85 -53.24 -20.20
C GLY F 162 -19.20 -52.75 -19.69
N LYS F 163 -19.16 -51.75 -18.80
CA LYS F 163 -20.37 -51.12 -18.30
C LYS F 163 -20.78 -49.98 -19.24
N ILE F 164 -22.09 -49.83 -19.44
CA ILE F 164 -22.60 -48.70 -20.21
C ILE F 164 -22.56 -47.43 -19.36
N PRO F 165 -21.88 -46.39 -19.87
CA PRO F 165 -21.74 -45.15 -19.10
C PRO F 165 -23.02 -44.34 -19.06
N THR F 166 -23.83 -44.56 -18.03
CA THR F 166 -25.09 -43.85 -17.84
C THR F 166 -24.95 -42.88 -16.69
N VAL F 167 -26.04 -42.16 -16.41
CA VAL F 167 -26.06 -41.25 -15.26
C VAL F 167 -25.68 -41.95 -13.96
N GLU F 168 -26.25 -43.13 -13.73
CA GLU F 168 -26.09 -43.82 -12.46
C GLU F 168 -24.88 -44.75 -12.40
N ASN F 169 -24.49 -45.32 -13.53
CA ASN F 169 -23.31 -46.19 -13.59
C ASN F 169 -22.02 -45.41 -13.46
N SER F 170 -21.99 -44.21 -14.03
CA SER F 170 -20.78 -43.41 -14.07
C SER F 170 -20.39 -42.83 -12.72
N ILE F 171 -19.11 -42.50 -12.58
CA ILE F 171 -18.69 -41.67 -11.46
C ILE F 171 -18.00 -40.42 -12.00
N PHE F 172 -18.22 -39.31 -11.32
CA PHE F 172 -17.72 -38.01 -11.74
C PHE F 172 -16.49 -37.66 -10.92
N HIS F 173 -15.32 -37.68 -11.58
CA HIS F 173 -14.05 -37.46 -10.90
C HIS F 173 -13.78 -35.98 -10.59
N MET F 174 -13.92 -35.14 -11.61
CA MET F 174 -13.59 -33.73 -11.48
C MET F 174 -14.04 -33.00 -12.72
N ALA F 175 -14.21 -31.69 -12.59
CA ALA F 175 -14.51 -30.82 -13.73
C ALA F 175 -13.31 -30.78 -14.66
N ALA F 176 -13.58 -30.91 -15.95
CA ALA F 176 -12.52 -30.89 -16.95
C ALA F 176 -13.10 -30.84 -18.36
N TRP F 177 -12.42 -30.12 -19.25
CA TRP F 177 -12.70 -30.23 -20.69
C TRP F 177 -11.52 -30.82 -21.45
N SER F 178 -10.54 -31.33 -20.70
CA SER F 178 -9.41 -32.06 -21.26
C SER F 178 -8.83 -32.95 -20.17
N GLY F 179 -8.61 -34.22 -20.48
CA GLY F 179 -8.23 -35.14 -19.43
C GLY F 179 -7.24 -36.23 -19.78
N SER F 180 -6.93 -37.01 -18.76
CA SER F 180 -6.06 -38.16 -18.86
C SER F 180 -6.24 -38.94 -17.56
N ALA F 181 -5.66 -40.14 -17.50
CA ALA F 181 -5.60 -40.94 -16.27
C ALA F 181 -4.66 -42.10 -16.54
N CYS F 182 -4.16 -42.69 -15.45
CA CYS F 182 -3.28 -43.84 -15.52
C CYS F 182 -3.17 -44.46 -14.13
N HIS F 183 -2.86 -45.75 -14.07
CA HIS F 183 -2.71 -46.44 -12.80
C HIS F 183 -1.23 -46.78 -12.59
N ASP F 184 -0.69 -46.47 -11.42
CA ASP F 184 0.74 -46.63 -11.19
C ASP F 184 1.14 -47.96 -10.53
N GLY F 185 0.15 -48.82 -10.32
CA GLY F 185 0.36 -50.07 -9.63
C GLY F 185 -0.25 -50.11 -8.24
N LYS F 186 -0.38 -48.93 -7.61
CA LYS F 186 -0.99 -48.83 -6.29
C LYS F 186 -2.29 -48.02 -6.29
N GLU F 187 -2.41 -47.08 -7.22
CA GLU F 187 -3.50 -46.11 -7.15
C GLU F 187 -3.71 -45.39 -8.49
N TRP F 188 -4.93 -44.92 -8.71
CA TRP F 188 -5.29 -44.14 -9.89
C TRP F 188 -4.85 -42.67 -9.76
N THR F 189 -4.26 -42.15 -10.84
CA THR F 189 -4.00 -40.73 -10.96
C THR F 189 -4.95 -40.21 -12.03
N TYR F 190 -5.79 -39.25 -11.67
CA TYR F 190 -6.74 -38.61 -12.61
C TYR F 190 -6.28 -37.21 -12.98
N ILE F 191 -6.37 -36.87 -14.25
CA ILE F 191 -5.90 -35.58 -14.73
C ILE F 191 -7.05 -34.84 -15.39
N GLY F 192 -7.25 -33.59 -15.00
CA GLY F 192 -8.29 -32.77 -15.57
C GLY F 192 -7.92 -31.30 -15.74
N VAL F 193 -8.13 -30.79 -16.94
CA VAL F 193 -7.90 -29.38 -17.22
C VAL F 193 -9.22 -28.66 -17.43
N ASP F 194 -9.40 -27.56 -16.70
CA ASP F 194 -10.50 -26.63 -16.95
C ASP F 194 -10.04 -25.19 -16.68
N GLY F 195 -10.98 -24.26 -16.60
CA GLY F 195 -10.66 -22.87 -16.41
C GLY F 195 -10.85 -22.09 -17.68
N PRO F 196 -10.60 -20.77 -17.66
CA PRO F 196 -10.71 -19.93 -18.84
C PRO F 196 -9.61 -20.26 -19.86
N ASP F 197 -9.89 -20.09 -21.14
CA ASP F 197 -8.97 -20.44 -22.21
C ASP F 197 -7.59 -19.79 -22.02
N ASN F 198 -7.59 -18.50 -21.72
CA ASN F 198 -6.36 -17.73 -21.59
C ASN F 198 -5.55 -18.08 -20.34
N ASP F 199 -6.17 -18.79 -19.41
CA ASP F 199 -5.51 -19.15 -18.17
C ASP F 199 -6.06 -20.46 -17.61
N ALA F 200 -6.03 -21.50 -18.45
CA ALA F 200 -6.54 -22.81 -18.06
C ALA F 200 -5.65 -23.41 -16.97
N LEU F 201 -6.19 -24.41 -16.28
CA LEU F 201 -5.53 -24.99 -15.12
C LEU F 201 -5.64 -26.50 -15.11
N LEU F 202 -4.49 -27.18 -15.10
CA LEU F 202 -4.49 -28.63 -15.01
C LEU F 202 -4.57 -29.07 -13.54
N LYS F 203 -5.45 -30.02 -13.25
CA LYS F 203 -5.63 -30.48 -11.89
C LYS F 203 -5.31 -31.96 -11.78
N VAL F 204 -4.54 -32.31 -10.74
CA VAL F 204 -4.16 -33.70 -10.51
C VAL F 204 -4.86 -34.27 -9.29
N LYS F 205 -5.37 -35.49 -9.44
CA LYS F 205 -6.08 -36.18 -8.39
C LYS F 205 -5.44 -37.56 -8.20
N TYR F 206 -5.08 -37.89 -6.96
CA TYR F 206 -4.59 -39.22 -6.61
C TYR F 206 -5.67 -39.91 -5.77
N GLY F 207 -6.37 -40.88 -6.36
CA GLY F 207 -7.50 -41.48 -5.68
C GLY F 207 -8.59 -40.43 -5.45
N GLU F 208 -9.00 -40.23 -4.20
CA GLU F 208 -10.07 -39.29 -3.87
C GLU F 208 -9.54 -37.86 -3.65
N ALA F 209 -8.22 -37.75 -3.46
CA ALA F 209 -7.59 -36.49 -3.09
C ALA F 209 -7.07 -35.68 -4.29
N TYR F 210 -7.37 -34.38 -4.25
CA TYR F 210 -6.78 -33.40 -5.16
C TYR F 210 -5.40 -33.04 -4.61
N THR F 211 -4.35 -33.22 -5.42
CA THR F 211 -2.98 -33.17 -4.93
C THR F 211 -2.08 -32.10 -5.53
N ASP F 212 -2.41 -31.66 -6.74
CA ASP F 212 -1.57 -30.66 -7.38
C ASP F 212 -2.28 -29.95 -8.52
N THR F 213 -1.69 -28.85 -8.97
CA THR F 213 -2.12 -28.19 -10.20
C THR F 213 -0.90 -27.78 -11.03
N TYR F 214 -1.15 -27.45 -12.28
CA TYR F 214 -0.13 -26.89 -13.15
C TYR F 214 -0.76 -25.76 -13.99
N HIS F 215 -0.08 -24.62 -14.03
CA HIS F 215 -0.59 -23.41 -14.68
C HIS F 215 -0.26 -23.31 -16.16
N SER F 216 -1.18 -22.70 -16.92
CA SER F 216 -0.96 -22.41 -18.33
C SER F 216 0.28 -21.54 -18.51
N TYR F 217 1.11 -21.87 -19.48
CA TYR F 217 2.40 -21.16 -19.63
C TYR F 217 2.51 -20.31 -20.89
N ALA F 218 1.63 -20.56 -21.87
CA ALA F 218 1.60 -19.78 -23.09
C ALA F 218 0.31 -18.95 -23.14
N ASN F 219 -0.53 -19.13 -22.13
CA ASN F 219 -1.76 -18.35 -21.98
C ASN F 219 -2.65 -18.33 -23.22
N LYS F 220 -2.64 -19.42 -23.98
CA LYS F 220 -3.50 -19.56 -25.13
C LYS F 220 -4.59 -20.57 -24.85
N LEU F 221 -4.19 -21.82 -24.60
CA LEU F 221 -5.13 -22.89 -24.23
C LEU F 221 -4.37 -24.11 -23.71
N LEU F 222 -4.12 -24.13 -22.41
CA LEU F 222 -3.46 -25.28 -21.79
C LEU F 222 -4.31 -26.52 -22.01
N ARG F 223 -3.72 -27.59 -22.49
CA ARG F 223 -4.47 -28.83 -22.73
C ARG F 223 -3.60 -30.08 -22.65
N THR F 224 -4.23 -31.24 -22.57
CA THR F 224 -3.51 -32.50 -22.37
C THR F 224 -3.91 -33.60 -23.39
N GLN F 225 -3.70 -34.86 -23.04
CA GLN F 225 -3.66 -35.97 -24.02
C GLN F 225 -4.99 -36.54 -24.55
N GLU F 226 -6.04 -36.50 -23.74
CA GLU F 226 -7.29 -37.20 -24.03
C GLU F 226 -7.06 -38.70 -24.21
N SER F 227 -6.00 -39.20 -23.59
CA SER F 227 -5.70 -40.64 -23.55
C SER F 227 -4.84 -40.92 -22.33
N ALA F 228 -4.49 -42.19 -22.11
CA ALA F 228 -3.86 -42.59 -20.86
C ALA F 228 -2.40 -42.13 -20.70
N CYS F 229 -2.04 -41.70 -19.49
CA CYS F 229 -0.63 -41.39 -19.19
C CYS F 229 0.14 -42.69 -18.90
N ASN F 230 1.44 -42.60 -18.72
CA ASN F 230 2.25 -43.81 -18.61
C ASN F 230 3.14 -43.85 -17.39
N CYS F 231 2.94 -44.87 -16.55
CA CYS F 231 3.60 -44.98 -15.26
C CYS F 231 4.62 -46.10 -15.27
N ILE F 232 5.83 -45.80 -14.78
CA ILE F 232 6.86 -46.82 -14.62
C ILE F 232 7.52 -46.65 -13.26
N GLY F 233 7.43 -47.69 -12.44
CA GLY F 233 7.99 -47.69 -11.10
C GLY F 233 7.65 -46.47 -10.25
N GLY F 234 6.38 -46.09 -10.24
CA GLY F 234 5.95 -44.95 -9.43
C GLY F 234 5.92 -43.61 -10.14
N ASN F 235 6.63 -43.50 -11.27
CA ASN F 235 6.68 -42.24 -12.00
C ASN F 235 5.71 -42.22 -13.17
N CYS F 236 4.86 -41.20 -13.21
CA CYS F 236 3.86 -41.09 -14.26
C CYS F 236 4.17 -39.91 -15.19
N TYR F 237 4.22 -40.19 -16.50
CA TYR F 237 4.59 -39.17 -17.49
C TYR F 237 3.39 -38.74 -18.33
N LEU F 238 3.26 -37.44 -18.54
CA LEU F 238 2.07 -36.89 -19.16
C LEU F 238 2.44 -35.74 -20.11
N MET F 239 1.87 -35.76 -21.32
CA MET F 239 2.04 -34.63 -22.23
C MET F 239 1.03 -33.53 -21.92
N ILE F 240 1.51 -32.30 -21.93
CA ILE F 240 0.64 -31.13 -21.90
C ILE F 240 1.10 -30.20 -23.00
N THR F 241 0.20 -29.38 -23.52
CA THR F 241 0.61 -28.40 -24.52
C THR F 241 -0.15 -27.12 -24.31
N ASP F 242 0.40 -26.04 -24.84
CA ASP F 242 -0.20 -24.73 -24.71
C ASP F 242 0.21 -23.92 -25.94
N GLY F 243 -0.74 -23.25 -26.56
CA GLY F 243 -0.45 -22.45 -27.72
C GLY F 243 -1.61 -22.39 -28.68
N SER F 244 -1.37 -21.75 -29.82
CA SER F 244 -2.42 -21.56 -30.80
C SER F 244 -2.77 -22.86 -31.53
N ALA F 245 -4.05 -23.05 -31.81
CA ALA F 245 -4.54 -24.18 -32.58
C ALA F 245 -4.11 -24.08 -34.05
N SER F 246 -3.86 -22.85 -34.52
CA SER F 246 -3.43 -22.61 -35.89
C SER F 246 -2.02 -22.02 -35.95
N GLY F 247 -1.44 -21.80 -34.79
CA GLY F 247 -0.09 -21.26 -34.70
C GLY F 247 0.84 -22.24 -34.01
N VAL F 248 1.55 -21.77 -32.99
CA VAL F 248 2.54 -22.59 -32.30
C VAL F 248 2.07 -23.09 -30.94
N SER F 249 2.27 -24.38 -30.70
CA SER F 249 1.99 -25.00 -29.40
C SER F 249 3.18 -25.87 -28.98
N GLU F 250 4.07 -25.30 -28.17
CA GLU F 250 5.21 -26.07 -27.69
C GLU F 250 4.78 -26.92 -26.50
N CYS F 251 4.93 -28.24 -26.64
CA CYS F 251 4.50 -29.17 -25.59
C CYS F 251 5.60 -29.43 -24.56
N ARG F 252 5.19 -29.89 -23.40
CA ARG F 252 6.08 -30.23 -22.31
C ARG F 252 5.63 -31.57 -21.76
N PHE F 253 6.44 -32.15 -20.89
CA PHE F 253 6.05 -33.37 -20.19
C PHE F 253 6.15 -33.18 -18.69
N LEU F 254 5.07 -33.51 -17.99
CA LEU F 254 5.07 -33.52 -16.54
C LEU F 254 5.43 -34.91 -16.05
N LYS F 255 6.29 -34.98 -15.04
CA LYS F 255 6.55 -36.22 -14.33
C LYS F 255 5.83 -36.12 -12.99
N ILE F 256 4.95 -37.08 -12.73
CA ILE F 256 4.06 -37.03 -11.56
C ILE F 256 4.20 -38.28 -10.69
N ARG F 257 4.58 -38.06 -9.43
CA ARG F 257 4.76 -39.16 -8.50
C ARG F 257 3.78 -39.06 -7.36
N GLU F 258 2.96 -40.09 -7.17
CA GLU F 258 1.92 -40.10 -6.14
C GLU F 258 1.10 -38.80 -6.12
N GLY F 259 0.69 -38.36 -7.30
CA GLY F 259 -0.19 -37.20 -7.41
C GLY F 259 0.50 -35.86 -7.49
N ARG F 260 1.81 -35.82 -7.26
CA ARG F 260 2.52 -34.54 -7.26
C ARG F 260 3.56 -34.39 -8.36
N ILE F 261 3.50 -33.26 -9.06
CA ILE F 261 4.44 -32.95 -10.14
C ILE F 261 5.84 -32.76 -9.54
N ILE F 262 6.78 -33.61 -9.92
CA ILE F 262 8.13 -33.53 -9.36
C ILE F 262 9.18 -33.07 -10.38
N LYS F 263 8.78 -32.97 -11.64
CA LYS F 263 9.70 -32.55 -12.69
C LYS F 263 8.99 -32.15 -13.98
N GLU F 264 9.47 -31.09 -14.61
CA GLU F 264 9.01 -30.67 -15.92
C GLU F 264 10.09 -31.01 -16.93
N ILE F 265 9.70 -31.54 -18.08
CA ILE F 265 10.66 -31.90 -19.12
C ILE F 265 10.39 -31.10 -20.38
N PHE F 266 11.43 -30.45 -20.91
CA PHE F 266 11.30 -29.64 -22.12
C PHE F 266 11.98 -30.34 -23.28
N PRO F 267 11.19 -30.77 -24.28
CA PRO F 267 11.72 -31.55 -25.42
C PRO F 267 12.51 -30.69 -26.39
N THR F 268 13.41 -31.32 -27.12
CA THR F 268 14.20 -30.62 -28.11
C THR F 268 13.88 -31.13 -29.51
N GLY F 269 14.31 -30.39 -30.53
CA GLY F 269 14.08 -30.79 -31.90
C GLY F 269 12.93 -30.05 -32.56
N ARG F 270 12.17 -30.77 -33.39
CA ARG F 270 11.04 -30.19 -34.10
C ARG F 270 9.89 -30.01 -33.12
N VAL F 271 9.85 -28.85 -32.45
CA VAL F 271 8.90 -28.66 -31.35
C VAL F 271 7.79 -27.64 -31.61
N LYS F 272 7.75 -27.06 -32.80
CA LYS F 272 6.84 -25.94 -33.08
C LYS F 272 5.34 -26.25 -32.90
N HIS F 273 4.92 -27.51 -33.05
CA HIS F 273 3.52 -27.84 -32.73
C HIS F 273 3.31 -29.32 -32.40
N THR F 274 2.99 -29.58 -31.14
CA THR F 274 2.71 -30.92 -30.65
C THR F 274 1.51 -30.86 -29.70
N GLU F 275 0.44 -31.58 -30.04
CA GLU F 275 -0.71 -31.69 -29.16
C GLU F 275 -1.33 -33.09 -29.17
N GLU F 276 -2.14 -33.37 -28.16
CA GLU F 276 -2.86 -34.65 -28.03
C GLU F 276 -2.01 -35.89 -28.30
N CYS F 277 -0.82 -35.93 -27.71
CA CYS F 277 0.06 -37.09 -27.87
C CYS F 277 -0.62 -38.36 -27.40
N THR F 278 -0.34 -39.45 -28.11
CA THR F 278 -0.77 -40.78 -27.68
C THR F 278 0.51 -41.55 -27.37
N CYS F 279 0.73 -41.85 -26.09
CA CYS F 279 2.01 -42.38 -25.62
C CYS F 279 1.99 -43.84 -25.16
N GLY F 280 3.16 -44.45 -25.08
CA GLY F 280 3.30 -45.81 -24.61
C GLY F 280 4.77 -46.19 -24.46
N PHE F 281 5.03 -47.31 -23.81
CA PHE F 281 6.38 -47.76 -23.55
C PHE F 281 6.96 -48.58 -24.71
N ALA F 282 8.08 -48.12 -25.26
CA ALA F 282 8.83 -48.91 -26.23
C ALA F 282 9.64 -49.93 -25.45
N SER F 283 9.98 -49.56 -24.22
CA SER F 283 10.80 -50.40 -23.34
C SER F 283 10.80 -49.79 -21.94
N ASN F 284 11.63 -50.35 -21.04
CA ASN F 284 11.80 -49.79 -19.71
C ASN F 284 12.53 -48.46 -19.73
N LYS F 285 13.08 -48.13 -20.88
CA LYS F 285 13.91 -46.94 -21.02
C LYS F 285 13.17 -45.81 -21.74
N THR F 286 12.32 -46.16 -22.69
CA THR F 286 11.79 -45.16 -23.60
C THR F 286 10.27 -45.17 -23.73
N ILE F 287 9.70 -43.98 -23.64
CA ILE F 287 8.32 -43.76 -24.03
C ILE F 287 8.30 -43.11 -25.42
N GLU F 288 7.39 -43.57 -26.27
CA GLU F 288 7.22 -42.99 -27.60
C GLU F 288 5.80 -42.49 -27.74
N CYS F 289 5.62 -41.40 -28.47
CA CYS F 289 4.30 -40.83 -28.68
C CYS F 289 4.07 -40.46 -30.15
N ALA F 290 2.88 -40.75 -30.64
CA ALA F 290 2.45 -40.26 -31.93
C ALA F 290 1.46 -39.14 -31.65
N CYS F 291 1.82 -37.92 -32.03
CA CYS F 291 0.99 -36.76 -31.71
C CYS F 291 0.32 -36.12 -32.92
N ARG F 292 -0.29 -34.97 -32.67
CA ARG F 292 -1.05 -34.25 -33.67
C ARG F 292 -0.53 -32.82 -33.85
N ASP F 293 -0.37 -32.40 -35.10
CA ASP F 293 0.00 -31.04 -35.45
C ASP F 293 -1.22 -30.45 -36.15
N ASN F 294 -1.75 -29.37 -35.60
CA ASN F 294 -2.99 -28.81 -36.13
C ASN F 294 -2.81 -27.72 -37.19
N SER F 295 -1.56 -27.34 -37.44
CA SER F 295 -1.28 -26.24 -38.37
C SER F 295 -0.42 -26.65 -39.55
N TYR F 296 0.72 -27.26 -39.24
CA TYR F 296 1.83 -27.31 -40.18
C TYR F 296 1.95 -28.57 -41.04
N THR F 297 1.65 -29.72 -40.49
CA THR F 297 1.89 -30.94 -41.24
C THR F 297 0.82 -32.00 -41.00
N ALA F 298 0.69 -32.89 -41.98
CA ALA F 298 -0.20 -34.04 -41.87
C ALA F 298 0.60 -35.26 -41.44
N LYS F 299 1.90 -35.08 -41.23
CA LYS F 299 2.73 -36.11 -40.62
C LYS F 299 2.65 -35.96 -39.11
N ARG F 300 2.68 -37.06 -38.39
CA ARG F 300 2.56 -37.02 -36.94
C ARG F 300 3.89 -36.70 -36.27
N PRO F 301 3.91 -35.65 -35.42
CA PRO F 301 5.09 -35.40 -34.58
C PRO F 301 5.32 -36.61 -33.69
N PHE F 302 6.54 -37.14 -33.70
CA PHE F 302 6.85 -38.34 -32.97
C PHE F 302 7.85 -38.08 -31.85
N VAL F 303 7.40 -38.22 -30.61
CA VAL F 303 8.22 -37.99 -29.42
C VAL F 303 9.00 -39.23 -29.00
N LYS F 304 10.23 -39.04 -28.54
CA LYS F 304 10.99 -40.10 -27.89
C LYS F 304 11.47 -39.65 -26.51
N LEU F 305 10.83 -40.14 -25.46
CA LEU F 305 11.16 -39.69 -24.11
C LEU F 305 11.93 -40.75 -23.36
N ASN F 306 13.17 -40.43 -23.01
CA ASN F 306 13.98 -41.29 -22.17
C ASN F 306 13.64 -41.07 -20.71
N VAL F 307 13.11 -42.09 -20.04
CA VAL F 307 12.73 -41.96 -18.64
C VAL F 307 13.91 -42.06 -17.66
N GLU F 308 15.04 -42.55 -18.16
CA GLU F 308 16.22 -42.70 -17.32
C GLU F 308 16.89 -41.36 -17.09
N THR F 309 16.92 -40.54 -18.15
CA THR F 309 17.51 -39.21 -18.11
C THR F 309 16.47 -38.08 -18.03
N ASP F 310 15.20 -38.45 -18.17
CA ASP F 310 14.10 -37.47 -18.18
C ASP F 310 14.30 -36.39 -19.24
N THR F 311 14.62 -36.82 -20.44
CA THR F 311 14.82 -35.92 -21.57
C THR F 311 13.97 -36.41 -22.74
N ALA F 312 13.58 -35.49 -23.61
CA ALA F 312 12.74 -35.82 -24.75
C ALA F 312 13.16 -35.08 -26.01
N GLU F 313 12.88 -35.70 -27.15
CA GLU F 313 13.19 -35.13 -28.46
C GLU F 313 12.04 -35.42 -29.42
N ILE F 314 11.74 -34.48 -30.31
CA ILE F 314 10.61 -34.62 -31.24
C ILE F 314 11.02 -34.39 -32.70
N ARG F 315 10.74 -35.37 -33.56
CA ARG F 315 10.90 -35.23 -35.00
C ARG F 315 9.68 -35.81 -35.68
N LEU F 316 9.43 -35.43 -36.93
CA LEU F 316 8.24 -35.90 -37.64
C LEU F 316 8.41 -37.34 -38.10
N MET F 317 7.31 -38.08 -38.13
CA MET F 317 7.32 -39.44 -38.67
C MET F 317 7.66 -39.42 -40.15
N CYS F 318 8.59 -40.27 -40.55
CA CYS F 318 9.13 -40.25 -41.91
C CYS F 318 8.27 -41.06 -42.90
N THR F 319 7.51 -42.01 -42.38
CA THR F 319 6.70 -42.92 -43.22
C THR F 319 5.81 -42.24 -44.25
N ASP F 320 5.84 -42.75 -45.48
CA ASP F 320 4.97 -42.28 -46.56
C ASP F 320 3.49 -42.35 -46.18
N THR F 321 3.15 -43.28 -45.30
CA THR F 321 1.78 -43.47 -44.84
C THR F 321 1.44 -42.44 -43.78
N TYR F 322 1.11 -41.23 -44.23
CA TYR F 322 0.79 -40.12 -43.33
C TYR F 322 -0.46 -40.45 -42.51
N LEU F 323 -0.39 -40.24 -41.21
CA LEU F 323 -1.44 -40.73 -40.29
C LEU F 323 -2.49 -39.70 -39.88
N ASP F 324 -2.22 -38.42 -40.09
CA ASP F 324 -3.18 -37.37 -39.69
C ASP F 324 -4.39 -37.28 -40.63
N THR F 325 -5.40 -36.51 -40.19
CA THR F 325 -6.54 -36.14 -41.01
C THR F 325 -6.83 -34.69 -40.68
N PRO F 326 -6.85 -33.83 -41.71
CA PRO F 326 -6.65 -34.17 -43.12
C PRO F 326 -5.20 -34.46 -43.48
N ARG F 327 -5.00 -35.14 -44.60
CA ARG F 327 -3.68 -35.45 -45.11
C ARG F 327 -3.68 -35.44 -46.65
N PRO F 328 -2.50 -35.40 -47.26
CA PRO F 328 -2.43 -35.60 -48.71
C PRO F 328 -2.31 -37.09 -49.04
N ASP F 329 -2.07 -37.41 -50.31
CA ASP F 329 -1.90 -38.80 -50.73
C ASP F 329 -0.58 -39.35 -50.19
N ASP F 330 -0.55 -40.66 -49.95
CA ASP F 330 0.64 -41.33 -49.42
C ASP F 330 1.88 -41.16 -50.31
N GLY F 331 2.96 -40.67 -49.72
CA GLY F 331 4.25 -40.53 -50.39
C GLY F 331 4.42 -39.20 -51.11
N SER F 332 3.32 -38.50 -51.34
CA SER F 332 3.31 -37.30 -52.17
C SER F 332 4.08 -36.11 -51.58
N ILE F 333 4.43 -36.16 -50.30
CA ILE F 333 5.26 -35.13 -49.71
C ILE F 333 6.72 -35.41 -50.04
N THR F 334 7.18 -34.82 -51.13
CA THR F 334 8.54 -35.07 -51.62
C THR F 334 9.58 -34.31 -50.79
N GLY F 335 10.84 -34.71 -50.93
CA GLY F 335 11.91 -34.14 -50.13
C GLY F 335 12.24 -35.01 -48.93
N PRO F 336 13.19 -34.56 -48.09
CA PRO F 336 13.62 -35.28 -46.89
C PRO F 336 12.53 -35.46 -45.84
N CYS F 337 12.82 -36.27 -44.82
CA CYS F 337 11.86 -36.64 -43.78
C CYS F 337 11.13 -35.46 -43.10
N GLU F 338 11.89 -34.42 -42.77
CA GLU F 338 11.39 -33.29 -42.01
C GLU F 338 10.46 -32.36 -42.80
N SER F 339 10.29 -32.62 -44.08
CA SER F 339 9.46 -31.76 -44.94
C SER F 339 7.99 -31.76 -44.50
N ASN F 340 7.44 -30.57 -44.25
CA ASN F 340 6.05 -30.43 -43.75
C ASN F 340 4.95 -30.85 -44.73
N GLY F 341 5.06 -30.42 -45.98
CA GLY F 341 4.11 -30.83 -47.00
C GLY F 341 2.81 -30.04 -47.03
N ASP F 342 1.87 -30.49 -47.86
CA ASP F 342 0.59 -29.80 -48.01
C ASP F 342 -0.45 -30.41 -47.10
N LYS F 343 -1.59 -29.73 -46.98
CA LYS F 343 -2.72 -30.22 -46.17
C LYS F 343 -2.36 -30.44 -44.71
N GLY F 344 -1.55 -29.55 -44.15
CA GLY F 344 -1.13 -29.68 -42.76
C GLY F 344 -2.15 -29.14 -41.78
N SER F 345 -2.88 -28.11 -42.19
CA SER F 345 -3.87 -27.47 -41.35
C SER F 345 -5.03 -28.42 -41.00
N GLY F 346 -5.49 -28.34 -39.75
CA GLY F 346 -6.48 -29.28 -39.25
C GLY F 346 -5.81 -30.51 -38.67
N GLY F 347 -6.54 -31.29 -37.87
CA GLY F 347 -5.95 -32.48 -37.28
C GLY F 347 -6.90 -33.48 -36.65
N ILE F 348 -6.34 -34.58 -36.18
CA ILE F 348 -7.09 -35.58 -35.44
C ILE F 348 -6.11 -36.40 -34.61
N LYS F 349 -6.56 -36.87 -33.44
CA LYS F 349 -5.71 -37.65 -32.55
C LYS F 349 -5.68 -39.10 -32.99
N GLY F 350 -4.50 -39.72 -32.97
CA GLY F 350 -4.33 -41.04 -33.53
C GLY F 350 -3.93 -42.16 -32.60
N GLY F 351 -4.48 -43.35 -32.89
CA GLY F 351 -4.11 -44.55 -32.16
C GLY F 351 -2.65 -44.91 -32.40
N PHE F 352 -2.02 -45.45 -31.36
CA PHE F 352 -0.62 -45.83 -31.41
C PHE F 352 -0.40 -46.74 -30.21
N VAL F 353 0.28 -47.86 -30.42
CA VAL F 353 0.51 -48.80 -29.32
C VAL F 353 1.63 -49.78 -29.66
N HIS F 354 2.42 -50.12 -28.65
CA HIS F 354 3.59 -50.97 -28.82
C HIS F 354 3.32 -52.44 -28.58
N GLN F 355 3.89 -53.27 -29.44
CA GLN F 355 3.99 -54.71 -29.20
C GLN F 355 5.46 -55.03 -28.94
N ARG F 356 5.79 -55.20 -27.66
CA ARG F 356 7.17 -55.45 -27.25
C ARG F 356 7.47 -56.95 -27.21
N MET F 357 8.46 -57.37 -27.99
CA MET F 357 8.88 -58.76 -28.00
C MET F 357 10.35 -58.80 -27.64
N GLU F 358 10.88 -59.99 -27.40
CA GLU F 358 12.25 -60.16 -26.95
C GLU F 358 13.27 -59.38 -27.78
N SER F 359 13.17 -59.48 -29.10
CA SER F 359 14.20 -58.91 -29.97
C SER F 359 13.71 -57.93 -31.04
N LYS F 360 12.41 -57.68 -31.07
CA LYS F 360 11.86 -56.67 -31.98
C LYS F 360 10.77 -55.85 -31.30
N ILE F 361 10.45 -54.71 -31.90
CA ILE F 361 9.38 -53.86 -31.41
C ILE F 361 8.35 -53.62 -32.52
N GLY F 362 7.09 -53.89 -32.22
CA GLY F 362 6.02 -53.60 -33.16
C GLY F 362 5.34 -52.28 -32.85
N ARG F 363 5.03 -51.51 -33.89
CA ARG F 363 4.32 -50.27 -33.72
C ARG F 363 3.05 -50.33 -34.54
N TRP F 364 1.92 -50.15 -33.88
CA TRP F 364 0.61 -50.23 -34.51
C TRP F 364 -0.04 -48.86 -34.53
N TYR F 365 -0.68 -48.53 -35.64
CA TYR F 365 -1.17 -47.18 -35.84
C TYR F 365 -2.54 -47.25 -36.46
N SER F 366 -3.38 -46.27 -36.15
CA SER F 366 -4.67 -46.17 -36.81
C SER F 366 -4.81 -44.78 -37.43
N ARG F 367 -5.56 -44.72 -38.53
CA ARG F 367 -5.88 -43.45 -39.16
C ARG F 367 -7.21 -43.64 -39.88
N THR F 368 -7.90 -42.52 -40.15
CA THR F 368 -9.20 -42.59 -40.82
C THR F 368 -9.02 -43.14 -42.24
N MET F 369 -10.05 -43.81 -42.74
CA MET F 369 -10.01 -44.30 -44.11
C MET F 369 -10.03 -43.12 -45.10
N SER F 370 -10.76 -42.06 -44.76
CA SER F 370 -10.84 -40.87 -45.62
C SER F 370 -9.67 -39.92 -45.37
N LYS F 371 -9.21 -39.25 -46.43
CA LYS F 371 -8.06 -38.36 -46.32
C LYS F 371 -8.42 -37.03 -45.66
N THR F 372 -9.66 -36.61 -45.80
CA THR F 372 -10.06 -35.27 -45.35
C THR F 372 -11.26 -35.30 -44.41
N GLU F 373 -11.93 -36.44 -44.33
CA GLU F 373 -13.14 -36.55 -43.51
C GLU F 373 -12.92 -37.49 -42.32
N ARG F 374 -13.61 -37.22 -41.21
CA ARG F 374 -13.50 -38.09 -40.04
C ARG F 374 -14.40 -39.33 -40.21
N MET F 375 -14.05 -40.14 -41.20
CA MET F 375 -14.84 -41.28 -41.62
C MET F 375 -13.97 -42.52 -41.75
N GLY F 376 -14.46 -43.63 -41.22
CA GLY F 376 -13.72 -44.88 -41.24
C GLY F 376 -12.52 -44.88 -40.31
N MET F 377 -11.93 -46.05 -40.14
CA MET F 377 -10.72 -46.19 -39.32
C MET F 377 -9.98 -47.47 -39.72
N GLY F 378 -8.75 -47.33 -40.20
CA GLY F 378 -7.97 -48.48 -40.61
C GLY F 378 -6.76 -48.68 -39.73
N LEU F 379 -6.20 -49.88 -39.77
CA LEU F 379 -5.13 -50.29 -38.88
C LEU F 379 -3.84 -50.58 -39.64
N TYR F 380 -2.70 -50.17 -39.07
CA TYR F 380 -1.41 -50.33 -39.74
C TYR F 380 -0.37 -50.81 -38.74
N VAL F 381 0.72 -51.43 -39.26
CA VAL F 381 1.77 -51.94 -38.40
C VAL F 381 3.16 -51.96 -39.07
N LYS F 382 4.19 -51.69 -38.29
CA LYS F 382 5.58 -51.82 -38.74
C LYS F 382 6.48 -52.26 -37.59
N TYR F 383 7.37 -53.20 -37.87
CA TYR F 383 8.26 -53.74 -36.86
C TYR F 383 9.67 -53.17 -36.97
N ASP F 384 10.18 -52.67 -35.85
CA ASP F 384 11.52 -52.08 -35.75
C ASP F 384 11.73 -50.85 -36.64
N GLY F 385 12.99 -50.53 -36.89
CA GLY F 385 13.36 -49.36 -37.67
C GLY F 385 13.36 -48.09 -36.83
N ASP F 386 13.39 -46.95 -37.50
CA ASP F 386 13.34 -45.67 -36.83
C ASP F 386 12.29 -44.81 -37.51
N PRO F 387 11.16 -44.54 -36.82
CA PRO F 387 10.04 -43.78 -37.39
C PRO F 387 10.46 -42.39 -37.88
N TRP F 388 11.50 -41.84 -37.28
CA TRP F 388 12.02 -40.53 -37.66
C TRP F 388 12.71 -40.57 -39.02
N ALA F 389 13.28 -41.71 -39.36
CA ALA F 389 14.21 -41.78 -40.48
C ALA F 389 13.81 -42.75 -41.59
N ASP F 390 12.64 -43.38 -41.46
CA ASP F 390 12.24 -44.37 -42.47
C ASP F 390 11.03 -43.97 -43.31
N SER F 391 11.27 -43.90 -44.62
CA SER F 391 10.23 -43.57 -45.60
C SER F 391 9.19 -44.68 -45.74
N ASP F 392 9.56 -45.90 -45.34
CA ASP F 392 8.76 -47.10 -45.55
C ASP F 392 7.27 -46.92 -45.25
N ALA F 393 6.44 -47.39 -46.18
CA ALA F 393 4.99 -47.39 -45.99
C ALA F 393 4.63 -48.41 -44.91
N LEU F 394 3.71 -48.04 -44.03
CA LEU F 394 3.27 -48.93 -42.98
C LEU F 394 2.40 -50.02 -43.57
N ALA F 395 2.54 -51.25 -43.07
CA ALA F 395 1.76 -52.37 -43.56
C ALA F 395 0.29 -52.22 -43.17
N PHE F 396 -0.58 -52.08 -44.17
CA PHE F 396 -2.01 -52.05 -43.88
C PHE F 396 -2.44 -53.39 -43.30
N SER F 397 -3.18 -53.35 -42.20
CA SER F 397 -3.55 -54.58 -41.49
C SER F 397 -5.03 -54.93 -41.57
N GLY F 398 -5.87 -53.95 -41.85
CA GLY F 398 -7.30 -54.21 -41.98
C GLY F 398 -8.22 -53.06 -41.61
N VAL F 399 -9.49 -53.21 -41.95
CA VAL F 399 -10.47 -52.15 -41.70
C VAL F 399 -11.20 -52.37 -40.39
N MET F 400 -11.02 -51.46 -39.43
CA MET F 400 -11.70 -51.53 -38.14
C MET F 400 -13.07 -50.86 -38.22
N VAL F 401 -13.12 -49.73 -38.91
CA VAL F 401 -14.37 -49.04 -39.13
C VAL F 401 -14.46 -48.69 -40.61
N SER F 402 -15.50 -49.18 -41.28
CA SER F 402 -15.65 -48.94 -42.71
C SER F 402 -15.93 -47.45 -42.93
N MET F 403 -15.65 -47.00 -44.15
CA MET F 403 -15.73 -45.57 -44.47
C MET F 403 -17.14 -45.00 -44.45
N LYS F 404 -18.13 -45.89 -44.28
CA LYS F 404 -19.52 -45.47 -44.16
C LYS F 404 -19.85 -45.04 -42.72
N GLU F 405 -19.08 -45.56 -41.77
CA GLU F 405 -19.29 -45.27 -40.35
C GLU F 405 -18.34 -44.19 -39.84
N PRO F 406 -18.76 -43.43 -38.80
CA PRO F 406 -17.91 -42.37 -38.25
C PRO F 406 -16.65 -42.93 -37.58
N GLY F 407 -15.53 -42.27 -37.79
CA GLY F 407 -14.30 -42.63 -37.11
C GLY F 407 -13.51 -41.39 -36.71
N TRP F 408 -13.55 -41.06 -35.42
CA TRP F 408 -12.93 -39.82 -34.96
C TRP F 408 -11.61 -40.08 -34.24
N TYR F 409 -11.49 -39.65 -32.98
CA TYR F 409 -10.25 -39.88 -32.23
C TYR F 409 -9.93 -41.36 -32.10
N SER F 410 -8.66 -41.67 -31.89
CA SER F 410 -8.28 -43.03 -31.53
C SER F 410 -7.09 -43.01 -30.59
N PHE F 411 -6.97 -44.04 -29.76
CA PHE F 411 -6.00 -44.06 -28.69
C PHE F 411 -5.48 -45.47 -28.50
N GLY F 412 -4.31 -45.59 -27.88
CA GLY F 412 -3.77 -46.89 -27.53
C GLY F 412 -3.90 -47.14 -26.05
N PHE F 413 -3.97 -48.40 -25.66
CA PHE F 413 -3.88 -48.77 -24.25
C PHE F 413 -3.46 -50.23 -24.12
N GLU F 414 -3.16 -50.66 -22.90
CA GLU F 414 -2.68 -52.02 -22.68
C GLU F 414 -3.40 -52.68 -21.52
N ILE F 415 -3.89 -53.89 -21.76
CA ILE F 415 -4.57 -54.67 -20.74
C ILE F 415 -3.56 -55.56 -20.04
N LYS F 416 -3.64 -55.65 -18.72
CA LYS F 416 -2.68 -56.45 -17.98
C LYS F 416 -3.19 -57.86 -17.73
N ASP F 417 -2.62 -58.82 -18.47
CA ASP F 417 -2.86 -60.24 -18.24
C ASP F 417 -1.93 -60.70 -17.12
N LYS F 418 -1.99 -61.98 -16.77
CA LYS F 418 -1.22 -62.54 -15.66
C LYS F 418 0.27 -62.24 -15.71
N GLU F 419 0.90 -62.49 -16.86
CA GLU F 419 2.35 -62.34 -16.96
C GLU F 419 2.79 -61.50 -18.17
N CYS F 420 1.83 -60.82 -18.79
CA CYS F 420 2.04 -60.24 -20.11
C CYS F 420 1.08 -59.07 -20.37
N ASP F 421 1.49 -58.12 -21.22
CA ASP F 421 0.64 -56.98 -21.56
C ASP F 421 -0.03 -57.19 -22.92
N VAL F 422 -1.27 -56.73 -23.05
CA VAL F 422 -2.02 -56.90 -24.29
C VAL F 422 -2.30 -55.54 -24.88
N PRO F 423 -1.69 -55.24 -26.03
CA PRO F 423 -1.88 -53.94 -26.66
C PRO F 423 -3.21 -53.82 -27.41
N CYS F 424 -3.90 -52.70 -27.25
CA CYS F 424 -5.18 -52.48 -27.91
C CYS F 424 -5.25 -51.08 -28.48
N ILE F 425 -6.22 -50.87 -29.35
CA ILE F 425 -6.55 -49.55 -29.85
C ILE F 425 -8.05 -49.33 -29.75
N GLY F 426 -8.43 -48.19 -29.17
CA GLY F 426 -9.83 -47.84 -29.07
C GLY F 426 -10.14 -46.72 -30.04
N ILE F 427 -11.37 -46.71 -30.56
CA ILE F 427 -11.75 -45.74 -31.57
C ILE F 427 -13.03 -45.01 -31.20
N GLU F 428 -12.96 -43.68 -31.16
CA GLU F 428 -14.11 -42.83 -30.93
C GLU F 428 -14.96 -42.71 -32.19
N MET F 429 -16.17 -43.26 -32.15
CA MET F 429 -17.10 -43.17 -33.27
C MET F 429 -18.19 -42.18 -32.92
N VAL F 430 -17.98 -40.94 -33.30
CA VAL F 430 -18.86 -39.85 -32.89
C VAL F 430 -20.19 -39.83 -33.65
N HIS F 431 -21.28 -39.62 -32.94
CA HIS F 431 -22.57 -39.37 -33.54
C HIS F 431 -22.68 -37.88 -33.83
N ASP F 432 -22.47 -37.49 -35.08
CA ASP F 432 -22.53 -36.08 -35.46
C ASP F 432 -23.74 -35.78 -36.34
N GLY F 433 -24.61 -34.90 -35.85
CA GLY F 433 -25.79 -34.50 -36.60
C GLY F 433 -25.97 -32.99 -36.59
N GLY F 434 -24.87 -32.28 -36.40
CA GLY F 434 -24.92 -30.83 -36.37
C GLY F 434 -25.34 -30.28 -35.01
N LYS F 435 -25.25 -28.97 -34.88
CA LYS F 435 -25.52 -28.29 -33.62
C LYS F 435 -27.00 -28.28 -33.21
N GLU F 436 -27.89 -28.67 -34.12
CA GLU F 436 -29.32 -28.65 -33.85
C GLU F 436 -29.79 -29.80 -32.95
N THR F 437 -28.95 -30.82 -32.78
CA THR F 437 -29.33 -32.00 -32.01
C THR F 437 -28.21 -32.39 -31.05
N TRP F 438 -28.28 -33.59 -30.47
CA TRP F 438 -27.26 -34.05 -29.54
C TRP F 438 -25.96 -34.47 -30.25
N HIS F 439 -24.86 -34.47 -29.51
CA HIS F 439 -23.55 -34.77 -30.06
C HIS F 439 -22.77 -35.64 -29.08
N SER F 440 -22.63 -36.92 -29.39
CA SER F 440 -21.99 -37.86 -28.47
C SER F 440 -21.12 -38.90 -29.19
N ALA F 441 -20.73 -39.96 -28.49
CA ALA F 441 -19.77 -40.91 -29.04
C ALA F 441 -19.94 -42.34 -28.56
N ALA F 442 -19.53 -43.29 -29.39
CA ALA F 442 -19.41 -44.68 -29.00
C ALA F 442 -17.94 -45.04 -29.05
N THR F 443 -17.56 -46.11 -28.37
CA THR F 443 -16.16 -46.55 -28.35
C THR F 443 -16.05 -47.99 -28.82
N ALA F 444 -15.17 -48.21 -29.81
CA ALA F 444 -14.90 -49.55 -30.33
C ALA F 444 -13.49 -49.94 -29.93
N ILE F 445 -13.29 -51.22 -29.62
CA ILE F 445 -12.00 -51.71 -29.16
C ILE F 445 -11.43 -52.82 -30.04
N TYR F 446 -10.17 -52.66 -30.46
CA TYR F 446 -9.46 -53.70 -31.20
C TYR F 446 -8.17 -54.08 -30.46
N CYS F 447 -7.98 -55.38 -30.19
CA CYS F 447 -6.83 -55.84 -29.44
C CYS F 447 -6.03 -56.88 -30.20
N LEU F 448 -4.72 -56.91 -29.94
CA LEU F 448 -3.86 -57.98 -30.43
C LEU F 448 -4.40 -59.31 -29.95
N MET F 449 -4.69 -60.20 -30.89
CA MET F 449 -5.41 -61.41 -30.57
C MET F 449 -5.09 -62.51 -31.56
N GLY F 450 -4.25 -63.46 -31.15
CA GLY F 450 -3.90 -64.59 -31.98
C GLY F 450 -3.12 -64.27 -33.24
N SER F 451 -3.34 -65.07 -34.29
CA SER F 451 -2.65 -64.90 -35.55
C SER F 451 -3.64 -64.78 -36.70
N GLY F 452 -3.13 -64.49 -37.89
CA GLY F 452 -3.97 -64.36 -39.07
C GLY F 452 -4.15 -62.90 -39.48
N GLN F 453 -5.35 -62.58 -39.97
CA GLN F 453 -5.66 -61.22 -40.40
C GLN F 453 -6.88 -60.66 -39.66
N LEU F 454 -6.99 -59.34 -39.62
CA LEU F 454 -8.15 -58.67 -39.02
C LEU F 454 -9.42 -59.05 -39.81
N LEU F 455 -10.43 -59.53 -39.11
CA LEU F 455 -11.58 -60.15 -39.77
C LEU F 455 -12.84 -59.31 -39.92
N TRP F 456 -13.20 -58.53 -38.90
CA TRP F 456 -14.46 -57.81 -38.95
C TRP F 456 -14.36 -56.33 -38.59
N ASP F 457 -15.26 -55.54 -39.19
CA ASP F 457 -15.36 -54.11 -38.89
C ASP F 457 -16.40 -53.86 -37.78
N THR F 458 -16.53 -52.61 -37.37
CA THR F 458 -17.44 -52.23 -36.28
C THR F 458 -18.43 -51.16 -36.72
N VAL F 459 -19.69 -51.30 -36.30
CA VAL F 459 -20.69 -50.27 -36.49
C VAL F 459 -21.24 -49.83 -35.14
N THR F 460 -21.82 -48.62 -35.06
CA THR F 460 -22.42 -48.14 -33.82
C THR F 460 -23.87 -48.64 -33.71
N GLY F 461 -24.53 -48.72 -34.85
CA GLY F 461 -25.91 -49.19 -34.90
C GLY F 461 -26.92 -48.19 -34.37
N VAL F 462 -26.52 -46.92 -34.28
CA VAL F 462 -27.38 -45.88 -33.72
C VAL F 462 -28.08 -45.07 -34.80
N ASP F 463 -29.39 -44.98 -34.69
CA ASP F 463 -30.20 -44.06 -35.49
C ASP F 463 -30.41 -42.77 -34.70
N MET F 464 -29.74 -41.70 -35.11
CA MET F 464 -29.76 -40.46 -34.36
C MET F 464 -31.15 -39.81 -34.29
N ALA F 465 -32.08 -40.32 -35.09
CA ALA F 465 -33.42 -39.74 -35.18
C ALA F 465 -34.30 -40.15 -34.00
N LEU F 466 -33.99 -41.30 -33.42
CA LEU F 466 -34.81 -41.86 -32.33
C LEU F 466 -34.55 -41.16 -30.99
N GLU G 77 -66.76 30.15 -0.31
CA GLU G 77 -66.86 28.73 -0.63
C GLU G 77 -65.71 28.26 -1.53
N PRO G 78 -64.54 27.96 -0.93
CA PRO G 78 -63.34 27.48 -1.64
C PRO G 78 -63.15 25.97 -1.50
N GLU G 79 -62.19 25.39 -2.23
CA GLU G 79 -62.04 23.94 -2.28
C GLU G 79 -60.59 23.45 -2.23
N TRP G 80 -60.40 22.21 -1.77
CA TRP G 80 -59.08 21.59 -1.69
C TRP G 80 -58.47 21.49 -3.07
N THR G 81 -57.16 21.60 -3.16
CA THR G 81 -56.48 21.41 -4.43
C THR G 81 -55.91 20.00 -4.58
N TYR G 82 -55.75 19.58 -5.82
CA TYR G 82 -55.18 18.30 -6.18
C TYR G 82 -54.18 18.57 -7.29
N PRO G 83 -53.16 17.69 -7.45
CA PRO G 83 -52.24 17.85 -8.59
C PRO G 83 -53.01 17.70 -9.90
N ARG G 84 -52.63 18.48 -10.91
CA ARG G 84 -53.29 18.39 -12.21
C ARG G 84 -52.27 17.99 -13.27
N LEU G 85 -52.75 17.76 -14.49
CA LEU G 85 -51.81 17.50 -15.57
C LEU G 85 -50.96 18.74 -15.78
N SER G 86 -49.65 18.53 -15.93
CA SER G 86 -48.76 19.64 -16.21
C SER G 86 -49.15 20.24 -17.54
N CYS G 87 -48.81 21.50 -17.75
CA CYS G 87 -49.26 22.15 -18.96
C CYS G 87 -48.21 22.13 -20.08
N PRO G 88 -48.66 22.22 -21.35
CA PRO G 88 -47.81 21.90 -22.50
C PRO G 88 -46.46 22.61 -22.48
N GLY G 89 -45.45 21.90 -22.98
CA GLY G 89 -44.08 22.39 -22.99
C GLY G 89 -43.12 21.23 -23.04
N SER G 90 -41.91 21.48 -23.52
CA SER G 90 -40.92 20.42 -23.69
C SER G 90 -39.53 20.83 -23.24
N THR G 91 -39.36 22.10 -22.90
CA THR G 91 -38.09 22.61 -22.39
C THR G 91 -38.31 23.64 -21.29
N PHE G 92 -37.29 23.86 -20.48
CA PHE G 92 -37.33 24.92 -19.47
C PHE G 92 -36.63 26.13 -20.04
N GLN G 93 -36.94 27.30 -19.49
CA GLN G 93 -36.30 28.55 -19.89
C GLN G 93 -36.13 29.46 -18.68
N LYS G 94 -35.23 30.42 -18.81
CA LYS G 94 -34.98 31.43 -17.78
C LYS G 94 -36.21 32.30 -17.55
N ALA G 95 -36.73 32.30 -16.33
CA ALA G 95 -37.94 33.04 -16.01
C ALA G 95 -37.69 34.33 -15.23
N LEU G 96 -37.10 34.19 -14.05
CA LEU G 96 -37.08 35.26 -13.07
C LEU G 96 -35.88 35.16 -12.16
N LEU G 97 -35.24 36.30 -11.90
CA LEU G 97 -34.18 36.37 -10.92
C LEU G 97 -34.59 37.26 -9.75
N ILE G 98 -34.50 36.75 -8.53
CA ILE G 98 -34.68 37.57 -7.34
C ILE G 98 -33.32 37.76 -6.71
N SER G 99 -32.76 38.96 -6.84
CA SER G 99 -31.39 39.22 -6.39
C SER G 99 -31.41 40.49 -5.54
N PRO G 100 -31.89 40.38 -4.29
CA PRO G 100 -32.09 41.56 -3.43
C PRO G 100 -30.78 42.27 -3.06
N HIS G 101 -29.67 41.55 -3.10
CA HIS G 101 -28.43 42.17 -2.69
C HIS G 101 -27.80 43.03 -3.78
N ARG G 102 -28.50 43.10 -4.92
CA ARG G 102 -28.19 44.09 -5.93
C ARG G 102 -28.42 45.49 -5.37
N PHE G 103 -29.22 45.58 -4.31
CA PHE G 103 -29.57 46.86 -3.73
C PHE G 103 -29.02 47.03 -2.32
N GLY G 104 -28.13 46.13 -1.92
CA GLY G 104 -27.64 46.10 -0.56
C GLY G 104 -26.34 46.84 -0.31
N GLU G 105 -25.93 47.68 -1.27
CA GLU G 105 -24.65 48.36 -1.15
C GLU G 105 -24.66 49.49 -0.12
N THR G 106 -23.46 49.84 0.34
CA THR G 106 -23.27 50.90 1.32
C THR G 106 -23.71 52.29 0.84
N LYS G 107 -23.58 52.56 -0.45
CA LYS G 107 -24.06 53.84 -0.97
C LYS G 107 -25.54 53.82 -1.40
N GLY G 108 -26.20 52.67 -1.20
CA GLY G 108 -27.62 52.54 -1.47
C GLY G 108 -28.49 52.94 -0.29
N ASN G 109 -29.82 52.84 -0.46
CA ASN G 109 -30.76 53.16 0.62
C ASN G 109 -31.73 52.02 0.88
N SER G 110 -31.38 50.82 0.43
CA SER G 110 -32.25 49.66 0.58
C SER G 110 -31.88 48.77 1.77
N ALA G 111 -32.74 47.80 2.06
CA ALA G 111 -32.49 46.91 3.18
C ALA G 111 -32.83 45.45 2.87
N PRO G 112 -32.11 44.83 1.92
CA PRO G 112 -32.43 43.41 1.70
C PRO G 112 -32.12 42.59 2.95
N LEU G 113 -32.98 41.63 3.25
CA LEU G 113 -32.76 40.75 4.38
C LEU G 113 -31.70 39.70 4.03
N ILE G 114 -30.95 39.30 5.05
CA ILE G 114 -29.95 38.27 4.93
C ILE G 114 -30.63 36.92 5.13
N ILE G 115 -30.54 36.05 4.13
CA ILE G 115 -31.28 34.78 4.16
C ILE G 115 -30.49 33.60 3.60
N ARG G 116 -30.96 32.40 3.91
CA ARG G 116 -30.54 31.21 3.18
C ARG G 116 -31.69 30.22 3.12
N GLU G 117 -31.47 29.10 2.44
CA GLU G 117 -32.51 28.10 2.21
C GLU G 117 -33.84 28.72 1.75
N PRO G 118 -33.83 29.43 0.61
CA PRO G 118 -35.11 29.95 0.15
C PRO G 118 -35.88 28.86 -0.59
N PHE G 119 -37.20 29.00 -0.67
CA PHE G 119 -37.99 28.13 -1.53
C PHE G 119 -39.28 28.86 -1.94
N ILE G 120 -40.05 28.21 -2.79
CA ILE G 120 -41.24 28.84 -3.32
C ILE G 120 -42.41 27.88 -3.24
N ALA G 121 -43.57 28.38 -2.82
CA ALA G 121 -44.77 27.59 -2.82
C ALA G 121 -45.87 28.43 -3.42
N CYS G 122 -46.75 27.81 -4.17
CA CYS G 122 -47.83 28.51 -4.83
C CYS G 122 -49.17 27.88 -4.50
N GLY G 123 -50.17 28.73 -4.27
CA GLY G 123 -51.53 28.28 -4.06
C GLY G 123 -52.33 28.75 -5.26
N PRO G 124 -53.66 28.67 -5.19
CA PRO G 124 -54.46 28.96 -6.39
C PRO G 124 -54.32 30.40 -6.90
N ASN G 125 -53.99 31.35 -6.03
CA ASN G 125 -54.01 32.76 -6.41
C ASN G 125 -52.65 33.45 -6.49
N GLU G 126 -51.74 33.12 -5.58
CA GLU G 126 -50.45 33.79 -5.57
C GLU G 126 -49.29 32.84 -5.28
N CYS G 127 -48.08 33.28 -5.59
CA CYS G 127 -46.89 32.54 -5.20
C CYS G 127 -46.16 33.26 -4.08
N LYS G 128 -45.65 32.49 -3.12
CA LYS G 128 -44.88 33.08 -2.03
C LYS G 128 -43.43 32.62 -2.05
N HIS G 129 -42.54 33.58 -1.86
CA HIS G 129 -41.11 33.34 -1.83
C HIS G 129 -40.69 33.31 -0.36
N PHE G 130 -40.35 32.13 0.15
CA PHE G 130 -39.99 31.93 1.55
C PHE G 130 -38.49 31.83 1.70
N ALA G 131 -37.98 32.12 2.88
CA ALA G 131 -36.57 31.92 3.19
C ALA G 131 -36.37 31.94 4.71
N LEU G 132 -35.19 31.51 5.15
CA LEU G 132 -34.83 31.63 6.54
C LEU G 132 -33.88 32.80 6.71
N THR G 133 -34.38 33.88 7.30
CA THR G 133 -33.51 35.01 7.60
C THR G 133 -32.73 34.86 8.89
N HIS G 134 -31.68 35.66 9.03
CA HIS G 134 -30.89 35.73 10.25
C HIS G 134 -31.32 36.96 11.06
N TYR G 135 -32.46 37.55 10.69
CA TYR G 135 -32.96 38.76 11.33
C TYR G 135 -31.96 39.91 11.25
N ALA G 136 -31.33 40.05 10.10
CA ALA G 136 -30.34 41.10 9.88
C ALA G 136 -30.38 41.52 8.41
N ALA G 137 -30.05 42.77 8.14
CA ALA G 137 -30.12 43.27 6.78
C ALA G 137 -28.75 43.71 6.27
N GLN G 138 -28.68 43.95 4.96
CA GLN G 138 -27.46 44.42 4.32
C GLN G 138 -27.78 45.74 3.62
N PRO G 139 -27.09 46.83 3.98
CA PRO G 139 -25.99 46.88 4.95
C PRO G 139 -26.47 46.89 6.41
N GLY G 140 -25.62 46.44 7.31
CA GLY G 140 -26.01 46.30 8.70
C GLY G 140 -24.84 46.00 9.62
N GLY G 141 -25.13 45.86 10.91
CA GLY G 141 -24.08 45.69 11.88
C GLY G 141 -23.94 44.27 12.42
N TYR G 142 -24.75 43.36 11.89
CA TYR G 142 -24.86 42.02 12.46
C TYR G 142 -24.43 40.90 11.52
N TYR G 143 -23.33 41.10 10.81
CA TYR G 143 -22.89 40.07 9.88
C TYR G 143 -22.39 38.82 10.61
N ASN G 144 -21.86 39.01 11.83
CA ASN G 144 -21.36 37.92 12.66
C ASN G 144 -22.44 36.87 12.87
N GLY G 145 -22.21 35.67 12.36
CA GLY G 145 -23.13 34.57 12.58
C GLY G 145 -23.95 34.16 11.38
N THR G 146 -23.95 34.98 10.32
CA THR G 146 -24.82 34.73 9.17
C THR G 146 -24.39 33.54 8.31
N ARG G 147 -23.26 32.92 8.65
CA ARG G 147 -22.83 31.71 7.96
C ARG G 147 -23.07 30.47 8.83
N GLY G 148 -23.73 30.67 9.98
CA GLY G 148 -24.10 29.57 10.84
C GLY G 148 -25.47 29.06 10.47
N ASP G 149 -25.80 27.83 10.87
CA ASP G 149 -27.06 27.23 10.41
C ASP G 149 -28.22 27.50 11.35
N ARG G 150 -27.96 27.40 12.65
CA ARG G 150 -29.00 27.48 13.67
C ARG G 150 -28.64 28.49 14.76
N ASN G 151 -29.63 29.27 15.18
CA ASN G 151 -29.50 30.22 16.30
C ASN G 151 -30.89 30.72 16.73
N LYS G 152 -30.93 31.61 17.71
CA LYS G 152 -32.21 32.01 18.31
C LYS G 152 -32.90 33.17 17.59
N LEU G 153 -32.25 33.71 16.58
CA LEU G 153 -32.79 34.85 15.86
C LEU G 153 -33.43 34.47 14.52
N ARG G 154 -33.18 33.27 14.04
CA ARG G 154 -33.66 32.87 12.72
C ARG G 154 -35.17 32.72 12.65
N HIS G 155 -35.75 33.33 11.61
CA HIS G 155 -37.18 33.24 11.35
C HIS G 155 -37.48 32.88 9.91
N LEU G 156 -38.61 32.22 9.71
CA LEU G 156 -39.12 31.96 8.39
C LEU G 156 -39.92 33.16 7.94
N ILE G 157 -39.51 33.75 6.82
CA ILE G 157 -40.18 34.91 6.25
C ILE G 157 -40.72 34.65 4.85
N SER G 158 -41.55 35.55 4.35
CA SER G 158 -41.96 35.48 2.96
C SER G 158 -42.28 36.84 2.36
N VAL G 159 -42.40 36.86 1.04
CA VAL G 159 -42.99 37.96 0.30
C VAL G 159 -43.74 37.30 -0.85
N LYS G 160 -44.61 38.07 -1.49
CA LYS G 160 -45.21 37.63 -2.75
C LYS G 160 -44.09 37.51 -3.81
N LEU G 161 -44.05 36.39 -4.54
CA LEU G 161 -43.00 36.16 -5.55
C LEU G 161 -43.01 37.27 -6.60
N GLY G 162 -41.89 37.97 -6.73
CA GLY G 162 -41.82 39.14 -7.58
C GLY G 162 -41.36 40.34 -6.78
N LYS G 163 -41.63 40.31 -5.48
CA LYS G 163 -41.22 41.38 -4.57
C LYS G 163 -39.82 41.11 -4.04
N ILE G 164 -39.07 42.18 -3.78
CA ILE G 164 -37.75 42.07 -3.16
C ILE G 164 -37.93 41.89 -1.63
N PRO G 165 -37.35 40.83 -1.06
CA PRO G 165 -37.59 40.52 0.35
C PRO G 165 -36.73 41.38 1.27
N THR G 166 -37.25 42.56 1.61
CA THR G 166 -36.54 43.52 2.45
C THR G 166 -37.19 43.57 3.83
N VAL G 167 -36.59 44.35 4.73
CA VAL G 167 -37.11 44.55 6.07
C VAL G 167 -38.58 44.95 6.10
N GLU G 168 -38.98 45.85 5.21
CA GLU G 168 -40.37 46.31 5.20
C GLU G 168 -41.34 45.45 4.38
N ASN G 169 -40.85 44.82 3.32
CA ASN G 169 -41.73 44.04 2.44
C ASN G 169 -42.05 42.66 3.00
N SER G 170 -41.11 42.09 3.75
CA SER G 170 -41.24 40.72 4.22
C SER G 170 -42.23 40.62 5.35
N ILE G 171 -42.83 39.44 5.52
CA ILE G 171 -43.61 39.18 6.71
C ILE G 171 -42.94 38.05 7.49
N PHE G 172 -42.86 38.21 8.80
CA PHE G 172 -42.19 37.21 9.64
C PHE G 172 -43.22 36.22 10.18
N HIS G 173 -43.05 34.95 9.86
CA HIS G 173 -44.05 33.94 10.21
C HIS G 173 -43.86 33.30 11.57
N MET G 174 -42.63 32.91 11.88
CA MET G 174 -42.32 32.28 13.16
C MET G 174 -40.82 32.03 13.29
N ALA G 175 -40.35 31.87 14.52
CA ALA G 175 -38.97 31.48 14.77
C ALA G 175 -38.70 30.11 14.14
N ALA G 176 -37.61 30.01 13.40
CA ALA G 176 -37.27 28.75 12.73
C ALA G 176 -35.86 28.79 12.15
N TRP G 177 -35.13 27.69 12.27
CA TRP G 177 -33.92 27.50 11.51
C TRP G 177 -34.03 26.31 10.53
N SER G 178 -35.26 25.82 10.37
CA SER G 178 -35.57 24.87 9.31
C SER G 178 -37.06 25.02 9.02
N GLY G 179 -37.44 24.98 7.74
CA GLY G 179 -38.79 25.34 7.36
C GLY G 179 -39.40 24.69 6.13
N SER G 180 -40.69 24.92 5.96
CA SER G 180 -41.45 24.44 4.82
C SER G 180 -42.77 25.19 4.83
N ALA G 181 -43.54 25.05 3.76
CA ALA G 181 -44.83 25.71 3.63
C ALA G 181 -45.53 25.15 2.42
N CYS G 182 -46.85 25.15 2.47
CA CYS G 182 -47.66 24.68 1.35
C CYS G 182 -49.08 25.16 1.52
N HIS G 183 -49.76 25.37 0.40
CA HIS G 183 -51.15 25.80 0.38
C HIS G 183 -52.02 24.61 0.02
N ASP G 184 -53.10 24.40 0.76
CA ASP G 184 -53.97 23.25 0.52
C ASP G 184 -55.19 23.60 -0.32
N GLY G 185 -55.25 24.87 -0.72
CA GLY G 185 -56.36 25.35 -1.53
C GLY G 185 -57.28 26.25 -0.73
N LYS G 186 -57.20 26.14 0.59
CA LYS G 186 -58.03 26.94 1.48
C LYS G 186 -57.17 27.87 2.31
N GLU G 187 -56.01 27.38 2.74
CA GLU G 187 -55.15 28.15 3.62
C GLU G 187 -53.71 27.64 3.53
N TRP G 188 -52.77 28.51 3.90
CA TRP G 188 -51.36 28.16 3.98
C TRP G 188 -51.09 27.40 5.26
N THR G 189 -50.21 26.40 5.17
CA THR G 189 -49.61 25.80 6.36
C THR G 189 -48.16 26.21 6.42
N TYR G 190 -47.74 26.80 7.53
CA TYR G 190 -46.33 27.17 7.70
C TYR G 190 -45.65 26.21 8.66
N ILE G 191 -44.48 25.70 8.26
CA ILE G 191 -43.72 24.77 9.07
C ILE G 191 -42.42 25.41 9.52
N GLY G 192 -42.17 25.37 10.82
CA GLY G 192 -40.96 25.96 11.37
C GLY G 192 -40.33 25.14 12.47
N VAL G 193 -39.03 24.85 12.34
CA VAL G 193 -38.31 24.11 13.35
C VAL G 193 -37.29 24.97 14.09
N ASP G 194 -37.35 24.98 15.42
CA ASP G 194 -36.31 25.63 16.21
C ASP G 194 -36.04 24.85 17.51
N GLY G 195 -35.44 25.50 18.49
CA GLY G 195 -35.09 24.83 19.73
C GLY G 195 -33.65 24.39 19.80
N PRO G 196 -33.26 23.76 20.93
CA PRO G 196 -31.88 23.28 21.09
C PRO G 196 -31.65 22.05 20.23
N ASP G 197 -30.39 21.86 19.82
CA ASP G 197 -30.05 20.80 18.86
C ASP G 197 -30.54 19.40 19.24
N ASN G 198 -30.37 19.02 20.51
CA ASN G 198 -30.74 17.69 20.97
C ASN G 198 -32.18 17.55 21.44
N ASP G 199 -32.97 18.61 21.32
CA ASP G 199 -34.41 18.55 21.61
C ASP G 199 -35.13 19.59 20.79
N ALA G 200 -34.92 19.55 19.48
CA ALA G 200 -35.53 20.53 18.58
C ALA G 200 -37.03 20.29 18.50
N LEU G 201 -37.74 21.32 18.06
CA LEU G 201 -39.18 21.27 18.00
C LEU G 201 -39.72 21.74 16.66
N LEU G 202 -40.51 20.89 16.01
CA LEU G 202 -41.19 21.29 14.79
C LEU G 202 -42.50 21.98 15.15
N LYS G 203 -42.76 23.14 14.55
CA LYS G 203 -43.97 23.90 14.84
C LYS G 203 -44.80 24.13 13.58
N VAL G 204 -46.11 23.91 13.69
CA VAL G 204 -47.01 24.09 12.55
C VAL G 204 -47.92 25.31 12.76
N LYS G 205 -48.11 26.07 11.70
CA LYS G 205 -48.94 27.26 11.76
C LYS G 205 -49.94 27.19 10.60
N TYR G 206 -51.22 27.38 10.92
CA TYR G 206 -52.27 27.35 9.91
C TYR G 206 -52.92 28.73 9.86
N GLY G 207 -52.68 29.46 8.78
CA GLY G 207 -53.10 30.86 8.72
C GLY G 207 -52.30 31.61 9.76
N GLU G 208 -52.98 32.31 10.66
CA GLU G 208 -52.35 33.07 11.73
C GLU G 208 -52.13 32.28 13.04
N ALA G 209 -52.70 31.08 13.14
CA ALA G 209 -52.72 30.37 14.41
C ALA G 209 -51.71 29.23 14.49
N TYR G 210 -50.98 29.19 15.60
CA TYR G 210 -50.10 28.06 15.88
C TYR G 210 -51.00 26.89 16.27
N THR G 211 -50.77 25.73 15.66
CA THR G 211 -51.75 24.65 15.72
C THR G 211 -51.22 23.32 16.28
N ASP G 212 -49.98 22.98 15.97
CA ASP G 212 -49.42 21.69 16.42
C ASP G 212 -47.90 21.76 16.54
N THR G 213 -47.33 20.71 17.12
CA THR G 213 -45.89 20.56 17.26
C THR G 213 -45.50 19.10 17.13
N TYR G 214 -44.22 18.85 16.85
CA TYR G 214 -43.70 17.49 16.80
C TYR G 214 -42.30 17.50 17.43
N HIS G 215 -42.00 16.47 18.19
CA HIS G 215 -40.76 16.41 18.97
C HIS G 215 -39.63 15.61 18.32
N SER G 216 -38.40 15.95 18.71
CA SER G 216 -37.23 15.17 18.34
C SER G 216 -37.40 13.73 18.83
N TYR G 217 -37.17 12.76 17.96
CA TYR G 217 -37.32 11.36 18.35
C TYR G 217 -35.98 10.65 18.42
N ALA G 218 -34.93 11.32 17.98
CA ALA G 218 -33.59 10.75 18.02
C ALA G 218 -32.64 11.60 18.86
N ASN G 219 -33.06 12.83 19.16
CA ASN G 219 -32.30 13.75 20.01
C ASN G 219 -30.93 14.13 19.49
N LYS G 220 -30.79 14.13 18.16
CA LYS G 220 -29.56 14.61 17.52
C LYS G 220 -29.78 15.96 16.85
N LEU G 221 -30.83 16.06 16.02
CA LEU G 221 -31.22 17.32 15.36
C LEU G 221 -32.43 17.16 14.45
N LEU G 222 -33.63 17.35 15.00
CA LEU G 222 -34.84 17.32 14.19
C LEU G 222 -34.82 18.44 13.14
N ARG G 223 -35.21 18.11 11.92
CA ARG G 223 -35.15 19.05 10.80
C ARG G 223 -36.11 18.65 9.69
N THR G 224 -36.30 19.54 8.71
CA THR G 224 -37.31 19.32 7.66
C THR G 224 -36.82 19.73 6.26
N GLN G 225 -37.75 19.81 5.31
CA GLN G 225 -37.46 19.84 3.86
C GLN G 225 -36.70 21.06 3.29
N GLU G 226 -36.96 22.26 3.82
CA GLU G 226 -36.45 23.50 3.23
C GLU G 226 -37.01 23.75 1.82
N SER G 227 -38.17 23.17 1.55
CA SER G 227 -38.94 23.43 0.32
C SER G 227 -40.39 23.04 0.52
N ALA G 228 -41.23 23.27 -0.48
CA ALA G 228 -42.68 23.14 -0.30
C ALA G 228 -43.16 21.74 0.10
N CYS G 229 -44.06 21.67 1.09
CA CYS G 229 -44.75 20.42 1.39
C CYS G 229 -45.84 20.23 0.34
N ASN G 230 -46.53 19.09 0.37
CA ASN G 230 -47.47 18.78 -0.71
C ASN G 230 -48.86 18.35 -0.25
N CYS G 231 -49.88 19.04 -0.74
CA CYS G 231 -51.23 18.87 -0.24
C CYS G 231 -52.15 18.25 -1.29
N ILE G 232 -52.92 17.25 -0.86
CA ILE G 232 -53.92 16.65 -1.73
C ILE G 232 -55.21 16.39 -0.95
N GLY G 233 -56.31 16.95 -1.43
CA GLY G 233 -57.60 16.80 -0.81
C GLY G 233 -57.64 17.29 0.63
N GLY G 234 -56.69 18.13 1.01
CA GLY G 234 -56.66 18.68 2.35
C GLY G 234 -55.58 18.08 3.23
N ASN G 235 -55.08 16.91 2.86
CA ASN G 235 -53.97 16.30 3.56
C ASN G 235 -52.65 16.82 3.00
N CYS G 236 -51.77 17.30 3.88
CA CYS G 236 -50.45 17.79 3.46
C CYS G 236 -49.35 16.88 3.99
N TYR G 237 -48.41 16.51 3.12
CA TYR G 237 -47.34 15.59 3.48
C TYR G 237 -46.01 16.30 3.60
N LEU G 238 -45.31 16.06 4.71
CA LEU G 238 -44.09 16.77 5.02
C LEU G 238 -43.04 15.78 5.48
N MET G 239 -41.84 15.89 4.95
CA MET G 239 -40.75 15.04 5.42
C MET G 239 -40.04 15.73 6.58
N ILE G 240 -39.79 14.96 7.63
CA ILE G 240 -38.85 15.38 8.67
C ILE G 240 -37.82 14.29 8.82
N THR G 241 -36.79 14.55 9.63
CA THR G 241 -35.76 13.56 9.91
C THR G 241 -35.01 13.97 11.17
N ASP G 242 -34.49 12.98 11.88
CA ASP G 242 -33.73 13.24 13.09
C ASP G 242 -32.52 12.33 13.08
N GLY G 243 -31.37 12.84 13.47
CA GLY G 243 -30.18 12.03 13.53
C GLY G 243 -28.89 12.79 13.25
N SER G 244 -27.79 12.05 13.16
CA SER G 244 -26.48 12.63 12.93
C SER G 244 -26.21 12.93 11.46
N ALA G 245 -25.49 14.02 11.20
CA ALA G 245 -25.14 14.41 9.84
C ALA G 245 -24.21 13.41 9.18
N SER G 246 -23.41 12.71 9.99
CA SER G 246 -22.47 11.72 9.48
C SER G 246 -22.80 10.30 9.93
N GLY G 247 -24.07 10.05 10.23
CA GLY G 247 -24.50 8.73 10.69
C GLY G 247 -25.89 8.36 10.24
N VAL G 248 -26.68 7.81 11.17
CA VAL G 248 -28.03 7.38 10.85
C VAL G 248 -29.00 8.56 10.94
N SER G 249 -29.88 8.68 9.95
CA SER G 249 -30.94 9.69 9.97
C SER G 249 -32.20 9.16 9.29
N GLU G 250 -32.96 8.35 10.04
CA GLU G 250 -34.18 7.77 9.50
C GLU G 250 -35.30 8.79 9.52
N CYS G 251 -35.69 9.25 8.34
CA CYS G 251 -36.73 10.26 8.20
C CYS G 251 -38.10 9.66 8.50
N ARG G 252 -39.07 10.54 8.74
CA ARG G 252 -40.46 10.14 8.82
C ARG G 252 -41.27 11.09 7.96
N PHE G 253 -42.55 10.76 7.76
CA PHE G 253 -43.46 11.66 7.09
C PHE G 253 -44.67 12.00 7.94
N LEU G 254 -44.97 13.30 8.03
CA LEU G 254 -46.15 13.75 8.74
C LEU G 254 -47.28 14.01 7.76
N LYS G 255 -48.45 13.44 8.05
CA LYS G 255 -49.66 13.77 7.32
C LYS G 255 -50.37 14.84 8.13
N ILE G 256 -50.48 16.03 7.57
CA ILE G 256 -51.03 17.18 8.28
C ILE G 256 -52.29 17.70 7.60
N ARG G 257 -53.31 17.97 8.40
CA ARG G 257 -54.55 18.49 7.87
C ARG G 257 -54.99 19.67 8.74
N GLU G 258 -55.20 20.82 8.09
CA GLU G 258 -55.66 22.04 8.76
C GLU G 258 -54.83 22.41 9.99
N GLY G 259 -53.52 22.27 9.87
CA GLY G 259 -52.61 22.62 10.94
C GLY G 259 -52.27 21.49 11.90
N ARG G 260 -53.01 20.39 11.84
CA ARG G 260 -52.79 19.31 12.81
C ARG G 260 -52.21 18.00 12.26
N ILE G 261 -51.29 17.43 13.03
CA ILE G 261 -50.67 16.19 12.64
C ILE G 261 -51.61 15.03 12.95
N ILE G 262 -52.12 14.39 11.91
CA ILE G 262 -53.08 13.31 12.09
C ILE G 262 -52.41 11.93 12.01
N LYS G 263 -51.41 11.79 11.16
CA LYS G 263 -50.72 10.51 11.05
C LYS G 263 -49.21 10.65 10.90
N GLU G 264 -48.50 9.68 11.47
CA GLU G 264 -47.07 9.51 11.24
C GLU G 264 -46.87 8.40 10.23
N ILE G 265 -45.97 8.62 9.27
CA ILE G 265 -45.65 7.57 8.31
C ILE G 265 -44.19 7.16 8.45
N PHE G 266 -43.97 5.86 8.67
CA PHE G 266 -42.65 5.30 8.83
C PHE G 266 -42.27 4.55 7.56
N PRO G 267 -41.29 5.08 6.80
CA PRO G 267 -40.93 4.47 5.52
C PRO G 267 -40.17 3.15 5.66
N THR G 268 -40.48 2.19 4.79
CA THR G 268 -39.78 0.92 4.74
C THR G 268 -38.67 0.99 3.69
N GLY G 269 -37.71 0.08 3.76
CA GLY G 269 -36.68 -0.04 2.75
C GLY G 269 -35.33 0.51 3.13
N ARG G 270 -34.66 1.16 2.18
CA ARG G 270 -33.37 1.79 2.39
C ARG G 270 -33.58 3.09 3.17
N VAL G 271 -33.40 3.04 4.47
CA VAL G 271 -33.81 4.16 5.32
C VAL G 271 -32.71 4.68 6.26
N LYS G 272 -31.47 4.25 6.06
CA LYS G 272 -30.43 4.58 7.03
C LYS G 272 -30.04 6.05 7.07
N HIS G 273 -30.32 6.77 5.98
CA HIS G 273 -30.11 8.23 5.93
C HIS G 273 -30.89 8.88 4.79
N THR G 274 -31.81 9.76 5.16
CA THR G 274 -32.66 10.48 4.21
C THR G 274 -32.97 11.84 4.80
N GLU G 275 -32.62 12.91 4.09
CA GLU G 275 -32.89 14.27 4.57
C GLU G 275 -33.16 15.26 3.42
N GLU G 276 -33.67 16.44 3.77
CA GLU G 276 -33.96 17.51 2.82
C GLU G 276 -34.63 17.05 1.52
N CYS G 277 -35.63 16.19 1.66
CA CYS G 277 -36.37 15.71 0.49
C CYS G 277 -37.03 16.86 -0.26
N THR G 278 -36.83 16.86 -1.58
CA THR G 278 -37.60 17.69 -2.47
C THR G 278 -38.67 16.78 -3.05
N CYS G 279 -39.93 17.12 -2.80
CA CYS G 279 -41.03 16.22 -3.16
C CYS G 279 -41.96 16.84 -4.18
N GLY G 280 -42.61 15.99 -4.96
CA GLY G 280 -43.65 16.44 -5.88
C GLY G 280 -44.69 15.35 -6.10
N PHE G 281 -45.72 15.69 -6.86
CA PHE G 281 -46.77 14.73 -7.20
C PHE G 281 -46.52 14.04 -8.53
N ALA G 282 -46.29 12.73 -8.49
CA ALA G 282 -46.20 11.93 -9.71
C ALA G 282 -47.61 11.68 -10.23
N SER G 283 -48.55 11.50 -9.30
CA SER G 283 -49.95 11.20 -9.63
C SER G 283 -50.82 11.60 -8.45
N ASN G 284 -52.13 11.35 -8.57
CA ASN G 284 -53.04 11.52 -7.44
C ASN G 284 -52.81 10.41 -6.40
N LYS G 285 -52.05 9.40 -6.80
CA LYS G 285 -51.80 8.21 -6.01
C LYS G 285 -50.44 8.28 -5.31
N THR G 286 -49.49 8.95 -5.94
CA THR G 286 -48.10 8.86 -5.52
C THR G 286 -47.35 10.20 -5.39
N ILE G 287 -46.72 10.40 -4.24
CA ILE G 287 -45.74 11.47 -4.07
C ILE G 287 -44.34 10.84 -4.21
N GLU G 288 -43.46 11.51 -4.94
CA GLU G 288 -42.08 11.08 -5.02
C GLU G 288 -41.14 12.15 -4.47
N CYS G 289 -40.04 11.71 -3.86
CA CYS G 289 -39.08 12.65 -3.29
C CYS G 289 -37.65 12.36 -3.71
N ALA G 290 -36.97 13.37 -4.21
CA ALA G 290 -35.52 13.30 -4.40
C ALA G 290 -34.90 13.98 -3.19
N CYS G 291 -34.11 13.22 -2.44
CA CYS G 291 -33.62 13.65 -1.14
C CYS G 291 -32.10 13.62 -1.07
N ARG G 292 -31.58 13.87 0.12
CA ARG G 292 -30.15 13.98 0.32
C ARG G 292 -29.60 13.02 1.40
N ASP G 293 -28.58 12.23 1.02
CA ASP G 293 -27.81 11.42 1.96
C ASP G 293 -26.50 12.12 2.21
N ASN G 294 -26.26 12.51 3.45
CA ASN G 294 -25.11 13.31 3.80
C ASN G 294 -23.91 12.50 4.28
N SER G 295 -24.04 11.17 4.31
CA SER G 295 -22.95 10.34 4.84
C SER G 295 -22.65 9.02 4.11
N TYR G 296 -23.61 8.46 3.37
CA TYR G 296 -23.43 7.11 2.85
C TYR G 296 -23.25 6.97 1.33
N THR G 297 -23.91 7.81 0.55
CA THR G 297 -23.85 7.67 -0.90
C THR G 297 -24.00 8.98 -1.64
N ALA G 298 -23.50 9.04 -2.87
CA ALA G 298 -23.67 10.23 -3.70
C ALA G 298 -24.91 10.12 -4.59
N LYS G 299 -25.53 8.94 -4.59
CA LYS G 299 -26.85 8.80 -5.20
C LYS G 299 -27.85 9.44 -4.26
N ARG G 300 -28.95 9.94 -4.81
CA ARG G 300 -29.99 10.52 -3.96
C ARG G 300 -30.99 9.45 -3.56
N PRO G 301 -31.34 9.41 -2.28
CA PRO G 301 -32.46 8.55 -1.83
C PRO G 301 -33.72 8.97 -2.55
N PHE G 302 -34.58 8.01 -2.90
CA PHE G 302 -35.80 8.32 -3.63
C PHE G 302 -37.00 7.70 -2.93
N VAL G 303 -37.92 8.55 -2.49
CA VAL G 303 -39.10 8.09 -1.78
C VAL G 303 -40.29 7.88 -2.71
N LYS G 304 -41.00 6.78 -2.52
CA LYS G 304 -42.31 6.60 -3.14
C LYS G 304 -43.36 6.52 -2.04
N LEU G 305 -44.17 7.57 -1.94
CA LEU G 305 -45.18 7.65 -0.88
C LEU G 305 -46.57 7.49 -1.48
N ASN G 306 -47.26 6.42 -1.09
CA ASN G 306 -48.63 6.19 -1.54
C ASN G 306 -49.63 6.90 -0.64
N VAL G 307 -50.20 8.00 -1.13
CA VAL G 307 -51.09 8.80 -0.30
C VAL G 307 -52.45 8.14 -0.06
N GLU G 308 -52.75 7.10 -0.83
CA GLU G 308 -54.01 6.37 -0.68
C GLU G 308 -53.97 5.39 0.49
N THR G 309 -52.81 4.78 0.70
CA THR G 309 -52.66 3.77 1.73
C THR G 309 -51.68 4.24 2.79
N ASP G 310 -51.17 5.47 2.61
CA ASP G 310 -50.26 6.09 3.57
C ASP G 310 -49.10 5.18 3.97
N THR G 311 -48.34 4.76 2.97
CA THR G 311 -47.16 3.94 3.16
C THR G 311 -46.05 4.49 2.28
N ALA G 312 -44.83 4.49 2.81
CA ALA G 312 -43.71 5.06 2.06
C ALA G 312 -42.58 4.06 1.92
N GLU G 313 -41.85 4.16 0.82
CA GLU G 313 -40.75 3.26 0.56
C GLU G 313 -39.60 3.99 -0.09
N ILE G 314 -38.39 3.79 0.44
CA ILE G 314 -37.22 4.48 -0.06
C ILE G 314 -36.16 3.51 -0.61
N ARG G 315 -35.63 3.83 -1.78
CA ARG G 315 -34.44 3.18 -2.33
C ARG G 315 -33.60 4.26 -2.99
N LEU G 316 -32.31 3.99 -3.19
CA LEU G 316 -31.45 4.93 -3.89
C LEU G 316 -31.81 5.08 -5.37
N MET G 317 -31.55 6.26 -5.93
CA MET G 317 -31.66 6.48 -7.38
C MET G 317 -30.61 5.66 -8.11
N CYS G 318 -31.05 4.80 -9.01
CA CYS G 318 -30.16 3.86 -9.70
C CYS G 318 -29.35 4.53 -10.82
N THR G 319 -29.74 5.73 -11.22
CA THR G 319 -29.17 6.38 -12.40
C THR G 319 -27.69 6.76 -12.28
N ASP G 320 -26.95 6.51 -13.36
CA ASP G 320 -25.52 6.83 -13.46
C ASP G 320 -25.23 8.30 -13.23
N THR G 321 -26.20 9.14 -13.58
CA THR G 321 -26.12 10.58 -13.35
C THR G 321 -26.36 10.87 -11.87
N TYR G 322 -25.30 10.74 -11.06
CA TYR G 322 -25.37 10.99 -9.62
C TYR G 322 -25.66 12.46 -9.34
N LEU G 323 -26.70 12.73 -8.54
CA LEU G 323 -27.24 14.08 -8.38
C LEU G 323 -26.77 14.87 -7.14
N ASP G 324 -26.03 14.22 -6.26
CA ASP G 324 -25.56 14.88 -5.06
C ASP G 324 -24.31 15.71 -5.35
N THR G 325 -23.87 16.46 -4.34
CA THR G 325 -22.61 17.17 -4.39
C THR G 325 -22.04 17.14 -2.98
N PRO G 326 -20.85 16.53 -2.80
CA PRO G 326 -19.96 16.05 -3.84
C PRO G 326 -20.34 14.68 -4.43
N ARG G 327 -19.68 14.32 -5.51
CA ARG G 327 -19.97 13.05 -6.19
C ARG G 327 -18.77 12.57 -6.99
N PRO G 328 -18.65 11.25 -7.14
CA PRO G 328 -17.68 10.65 -8.06
C PRO G 328 -18.13 10.84 -9.51
N ASP G 329 -17.26 10.53 -10.47
CA ASP G 329 -17.61 10.63 -11.89
C ASP G 329 -18.85 9.80 -12.17
N ASP G 330 -19.69 10.28 -13.09
CA ASP G 330 -20.94 9.59 -13.44
C ASP G 330 -20.68 8.12 -13.80
N GLY G 331 -21.55 7.22 -13.33
CA GLY G 331 -21.44 5.81 -13.63
C GLY G 331 -20.47 4.99 -12.79
N SER G 332 -19.48 5.67 -12.21
CA SER G 332 -18.36 4.98 -11.56
C SER G 332 -18.66 4.22 -10.27
N ILE G 333 -19.93 4.17 -9.85
CA ILE G 333 -20.26 3.35 -8.69
C ILE G 333 -20.52 1.93 -9.15
N THR G 334 -19.61 1.03 -8.76
CA THR G 334 -19.67 -0.36 -9.20
C THR G 334 -20.58 -1.18 -8.31
N GLY G 335 -21.46 -1.95 -8.92
CA GLY G 335 -22.37 -2.81 -8.18
C GLY G 335 -23.81 -2.65 -8.62
N PRO G 336 -24.73 -3.38 -7.96
CA PRO G 336 -26.16 -3.30 -8.28
C PRO G 336 -26.75 -1.93 -7.94
N CYS G 337 -28.07 -1.82 -8.06
CA CYS G 337 -28.74 -0.54 -7.85
C CYS G 337 -28.55 0.02 -6.45
N GLU G 338 -28.70 -0.83 -5.43
CA GLU G 338 -28.66 -0.37 -4.03
C GLU G 338 -27.24 -0.03 -3.55
N SER G 339 -26.26 -0.21 -4.44
CA SER G 339 -24.85 0.06 -4.10
C SER G 339 -24.59 1.50 -3.66
N ASN G 340 -24.10 1.65 -2.43
CA ASN G 340 -23.78 2.97 -1.85
C ASN G 340 -22.68 3.72 -2.58
N GLY G 341 -21.49 3.13 -2.64
CA GLY G 341 -20.39 3.70 -3.41
C GLY G 341 -19.43 4.59 -2.66
N ASP G 342 -18.61 5.33 -3.41
CA ASP G 342 -17.63 6.25 -2.84
C ASP G 342 -18.10 7.71 -2.83
N LYS G 343 -17.29 8.59 -2.24
CA LYS G 343 -17.60 10.02 -2.07
C LYS G 343 -19.02 10.28 -1.56
N GLY G 344 -19.49 9.45 -0.64
CA GLY G 344 -20.84 9.55 -0.10
C GLY G 344 -21.00 10.67 0.92
N SER G 345 -19.89 11.07 1.54
CA SER G 345 -19.92 12.12 2.55
C SER G 345 -20.14 13.50 1.93
N GLY G 346 -20.83 14.38 2.66
CA GLY G 346 -21.24 15.66 2.12
C GLY G 346 -22.55 15.50 1.37
N GLY G 347 -23.07 16.59 0.84
CA GLY G 347 -24.36 16.54 0.16
C GLY G 347 -24.98 17.91 -0.05
N ILE G 348 -26.09 17.94 -0.77
CA ILE G 348 -26.76 19.19 -1.08
C ILE G 348 -28.22 18.89 -1.42
N LYS G 349 -29.10 19.84 -1.14
CA LYS G 349 -30.51 19.66 -1.46
C LYS G 349 -30.66 19.87 -2.95
N GLY G 350 -31.50 19.07 -3.59
CA GLY G 350 -31.59 19.09 -5.04
C GLY G 350 -32.97 19.34 -5.60
N GLY G 351 -33.02 20.08 -6.70
CA GLY G 351 -34.28 20.36 -7.36
C GLY G 351 -34.79 19.12 -8.05
N PHE G 352 -36.12 19.00 -8.08
CA PHE G 352 -36.78 17.85 -8.66
C PHE G 352 -38.24 18.21 -8.81
N VAL G 353 -38.79 18.04 -10.01
CA VAL G 353 -40.18 18.39 -10.25
C VAL G 353 -40.79 17.50 -11.32
N HIS G 354 -42.11 17.32 -11.24
CA HIS G 354 -42.84 16.45 -12.14
C HIS G 354 -43.51 17.20 -13.29
N GLN G 355 -43.32 16.68 -14.50
CA GLN G 355 -44.13 17.09 -15.65
C GLN G 355 -45.13 15.99 -15.92
N ARG G 356 -46.35 16.16 -15.41
CA ARG G 356 -47.39 15.13 -15.51
C ARG G 356 -48.17 15.21 -16.81
N MET G 357 -48.28 14.07 -17.49
CA MET G 357 -49.09 13.98 -18.69
C MET G 357 -49.98 12.73 -18.64
N GLU G 358 -51.01 12.71 -19.47
CA GLU G 358 -51.89 11.54 -19.55
C GLU G 358 -51.08 10.39 -20.12
N SER G 359 -50.27 10.71 -21.11
CA SER G 359 -49.41 9.73 -21.77
C SER G 359 -48.30 9.22 -20.85
N LYS G 360 -47.47 10.16 -20.39
CA LYS G 360 -46.21 9.81 -19.74
C LYS G 360 -45.89 10.71 -18.55
N ILE G 361 -44.81 10.41 -17.84
CA ILE G 361 -44.36 11.26 -16.73
C ILE G 361 -42.92 11.73 -16.92
N GLY G 362 -42.71 13.04 -16.87
CA GLY G 362 -41.39 13.60 -16.97
C GLY G 362 -40.84 13.94 -15.60
N ARG G 363 -39.57 13.61 -15.38
CA ARG G 363 -38.93 13.95 -14.12
C ARG G 363 -37.70 14.83 -14.36
N TRP G 364 -37.80 16.08 -13.95
CA TRP G 364 -36.72 17.05 -14.12
C TRP G 364 -35.93 17.15 -12.82
N TYR G 365 -34.61 17.21 -12.95
CA TYR G 365 -33.71 17.23 -11.81
C TYR G 365 -32.69 18.33 -11.97
N SER G 366 -31.99 18.66 -10.89
CA SER G 366 -30.91 19.62 -10.98
C SER G 366 -29.72 19.27 -10.09
N ARG G 367 -28.52 19.59 -10.57
CA ARG G 367 -27.30 19.36 -9.81
C ARG G 367 -26.22 20.36 -10.20
N THR G 368 -25.28 20.60 -9.29
CA THR G 368 -24.19 21.54 -9.53
C THR G 368 -23.41 21.13 -10.78
N MET G 369 -22.79 22.11 -11.43
CA MET G 369 -21.89 21.83 -12.54
C MET G 369 -20.58 21.22 -12.03
N SER G 370 -20.10 21.70 -10.90
CA SER G 370 -18.93 21.12 -10.26
C SER G 370 -19.29 19.82 -9.55
N LYS G 371 -18.32 18.92 -9.47
CA LYS G 371 -18.50 17.65 -8.78
C LYS G 371 -18.25 17.78 -7.30
N THR G 372 -17.43 18.76 -6.92
CA THR G 372 -16.98 18.88 -5.53
C THR G 372 -17.37 20.20 -4.86
N GLU G 373 -17.81 21.15 -5.67
CA GLU G 373 -18.12 22.50 -5.19
C GLU G 373 -19.56 22.90 -5.47
N ARG G 374 -20.06 23.86 -4.72
CA ARG G 374 -21.39 24.39 -4.99
C ARG G 374 -21.32 25.50 -6.05
N MET G 375 -21.01 25.08 -7.27
CA MET G 375 -20.78 25.98 -8.39
C MET G 375 -21.57 25.52 -9.60
N GLY G 376 -22.38 26.40 -10.15
CA GLY G 376 -23.18 26.08 -11.31
C GLY G 376 -24.42 25.27 -10.99
N MET G 377 -25.28 25.08 -11.99
CA MET G 377 -26.48 24.28 -11.84
C MET G 377 -26.94 23.77 -13.21
N GLY G 378 -27.10 22.46 -13.34
CA GLY G 378 -27.52 21.86 -14.59
C GLY G 378 -28.90 21.24 -14.50
N LEU G 379 -29.62 21.26 -15.61
CA LEU G 379 -30.97 20.70 -15.63
C LEU G 379 -30.99 19.40 -16.40
N TYR G 380 -31.61 18.38 -15.82
CA TYR G 380 -31.64 17.04 -16.42
C TYR G 380 -33.07 16.50 -16.42
N VAL G 381 -33.31 15.49 -17.24
CA VAL G 381 -34.65 14.92 -17.35
C VAL G 381 -34.63 13.49 -17.91
N LYS G 382 -35.46 12.64 -17.32
CA LYS G 382 -35.79 11.35 -17.91
C LYS G 382 -37.30 11.25 -17.91
N TYR G 383 -37.86 10.66 -18.96
CA TYR G 383 -39.31 10.45 -19.03
C TYR G 383 -39.64 8.98 -18.73
N ASP G 384 -40.65 8.77 -17.88
CA ASP G 384 -41.11 7.44 -17.47
C ASP G 384 -40.02 6.55 -16.86
N GLY G 385 -40.35 5.27 -16.69
CA GLY G 385 -39.41 4.32 -16.12
C GLY G 385 -39.47 4.30 -14.61
N ASP G 386 -38.55 3.59 -13.99
CA ASP G 386 -38.50 3.47 -12.54
C ASP G 386 -37.08 3.78 -12.05
N PRO G 387 -36.88 4.98 -11.49
CA PRO G 387 -35.59 5.47 -10.98
C PRO G 387 -34.95 4.55 -9.95
N TRP G 388 -35.71 3.57 -9.46
CA TRP G 388 -35.17 2.58 -8.54
C TRP G 388 -34.42 1.48 -9.30
N ALA G 389 -34.82 1.23 -10.55
CA ALA G 389 -34.26 0.13 -11.34
C ALA G 389 -33.38 0.58 -12.51
N ASP G 390 -33.75 1.70 -13.15
CA ASP G 390 -33.04 2.20 -14.33
C ASP G 390 -31.70 2.85 -14.00
N SER G 391 -30.63 2.29 -14.54
CA SER G 391 -29.29 2.84 -14.35
C SER G 391 -28.94 3.90 -15.39
N ASP G 392 -29.83 4.11 -16.35
CA ASP G 392 -29.56 4.97 -17.50
C ASP G 392 -29.34 6.45 -17.15
N ALA G 393 -28.35 7.05 -17.82
CA ALA G 393 -28.01 8.45 -17.59
C ALA G 393 -29.14 9.39 -17.98
N LEU G 394 -29.41 10.38 -17.14
CA LEU G 394 -30.45 11.36 -17.41
C LEU G 394 -30.03 12.30 -18.54
N ALA G 395 -30.99 12.72 -19.34
CA ALA G 395 -30.73 13.59 -20.48
C ALA G 395 -30.39 14.99 -20.02
N PHE G 396 -29.22 15.49 -20.41
CA PHE G 396 -28.84 16.87 -20.12
C PHE G 396 -29.71 17.88 -20.90
N SER G 397 -30.25 18.87 -20.19
CA SER G 397 -31.17 19.83 -20.77
C SER G 397 -30.61 21.23 -20.97
N GLY G 398 -29.58 21.58 -20.20
CA GLY G 398 -29.00 22.90 -20.34
C GLY G 398 -28.38 23.41 -19.06
N VAL G 399 -27.64 24.50 -19.17
CA VAL G 399 -26.95 25.07 -18.02
C VAL G 399 -27.73 26.27 -17.51
N MET G 400 -28.37 26.12 -16.35
CA MET G 400 -29.16 27.19 -15.74
C MET G 400 -28.25 28.22 -15.08
N VAL G 401 -27.18 27.72 -14.47
CA VAL G 401 -26.17 28.58 -13.87
C VAL G 401 -24.77 28.08 -14.26
N SER G 402 -23.95 28.97 -14.79
CA SER G 402 -22.62 28.59 -15.23
C SER G 402 -21.77 28.21 -14.03
N MET G 403 -20.67 27.51 -14.29
CA MET G 403 -19.80 27.04 -13.22
C MET G 403 -18.94 28.19 -12.65
N LYS G 404 -19.08 29.37 -13.22
CA LYS G 404 -18.44 30.58 -12.73
C LYS G 404 -19.28 31.24 -11.63
N GLU G 405 -20.55 30.89 -11.59
CA GLU G 405 -21.49 31.44 -10.62
C GLU G 405 -21.86 30.42 -9.55
N PRO G 406 -22.24 30.89 -8.35
CA PRO G 406 -22.55 29.96 -7.26
C PRO G 406 -23.85 29.20 -7.54
N GLY G 407 -23.90 27.94 -7.11
CA GLY G 407 -25.09 27.12 -7.24
C GLY G 407 -25.24 26.24 -6.02
N TRP G 408 -26.23 26.56 -5.19
CA TRP G 408 -26.40 25.86 -3.92
C TRP G 408 -27.63 24.97 -3.92
N TYR G 409 -28.50 25.18 -2.94
CA TYR G 409 -29.72 24.38 -2.86
C TYR G 409 -30.57 24.60 -4.09
N SER G 410 -31.30 23.57 -4.48
CA SER G 410 -32.32 23.74 -5.51
C SER G 410 -33.62 23.06 -5.11
N PHE G 411 -34.73 23.57 -5.60
CA PHE G 411 -36.03 23.08 -5.16
C PHE G 411 -37.00 23.02 -6.33
N GLY G 412 -37.98 22.12 -6.23
CA GLY G 412 -39.06 22.11 -7.18
C GLY G 412 -40.27 22.83 -6.65
N PHE G 413 -41.08 23.38 -7.56
CA PHE G 413 -42.39 23.91 -7.20
C PHE G 413 -43.24 24.01 -8.45
N GLU G 414 -44.54 24.23 -8.27
CA GLU G 414 -45.44 24.29 -9.40
C GLU G 414 -46.35 25.50 -9.28
N ILE G 415 -46.31 26.37 -10.29
CA ILE G 415 -47.23 27.49 -10.37
C ILE G 415 -48.54 26.99 -10.93
N LYS G 416 -49.65 27.46 -10.37
CA LYS G 416 -50.98 27.05 -10.82
C LYS G 416 -51.55 27.99 -11.88
N ASP G 417 -51.66 27.49 -13.09
CA ASP G 417 -52.32 28.21 -14.18
C ASP G 417 -53.83 27.94 -14.08
N LYS G 418 -54.63 28.51 -14.97
CA LYS G 418 -56.08 28.38 -14.90
C LYS G 418 -56.51 26.92 -14.92
N GLU G 419 -55.88 26.13 -15.79
CA GLU G 419 -56.28 24.76 -16.09
C GLU G 419 -55.18 23.78 -15.72
N CYS G 420 -53.95 24.26 -15.78
CA CYS G 420 -52.79 23.40 -15.81
C CYS G 420 -51.79 23.77 -14.71
N ASP G 421 -50.85 22.87 -14.44
CA ASP G 421 -49.79 23.14 -13.48
C ASP G 421 -48.48 23.32 -14.21
N VAL G 422 -47.73 24.37 -13.85
CA VAL G 422 -46.44 24.63 -14.49
C VAL G 422 -45.27 24.28 -13.58
N PRO G 423 -44.49 23.25 -13.96
CA PRO G 423 -43.32 22.83 -13.19
C PRO G 423 -42.16 23.84 -13.26
N CYS G 424 -41.59 24.15 -12.11
CA CYS G 424 -40.40 25.01 -12.07
C CYS G 424 -39.34 24.46 -11.13
N ILE G 425 -38.13 24.97 -11.30
CA ILE G 425 -37.05 24.66 -10.39
C ILE G 425 -36.38 25.96 -9.99
N GLY G 426 -36.26 26.16 -8.68
CA GLY G 426 -35.62 27.35 -8.15
C GLY G 426 -34.24 27.02 -7.64
N ILE G 427 -33.34 27.98 -7.77
CA ILE G 427 -31.93 27.78 -7.46
C ILE G 427 -31.43 28.85 -6.50
N GLU G 428 -31.07 28.42 -5.29
CA GLU G 428 -30.49 29.31 -4.32
C GLU G 428 -29.10 29.66 -4.83
N MET G 429 -28.85 30.94 -5.04
CA MET G 429 -27.52 31.39 -5.47
C MET G 429 -26.80 32.16 -4.37
N VAL G 430 -26.11 31.42 -3.51
CA VAL G 430 -25.50 31.99 -2.32
C VAL G 430 -24.30 32.90 -2.60
N HIS G 431 -24.34 34.08 -1.98
CA HIS G 431 -23.19 34.96 -1.93
C HIS G 431 -22.33 34.55 -0.76
N ASP G 432 -21.18 33.96 -1.06
CA ASP G 432 -20.30 33.45 -0.03
C ASP G 432 -18.94 34.11 -0.04
N GLY G 433 -18.75 35.07 0.85
CA GLY G 433 -17.46 35.69 1.02
C GLY G 433 -16.76 35.15 2.24
N GLY G 434 -17.19 33.99 2.73
CA GLY G 434 -16.63 33.42 3.94
C GLY G 434 -17.27 34.03 5.18
N LYS G 435 -16.83 33.61 6.36
CA LYS G 435 -17.48 34.05 7.60
C LYS G 435 -17.06 35.44 8.11
N GLU G 436 -16.21 36.16 7.36
CA GLU G 436 -15.82 37.48 7.80
C GLU G 436 -16.67 38.62 7.19
N THR G 437 -17.60 38.27 6.30
CA THR G 437 -18.54 39.26 5.81
C THR G 437 -19.94 38.67 5.80
N TRP G 438 -20.91 39.44 5.31
CA TRP G 438 -22.27 38.95 5.17
C TRP G 438 -22.38 37.70 4.28
N HIS G 439 -23.47 36.97 4.48
CA HIS G 439 -23.67 35.67 3.86
C HIS G 439 -25.17 35.53 3.62
N SER G 440 -25.56 35.58 2.36
CA SER G 440 -26.97 35.52 1.98
C SER G 440 -27.09 34.91 0.59
N ALA G 441 -28.22 35.10 -0.06
CA ALA G 441 -28.46 34.40 -1.32
C ALA G 441 -29.48 35.08 -2.21
N ALA G 442 -29.31 34.88 -3.51
CA ALA G 442 -30.29 35.25 -4.51
C ALA G 442 -31.09 34.01 -4.89
N THR G 443 -32.20 34.20 -5.58
CA THR G 443 -32.99 33.08 -6.08
C THR G 443 -33.24 33.18 -7.60
N ALA G 444 -32.92 32.12 -8.33
CA ALA G 444 -33.17 32.06 -9.77
C ALA G 444 -34.27 31.03 -10.08
N ILE G 445 -35.18 31.39 -10.97
CA ILE G 445 -36.28 30.49 -11.32
C ILE G 445 -36.24 30.10 -12.80
N TYR G 446 -36.38 28.80 -13.05
CA TYR G 446 -36.57 28.29 -14.40
C TYR G 446 -37.84 27.45 -14.45
N CYS G 447 -38.67 27.68 -15.48
CA CYS G 447 -39.93 26.95 -15.62
C CYS G 447 -40.04 26.30 -16.99
N LEU G 448 -40.76 25.18 -17.05
CA LEU G 448 -41.15 24.58 -18.33
C LEU G 448 -41.86 25.64 -19.15
N MET G 449 -41.32 25.92 -20.32
CA MET G 449 -41.78 27.05 -21.13
C MET G 449 -41.58 26.75 -22.61
N GLY G 450 -42.66 26.43 -23.30
CA GLY G 450 -42.63 26.26 -24.75
C GLY G 450 -41.84 25.04 -25.17
N SER G 451 -41.29 25.09 -26.38
CA SER G 451 -40.53 23.97 -26.92
C SER G 451 -39.14 24.43 -27.36
N GLY G 452 -38.33 23.49 -27.83
CA GLY G 452 -36.97 23.80 -28.23
C GLY G 452 -35.97 23.44 -27.15
N GLN G 453 -34.97 24.30 -26.95
CA GLN G 453 -33.92 24.05 -25.97
C GLN G 453 -33.70 25.24 -25.04
N LEU G 454 -33.13 24.96 -23.86
CA LEU G 454 -32.84 25.99 -22.86
C LEU G 454 -31.78 26.96 -23.38
N LEU G 455 -32.09 28.25 -23.37
CA LEU G 455 -31.29 29.24 -24.10
C LEU G 455 -30.33 30.12 -23.29
N TRP G 456 -30.73 30.52 -22.09
CA TRP G 456 -29.87 31.43 -21.31
C TRP G 456 -29.64 31.01 -19.85
N ASP G 457 -28.50 31.43 -19.32
CA ASP G 457 -28.10 31.20 -17.95
C ASP G 457 -28.36 32.42 -17.08
N THR G 458 -28.19 32.26 -15.77
CA THR G 458 -28.44 33.32 -14.81
C THR G 458 -27.18 33.67 -14.02
N VAL G 459 -26.95 34.97 -13.84
CA VAL G 459 -25.89 35.47 -12.98
C VAL G 459 -26.57 36.28 -11.86
N THR G 460 -25.96 36.38 -10.69
CA THR G 460 -26.55 37.22 -9.64
C THR G 460 -26.34 38.71 -9.90
N GLY G 461 -25.22 39.05 -10.53
CA GLY G 461 -24.86 40.45 -10.73
C GLY G 461 -24.30 41.15 -9.49
N VAL G 462 -24.03 40.40 -8.43
CA VAL G 462 -23.68 41.00 -7.15
C VAL G 462 -22.19 41.02 -6.87
N ASP G 463 -21.67 42.21 -6.56
CA ASP G 463 -20.30 42.36 -6.08
C ASP G 463 -20.30 42.58 -4.56
N MET G 464 -19.75 41.62 -3.82
CA MET G 464 -19.86 41.62 -2.35
C MET G 464 -19.02 42.68 -1.64
N ALA G 465 -18.20 43.40 -2.40
CA ALA G 465 -17.35 44.45 -1.84
C ALA G 465 -18.08 45.79 -1.82
N LEU G 466 -19.25 45.83 -2.44
CA LEU G 466 -20.03 47.06 -2.52
C LEU G 466 -20.98 47.25 -1.33
N GLU H 77 -31.62 -0.52 -63.32
CA GLU H 77 -31.72 0.38 -62.19
C GLU H 77 -30.92 -0.11 -60.98
N PRO H 78 -30.10 0.78 -60.40
CA PRO H 78 -29.21 0.45 -59.27
C PRO H 78 -29.89 0.50 -57.89
N GLU H 79 -29.89 -0.62 -57.18
CA GLU H 79 -30.52 -0.72 -55.87
C GLU H 79 -29.58 -0.37 -54.71
N TRP H 80 -30.16 -0.13 -53.54
CA TRP H 80 -29.36 0.18 -52.35
C TRP H 80 -28.56 -1.05 -51.91
N THR H 81 -27.35 -0.82 -51.41
CA THR H 81 -26.53 -1.90 -50.90
C THR H 81 -26.77 -2.16 -49.42
N TYR H 82 -26.54 -3.41 -49.01
CA TYR H 82 -26.63 -3.84 -47.62
C TYR H 82 -25.39 -4.66 -47.33
N PRO H 83 -24.98 -4.74 -46.05
CA PRO H 83 -23.88 -5.67 -45.75
C PRO H 83 -24.32 -7.07 -46.14
N ARG H 84 -23.42 -7.87 -46.70
CA ARG H 84 -23.72 -9.26 -47.02
C ARG H 84 -22.84 -10.14 -46.13
N LEU H 85 -23.11 -11.44 -46.11
CA LEU H 85 -22.22 -12.36 -45.40
C LEU H 85 -20.80 -12.27 -45.96
N SER H 86 -19.80 -12.41 -45.10
CA SER H 86 -18.42 -12.29 -45.56
C SER H 86 -17.95 -13.49 -46.37
N CYS H 87 -16.89 -13.28 -47.14
CA CYS H 87 -16.30 -14.33 -47.96
C CYS H 87 -15.55 -15.32 -47.10
N PRO H 88 -15.49 -16.59 -47.54
CA PRO H 88 -14.76 -17.64 -46.83
C PRO H 88 -13.30 -17.24 -46.63
N GLY H 89 -12.77 -17.51 -45.45
CA GLY H 89 -11.41 -17.13 -45.14
C GLY H 89 -11.14 -17.34 -43.67
N SER H 90 -9.87 -17.51 -43.34
CA SER H 90 -9.45 -17.77 -41.97
C SER H 90 -8.33 -16.81 -41.57
N THR H 91 -7.71 -16.17 -42.56
CA THR H 91 -6.55 -15.31 -42.29
C THR H 91 -6.41 -14.14 -43.27
N PHE H 92 -5.77 -13.06 -42.80
CA PHE H 92 -5.46 -11.92 -43.66
C PHE H 92 -4.10 -12.17 -44.30
N GLN H 93 -3.90 -11.60 -45.48
CA GLN H 93 -2.61 -11.64 -46.16
C GLN H 93 -2.30 -10.29 -46.80
N LYS H 94 -1.03 -10.07 -47.09
CA LYS H 94 -0.62 -8.85 -47.78
C LYS H 94 -1.24 -8.78 -49.17
N ALA H 95 -2.00 -7.73 -49.42
CA ALA H 95 -2.67 -7.61 -50.71
C ALA H 95 -1.97 -6.62 -51.64
N LEU H 96 -1.72 -5.42 -51.15
CA LEU H 96 -1.33 -4.33 -52.03
C LEU H 96 -0.62 -3.21 -51.28
N LEU H 97 0.41 -2.66 -51.90
CA LEU H 97 1.08 -1.47 -51.36
C LEU H 97 0.91 -0.29 -52.30
N ILE H 98 0.49 0.83 -51.76
CA ILE H 98 0.45 2.07 -52.52
C ILE H 98 1.49 2.98 -51.90
N SER H 99 2.59 3.18 -52.60
CA SER H 99 3.69 3.99 -52.09
C SER H 99 4.13 5.00 -53.14
N PRO H 100 3.40 6.14 -53.23
CA PRO H 100 3.57 7.17 -54.25
C PRO H 100 4.94 7.82 -54.24
N HIS H 101 5.61 7.75 -53.10
CA HIS H 101 6.84 8.49 -52.91
C HIS H 101 8.07 7.71 -53.33
N ARG H 102 7.84 6.45 -53.68
CA ARG H 102 8.85 5.70 -54.43
C ARG H 102 9.18 6.43 -55.74
N PHE H 103 8.27 7.26 -56.21
CA PHE H 103 8.48 7.99 -57.45
C PHE H 103 8.63 9.48 -57.22
N GLY H 104 9.01 9.87 -56.01
CA GLY H 104 9.07 11.27 -55.66
C GLY H 104 10.46 11.87 -55.61
N GLU H 105 11.48 11.09 -55.99
CA GLU H 105 12.86 11.56 -55.89
C GLU H 105 13.19 12.71 -56.85
N THR H 106 14.15 13.55 -56.47
CA THR H 106 14.47 14.75 -57.25
C THR H 106 15.00 14.47 -58.64
N LYS H 107 15.59 13.29 -58.83
CA LYS H 107 16.10 12.93 -60.15
C LYS H 107 15.08 12.12 -60.95
N GLY H 108 13.81 12.24 -60.57
CA GLY H 108 12.72 11.57 -61.24
C GLY H 108 11.82 12.56 -61.96
N ASN H 109 10.70 12.08 -62.49
CA ASN H 109 9.79 12.92 -63.26
C ASN H 109 8.33 12.79 -62.85
N SER H 110 8.08 12.40 -61.60
CA SER H 110 6.70 12.21 -61.15
C SER H 110 6.25 13.25 -60.11
N ALA H 111 4.95 13.30 -59.84
CA ALA H 111 4.40 14.28 -58.91
C ALA H 111 3.39 13.68 -57.92
N PRO H 112 3.86 12.78 -57.05
CA PRO H 112 2.98 12.26 -56.00
C PRO H 112 2.44 13.37 -55.09
N LEU H 113 1.15 13.33 -54.78
CA LEU H 113 0.57 14.28 -53.85
C LEU H 113 1.01 14.00 -52.42
N ILE H 114 1.28 15.07 -51.68
CA ILE H 114 1.62 14.99 -50.28
C ILE H 114 0.34 14.90 -49.47
N ILE H 115 0.21 13.84 -48.67
CA ILE H 115 -1.04 13.54 -47.97
C ILE H 115 -0.86 12.97 -46.57
N ARG H 116 -1.97 12.80 -45.87
CA ARG H 116 -2.04 12.01 -44.65
C ARG H 116 -3.49 11.61 -44.44
N GLU H 117 -3.76 10.88 -43.36
CA GLU H 117 -5.09 10.36 -43.09
C GLU H 117 -5.73 9.71 -44.33
N PRO H 118 -5.05 8.69 -44.89
CA PRO H 118 -5.69 8.03 -46.02
C PRO H 118 -6.74 7.05 -45.54
N PHE H 119 -7.71 6.72 -46.38
CA PHE H 119 -8.62 5.62 -46.12
C PHE H 119 -9.18 5.10 -47.44
N ILE H 120 -9.96 4.03 -47.37
CA ILE H 120 -10.48 3.40 -48.58
C ILE H 120 -11.94 3.04 -48.39
N ALA H 121 -12.75 3.30 -49.41
CA ALA H 121 -14.15 2.89 -49.40
C ALA H 121 -14.53 2.32 -50.78
N CYS H 122 -15.32 1.25 -50.76
CA CYS H 122 -15.69 0.56 -52.00
C CYS H 122 -17.21 0.56 -52.24
N GLY H 123 -17.59 0.62 -53.50
CA GLY H 123 -18.99 0.45 -53.90
C GLY H 123 -19.16 -0.82 -54.73
N PRO H 124 -20.28 -0.94 -55.44
CA PRO H 124 -20.54 -2.19 -56.19
C PRO H 124 -19.56 -2.45 -57.33
N ASN H 125 -18.90 -1.40 -57.83
CA ASN H 125 -18.09 -1.52 -59.04
C ASN H 125 -16.63 -1.16 -58.87
N GLU H 126 -16.34 -0.36 -57.85
CA GLU H 126 -15.02 0.25 -57.74
C GLU H 126 -14.68 0.60 -56.29
N CYS H 127 -13.40 0.53 -55.94
CA CYS H 127 -12.91 1.03 -54.67
C CYS H 127 -12.16 2.33 -54.90
N LYS H 128 -12.39 3.31 -54.03
CA LYS H 128 -11.68 4.57 -54.12
C LYS H 128 -10.70 4.75 -52.98
N HIS H 129 -9.55 5.31 -53.30
CA HIS H 129 -8.50 5.58 -52.32
C HIS H 129 -8.53 7.07 -51.96
N PHE H 130 -8.96 7.41 -50.75
CA PHE H 130 -9.08 8.81 -50.34
C PHE H 130 -7.88 9.25 -49.53
N ALA H 131 -7.68 10.57 -49.47
CA ALA H 131 -6.74 11.14 -48.50
C ALA H 131 -6.99 12.63 -48.32
N LEU H 132 -6.31 13.21 -47.34
CA LEU H 132 -6.30 14.65 -47.15
C LEU H 132 -4.96 15.22 -47.60
N THR H 133 -4.94 15.90 -48.74
CA THR H 133 -3.68 16.46 -49.27
C THR H 133 -3.39 17.84 -48.68
N HIS H 134 -2.11 18.23 -48.67
CA HIS H 134 -1.74 19.61 -48.30
C HIS H 134 -1.61 20.48 -49.54
N TYR H 135 -2.18 20.02 -50.65
CA TYR H 135 -2.16 20.76 -51.90
C TYR H 135 -0.73 21.04 -52.36
N ALA H 136 0.13 20.04 -52.18
CA ALA H 136 1.53 20.16 -52.56
C ALA H 136 2.02 18.80 -53.05
N ALA H 137 3.08 18.80 -53.84
CA ALA H 137 3.63 17.56 -54.37
C ALA H 137 5.10 17.40 -54.03
N GLN H 138 5.61 16.19 -54.20
CA GLN H 138 7.03 15.92 -54.02
C GLN H 138 7.63 15.37 -55.33
N PRO H 139 8.71 15.99 -55.84
CA PRO H 139 9.39 17.19 -55.32
C PRO H 139 8.60 18.45 -55.61
N GLY H 140 8.86 19.48 -54.81
CA GLY H 140 8.16 20.75 -54.91
C GLY H 140 8.69 21.68 -53.84
N GLY H 141 8.16 22.88 -53.77
CA GLY H 141 8.68 23.87 -52.86
C GLY H 141 7.72 24.34 -51.79
N TYR H 142 6.75 23.50 -51.44
CA TYR H 142 5.78 23.87 -50.41
C TYR H 142 5.72 22.88 -49.25
N TYR H 143 6.89 22.42 -48.81
CA TYR H 143 6.98 21.48 -47.70
C TYR H 143 6.60 22.11 -46.35
N ASN H 144 6.98 23.37 -46.15
CA ASN H 144 6.66 24.09 -44.92
C ASN H 144 5.18 23.97 -44.64
N GLY H 145 4.83 23.33 -43.54
CA GLY H 145 3.45 23.17 -43.16
C GLY H 145 2.89 21.77 -43.36
N THR H 146 3.59 20.94 -44.13
CA THR H 146 3.08 19.61 -44.46
C THR H 146 2.97 18.66 -43.25
N ARG H 147 3.58 19.05 -42.13
CA ARG H 147 3.45 18.29 -40.89
C ARG H 147 2.33 18.87 -40.04
N GLY H 148 1.68 19.90 -40.57
CA GLY H 148 0.58 20.55 -39.87
C GLY H 148 -0.73 19.79 -40.02
N ASP H 149 -1.63 19.98 -39.06
CA ASP H 149 -2.90 19.26 -39.07
C ASP H 149 -3.95 19.93 -39.94
N ARG H 150 -4.08 21.25 -39.79
CA ARG H 150 -5.17 21.99 -40.41
C ARG H 150 -4.71 23.31 -41.03
N ASN H 151 -5.26 23.64 -42.20
CA ASN H 151 -5.00 24.89 -42.88
C ASN H 151 -6.03 25.15 -44.00
N LYS H 152 -5.94 26.30 -44.67
CA LYS H 152 -6.95 26.67 -45.66
C LYS H 152 -6.71 26.04 -47.04
N LEU H 153 -5.74 25.13 -47.11
CA LEU H 153 -5.36 24.52 -48.37
C LEU H 153 -5.72 23.06 -48.47
N ARG H 154 -5.78 22.38 -47.33
CA ARG H 154 -6.06 20.95 -47.34
C ARG H 154 -7.37 20.61 -48.04
N HIS H 155 -7.36 19.48 -48.74
CA HIS H 155 -8.53 19.04 -49.48
C HIS H 155 -8.70 17.53 -49.40
N LEU H 156 -9.94 17.08 -49.52
CA LEU H 156 -10.24 15.66 -49.69
C LEU H 156 -10.04 15.26 -51.15
N ILE H 157 -9.13 14.33 -51.40
CA ILE H 157 -8.89 13.86 -52.76
C ILE H 157 -9.03 12.35 -52.84
N SER H 158 -9.08 11.84 -54.06
CA SER H 158 -9.12 10.39 -54.28
C SER H 158 -8.62 9.98 -55.66
N VAL H 159 -8.14 8.74 -55.73
CA VAL H 159 -7.91 8.02 -56.98
C VAL H 159 -8.59 6.68 -56.86
N LYS H 160 -8.82 6.03 -58.00
CA LYS H 160 -9.27 4.65 -57.99
C LYS H 160 -8.16 3.82 -57.32
N LEU H 161 -8.56 2.97 -56.38
CA LEU H 161 -7.61 2.11 -55.67
C LEU H 161 -6.82 1.27 -56.67
N GLY H 162 -5.50 1.40 -56.62
CA GLY H 162 -4.66 0.78 -57.61
C GLY H 162 -3.86 1.82 -58.39
N LYS H 163 -4.37 3.05 -58.43
CA LYS H 163 -3.65 4.14 -59.11
C LYS H 163 -2.77 4.94 -58.14
N ILE H 164 -1.58 5.31 -58.59
CA ILE H 164 -0.73 6.20 -57.81
C ILE H 164 -1.37 7.59 -57.69
N PRO H 165 -1.65 8.04 -56.45
CA PRO H 165 -2.28 9.35 -56.22
C PRO H 165 -1.36 10.54 -56.50
N THR H 166 -1.27 10.91 -57.77
CA THR H 166 -0.46 12.04 -58.20
C THR H 166 -1.34 13.26 -58.49
N VAL H 167 -0.69 14.38 -58.76
CA VAL H 167 -1.36 15.63 -59.13
C VAL H 167 -2.35 15.44 -60.26
N GLU H 168 -1.99 14.62 -61.24
CA GLU H 168 -2.84 14.41 -62.42
C GLU H 168 -3.86 13.27 -62.28
N ASN H 169 -3.52 12.22 -61.57
CA ASN H 169 -4.45 11.12 -61.36
C ASN H 169 -5.57 11.48 -60.38
N SER H 170 -5.29 12.40 -59.47
CA SER H 170 -6.24 12.67 -58.38
C SER H 170 -7.35 13.61 -58.77
N ILE H 171 -8.47 13.48 -58.07
CA ILE H 171 -9.56 14.43 -58.21
C ILE H 171 -9.74 15.14 -56.88
N PHE H 172 -9.93 16.45 -56.91
CA PHE H 172 -10.14 17.24 -55.69
C PHE H 172 -11.63 17.40 -55.39
N HIS H 173 -12.08 16.80 -54.29
CA HIS H 173 -13.52 16.79 -53.98
C HIS H 173 -14.01 18.06 -53.30
N MET H 174 -13.31 18.46 -52.25
CA MET H 174 -13.69 19.63 -51.48
C MET H 174 -12.62 19.98 -50.45
N ALA H 175 -12.53 21.25 -50.09
CA ALA H 175 -11.63 21.68 -49.03
C ALA H 175 -11.99 20.93 -47.74
N ALA H 176 -10.98 20.39 -47.07
CA ALA H 176 -11.19 19.64 -45.83
C ALA H 176 -9.90 19.35 -45.10
N TRP H 177 -9.92 19.47 -43.78
CA TRP H 177 -8.82 18.96 -42.96
C TRP H 177 -9.26 17.78 -42.08
N SER H 178 -10.49 17.34 -42.29
CA SER H 178 -11.01 16.11 -41.72
C SER H 178 -12.03 15.58 -42.72
N GLY H 179 -12.04 14.27 -42.95
CA GLY H 179 -12.91 13.72 -43.98
C GLY H 179 -13.48 12.33 -43.76
N SER H 180 -14.34 11.92 -44.69
CA SER H 180 -14.95 10.61 -44.73
C SER H 180 -15.66 10.44 -46.06
N ALA H 181 -16.04 9.20 -46.39
CA ALA H 181 -16.74 8.93 -47.65
C ALA H 181 -17.36 7.55 -47.64
N CYS H 182 -18.41 7.38 -48.44
CA CYS H 182 -19.06 6.07 -48.57
C CYS H 182 -19.98 6.06 -49.79
N HIS H 183 -20.29 4.85 -50.25
CA HIS H 183 -21.14 4.65 -51.41
C HIS H 183 -22.40 3.89 -51.01
N ASP H 184 -23.57 4.42 -51.32
CA ASP H 184 -24.80 3.80 -50.83
C ASP H 184 -25.41 2.80 -51.82
N GLY H 185 -24.70 2.54 -52.91
CA GLY H 185 -25.20 1.64 -53.93
C GLY H 185 -25.64 2.39 -55.17
N LYS H 186 -26.04 3.65 -54.98
CA LYS H 186 -26.46 4.50 -56.10
C LYS H 186 -25.42 5.58 -56.40
N GLU H 187 -24.97 6.28 -55.37
CA GLU H 187 -24.10 7.43 -55.53
C GLU H 187 -23.11 7.50 -54.38
N TRP H 188 -21.98 8.17 -54.59
CA TRP H 188 -21.04 8.44 -53.52
C TRP H 188 -21.48 9.60 -52.63
N THR H 189 -21.12 9.52 -51.35
CA THR H 189 -21.26 10.63 -50.43
C THR H 189 -19.87 10.99 -49.91
N TYR H 190 -19.51 12.27 -50.02
CA TYR H 190 -18.21 12.72 -49.56
C TYR H 190 -18.37 13.64 -48.35
N ILE H 191 -17.57 13.42 -47.31
CA ILE H 191 -17.63 14.23 -46.10
C ILE H 191 -16.36 15.04 -45.93
N GLY H 192 -16.50 16.33 -45.69
CA GLY H 192 -15.34 17.19 -45.49
C GLY H 192 -15.63 18.33 -44.52
N VAL H 193 -14.89 18.36 -43.41
CA VAL H 193 -14.98 19.44 -42.43
C VAL H 193 -13.85 20.43 -42.61
N ASP H 194 -14.18 21.71 -42.68
CA ASP H 194 -13.17 22.76 -42.64
C ASP H 194 -13.63 23.94 -41.78
N GLY H 195 -12.92 25.06 -41.89
CA GLY H 195 -13.26 26.23 -41.11
C GLY H 195 -12.36 26.50 -39.93
N PRO H 196 -12.71 27.52 -39.12
CA PRO H 196 -11.94 27.90 -37.92
C PRO H 196 -11.97 26.77 -36.91
N ASP H 197 -10.93 26.65 -36.09
CA ASP H 197 -10.92 25.66 -35.02
C ASP H 197 -12.17 25.81 -34.16
N ASN H 198 -12.49 27.05 -33.79
CA ASN H 198 -13.57 27.31 -32.83
C ASN H 198 -15.00 27.23 -33.39
N ASP H 199 -15.15 27.39 -34.69
CA ASP H 199 -16.47 27.28 -35.30
C ASP H 199 -16.40 26.50 -36.60
N ALA H 200 -15.94 25.25 -36.50
CA ALA H 200 -15.74 24.41 -37.68
C ALA H 200 -17.06 23.93 -38.29
N LEU H 201 -17.00 23.56 -39.56
CA LEU H 201 -18.20 23.21 -40.32
C LEU H 201 -18.02 21.92 -41.11
N LEU H 202 -18.94 20.98 -40.90
CA LEU H 202 -18.95 19.73 -41.65
C LEU H 202 -19.74 19.90 -42.93
N LYS H 203 -19.20 19.42 -44.04
CA LYS H 203 -19.81 19.60 -45.35
C LYS H 203 -20.12 18.27 -46.01
N VAL H 204 -21.32 18.16 -46.58
CA VAL H 204 -21.75 16.95 -47.26
C VAL H 204 -21.93 17.16 -48.76
N LYS H 205 -21.39 16.23 -49.55
CA LYS H 205 -21.48 16.30 -51.00
C LYS H 205 -21.98 14.98 -51.55
N TYR H 206 -23.02 15.04 -52.39
CA TYR H 206 -23.60 13.84 -52.99
C TYR H 206 -23.37 13.87 -54.50
N GLY H 207 -22.42 13.07 -54.98
CA GLY H 207 -21.99 13.18 -56.36
C GLY H 207 -21.31 14.52 -56.53
N GLU H 208 -21.74 15.30 -57.51
CA GLU H 208 -21.14 16.62 -57.77
C GLU H 208 -21.63 17.74 -56.85
N ALA H 209 -22.77 17.52 -56.16
CA ALA H 209 -23.49 18.58 -55.47
C ALA H 209 -23.24 18.67 -53.96
N TYR H 210 -22.95 19.86 -53.48
CA TYR H 210 -22.88 20.07 -52.04
C TYR H 210 -24.33 20.17 -51.58
N THR H 211 -24.70 19.35 -50.59
CA THR H 211 -26.10 19.17 -50.26
C THR H 211 -26.49 19.54 -48.83
N ASP H 212 -25.55 19.52 -47.89
CA ASP H 212 -25.87 19.81 -46.50
C ASP H 212 -24.63 20.20 -45.71
N THR H 213 -24.84 20.83 -44.55
CA THR H 213 -23.76 21.16 -43.63
C THR H 213 -24.19 20.88 -42.20
N TYR H 214 -23.22 20.87 -41.29
CA TYR H 214 -23.48 20.64 -39.88
C TYR H 214 -22.48 21.45 -39.06
N HIS H 215 -22.97 22.14 -38.04
CA HIS H 215 -22.15 23.10 -37.31
C HIS H 215 -21.51 22.52 -36.06
N SER H 216 -20.43 23.15 -35.63
CA SER H 216 -19.74 22.76 -34.40
C SER H 216 -20.69 22.91 -33.20
N TYR H 217 -20.66 21.93 -32.28
CA TYR H 217 -21.51 22.04 -31.10
C TYR H 217 -20.79 22.41 -29.81
N ALA H 218 -19.54 21.97 -29.67
CA ALA H 218 -18.77 22.32 -28.48
C ALA H 218 -17.88 23.53 -28.73
N ASN H 219 -17.87 24.00 -29.98
CA ASN H 219 -17.01 25.11 -30.39
C ASN H 219 -15.52 24.96 -30.00
N LYS H 220 -15.04 23.71 -30.00
CA LYS H 220 -13.65 23.43 -29.70
C LYS H 220 -12.91 22.91 -30.94
N LEU H 221 -13.37 21.81 -31.53
CA LEU H 221 -12.90 21.36 -32.84
C LEU H 221 -13.74 20.24 -33.46
N LEU H 222 -14.72 20.62 -34.27
CA LEU H 222 -15.54 19.64 -34.95
C LEU H 222 -14.67 18.82 -35.89
N ARG H 223 -14.90 17.50 -35.94
CA ARG H 223 -14.08 16.59 -36.71
C ARG H 223 -14.79 15.25 -36.90
N THR H 224 -14.29 14.42 -37.81
CA THR H 224 -15.00 13.19 -38.16
C THR H 224 -14.04 11.97 -38.25
N GLN H 225 -14.51 10.88 -38.87
CA GLN H 225 -13.86 9.57 -38.79
C GLN H 225 -12.46 9.42 -39.41
N GLU H 226 -12.21 10.09 -40.53
CA GLU H 226 -11.04 9.82 -41.39
C GLU H 226 -11.02 8.36 -41.86
N SER H 227 -12.21 7.81 -42.09
CA SER H 227 -12.38 6.47 -42.63
C SER H 227 -13.80 6.36 -43.15
N ALA H 228 -14.13 5.24 -43.81
CA ALA H 228 -15.42 5.15 -44.49
C ALA H 228 -16.61 5.23 -43.54
N CYS H 229 -17.66 5.91 -43.99
CA CYS H 229 -18.95 5.87 -43.30
C CYS H 229 -19.70 4.65 -43.83
N ASN H 230 -20.85 4.35 -43.25
CA ASN H 230 -21.52 3.09 -43.55
C ASN H 230 -22.97 3.21 -44.01
N CYS H 231 -23.28 2.57 -45.12
CA CYS H 231 -24.59 2.72 -45.76
C CYS H 231 -25.41 1.44 -45.74
N ILE H 232 -26.64 1.53 -45.26
CA ILE H 232 -27.58 0.42 -45.38
C ILE H 232 -28.96 0.90 -45.83
N GLY H 233 -29.48 0.29 -46.89
CA GLY H 233 -30.77 0.69 -47.44
C GLY H 233 -30.85 2.15 -47.83
N GLY H 234 -29.71 2.73 -48.20
CA GLY H 234 -29.64 4.13 -48.56
C GLY H 234 -29.46 5.08 -47.39
N ASN H 235 -29.37 4.53 -46.19
CA ASN H 235 -29.10 5.35 -45.02
C ASN H 235 -27.64 5.26 -44.62
N CYS H 236 -26.94 6.39 -44.71
CA CYS H 236 -25.55 6.43 -44.34
C CYS H 236 -25.33 6.95 -42.91
N TYR H 237 -24.65 6.13 -42.11
CA TYR H 237 -24.38 6.47 -40.72
C TYR H 237 -22.92 6.89 -40.59
N LEU H 238 -22.69 8.02 -39.93
CA LEU H 238 -21.38 8.66 -39.85
C LEU H 238 -21.11 9.19 -38.45
N MET H 239 -19.87 9.08 -37.97
CA MET H 239 -19.52 9.60 -36.67
C MET H 239 -18.93 11.01 -36.76
N ILE H 240 -19.43 11.90 -35.93
CA ILE H 240 -18.83 13.21 -35.75
C ILE H 240 -18.57 13.44 -34.27
N THR H 241 -17.58 14.27 -33.96
CA THR H 241 -17.28 14.60 -32.59
C THR H 241 -16.73 16.01 -32.47
N ASP H 242 -16.94 16.61 -31.30
CA ASP H 242 -16.49 17.98 -31.05
C ASP H 242 -16.15 18.11 -29.58
N GLY H 243 -15.11 18.87 -29.29
CA GLY H 243 -14.73 19.11 -27.92
C GLY H 243 -13.23 19.13 -27.75
N SER H 244 -12.80 18.98 -26.51
CA SER H 244 -11.39 19.06 -26.16
C SER H 244 -10.61 17.82 -26.57
N ALA H 245 -9.34 18.03 -26.90
CA ALA H 245 -8.46 16.92 -27.28
C ALA H 245 -7.90 16.25 -26.03
N SER H 246 -7.89 16.97 -24.91
CA SER H 246 -7.35 16.46 -23.66
C SER H 246 -8.41 16.38 -22.55
N GLY H 247 -9.65 16.69 -22.90
CA GLY H 247 -10.75 16.60 -21.96
C GLY H 247 -11.96 15.89 -22.56
N VAL H 248 -13.12 16.54 -22.48
CA VAL H 248 -14.34 15.96 -23.00
C VAL H 248 -14.51 16.13 -24.51
N SER H 249 -14.79 15.02 -25.18
CA SER H 249 -15.18 15.03 -26.58
C SER H 249 -16.32 14.02 -26.75
N GLU H 250 -17.54 14.51 -26.64
CA GLU H 250 -18.71 13.66 -26.75
C GLU H 250 -19.19 13.64 -28.20
N CYS H 251 -19.22 12.45 -28.79
CA CYS H 251 -19.53 12.34 -30.21
C CYS H 251 -21.03 12.17 -30.47
N ARG H 252 -21.40 12.35 -31.74
CA ARG H 252 -22.77 12.14 -32.18
C ARG H 252 -22.70 11.33 -33.47
N PHE H 253 -23.81 10.70 -33.83
CA PHE H 253 -23.88 9.99 -35.11
C PHE H 253 -24.95 10.57 -36.03
N LEU H 254 -24.60 10.79 -37.29
CA LEU H 254 -25.51 11.38 -38.26
C LEU H 254 -26.14 10.32 -39.17
N LYS H 255 -27.42 10.48 -39.45
CA LYS H 255 -28.10 9.63 -40.42
C LYS H 255 -28.26 10.44 -41.71
N ILE H 256 -27.45 10.13 -42.72
CA ILE H 256 -27.47 10.91 -43.95
C ILE H 256 -28.05 10.09 -45.11
N ARG H 257 -29.00 10.70 -45.81
CA ARG H 257 -29.71 10.03 -46.89
C ARG H 257 -29.71 10.92 -48.14
N GLU H 258 -29.16 10.38 -49.24
CA GLU H 258 -29.03 11.13 -50.48
C GLU H 258 -28.45 12.54 -50.28
N GLY H 259 -27.39 12.62 -49.47
CA GLY H 259 -26.69 13.86 -49.21
C GLY H 259 -27.20 14.73 -48.07
N ARG H 260 -28.31 14.34 -47.46
CA ARG H 260 -28.89 15.18 -46.42
C ARG H 260 -29.00 14.51 -45.06
N ILE H 261 -28.66 15.25 -44.01
CA ILE H 261 -28.79 14.77 -42.64
C ILE H 261 -30.26 14.74 -42.23
N ILE H 262 -30.83 13.55 -42.14
CA ILE H 262 -32.24 13.40 -41.79
C ILE H 262 -32.47 13.09 -40.30
N LYS H 263 -31.40 12.70 -39.60
CA LYS H 263 -31.48 12.43 -38.16
C LYS H 263 -30.13 12.51 -37.47
N GLU H 264 -30.12 13.02 -36.25
CA GLU H 264 -28.93 12.95 -35.41
C GLU H 264 -29.17 11.96 -34.27
N ILE H 265 -28.15 11.16 -33.96
CA ILE H 265 -28.23 10.15 -32.92
C ILE H 265 -27.30 10.52 -31.77
N PHE H 266 -27.86 10.65 -30.57
CA PHE H 266 -27.07 10.94 -29.38
C PHE H 266 -26.83 9.66 -28.58
N PRO H 267 -25.57 9.21 -28.52
CA PRO H 267 -25.28 7.94 -27.87
C PRO H 267 -25.35 8.03 -26.34
N THR H 268 -25.66 6.90 -25.69
CA THR H 268 -25.67 6.80 -24.24
C THR H 268 -24.54 5.90 -23.76
N GLY H 269 -24.35 5.83 -22.44
CA GLY H 269 -23.31 5.00 -21.85
C GLY H 269 -22.04 5.77 -21.54
N ARG H 270 -20.89 5.19 -21.89
CA ARG H 270 -19.57 5.79 -21.67
C ARG H 270 -19.24 6.76 -22.81
N VAL H 271 -19.40 8.06 -22.55
CA VAL H 271 -19.34 9.05 -23.61
C VAL H 271 -18.37 10.21 -23.40
N LYS H 272 -17.51 10.15 -22.39
CA LYS H 272 -16.63 11.29 -22.15
C LYS H 272 -15.66 11.65 -23.29
N HIS H 273 -15.04 10.66 -23.92
CA HIS H 273 -14.16 10.95 -25.06
C HIS H 273 -14.18 9.85 -26.12
N THR H 274 -14.71 10.19 -27.29
CA THR H 274 -14.79 9.25 -28.40
C THR H 274 -14.48 10.03 -29.66
N GLU H 275 -13.41 9.64 -30.36
CA GLU H 275 -13.08 10.26 -31.64
C GLU H 275 -12.51 9.26 -32.65
N GLU H 276 -12.62 9.61 -33.93
CA GLU H 276 -12.02 8.84 -35.01
C GLU H 276 -12.44 7.37 -35.04
N CYS H 277 -13.75 7.16 -34.97
CA CYS H 277 -14.33 5.82 -35.01
C CYS H 277 -14.08 5.09 -36.33
N THR H 278 -13.69 3.83 -36.22
CA THR H 278 -13.65 2.93 -37.37
C THR H 278 -14.88 2.06 -37.26
N CYS H 279 -15.81 2.20 -38.20
CA CYS H 279 -17.10 1.53 -38.11
C CYS H 279 -17.34 0.51 -39.22
N GLY H 280 -18.08 -0.54 -38.89
CA GLY H 280 -18.54 -1.50 -39.88
C GLY H 280 -19.85 -2.16 -39.46
N PHE H 281 -20.52 -2.80 -40.40
CA PHE H 281 -21.74 -3.55 -40.10
C PHE H 281 -21.43 -4.91 -39.49
N ALA H 282 -22.02 -5.20 -38.34
CA ALA H 282 -21.90 -6.51 -37.71
C ALA H 282 -23.08 -7.40 -38.15
N SER H 283 -24.13 -6.74 -38.63
CA SER H 283 -25.32 -7.42 -39.12
C SER H 283 -26.14 -6.41 -39.91
N ASN H 284 -27.35 -6.80 -40.32
CA ASN H 284 -28.28 -5.88 -40.96
C ASN H 284 -28.92 -4.91 -39.97
N LYS H 285 -28.56 -5.04 -38.70
CA LYS H 285 -29.18 -4.20 -37.67
C LYS H 285 -28.17 -3.50 -36.75
N THR H 286 -26.94 -3.99 -36.71
CA THR H 286 -25.95 -3.38 -35.83
C THR H 286 -24.69 -2.91 -36.56
N ILE H 287 -24.32 -1.65 -36.31
CA ILE H 287 -23.00 -1.13 -36.68
C ILE H 287 -22.14 -1.08 -35.43
N GLU H 288 -20.88 -1.49 -35.52
CA GLU H 288 -19.95 -1.37 -34.42
C GLU H 288 -18.78 -0.47 -34.79
N CYS H 289 -18.29 0.31 -33.82
CA CYS H 289 -17.14 1.18 -34.06
C CYS H 289 -16.04 0.98 -33.03
N ALA H 290 -14.81 0.92 -33.49
CA ALA H 290 -13.67 0.97 -32.58
C ALA H 290 -13.04 2.36 -32.67
N CYS H 291 -13.08 3.09 -31.56
CA CYS H 291 -12.76 4.52 -31.58
C CYS H 291 -11.50 4.87 -30.82
N ARG H 292 -11.22 6.17 -30.73
CA ARG H 292 -10.00 6.64 -30.07
C ARG H 292 -10.32 7.56 -28.89
N ASP H 293 -9.68 7.30 -27.76
CA ASP H 293 -9.72 8.21 -26.62
C ASP H 293 -8.36 8.90 -26.44
N ASN H 294 -8.31 10.19 -26.71
CA ASN H 294 -7.06 10.92 -26.72
C ASN H 294 -6.69 11.47 -25.35
N SER H 295 -7.53 11.21 -24.35
CA SER H 295 -7.34 11.84 -23.05
C SER H 295 -7.37 10.93 -21.81
N TYR H 296 -8.37 10.04 -21.73
CA TYR H 296 -8.62 9.32 -20.47
C TYR H 296 -8.12 7.89 -20.40
N THR H 297 -7.97 7.22 -21.55
CA THR H 297 -7.63 5.79 -21.53
C THR H 297 -7.00 5.24 -22.81
N ALA H 298 -6.41 4.06 -22.68
CA ALA H 298 -5.76 3.38 -23.79
C ALA H 298 -6.63 2.24 -24.25
N LYS H 299 -7.73 2.00 -23.54
CA LYS H 299 -8.73 1.09 -24.06
C LYS H 299 -9.50 1.87 -25.12
N ARG H 300 -10.00 1.17 -26.14
CA ARG H 300 -10.78 1.84 -27.18
C ARG H 300 -12.28 1.85 -26.90
N PRO H 301 -12.88 3.05 -26.84
CA PRO H 301 -14.33 3.19 -26.78
C PRO H 301 -14.97 2.39 -27.90
N PHE H 302 -16.00 1.60 -27.58
CA PHE H 302 -16.58 0.68 -28.54
C PHE H 302 -18.07 0.95 -28.74
N VAL H 303 -18.43 1.54 -29.88
CA VAL H 303 -19.80 1.95 -30.13
C VAL H 303 -20.64 0.82 -30.72
N LYS H 304 -21.85 0.65 -30.20
CA LYS H 304 -22.85 -0.24 -30.78
C LYS H 304 -24.05 0.59 -31.23
N LEU H 305 -24.36 0.53 -32.53
CA LEU H 305 -25.44 1.34 -33.10
C LEU H 305 -26.50 0.43 -33.73
N ASN H 306 -27.72 0.53 -33.23
CA ASN H 306 -28.86 -0.18 -33.80
C ASN H 306 -29.45 0.67 -34.93
N VAL H 307 -29.38 0.18 -36.16
CA VAL H 307 -29.89 0.94 -37.30
C VAL H 307 -31.39 0.74 -37.54
N GLU H 308 -32.01 -0.16 -36.77
CA GLU H 308 -33.45 -0.35 -36.85
C GLU H 308 -34.16 0.62 -35.92
N THR H 309 -33.54 0.88 -34.77
CA THR H 309 -34.11 1.75 -33.76
C THR H 309 -33.47 3.13 -33.80
N ASP H 310 -32.32 3.23 -34.45
CA ASP H 310 -31.55 4.47 -34.53
C ASP H 310 -31.09 4.95 -33.15
N THR H 311 -30.50 4.04 -32.38
CA THR H 311 -29.93 4.37 -31.07
C THR H 311 -28.57 3.70 -30.91
N ALA H 312 -27.68 4.34 -30.16
CA ALA H 312 -26.32 3.81 -29.99
C ALA H 312 -25.83 3.90 -28.54
N GLU H 313 -25.06 2.88 -28.15
CA GLU H 313 -24.48 2.80 -26.81
C GLU H 313 -22.96 2.59 -26.87
N ILE H 314 -22.23 3.32 -26.03
CA ILE H 314 -20.76 3.29 -26.08
C ILE H 314 -20.14 2.82 -24.76
N ARG H 315 -19.45 1.69 -24.79
CA ARG H 315 -18.68 1.23 -23.62
C ARG H 315 -17.27 0.87 -24.04
N LEU H 316 -16.30 1.07 -23.14
CA LEU H 316 -14.91 0.72 -23.42
C LEU H 316 -14.77 -0.77 -23.68
N MET H 317 -14.02 -1.16 -24.71
CA MET H 317 -13.74 -2.58 -24.92
C MET H 317 -12.83 -3.06 -23.78
N CYS H 318 -13.03 -4.30 -23.36
CA CYS H 318 -12.43 -4.77 -22.12
C CYS H 318 -11.14 -5.59 -22.30
N THR H 319 -10.93 -6.14 -23.49
CA THR H 319 -9.75 -6.98 -23.77
C THR H 319 -8.44 -6.40 -23.23
N ASP H 320 -7.60 -7.26 -22.66
CA ASP H 320 -6.34 -6.84 -22.05
C ASP H 320 -5.36 -6.31 -23.10
N THR H 321 -5.62 -6.64 -24.37
CA THR H 321 -4.83 -6.13 -25.48
C THR H 321 -5.30 -4.73 -25.84
N TYR H 322 -4.69 -3.72 -25.22
CA TYR H 322 -5.06 -2.33 -25.45
C TYR H 322 -4.58 -1.89 -26.82
N LEU H 323 -5.51 -1.44 -27.67
CA LEU H 323 -5.23 -1.19 -29.07
C LEU H 323 -4.71 0.21 -29.35
N ASP H 324 -4.74 1.08 -28.34
CA ASP H 324 -4.33 2.47 -28.52
C ASP H 324 -2.80 2.57 -28.52
N THR H 325 -2.30 3.72 -28.96
CA THR H 325 -0.89 4.08 -28.83
C THR H 325 -0.83 5.57 -28.50
N PRO H 326 -0.17 5.94 -27.38
CA PRO H 326 0.50 5.13 -26.36
C PRO H 326 -0.46 4.27 -25.53
N ARG H 327 0.11 3.29 -24.85
CA ARG H 327 -0.65 2.36 -24.01
C ARG H 327 0.25 1.80 -22.93
N PRO H 328 -0.35 1.31 -21.83
CA PRO H 328 0.43 0.54 -20.86
C PRO H 328 0.54 -0.92 -21.28
N ASP H 329 1.31 -1.71 -20.54
CA ASP H 329 1.47 -3.14 -20.80
C ASP H 329 0.13 -3.86 -20.83
N ASP H 330 0.06 -4.93 -21.61
CA ASP H 330 -1.18 -5.70 -21.74
C ASP H 330 -1.63 -6.25 -20.39
N GLY H 331 -2.86 -5.90 -20.00
CA GLY H 331 -3.44 -6.42 -18.76
C GLY H 331 -3.19 -5.59 -17.50
N SER H 332 -2.24 -4.65 -17.58
CA SER H 332 -1.81 -3.88 -16.40
C SER H 332 -2.82 -2.84 -15.86
N ILE H 333 -3.90 -2.61 -16.60
CA ILE H 333 -4.99 -1.77 -16.08
C ILE H 333 -5.84 -2.61 -15.15
N THR H 334 -5.56 -2.53 -13.86
CA THR H 334 -6.25 -3.34 -12.86
C THR H 334 -7.70 -2.87 -12.73
N GLY H 335 -8.59 -3.81 -12.41
CA GLY H 335 -9.97 -3.46 -12.16
C GLY H 335 -10.97 -4.17 -13.04
N PRO H 336 -12.26 -3.82 -12.92
CA PRO H 336 -13.32 -4.40 -13.75
C PRO H 336 -13.27 -3.84 -15.16
N CYS H 337 -14.19 -4.28 -16.01
CA CYS H 337 -14.15 -3.97 -17.43
C CYS H 337 -14.12 -2.47 -17.76
N GLU H 338 -14.80 -1.66 -16.96
CA GLU H 338 -14.99 -0.24 -17.27
C GLU H 338 -13.89 0.70 -16.76
N SER H 339 -12.85 0.15 -16.16
CA SER H 339 -11.77 0.97 -15.59
C SER H 339 -10.91 1.65 -16.65
N ASN H 340 -10.59 2.92 -16.41
CA ASN H 340 -9.78 3.70 -17.36
C ASN H 340 -8.33 3.23 -17.46
N GLY H 341 -7.58 3.40 -16.38
CA GLY H 341 -6.19 2.98 -16.36
C GLY H 341 -5.20 4.11 -16.61
N ASP H 342 -3.94 3.74 -16.82
CA ASP H 342 -2.88 4.72 -17.03
C ASP H 342 -2.49 4.88 -18.51
N LYS H 343 -1.67 5.88 -18.80
CA LYS H 343 -1.18 6.16 -20.14
C LYS H 343 -2.32 6.36 -21.13
N GLY H 344 -3.37 7.03 -20.67
CA GLY H 344 -4.54 7.26 -21.48
C GLY H 344 -4.46 8.55 -22.25
N SER H 345 -3.41 9.32 -21.99
CA SER H 345 -3.15 10.53 -22.76
C SER H 345 -2.65 10.08 -24.13
N GLY H 346 -2.92 10.89 -25.15
CA GLY H 346 -2.55 10.53 -26.51
C GLY H 346 -3.48 9.51 -27.12
N GLY H 347 -3.23 9.14 -28.37
CA GLY H 347 -4.11 8.24 -29.06
C GLY H 347 -3.67 7.95 -30.48
N ILE H 348 -4.44 7.11 -31.17
CA ILE H 348 -4.21 6.81 -32.57
C ILE H 348 -5.48 6.21 -33.17
N LYS H 349 -5.73 6.49 -34.44
CA LYS H 349 -6.84 5.86 -35.15
C LYS H 349 -6.49 4.39 -35.39
N GLY H 350 -7.40 3.49 -35.09
CA GLY H 350 -7.10 2.07 -35.13
C GLY H 350 -7.98 1.27 -36.06
N GLY H 351 -7.41 0.18 -36.59
CA GLY H 351 -8.12 -0.66 -37.55
C GLY H 351 -9.14 -1.58 -36.91
N PHE H 352 -10.23 -1.82 -37.63
CA PHE H 352 -11.33 -2.66 -37.18
C PHE H 352 -12.16 -3.03 -38.39
N VAL H 353 -12.50 -4.31 -38.51
CA VAL H 353 -13.34 -4.77 -39.60
C VAL H 353 -13.97 -6.10 -39.22
N HIS H 354 -15.21 -6.33 -39.67
CA HIS H 354 -15.97 -7.52 -39.29
C HIS H 354 -15.82 -8.62 -40.31
N GLN H 355 -15.80 -9.87 -39.83
CA GLN H 355 -15.99 -11.03 -40.68
C GLN H 355 -17.32 -11.69 -40.33
N ARG H 356 -18.33 -11.44 -41.16
CA ARG H 356 -19.68 -11.92 -40.89
C ARG H 356 -19.95 -13.30 -41.48
N MET H 357 -20.19 -14.27 -40.60
CA MET H 357 -20.49 -15.65 -41.01
C MET H 357 -21.89 -16.09 -40.60
N GLU H 358 -22.21 -17.35 -40.89
CA GLU H 358 -23.57 -17.86 -40.74
C GLU H 358 -24.11 -17.80 -39.32
N SER H 359 -23.32 -18.27 -38.36
CA SER H 359 -23.73 -18.28 -36.95
C SER H 359 -22.59 -17.75 -36.11
N LYS H 360 -21.77 -16.92 -36.71
CA LYS H 360 -20.53 -16.49 -36.07
C LYS H 360 -20.10 -15.15 -36.63
N ILE H 361 -19.46 -14.34 -35.79
CA ILE H 361 -18.92 -13.06 -36.21
C ILE H 361 -17.44 -12.96 -35.84
N GLY H 362 -16.61 -12.46 -36.76
CA GLY H 362 -15.20 -12.25 -36.50
C GLY H 362 -14.89 -10.79 -36.27
N ARG H 363 -13.93 -10.51 -35.39
CA ARG H 363 -13.56 -9.12 -35.12
C ARG H 363 -12.06 -8.91 -35.21
N TRP H 364 -11.63 -8.34 -36.34
CA TRP H 364 -10.22 -8.11 -36.61
C TRP H 364 -9.84 -6.68 -36.25
N TYR H 365 -8.73 -6.54 -35.56
CA TYR H 365 -8.26 -5.23 -35.13
C TYR H 365 -6.79 -5.09 -35.46
N SER H 366 -6.31 -3.85 -35.47
CA SER H 366 -4.88 -3.61 -35.64
C SER H 366 -4.37 -2.60 -34.61
N ARG H 367 -3.13 -2.77 -34.18
CA ARG H 367 -2.47 -1.78 -33.34
C ARG H 367 -0.97 -1.82 -33.58
N THR H 368 -0.28 -0.75 -33.18
CA THR H 368 1.14 -0.58 -33.47
C THR H 368 1.99 -1.58 -32.71
N MET H 369 3.17 -1.88 -33.25
CA MET H 369 4.10 -2.80 -32.60
C MET H 369 4.68 -2.20 -31.32
N SER H 370 5.15 -0.95 -31.39
CA SER H 370 5.65 -0.23 -30.23
C SER H 370 4.49 0.27 -29.34
N LYS H 371 4.68 0.20 -28.03
CA LYS H 371 3.64 0.65 -27.09
C LYS H 371 3.56 2.17 -27.04
N THR H 372 4.69 2.85 -27.29
CA THR H 372 4.73 4.31 -27.18
C THR H 372 4.75 5.03 -28.53
N GLU H 373 5.36 4.40 -29.53
CA GLU H 373 5.61 5.06 -30.83
C GLU H 373 4.69 4.63 -31.96
N ARG H 374 4.60 5.44 -32.99
CA ARG H 374 3.83 5.08 -34.17
C ARG H 374 4.69 4.24 -35.12
N MET H 375 5.16 3.10 -34.63
CA MET H 375 6.02 2.21 -35.40
C MET H 375 5.44 0.80 -35.40
N GLY H 376 5.44 0.17 -36.58
CA GLY H 376 4.94 -1.18 -36.72
C GLY H 376 3.44 -1.29 -36.70
N MET H 377 2.94 -2.49 -37.00
CA MET H 377 1.50 -2.75 -37.02
C MET H 377 1.20 -4.24 -37.00
N GLY H 378 0.52 -4.67 -35.95
CA GLY H 378 0.13 -6.06 -35.80
C GLY H 378 -1.36 -6.26 -35.94
N LEU H 379 -1.75 -7.49 -36.27
CA LEU H 379 -3.14 -7.83 -36.51
C LEU H 379 -3.61 -8.74 -35.39
N TYR H 380 -4.84 -8.51 -34.93
CA TYR H 380 -5.42 -9.33 -33.87
C TYR H 380 -6.84 -9.67 -34.26
N VAL H 381 -7.36 -10.75 -33.72
CA VAL H 381 -8.72 -11.18 -34.05
C VAL H 381 -9.35 -11.81 -32.81
N LYS H 382 -10.67 -11.83 -32.75
CA LYS H 382 -11.43 -12.60 -31.76
C LYS H 382 -12.84 -12.88 -32.29
N TYR H 383 -13.30 -14.12 -32.10
CA TYR H 383 -14.62 -14.50 -32.61
C TYR H 383 -15.68 -14.53 -31.50
N ASP H 384 -16.82 -13.91 -31.79
CA ASP H 384 -17.97 -13.93 -30.89
C ASP H 384 -17.73 -13.31 -29.51
N GLY H 385 -18.73 -13.41 -28.64
CA GLY H 385 -18.66 -12.83 -27.31
C GLY H 385 -18.98 -11.36 -27.33
N ASP H 386 -18.75 -10.69 -26.21
CA ASP H 386 -19.03 -9.26 -26.09
C ASP H 386 -17.80 -8.45 -25.75
N PRO H 387 -17.36 -7.58 -26.68
CA PRO H 387 -16.19 -6.73 -26.45
C PRO H 387 -16.35 -5.83 -25.24
N TRP H 388 -17.59 -5.57 -24.81
CA TRP H 388 -17.85 -4.74 -23.64
C TRP H 388 -17.49 -5.48 -22.34
N ALA H 389 -17.57 -6.81 -22.36
CA ALA H 389 -17.48 -7.60 -21.14
C ALA H 389 -16.26 -8.52 -21.07
N ASP H 390 -15.84 -9.03 -22.23
CA ASP H 390 -14.77 -10.02 -22.33
C ASP H 390 -13.38 -9.42 -22.17
N SER H 391 -12.63 -9.91 -21.17
CA SER H 391 -11.33 -9.35 -20.84
C SER H 391 -10.17 -10.01 -21.58
N ASP H 392 -10.44 -11.18 -22.17
CA ASP H 392 -9.38 -12.00 -22.77
C ASP H 392 -8.61 -11.28 -23.88
N ALA H 393 -7.31 -11.55 -23.93
CA ALA H 393 -6.45 -10.99 -24.97
C ALA H 393 -6.90 -11.45 -26.35
N LEU H 394 -6.72 -10.57 -27.33
CA LEU H 394 -7.08 -10.90 -28.70
C LEU H 394 -6.03 -11.86 -29.24
N ALA H 395 -6.46 -12.75 -30.13
CA ALA H 395 -5.53 -13.70 -30.76
C ALA H 395 -4.64 -12.95 -31.74
N PHE H 396 -3.33 -12.96 -31.49
CA PHE H 396 -2.38 -12.30 -32.38
C PHE H 396 -2.29 -13.04 -33.71
N SER H 397 -2.58 -12.33 -34.80
CA SER H 397 -2.67 -12.97 -36.10
C SER H 397 -1.52 -12.63 -37.05
N GLY H 398 -0.58 -11.82 -36.58
CA GLY H 398 0.60 -11.55 -37.40
C GLY H 398 1.07 -10.11 -37.49
N VAL H 399 2.32 -9.97 -37.92
CA VAL H 399 2.92 -8.66 -38.14
C VAL H 399 2.69 -8.20 -39.57
N MET H 400 2.00 -7.07 -39.73
CA MET H 400 1.78 -6.49 -41.05
C MET H 400 2.90 -5.52 -41.40
N VAL H 401 3.30 -4.74 -40.41
CA VAL H 401 4.44 -3.85 -40.55
C VAL H 401 5.36 -4.06 -39.35
N SER H 402 6.63 -4.36 -39.60
CA SER H 402 7.58 -4.60 -38.52
C SER H 402 7.82 -3.32 -37.75
N MET H 403 8.36 -3.45 -36.54
CA MET H 403 8.60 -2.31 -35.68
C MET H 403 9.68 -1.37 -36.25
N LYS H 404 10.43 -1.88 -37.23
CA LYS H 404 11.45 -1.09 -37.91
C LYS H 404 10.83 -0.09 -38.89
N GLU H 405 9.57 -0.29 -39.24
CA GLU H 405 8.90 0.55 -40.22
C GLU H 405 7.74 1.31 -39.60
N PRO H 406 7.42 2.50 -40.15
CA PRO H 406 6.39 3.39 -39.61
C PRO H 406 4.95 2.85 -39.69
N GLY H 407 4.23 2.88 -38.58
CA GLY H 407 2.85 2.43 -38.55
C GLY H 407 1.94 3.44 -37.88
N TRP H 408 1.25 4.26 -38.68
CA TRP H 408 0.39 5.31 -38.12
C TRP H 408 -1.06 4.88 -38.14
N TYR H 409 -1.92 5.72 -38.72
CA TYR H 409 -3.35 5.42 -38.76
C TYR H 409 -3.64 4.08 -39.43
N SER H 410 -4.62 3.35 -38.93
CA SER H 410 -5.13 2.16 -39.63
C SER H 410 -6.66 2.18 -39.66
N PHE H 411 -7.25 1.49 -40.63
CA PHE H 411 -8.68 1.61 -40.89
C PHE H 411 -9.23 0.34 -41.52
N GLY H 412 -10.54 0.17 -41.47
CA GLY H 412 -11.18 -1.01 -42.05
C GLY H 412 -12.00 -0.66 -43.26
N PHE H 413 -12.11 -1.60 -44.19
CA PHE H 413 -13.00 -1.43 -45.33
C PHE H 413 -13.36 -2.79 -45.91
N GLU H 414 -14.40 -2.81 -46.75
CA GLU H 414 -14.87 -4.05 -47.36
C GLU H 414 -15.02 -3.95 -48.87
N ILE H 415 -14.46 -4.94 -49.56
CA ILE H 415 -14.56 -5.02 -51.01
C ILE H 415 -15.77 -5.87 -51.38
N LYS H 416 -16.51 -5.46 -52.41
CA LYS H 416 -17.68 -6.22 -52.81
C LYS H 416 -17.34 -7.22 -53.93
N ASP H 417 -17.19 -8.49 -53.56
CA ASP H 417 -17.08 -9.60 -54.50
C ASP H 417 -18.49 -9.85 -55.07
N LYS H 418 -18.62 -10.79 -56.01
CA LYS H 418 -19.89 -10.96 -56.73
C LYS H 418 -21.06 -11.31 -55.81
N GLU H 419 -20.81 -12.15 -54.82
CA GLU H 419 -21.87 -12.62 -53.95
C GLU H 419 -21.54 -12.51 -52.46
N CYS H 420 -20.40 -11.89 -52.14
CA CYS H 420 -19.98 -11.74 -50.74
C CYS H 420 -19.01 -10.57 -50.56
N ASP H 421 -18.76 -10.21 -49.30
CA ASP H 421 -17.91 -9.08 -48.95
C ASP H 421 -16.57 -9.54 -48.39
N VAL H 422 -15.50 -8.86 -48.77
CA VAL H 422 -14.15 -9.19 -48.29
C VAL H 422 -13.59 -8.14 -47.35
N PRO H 423 -13.38 -8.52 -46.08
CA PRO H 423 -12.84 -7.58 -45.09
C PRO H 423 -11.35 -7.31 -45.27
N CYS H 424 -10.96 -6.06 -45.12
CA CYS H 424 -9.56 -5.65 -45.24
C CYS H 424 -9.24 -4.62 -44.17
N ILE H 425 -7.95 -4.44 -43.91
CA ILE H 425 -7.48 -3.34 -43.08
C ILE H 425 -6.40 -2.56 -43.84
N GLY H 426 -6.47 -1.24 -43.77
CA GLY H 426 -5.47 -0.40 -44.41
C GLY H 426 -4.54 0.21 -43.38
N ILE H 427 -3.30 0.48 -43.76
CA ILE H 427 -2.34 1.06 -42.84
C ILE H 427 -1.66 2.28 -43.44
N GLU H 428 -1.68 3.39 -42.72
CA GLU H 428 -0.97 4.59 -43.13
C GLU H 428 0.47 4.51 -42.66
N MET H 429 1.40 4.55 -43.61
CA MET H 429 2.80 4.49 -43.26
C MET H 429 3.46 5.83 -43.53
N VAL H 430 3.43 6.69 -42.52
CA VAL H 430 3.92 8.05 -42.66
C VAL H 430 5.43 8.09 -42.82
N HIS H 431 5.87 8.88 -43.78
CA HIS H 431 7.28 9.19 -43.93
C HIS H 431 7.54 10.43 -43.10
N ASP H 432 8.15 10.24 -41.93
CA ASP H 432 8.41 11.36 -41.04
C ASP H 432 9.90 11.73 -40.96
N GLY H 433 10.21 12.97 -41.30
CA GLY H 433 11.57 13.46 -41.20
C GLY H 433 11.61 14.84 -40.57
N GLY H 434 10.60 15.15 -39.76
CA GLY H 434 10.53 16.43 -39.08
C GLY H 434 9.82 17.51 -39.85
N LYS H 435 9.91 18.74 -39.34
CA LYS H 435 9.19 19.89 -39.89
C LYS H 435 9.90 20.57 -41.06
N GLU H 436 11.19 20.27 -41.23
CA GLU H 436 12.01 20.98 -42.23
C GLU H 436 12.01 20.33 -43.62
N THR H 437 11.34 19.19 -43.75
CA THR H 437 11.15 18.55 -45.05
C THR H 437 9.70 18.08 -45.23
N TRP H 438 9.43 17.36 -46.31
CA TRP H 438 8.07 16.95 -46.61
C TRP H 438 7.53 15.93 -45.60
N HIS H 439 6.20 15.90 -45.49
CA HIS H 439 5.52 14.99 -44.58
C HIS H 439 4.33 14.36 -45.30
N SER H 440 4.41 13.06 -45.55
CA SER H 440 3.38 12.36 -46.31
C SER H 440 3.30 10.88 -45.90
N ALA H 441 2.65 10.07 -46.72
CA ALA H 441 2.39 8.69 -46.33
C ALA H 441 2.14 7.74 -47.49
N ALA H 442 2.43 6.47 -47.25
CA ALA H 442 2.04 5.39 -48.13
C ALA H 442 0.84 4.67 -47.49
N THR H 443 0.15 3.85 -48.27
CA THR H 443 -0.97 3.06 -47.79
C THR H 443 -0.76 1.56 -48.06
N ALA H 444 -0.76 0.75 -47.00
CA ALA H 444 -0.62 -0.70 -47.15
C ALA H 444 -1.93 -1.42 -46.84
N ILE H 445 -2.23 -2.46 -47.62
CA ILE H 445 -3.51 -3.17 -47.53
C ILE H 445 -3.39 -4.69 -47.31
N TYR H 446 -4.03 -5.16 -46.24
CA TYR H 446 -4.13 -6.58 -45.93
C TYR H 446 -5.61 -7.00 -45.95
N CYS H 447 -5.91 -8.14 -46.57
CA CYS H 447 -7.30 -8.59 -46.69
C CYS H 447 -7.46 -10.04 -46.26
N LEU H 448 -8.67 -10.40 -45.86
CA LEU H 448 -9.02 -11.79 -45.59
C LEU H 448 -8.85 -12.61 -46.87
N MET H 449 -8.08 -13.70 -46.79
CA MET H 449 -7.64 -14.43 -47.98
C MET H 449 -7.16 -15.84 -47.64
N GLY H 450 -7.97 -16.86 -47.94
CA GLY H 450 -7.54 -18.24 -47.79
C GLY H 450 -7.39 -18.74 -46.36
N SER H 451 -6.41 -19.61 -46.13
CA SER H 451 -6.21 -20.24 -44.82
C SER H 451 -4.80 -20.05 -44.29
N GLY H 452 -4.54 -20.63 -43.12
CA GLY H 452 -3.20 -20.63 -42.57
C GLY H 452 -2.86 -19.38 -41.80
N GLN H 453 -1.61 -18.94 -41.91
CA GLN H 453 -1.14 -17.78 -41.17
C GLN H 453 -0.66 -16.64 -42.08
N LEU H 454 -0.67 -15.43 -41.54
CA LEU H 454 -0.22 -14.23 -42.26
C LEU H 454 1.27 -14.33 -42.57
N LEU H 455 1.62 -14.25 -43.85
CA LEU H 455 2.96 -14.64 -44.28
C LEU H 455 4.03 -13.54 -44.38
N TRP H 456 3.66 -12.36 -44.88
CA TRP H 456 4.67 -11.33 -45.11
C TRP H 456 4.32 -9.93 -44.61
N ASP H 457 5.35 -9.20 -44.19
CA ASP H 457 5.22 -7.80 -43.78
C ASP H 457 5.43 -6.83 -44.94
N THR H 458 5.10 -5.57 -44.69
CA THR H 458 5.15 -4.52 -45.70
C THR H 458 6.12 -3.39 -45.37
N VAL H 459 7.00 -3.06 -46.32
CA VAL H 459 7.87 -1.91 -46.19
C VAL H 459 7.47 -0.88 -47.24
N THR H 460 7.76 0.40 -47.00
CA THR H 460 7.42 1.43 -47.98
C THR H 460 8.44 1.46 -49.12
N GLY H 461 9.71 1.26 -48.76
CA GLY H 461 10.79 1.28 -49.73
C GLY H 461 11.23 2.69 -50.05
N VAL H 462 10.80 3.65 -49.23
CA VAL H 462 11.10 5.05 -49.50
C VAL H 462 12.29 5.55 -48.71
N ASP H 463 13.26 6.11 -49.43
CA ASP H 463 14.41 6.77 -48.82
C ASP H 463 14.14 8.26 -48.83
N MET H 464 13.91 8.84 -47.65
CA MET H 464 13.46 10.22 -47.56
C MET H 464 14.49 11.23 -48.05
N ALA H 465 15.72 10.80 -48.21
CA ALA H 465 16.79 11.67 -48.68
C ALA H 465 16.73 11.90 -50.19
N LEU H 466 16.27 10.89 -50.91
CA LEU H 466 16.20 10.98 -52.37
C LEU H 466 15.14 11.98 -52.83
C1 NAG I . 34.46 15.67 48.08
C2 NAG I . 33.87 17.07 48.30
C3 NAG I . 34.06 17.94 47.06
C4 NAG I . 35.50 17.88 46.56
C5 NAG I . 35.94 16.43 46.43
C6 NAG I . 37.39 16.25 45.97
C7 NAG I . 31.98 17.25 49.87
C8 NAG I . 32.98 17.70 50.89
N2 NAG I . 32.47 16.97 48.65
O3 NAG I . 33.69 19.27 47.37
O4 NAG I . 35.61 18.49 45.28
O5 NAG I . 35.82 15.78 47.69
O6 NAG I . 38.27 17.11 46.67
O7 NAG I . 30.79 17.15 50.13
C1 NAG I . 36.36 19.73 45.30
C2 NAG I . 36.78 20.12 43.87
C3 NAG I . 37.51 21.46 43.88
C4 NAG I . 36.71 22.52 44.63
C5 NAG I . 36.33 22.01 46.02
C6 NAG I . 35.45 22.96 46.81
C7 NAG I . 37.14 18.14 42.45
C8 NAG I . 38.17 17.17 41.91
N2 NAG I . 37.61 19.09 43.26
O3 NAG I . 37.73 21.90 42.54
O4 NAG I . 37.48 23.72 44.76
O5 NAG I . 35.60 20.78 45.89
O6 NAG I . 34.47 23.58 45.98
O7 NAG I . 35.95 18.05 42.16
C1 BMA I . 37.06 24.69 43.78
C2 BMA I . 36.73 26.06 44.46
C3 BMA I . 36.14 27.02 43.43
C4 BMA I . 36.96 27.03 42.09
C5 BMA I . 37.30 25.58 41.60
C6 BMA I . 38.22 25.57 40.38
O2 BMA I . 37.89 26.69 44.98
O3 BMA I . 36.02 28.34 43.96
O4 BMA I . 36.22 27.71 41.07
O5 BMA I . 37.93 24.85 42.67
O6 BMA I . 38.32 24.24 39.90
C1 NAG J . 26.06 45.18 22.58
C2 NAG J . 26.38 45.59 21.13
C3 NAG J . 27.39 44.60 20.52
C4 NAG J . 28.57 44.35 21.45
C5 NAG J . 28.07 44.00 22.84
C6 NAG J . 29.17 43.77 23.85
C7 NAG J . 24.63 46.71 19.80
C8 NAG J . 25.41 47.97 19.95
N2 NAG J . 25.16 45.62 20.35
O3 NAG J . 27.83 45.09 19.25
O4 NAG J . 29.33 43.24 20.97
O5 NAG J . 27.25 45.06 23.33
O6 NAG J . 30.11 44.85 23.86
O7 NAG J . 23.57 46.67 19.17
C1 NAG J . 30.64 43.65 20.54
C2 NAG J . 31.50 42.41 20.30
C3 NAG J . 32.90 42.81 19.87
C4 NAG J . 32.85 43.75 18.67
C5 NAG J . 31.92 44.93 18.96
C6 NAG J . 31.69 45.80 17.75
C7 NAG J . 30.60 40.68 21.81
C8 NAG J . 30.84 39.88 23.05
N2 NAG J . 31.55 41.55 21.48
O3 NAG J . 33.66 41.64 19.56
O4 NAG J . 34.15 44.21 18.35
O5 NAG J . 30.62 44.45 19.35
O6 NAG J . 30.77 45.21 16.86
O7 NAG J . 29.57 40.54 21.14
C1 BMA J . 34.51 43.78 17.02
C2 BMA J . 34.99 45.03 16.15
C3 BMA J . 36.37 44.85 15.40
C4 BMA J . 36.98 43.42 15.44
C5 BMA J . 35.89 42.38 15.68
C6 BMA J . 36.41 40.94 15.68
O2 BMA J . 35.14 46.17 16.97
O3 BMA J . 37.34 45.82 15.81
O4 BMA J . 37.65 43.15 14.22
O5 BMA J . 35.37 42.65 16.98
O6 BMA J . 35.81 40.22 16.75
C1 NAG K . 51.57 -4.82 18.08
C2 NAG K . 51.50 -5.09 19.58
C3 NAG K . 50.98 -3.85 20.33
C4 NAG K . 51.74 -2.61 19.91
C5 NAG K . 51.78 -2.49 18.39
C6 NAG K . 52.59 -1.31 17.90
C7 NAG K . 51.07 -7.34 20.50
C8 NAG K . 52.50 -7.32 20.96
N2 NAG K . 50.65 -6.24 19.85
O3 NAG K . 51.11 -4.06 21.74
O4 NAG K . 51.08 -1.45 20.43
O5 NAG K . 52.35 -3.67 17.83
O6 NAG K . 53.96 -1.65 17.74
O7 NAG K . 50.33 -8.29 20.72
C1 NAG K . 51.83 -0.86 21.51
C2 NAG K . 51.52 0.63 21.57
C3 NAG K . 52.36 1.29 22.66
C4 NAG K . 52.14 0.57 23.98
C5 NAG K . 52.40 -0.93 23.83
C6 NAG K . 52.08 -1.72 25.07
C7 NAG K . 50.76 1.48 19.39
C8 NAG K . 51.17 2.16 18.12
N2 NAG K . 51.74 1.27 20.29
O3 NAG K . 52.01 2.65 22.78
O4 NAG K . 52.99 1.12 24.99
O5 NAG K . 51.57 -1.46 22.78
O6 NAG K . 51.99 -0.90 26.22
O7 NAG K . 49.61 1.12 19.59
C1 NAG L . 42.74 24.91 -7.43
C2 NAG L . 43.62 23.69 -7.70
C3 NAG L . 43.97 22.99 -6.37
C4 NAG L . 44.55 23.99 -5.38
C5 NAG L . 43.63 25.21 -5.26
C6 NAG L . 44.19 26.30 -4.37
C7 NAG L . 43.49 22.12 -9.60
C8 NAG L . 44.95 22.40 -9.84
N2 NAG L . 42.92 22.75 -8.58
O3 NAG L . 44.85 21.90 -6.60
O4 NAG L . 44.67 23.39 -4.09
O5 NAG L . 43.42 25.78 -6.57
O6 NAG L . 45.51 26.68 -4.76
O7 NAG L . 42.86 21.34 -10.31
C1 NAG L . 46.05 23.18 -3.72
C2 NAG L . 46.16 23.17 -2.19
C3 NAG L . 47.61 22.90 -1.78
C4 NAG L . 48.13 21.64 -2.45
C5 NAG L . 47.91 21.69 -3.96
C6 NAG L . 48.25 20.39 -4.64
C7 NAG L . 44.46 24.50 -1.03
C8 NAG L . 44.12 25.85 -0.47
N2 NAG L . 45.67 24.40 -1.60
O3 NAG L . 47.68 22.76 -0.37
O4 NAG L . 49.52 21.50 -2.18
O5 NAG L . 46.53 21.96 -4.25
O6 NAG L . 47.68 19.30 -3.94
O7 NAG L . 43.68 23.56 -0.99
C1 BMA L . 49.71 20.36 -1.31
C2 BMA L . 51.11 20.35 -0.70
C3 BMA L . 51.32 18.97 -0.07
C4 BMA L . 50.18 18.66 0.96
C5 BMA L . 48.79 18.87 0.31
C6 BMA L . 47.64 18.73 1.29
O2 BMA L . 51.21 21.32 0.34
O3 BMA L . 52.60 18.84 0.55
O4 BMA L . 50.29 17.33 1.41
O5 BMA L . 48.73 20.19 -0.30
O6 BMA L . 46.94 17.54 0.97
C1 NAG M . -2.38 -35.24 16.23
C2 NAG M . -1.22 -35.00 15.25
C3 NAG M . -0.90 -36.29 14.48
C4 NAG M . -0.75 -37.48 15.42
C5 NAG M . -1.95 -37.57 16.36
C6 NAG M . -1.81 -38.66 17.40
C7 NAG M . -0.97 -32.71 14.39
C8 NAG M . 0.05 -32.50 15.47
N2 NAG M . -1.54 -33.93 14.34
O3 NAG M . 0.29 -36.09 13.73
O4 NAG M . -0.70 -38.69 14.67
O5 NAG M . -2.07 -36.33 17.08
O6 NAG M . -0.46 -38.86 17.77
O7 NAG M . -1.26 -31.82 13.59
C1 NAG M . 0.63 -39.21 14.57
C2 NAG M . 0.57 -40.69 14.16
C3 NAG M . 1.98 -41.26 14.04
C4 NAG M . 2.82 -40.42 13.10
C5 NAG M . 2.81 -38.96 13.57
C6 NAG M . 3.55 -38.03 12.64
C7 NAG M . -1.54 -41.65 14.98
C8 NAG M . -2.18 -42.49 16.05
N2 NAG M . -0.22 -41.46 15.11
O3 NAG M . 1.88 -42.60 13.55
O4 NAG M . 4.17 -40.89 13.08
O5 NAG M . 1.46 -38.49 13.63
O6 NAG M . 2.91 -36.76 12.57
O7 NAG M . -2.18 -41.19 14.04
C1 BMA M . 4.49 -41.56 11.84
C2 BMA M . 5.99 -41.32 11.55
C3 BMA M . 6.43 -42.09 10.31
C4 BMA M . 5.97 -43.56 10.37
C5 BMA M . 4.46 -43.62 10.59
C6 BMA M . 3.95 -45.04 10.69
O2 BMA M . 6.79 -41.82 12.61
O3 BMA M . 7.84 -42.02 10.13
O4 BMA M . 6.30 -44.23 9.18
O5 BMA M . 4.15 -42.94 11.83
O6 BMA M . 2.60 -44.99 11.10
C1 NAG N . 11.09 -53.75 -17.11
C2 NAG N . 11.07 -55.11 -17.83
C3 NAG N . 10.31 -56.15 -16.99
C4 NAG N . 10.83 -56.19 -15.56
C5 NAG N . 10.79 -54.79 -14.97
C6 NAG N . 11.35 -54.68 -13.57
C7 NAG N . 11.08 -55.24 -20.28
C8 NAG N . 12.49 -55.72 -20.17
N2 NAG N . 10.44 -54.96 -19.13
O3 NAG N . 10.43 -57.43 -17.59
O4 NAG N . 10.04 -57.11 -14.81
O5 NAG N . 11.58 -53.91 -15.78
O6 NAG N . 12.77 -54.87 -13.58
O7 NAG N . 10.52 -55.10 -21.37
C1 NAG N . 10.86 -57.96 -13.96
C2 NAG N . 10.12 -58.47 -12.71
C3 NAG N . 10.67 -59.83 -12.27
C4 NAG N . 10.48 -60.87 -13.36
C5 NAG N . 10.96 -60.35 -14.71
C6 NAG N . 9.88 -60.21 -15.75
C7 NAG N . 9.24 -56.66 -11.31
C8 NAG N . 9.52 -55.73 -10.16
N2 NAG N . 10.21 -57.51 -11.63
O3 NAG N . 10.02 -60.23 -11.08
O4 NAG N . 11.23 -62.03 -13.04
O5 NAG N . 11.61 -59.07 -14.59
O6 NAG N . 9.73 -61.42 -16.47
O7 NAG N . 8.16 -56.64 -11.90
C1 BMA N . 10.37 -63.02 -12.43
C2 BMA N . 10.56 -64.41 -13.08
C3 BMA N . 9.53 -65.40 -12.51
C4 BMA N . 9.29 -65.25 -10.95
C5 BMA N . 9.34 -63.78 -10.46
C6 BMA N . 9.43 -63.66 -8.95
O2 BMA N . 11.86 -64.94 -12.80
O3 BMA N . 9.89 -66.74 -12.83
O4 BMA N . 8.02 -65.80 -10.60
O5 BMA N . 10.46 -63.10 -11.03
O6 BMA N . 9.21 -62.30 -8.60
C1 NAG O . -56.36 14.12 -9.68
C2 NAG O . -56.29 14.52 -11.14
C3 NAG O . -57.10 15.80 -11.37
C4 NAG O . -58.52 15.65 -10.84
C5 NAG O . -58.50 15.14 -9.39
C6 NAG O . -59.89 14.79 -8.88
C7 NAG O . -54.41 14.11 -12.68
C8 NAG O . -55.34 13.24 -13.47
N2 NAG O . -54.92 14.70 -11.58
O3 NAG O . -57.13 16.10 -12.77
O4 NAG O . -59.18 16.91 -10.87
O5 NAG O . -57.72 13.94 -9.30
O6 NAG O . -60.39 15.80 -8.01
O7 NAG O . -53.24 14.29 -13.02
C1 NAG O . -60.15 17.00 -11.93
C2 NAG O . -61.15 18.10 -11.61
C3 NAG O . -62.23 18.17 -12.70
C4 NAG O . -61.60 18.26 -14.09
C5 NAG O . -60.53 17.18 -14.28
C6 NAG O . -59.73 17.34 -15.56
C7 NAG O . -61.78 18.85 -9.36
C8 NAG O . -62.46 18.48 -8.08
N2 NAG O . -61.76 17.91 -10.31
O3 NAG O . -63.07 19.28 -12.46
O4 NAG O . -62.61 18.10 -15.08
O5 NAG O . -59.57 17.23 -13.21
O6 NAG O . -60.56 17.21 -16.72
O7 NAG O . -61.27 19.95 -9.53
C1 BMA O . -63.07 19.38 -15.60
C2 BMA O . -63.41 19.26 -17.13
C3 BMA O . -63.89 20.62 -17.68
C4 BMA O . -64.97 21.25 -16.77
C5 BMA O . -64.47 21.32 -15.29
C6 BMA O . -65.48 21.92 -14.33
O2 BMA O . -64.44 18.32 -17.36
O3 BMA O . -64.36 20.52 -19.03
O4 BMA O . -65.28 22.56 -17.24
O5 BMA O . -64.15 19.97 -14.85
O6 BMA O . -65.39 23.34 -14.40
C1 NAG P . -29.33 -8.39 -44.91
C2 NAG P . -29.25 -9.85 -45.32
C3 NAG P . -28.79 -9.99 -46.76
C4 NAG P . -29.80 -9.25 -47.64
C5 NAG P . -29.96 -7.80 -47.18
C6 NAG P . -31.08 -7.09 -47.91
C7 NAG P . -27.27 -10.65 -43.93
C8 NAG P . -26.42 -9.54 -44.41
N2 NAG P . -28.53 -10.75 -44.39
O3 NAG P . -28.68 -11.36 -47.12
O4 NAG P . -29.41 -9.30 -49.01
O5 NAG P . -30.26 -7.71 -45.78
O6 NAG P . -32.32 -7.79 -47.79
O7 NAG P . -26.83 -11.49 -43.14
C1 NAG P . -30.16 -10.32 -49.70
C2 NAG P . -30.54 -9.84 -51.12
C3 NAG P . -31.25 -10.96 -51.90
C4 NAG P . -30.42 -12.24 -51.86
C5 NAG P . -30.11 -12.62 -50.43
C6 NAG P . -29.21 -13.83 -50.31
C7 NAG P . -30.95 -7.45 -51.53
C8 NAG P . -31.94 -6.34 -51.41
N2 NAG P . -31.36 -8.65 -51.08
O3 NAG P . -31.47 -10.56 -53.24
O4 NAG P . -31.14 -13.30 -52.49
O5 NAG P . -29.41 -11.53 -49.79
O6 NAG P . -29.08 -14.25 -48.96
O7 NAG P . -29.83 -7.28 -52.01
CA CA Q . 9.26 -6.55 53.88
C1 NAG R . 1.40 -17.84 27.71
C2 NAG R . 0.54 -18.89 26.98
C3 NAG R . 0.45 -20.16 27.82
C4 NAG R . 1.82 -20.65 28.24
C5 NAG R . 2.62 -19.52 28.88
C6 NAG R . 4.06 -19.92 29.17
C7 NAG R . -1.27 -18.29 25.43
C8 NAG R . -2.65 -17.74 25.30
N2 NAG R . -0.78 -18.37 26.68
O3 NAG R . -0.19 -21.17 27.03
O4 NAG R . 1.69 -21.72 29.17
O5 NAG R . 2.67 -18.39 28.01
O6 NAG R . 4.73 -20.31 27.98
O7 NAG R . -0.61 -18.65 24.45
C1 ZMR S . 8.91 -7.03 42.34
O1A ZMR S . 8.55 -7.18 43.54
O1B ZMR S . 8.32 -6.16 41.66
C2 ZMR S . 9.90 -7.83 41.79
C3 ZMR S . 10.74 -7.19 40.64
C4 ZMR S . 12.02 -7.88 40.37
C5 ZMR S . 12.26 -9.01 41.17
N5 ZMR S . 13.75 -9.42 40.96
C10 ZMR S . 14.15 -10.57 40.21
O10 ZMR S . 13.35 -11.33 39.69
C11 ZMR S . 15.62 -10.78 40.11
C6 ZMR S . 12.08 -8.76 42.58
O6 ZMR S . 10.85 -8.11 42.90
C7 ZMR S . 12.23 -9.99 43.49
O7 ZMR S . 11.34 -10.97 43.16
C8 ZMR S . 12.00 -9.57 44.94
O8 ZMR S . 12.79 -8.47 45.21
C9 ZMR S . 12.31 -10.68 45.91
O9 ZMR S . 13.62 -11.18 45.86
NE ZMR S . 12.10 -8.27 38.86
CZ ZMR S . 13.27 -8.06 38.04
NH1 ZMR S . 14.28 -7.27 38.41
NH2 ZMR S . 13.30 -8.63 36.88
CA CA T . -7.90 42.74 24.80
C1 NAG U . -14.08 14.19 27.54
C2 NAG U . -15.20 13.13 27.52
C3 NAG U . -15.24 12.38 28.84
C4 NAG U . -15.53 13.34 30.00
C5 NAG U . -14.70 14.61 29.86
C6 NAG U . -14.05 15.03 31.15
C7 NAG U . -16.88 13.98 25.95
C8 NAG U . -18.26 14.55 25.80
N2 NAG U . -16.49 13.70 27.20
O3 NAG U . -13.99 11.73 29.06
O4 NAG U . -16.91 13.67 30.06
O5 NAG U . -13.63 14.40 28.91
O6 NAG U . -12.66 15.26 30.96
O7 NAG U . -16.16 13.77 24.97
C1 ZMR V . -5.56 31.40 24.48
O1A ZMR V . -6.14 32.53 24.46
O1B ZMR V . -5.31 30.81 23.39
C2 ZMR V . -5.26 30.86 25.70
C3 ZMR V . -3.96 29.99 25.70
C4 ZMR V . -3.29 29.79 27.00
C5 ZMR V . -3.90 30.43 28.11
N5 ZMR V . -2.85 30.39 29.25
C10 ZMR V . -2.92 29.52 30.39
O10 ZMR V . -3.84 28.74 30.54
C11 ZMR V . -1.82 29.59 31.40
C6 ZMR V . -4.29 31.80 27.85
O6 ZMR V . -5.06 32.01 26.64
C7 ZMR V . -5.03 32.50 28.99
O7 ZMR V . -6.23 31.91 29.23
C8 ZMR V . -5.30 33.95 28.61
O8 ZMR V . -4.11 34.60 28.32
C9 ZMR V . -6.02 34.72 29.70
O9 ZMR V . -5.30 34.89 30.88
NE ZMR V . -3.10 28.27 27.28
CZ ZMR V . -1.88 27.79 27.86
NH1 ZMR V . -0.81 28.58 27.88
NH2 ZMR V . -1.73 26.50 28.00
CA CA W . 31.95 -28.51 3.20
C1 NAG X . 8.33 -14.20 -6.99
C2 NAG X . 7.11 -13.66 -7.75
C3 NAG X . 7.50 -13.15 -9.13
C4 NAG X . 8.38 -14.16 -9.85
C5 NAG X . 9.59 -14.52 -9.01
C6 NAG X . 10.90 -14.08 -9.63
C7 NAG X . 4.78 -14.42 -7.61
C8 NAG X . 3.84 -15.59 -7.78
N2 NAG X . 6.07 -14.68 -7.85
O3 NAG X . 8.19 -11.91 -9.01
O4 NAG X . 7.61 -15.34 -10.15
O5 NAG X . 9.52 -13.87 -7.73
O6 NAG X . 10.77 -13.85 -11.03
O7 NAG X . 4.39 -13.31 -7.28
C1 ZMR Y . 24.62 -19.72 2.54
O1A ZMR Y . 24.94 -20.93 2.34
O1B ZMR Y . 23.75 -19.40 3.39
C2 ZMR Y . 25.31 -18.79 1.84
C3 ZMR Y . 24.60 -17.46 1.50
C4 ZMR Y . 25.42 -16.61 0.63
C5 ZMR Y . 26.02 -17.27 -0.47
N5 ZMR Y . 26.99 -16.29 -1.16
C10 ZMR Y . 26.67 -15.65 -2.39
O10 ZMR Y . 25.63 -15.86 -2.97
C11 ZMR Y . 27.68 -14.69 -2.95
C6 ZMR Y . 26.72 -18.49 -0.08
O6 ZMR Y . 25.77 -19.36 0.55
C7 ZMR Y . 27.37 -19.26 -1.25
O7 ZMR Y . 26.39 -19.76 -2.06
C8 ZMR Y . 28.18 -20.45 -0.77
O8 ZMR Y . 29.21 -20.02 0.05
C9 ZMR Y . 28.75 -21.30 -1.91
O9 ZMR Y . 29.82 -20.75 -2.64
NE ZMR Y . 24.55 -15.39 0.17
CZ ZMR Y . 25.02 -14.02 0.14
NH1 ZMR Y . 26.28 -13.74 0.46
NH2 ZMR Y . 24.35 -13.20 -0.60
CA CA Z . 14.33 20.64 -25.81
C1 NAG AA . -6.51 17.81 -6.94
C2 NAG AA . -7.53 18.79 -6.33
C3 NAG AA . -7.72 19.99 -7.24
C4 NAG AA . -6.38 20.64 -7.55
C5 NAG AA . -5.46 19.59 -8.15
C6 NAG AA . -4.07 20.12 -8.44
C7 NAG AA . -9.53 18.34 -4.96
C8 NAG AA . -10.81 17.59 -4.86
N2 NAG AA . -8.81 18.14 -6.08
O3 NAG AA . -8.55 20.95 -6.60
O4 NAG AA . -6.54 21.73 -8.44
O5 NAG AA . -5.29 18.50 -7.24
O6 NAG AA . -3.28 19.15 -9.11
O7 NAG AA . -9.14 19.10 -4.08
C1 ZMR BA . 9.81 18.50 -15.51
O1A ZMR BA . 9.71 18.51 -16.77
O1B ZMR BA . 9.73 17.41 -14.88
C2 ZMR BA . 10.05 19.66 -14.84
C3 ZMR BA . 9.62 19.71 -13.35
C4 ZMR BA . 9.89 21.02 -12.71
C5 ZMR BA . 9.63 22.14 -13.51
N5 ZMR BA . 10.26 23.42 -12.86
C10 ZMR BA . 9.39 24.38 -12.27
O10 ZMR BA . 8.18 24.20 -12.30
C11 ZMR BA . 9.96 25.62 -11.63
C6 ZMR BA . 10.05 22.03 -14.89
O6 ZMR BA . 9.48 20.86 -15.50
C7 ZMR BA . 9.62 23.22 -15.74
O7 ZMR BA . 8.28 23.09 -15.98
C8 ZMR BA . 10.32 23.20 -17.09
O8 ZMR BA . 11.68 23.19 -16.87
C9 ZMR BA . 9.90 24.35 -17.99
O9 ZMR BA . 10.22 25.65 -17.57
NE ZMR BA . 9.12 21.14 -11.36
CZ ZMR BA . 9.72 21.66 -10.14
NH1 ZMR BA . 10.98 22.06 -10.10
NH2 ZMR BA . 8.90 21.98 -9.17
C1 EDO CA . 28.88 30.66 0.61
O1 EDO CA . 30.19 31.28 0.66
C2 EDO CA . 27.94 31.49 -0.24
O2 EDO CA . 26.59 31.33 0.15
CA CA DA . -27.71 -13.05 11.42
C1 NAG EA . -50.09 -28.80 -0.48
C2 NAG EA . -51.46 -28.49 -1.13
C3 NAG EA . -52.27 -27.53 -0.23
C4 NAG EA . -52.35 -28.05 1.19
C5 NAG EA . -50.95 -28.32 1.72
C6 NAG EA . -50.95 -28.91 3.11
C7 NAG EA . -51.78 -28.50 -3.57
C8 NAG EA . -51.49 -27.77 -4.85
N2 NAG EA . -51.29 -27.93 -2.45
O3 NAG EA . -53.59 -27.38 -0.76
O4 NAG EA . -53.01 -27.11 2.02
O5 NAG EA . -50.29 -29.26 0.87
O6 NAG EA . -51.24 -30.31 3.08
O7 NAG EA . -52.41 -29.54 -3.54
C1 ZMR FA . -32.52 -22.23 6.18
O1A ZMR FA . -32.34 -21.03 6.48
O1B ZMR FA . -32.64 -22.58 4.97
C2 ZMR FA . -32.55 -23.15 7.16
C3 ZMR FA . -33.18 -24.51 6.76
C4 ZMR FA . -33.17 -25.48 7.86
C5 ZMR FA . -33.62 -24.94 9.09
N5 ZMR FA . -33.41 -25.98 10.25
C10 ZMR FA . -34.53 -26.73 10.75
O10 ZMR FA . -35.65 -26.59 10.28
C11 ZMR FA . -34.33 -27.73 11.86
C6 ZMR FA . -33.04 -23.66 9.44
O6 ZMR FA . -33.26 -22.67 8.39
C7 ZMR FA . -33.52 -23.09 10.76
O7 ZMR FA . -34.80 -22.59 10.65
C8 ZMR FA . -32.58 -21.99 11.22
O8 ZMR FA . -31.41 -22.60 11.65
C9 ZMR FA . -33.13 -21.08 12.31
O9 ZMR FA . -33.66 -21.70 13.44
NE ZMR FA . -33.99 -26.74 7.47
CZ ZMR FA . -33.61 -28.06 7.91
NH1 ZMR FA . -32.45 -28.26 8.53
NH2 ZMR FA . -34.41 -29.05 7.71
CA CA GA . -2.35 -31.58 -39.35
C1 ZMR HA . -11.47 -32.09 -31.94
O1A ZMR HA . -10.81 -31.96 -33.00
O1B ZMR HA . -12.34 -33.01 -31.86
C2 ZMR HA . -11.24 -31.26 -30.91
C3 ZMR HA . -11.44 -31.98 -29.57
C4 ZMR HA . -10.90 -31.29 -28.40
C5 ZMR HA . -10.18 -30.11 -28.65
N5 ZMR HA . -9.35 -29.81 -27.36
C10 ZMR HA . -9.67 -28.71 -26.49
O10 ZMR HA . -10.61 -27.97 -26.74
C11 ZMR HA . -8.82 -28.48 -25.28
C6 ZMR HA . -9.28 -30.17 -29.78
O6 ZMR HA . -9.79 -30.85 -30.95
C7 ZMR HA . -8.76 -28.78 -30.21
O7 ZMR HA . -9.79 -28.00 -30.67
C8 ZMR HA . -7.73 -28.94 -31.31
O8 ZMR HA . -7.01 -30.09 -31.05
C9 ZMR HA . -6.79 -27.75 -31.50
O9 ZMR HA . -5.97 -27.35 -30.43
NE ZMR HA . -12.06 -30.97 -27.41
CZ ZMR HA . -11.93 -31.34 -26.01
NH1 ZMR HA . -10.82 -31.93 -25.59
NH2 ZMR HA . -12.83 -30.92 -25.16
CA CA IA . -23.97 12.38 -0.23
C1 NAG JA . -19.87 36.52 17.09
C2 NAG JA . -19.55 37.34 18.34
C3 NAG JA . -19.06 36.42 19.45
C4 NAG JA . -20.11 35.35 19.74
C5 NAG JA . -20.43 34.59 18.46
C6 NAG JA . -21.56 33.59 18.64
C7 NAG JA . -18.91 39.66 17.92
C8 NAG JA . -17.78 40.62 17.67
N2 NAG JA . -18.57 38.38 18.08
O3 NAG JA . -18.82 37.18 20.64
O4 NAG JA . -19.64 34.46 20.74
O5 NAG JA . -20.84 35.49 17.42
O6 NAG JA . -21.97 33.51 19.99
O7 NAG JA . -20.07 40.04 17.96
C1 ZMR KA . -26.02 23.10 4.08
O1A ZMR KA . -25.32 22.19 3.58
O1B ZMR KA . -26.23 24.16 3.43
C2 ZMR KA . -26.56 22.96 5.33
C3 ZMR KA . -27.76 23.93 5.46
C4 ZMR KA . -28.76 23.61 6.49
C5 ZMR KA . -28.48 22.50 7.30
N5 ZMR KA . -29.84 22.15 8.00
C10 ZMR KA . -30.01 22.33 9.41
O10 ZMR KA . -29.11 22.77 10.10
C11 ZMR KA . -31.34 21.98 10.02
C6 ZMR KA . -27.98 21.32 6.60
O6 ZMR KA . -27.04 21.56 5.51
C7 ZMR KA . -27.42 20.26 7.54
O7 ZMR KA . -26.38 20.76 8.26
C8 ZMR KA . -26.95 19.06 6.74
O8 ZMR KA . -27.94 18.73 5.84
C9 ZMR KA . -26.63 17.84 7.59
O9 ZMR KA . -27.70 17.13 8.12
NE ZMR KA . -29.00 24.88 7.37
CZ ZMR KA . -30.31 25.28 7.83
NH1 ZMR KA . -31.42 24.72 7.35
NH2 ZMR KA . -30.39 26.15 8.81
CA CA LA . -5.41 7.09 -25.37
C1 NAG MA . 6.96 28.28 -42.41
C2 NAG MA . 8.32 28.98 -42.28
C3 NAG MA . 8.39 29.80 -41.00
C4 NAG MA . 7.21 30.77 -40.93
C5 NAG MA . 5.91 29.99 -41.04
C6 NAG MA . 4.68 30.88 -41.04
C7 NAG MA . 10.43 28.11 -43.21
C8 NAG MA . 11.47 27.03 -43.11
N2 NAG MA . 9.42 28.03 -42.33
O3 NAG MA . 9.61 30.54 -40.96
O4 NAG MA . 7.23 31.50 -39.70
O5 NAG MA . 5.89 29.25 -42.27
O6 NAG MA . 3.49 30.13 -41.26
O7 NAG MA . 10.50 29.01 -44.04
C1 ZMR NA . -2.88 12.37 -35.43
O1A ZMR NA . -2.07 12.15 -36.37
O1B ZMR NA . -2.60 12.08 -34.24
C2 ZMR NA . -4.08 12.91 -35.68
C3 ZMR NA . -4.13 13.70 -37.01
C4 ZMR NA . -5.38 14.44 -37.21
C5 ZMR NA . -5.92 15.05 -36.07
N5 ZMR NA . -7.41 15.39 -36.41
C10 ZMR NA . -7.74 16.75 -36.75
O10 ZMR NA . -6.88 17.61 -36.77
C11 ZMR NA . -9.16 17.10 -37.08
C6 ZMR NA . -5.81 14.30 -34.83
O6 ZMR NA . -4.44 13.88 -34.62
C7 ZMR NA . -6.25 15.09 -33.58
O7 ZMR NA . -5.30 16.04 -33.29
C8 ZMR NA . -6.40 14.16 -32.40
O8 ZMR NA . -7.15 13.08 -32.79
C9 ZMR NA . -7.00 14.80 -31.15
O9 ZMR NA . -8.26 15.39 -31.25
NE ZMR NA . -5.18 15.53 -38.33
CZ ZMR NA . -6.16 15.75 -39.37
NH1 ZMR NA . -7.26 14.99 -39.46
NH2 ZMR NA . -5.95 16.72 -40.23
#